data_4AY5
#
_entry.id   4AY5
#
_cell.length_a   274.170
_cell.length_b   274.170
_cell.length_c   142.150
_cell.angle_alpha   90.00
_cell.angle_beta   90.00
_cell.angle_gamma   120.00
#
_symmetry.space_group_name_H-M   'P 3 2 1'
#
loop_
_entity.id
_entity.type
_entity.pdbx_description
1 polymer 'UDP-N-ACETYLGLUCOSAMINE--PEPTIDE N-ACETYLGLUCOSAMINYL TRANSFERASE 110 KDA SUBUNIT'
2 polymer GTAB1TIDE
3 non-polymer "URIDINE-5'-DIPHOSPHATE"
4 non-polymer 2-acetamido-2-deoxy-beta-D-glucopyranose
#
loop_
_entity_poly.entity_id
_entity_poly.type
_entity_poly.pdbx_seq_one_letter_code
_entity_poly.pdbx_strand_id
1 'polypeptide(L)'
;GPGSCPTHADSLNNLANIKREQGNIEEAVRLYRKALEVFPEFAAAHSNLASVLQQQGKLQEALMHYKEAIRISPTFADAY
SNMGNTLKEMQDVQGALQCYTRAIQINPAFADAHSNLASIHKDSGNIPEAIASYRTALKLKPDFPDAYCNLAHCLQIVCD
WTDYDERMKKLVSIVADQLEKNRLPSVHPHHSMLYPLSHGFRKAIAERHGNLCLDKINVLHKPPYEHPKDLKLSDGRLRV
GYVSSDFGNHPTSHLMQSIPGMHNPDKFEVFCYALSPDDGTNFRVKVMAEANHFIDLSQIPCNGKAADRIHQDGIHILVN
MNGYTKGARNELFALRPAPIQAMWLGYPGTSGALFMDYIITDQETSPAEVAEQYSEKLAYMPHTFFIGDHANMFPHLKKK
AVIDFKSNGHIYDNRIVLNGIDLKAFLDSLPDVKIVKMKCPDGGDNADSSNTALNMPVIPMNTIAEAVIEMINRGQIQIT
INGFSISNGLATTQINNKAATGEEVPRTIIVTTRSQYGLPEDAIVYCNFNQLYKIDPSTLQMWANILKRVPNSVLWLLRF
PAVGEPNIQQYAQNMGLPQNRIIFSPVAPKEEHVRRGQLADVCLDTPLCNGHTTGMDVLWAGTPMVTMPGETLASRVAAS
QLTCLGCLELIAKNRQEYEDIAVKLGTDLEYLKKVRGKVWKQRISSPLFNTKQYTMELERLYLQMWEHYAAGNKPDHMIK
PVE
;
A,B,C,D
2 'polypeptide(L)' PVSVPYSSAQS I,J,K,L
#
loop_
_chem_comp.id
_chem_comp.type
_chem_comp.name
_chem_comp.formula
NAG D-saccharide, beta linking 2-acetamido-2-deoxy-beta-D-glucopyranose 'C8 H15 N O6'
UDP RNA linking URIDINE-5'-DIPHOSPHATE 'C9 H14 N2 O12 P2'
#
# COMPACT_ATOMS: atom_id res chain seq x y z
N SER A 4 75.85 32.74 -8.60
CA SER A 4 75.03 33.13 -7.39
C SER A 4 73.76 33.90 -7.74
N CYS A 5 73.68 34.35 -9.00
CA CYS A 5 72.81 35.44 -9.44
C CYS A 5 71.27 35.19 -9.44
N PRO A 6 70.57 35.78 -8.46
CA PRO A 6 69.11 35.70 -8.36
C PRO A 6 68.32 36.30 -9.52
N THR A 7 68.89 37.32 -10.16
CA THR A 7 68.16 38.00 -11.21
C THR A 7 68.14 37.16 -12.47
N HIS A 8 69.27 36.50 -12.69
CA HIS A 8 69.38 35.52 -13.75
C HIS A 8 68.36 34.41 -13.50
N ALA A 9 68.55 33.75 -12.35
CA ALA A 9 67.71 32.67 -11.87
C ALA A 9 66.22 33.04 -11.92
N ASP A 10 65.95 34.29 -11.57
CA ASP A 10 64.59 34.80 -11.60
C ASP A 10 63.97 34.73 -12.99
N SER A 11 64.76 35.21 -13.96
CA SER A 11 64.39 35.28 -15.33
C SER A 11 64.02 33.88 -15.85
N LEU A 12 64.96 32.96 -15.65
CA LEU A 12 64.81 31.54 -16.02
C LEU A 12 63.47 30.94 -15.60
N ASN A 13 63.23 31.08 -14.30
CA ASN A 13 61.97 30.78 -13.72
C ASN A 13 60.82 31.29 -14.62
N ASN A 14 60.77 32.60 -14.90
CA ASN A 14 59.63 33.18 -15.66
C ASN A 14 59.34 32.46 -16.94
N LEU A 15 60.43 32.07 -17.59
CA LEU A 15 60.41 31.43 -18.89
C LEU A 15 59.85 30.02 -18.81
N ALA A 16 60.38 29.29 -17.84
CA ALA A 16 59.92 27.95 -17.53
C ALA A 16 58.42 27.95 -17.26
N ASN A 17 57.93 28.95 -16.52
CA ASN A 17 56.49 29.09 -16.27
C ASN A 17 55.71 29.12 -17.54
N ILE A 18 56.18 30.01 -18.42
CA ILE A 18 55.69 30.07 -19.77
C ILE A 18 55.74 28.70 -20.45
N LYS A 19 56.94 28.12 -20.56
CA LYS A 19 57.07 26.82 -21.18
C LYS A 19 56.04 25.80 -20.72
N ARG A 20 55.68 25.90 -19.44
CA ARG A 20 54.72 25.01 -18.85
C ARG A 20 53.33 25.36 -19.36
N GLU A 21 53.08 26.66 -19.54
CA GLU A 21 51.78 27.17 -20.02
C GLU A 21 51.41 26.49 -21.31
N GLN A 22 52.35 26.54 -22.24
CA GLN A 22 52.20 25.90 -23.51
C GLN A 22 52.52 24.41 -23.35
N GLY A 23 51.93 23.80 -22.32
CA GLY A 23 52.04 22.37 -22.03
C GLY A 23 53.41 21.72 -22.10
N ASN A 24 54.43 22.46 -22.56
CA ASN A 24 55.76 21.90 -22.84
C ASN A 24 56.62 21.64 -21.57
N ILE A 25 56.17 20.62 -20.82
CA ILE A 25 56.71 20.18 -19.52
C ILE A 25 58.20 19.86 -19.69
N GLU A 26 58.50 18.98 -20.62
CA GLU A 26 59.84 18.76 -21.11
C GLU A 26 60.76 19.93 -20.75
N GLU A 27 60.45 21.06 -21.38
CA GLU A 27 61.33 22.22 -21.41
C GLU A 27 61.28 22.97 -20.11
N ALA A 28 60.06 23.34 -19.71
CA ALA A 28 59.83 23.85 -18.37
C ALA A 28 60.84 23.26 -17.34
N VAL A 29 60.85 21.93 -17.15
CA VAL A 29 61.72 21.24 -16.20
C VAL A 29 63.16 21.60 -16.39
N ARG A 30 63.60 21.58 -17.64
CA ARG A 30 64.99 21.89 -17.97
C ARG A 30 65.40 23.30 -17.46
N LEU A 31 64.53 24.28 -17.72
CA LEU A 31 64.70 25.68 -17.27
C LEU A 31 64.74 25.84 -15.77
N TYR A 32 63.75 25.31 -15.07
CA TYR A 32 63.71 25.38 -13.62
C TYR A 32 65.03 24.91 -13.04
N ARG A 33 65.52 23.76 -13.50
CA ARG A 33 66.77 23.13 -13.01
C ARG A 33 67.96 23.97 -13.28
N LYS A 34 67.90 24.75 -14.34
CA LYS A 34 68.95 25.72 -14.63
C LYS A 34 68.88 26.89 -13.66
N ALA A 35 67.68 27.44 -13.47
CA ALA A 35 67.39 28.48 -12.48
C ALA A 35 67.98 28.10 -11.14
N LEU A 36 67.86 26.83 -10.78
CA LEU A 36 68.28 26.35 -9.46
C LEU A 36 69.77 26.18 -9.39
N GLU A 37 70.36 25.98 -10.55
CA GLU A 37 71.80 25.85 -10.63
C GLU A 37 72.41 27.26 -10.40
N VAL A 38 71.84 28.29 -11.03
CA VAL A 38 72.23 29.71 -10.82
C VAL A 38 71.94 30.14 -9.39
N PHE A 39 70.75 29.82 -8.88
CA PHE A 39 70.35 30.23 -7.53
C PHE A 39 69.80 29.06 -6.75
N PRO A 40 70.64 28.44 -5.90
CA PRO A 40 70.19 27.22 -5.23
C PRO A 40 69.17 27.49 -4.13
N GLU A 41 69.30 28.63 -3.47
CA GLU A 41 68.36 29.02 -2.40
C GLU A 41 67.10 29.67 -2.95
N PHE A 42 66.60 29.20 -4.07
CA PHE A 42 65.50 29.86 -4.73
C PHE A 42 64.23 29.07 -4.39
N ALA A 43 63.43 29.63 -3.48
CA ALA A 43 62.27 28.94 -3.00
C ALA A 43 61.34 28.56 -4.15
N ALA A 44 60.85 29.56 -4.89
CA ALA A 44 59.78 29.32 -5.87
C ALA A 44 60.14 28.33 -6.95
N ALA A 45 61.42 28.29 -7.32
CA ALA A 45 61.95 27.30 -8.29
C ALA A 45 61.78 25.87 -7.84
N HIS A 46 62.36 25.61 -6.67
CA HIS A 46 62.13 24.38 -6.00
C HIS A 46 60.68 23.94 -6.03
N SER A 47 59.81 24.89 -5.71
CA SER A 47 58.41 24.61 -5.63
C SER A 47 57.84 24.21 -6.98
N ASN A 48 58.19 24.97 -8.00
CA ASN A 48 57.62 24.75 -9.29
C ASN A 48 58.04 23.41 -9.85
N LEU A 49 59.35 23.27 -9.93
CA LEU A 49 59.99 22.04 -10.32
C LEU A 49 59.33 20.84 -9.62
N ALA A 50 59.08 21.04 -8.32
CA ALA A 50 58.46 20.01 -7.53
C ALA A 50 57.15 19.62 -8.17
N SER A 51 56.34 20.61 -8.55
CA SER A 51 55.00 20.24 -8.94
C SER A 51 54.91 19.66 -10.35
N VAL A 52 55.93 19.88 -11.16
CA VAL A 52 55.93 19.12 -12.42
C VAL A 52 56.49 17.73 -12.25
N LEU A 53 57.54 17.62 -11.44
CA LEU A 53 57.96 16.30 -11.06
C LEU A 53 56.81 15.49 -10.51
N GLN A 54 55.88 16.18 -9.84
CA GLN A 54 54.75 15.50 -9.24
C GLN A 54 53.88 15.07 -10.36
N GLN A 55 53.61 15.98 -11.29
CA GLN A 55 52.78 15.65 -12.42
C GLN A 55 53.31 14.49 -13.34
N GLN A 56 54.64 14.39 -13.41
CA GLN A 56 55.31 13.37 -14.16
C GLN A 56 55.42 12.11 -13.36
N GLY A 57 54.95 12.25 -12.13
CA GLY A 57 54.87 11.15 -11.22
C GLY A 57 56.20 10.83 -10.60
N LYS A 58 57.08 11.81 -10.51
CA LYS A 58 58.38 11.57 -9.84
C LYS A 58 58.38 11.88 -8.35
N LEU A 59 57.34 11.41 -7.68
CA LEU A 59 56.99 11.82 -6.35
C LEU A 59 58.18 11.89 -5.43
N GLN A 60 58.97 10.81 -5.37
CA GLN A 60 60.09 10.66 -4.44
C GLN A 60 60.95 11.94 -4.50
N GLU A 61 61.15 12.39 -5.72
CA GLU A 61 61.99 13.53 -5.95
C GLU A 61 61.19 14.83 -5.77
N ALA A 62 60.06 14.92 -6.46
CA ALA A 62 59.16 16.05 -6.28
C ALA A 62 59.10 16.46 -4.82
N LEU A 63 59.14 15.45 -3.95
CA LEU A 63 58.96 15.65 -2.53
C LEU A 63 60.15 16.41 -1.98
N MET A 64 61.32 15.84 -2.20
CA MET A 64 62.53 16.52 -1.82
C MET A 64 62.59 18.01 -2.21
N HIS A 65 61.96 18.38 -3.32
CA HIS A 65 61.98 19.76 -3.68
C HIS A 65 61.11 20.62 -2.89
N TYR A 66 59.90 20.13 -2.65
CA TYR A 66 58.99 20.82 -1.76
C TYR A 66 59.69 20.95 -0.40
N LYS A 67 60.33 19.89 0.09
CA LYS A 67 61.07 20.01 1.37
C LYS A 67 62.02 21.23 1.37
N GLU A 68 62.86 21.31 0.35
CA GLU A 68 63.69 22.44 0.16
C GLU A 68 62.94 23.74 0.14
N ALA A 69 61.93 23.86 -0.70
CA ALA A 69 61.24 25.12 -0.76
C ALA A 69 60.83 25.60 0.64
N ILE A 70 60.13 24.74 1.37
CA ILE A 70 59.70 25.00 2.75
C ILE A 70 60.85 25.37 3.68
N ARG A 71 61.96 24.63 3.61
CA ARG A 71 63.13 24.95 4.45
C ARG A 71 63.63 26.36 4.14
N ILE A 72 63.67 26.69 2.85
CA ILE A 72 64.13 28.00 2.42
C ILE A 72 63.11 29.07 2.83
N SER A 73 61.83 28.78 2.72
CA SER A 73 60.86 29.83 2.94
C SER A 73 59.73 29.29 3.81
N PRO A 74 59.91 29.37 5.13
CA PRO A 74 59.06 28.59 5.97
C PRO A 74 57.64 29.09 6.02
N THR A 75 57.36 30.28 5.50
CA THR A 75 55.96 30.77 5.44
C THR A 75 55.23 30.45 4.11
N PHE A 76 55.79 29.53 3.35
CA PHE A 76 55.27 29.10 2.05
C PHE A 76 54.11 28.13 2.22
N ALA A 77 52.93 28.65 2.62
CA ALA A 77 51.74 27.80 2.82
C ALA A 77 51.55 26.92 1.59
N ASP A 78 51.56 27.57 0.43
CA ASP A 78 51.38 26.87 -0.80
C ASP A 78 52.20 25.58 -0.91
N ALA A 79 53.49 25.67 -0.64
CA ALA A 79 54.35 24.49 -0.75
C ALA A 79 53.86 23.37 0.11
N TYR A 80 53.48 23.66 1.36
CA TYR A 80 53.00 22.59 2.23
C TYR A 80 51.83 21.89 1.59
N SER A 81 50.82 22.66 1.24
CA SER A 81 49.65 22.09 0.64
C SER A 81 50.00 21.13 -0.51
N ASN A 82 50.84 21.53 -1.46
CA ASN A 82 51.22 20.59 -2.55
C ASN A 82 52.01 19.41 -2.13
N MET A 83 52.92 19.64 -1.21
CA MET A 83 53.66 18.58 -0.69
C MET A 83 52.68 17.59 -0.07
N GLY A 84 51.65 18.11 0.57
CA GLY A 84 50.65 17.20 1.08
C GLY A 84 50.11 16.30 0.00
N ASN A 85 49.73 16.89 -1.12
CA ASN A 85 49.18 16.13 -2.22
C ASN A 85 50.10 15.05 -2.70
N THR A 86 51.38 15.36 -2.67
CA THR A 86 52.38 14.38 -3.04
C THR A 86 52.30 13.20 -2.08
N LEU A 87 52.41 13.52 -0.78
CA LEU A 87 52.31 12.50 0.23
C LEU A 87 51.02 11.70 0.11
N LYS A 88 49.93 12.40 -0.25
CA LYS A 88 48.64 11.77 -0.40
C LYS A 88 48.75 10.72 -1.46
N GLU A 89 49.35 11.10 -2.58
CA GLU A 89 49.49 10.17 -3.69
C GLU A 89 50.52 9.09 -3.39
N MET A 90 51.32 9.35 -2.37
CA MET A 90 52.27 8.36 -2.05
C MET A 90 51.71 7.38 -1.08
N GLN A 91 50.41 7.45 -0.80
CA GLN A 91 49.80 6.62 0.24
C GLN A 91 50.15 7.02 1.67
N ASP A 92 51.01 7.99 1.88
CA ASP A 92 51.24 8.43 3.24
C ASP A 92 50.21 9.50 3.62
N VAL A 93 49.04 9.03 4.07
CA VAL A 93 47.94 9.91 4.40
C VAL A 93 48.27 10.68 5.67
N GLN A 94 48.77 9.93 6.64
CA GLN A 94 49.40 10.49 7.81
C GLN A 94 50.13 11.87 7.53
N GLY A 95 51.15 11.83 6.69
CA GLY A 95 51.99 13.00 6.45
C GLY A 95 51.27 14.05 5.65
N ALA A 96 50.52 13.63 4.62
CA ALA A 96 49.69 14.57 3.85
C ALA A 96 48.84 15.39 4.81
N LEU A 97 48.24 14.69 5.77
CA LEU A 97 47.39 15.34 6.73
C LEU A 97 48.13 16.42 7.49
N GLN A 98 49.35 16.12 7.90
CA GLN A 98 50.15 17.07 8.64
C GLN A 98 50.37 18.35 7.83
N CYS A 99 50.57 18.18 6.51
CA CYS A 99 50.96 19.31 5.66
C CYS A 99 49.81 20.26 5.50
N TYR A 100 48.69 19.66 5.12
CA TYR A 100 47.51 20.43 4.90
C TYR A 100 47.24 21.28 6.15
N THR A 101 47.29 20.65 7.33
CA THR A 101 47.02 21.35 8.56
C THR A 101 48.04 22.40 8.90
N ARG A 102 49.32 22.14 8.58
CA ARG A 102 50.31 23.19 8.83
C ARG A 102 50.03 24.39 7.94
N ALA A 103 49.58 24.10 6.73
CA ALA A 103 49.33 25.14 5.75
C ALA A 103 48.28 26.07 6.31
N ILE A 104 47.24 25.45 6.89
CA ILE A 104 46.07 26.18 7.35
C ILE A 104 46.39 27.02 8.57
N GLN A 105 47.36 26.52 9.30
CA GLN A 105 47.69 27.10 10.55
C GLN A 105 48.56 28.31 10.28
N ILE A 106 49.43 28.16 9.31
CA ILE A 106 50.28 29.22 8.90
C ILE A 106 49.49 30.30 8.23
N ASN A 107 48.48 29.91 7.48
CA ASN A 107 47.67 30.88 6.82
C ASN A 107 46.24 30.40 6.74
N PRO A 108 45.46 30.83 7.72
CA PRO A 108 44.12 30.34 7.92
C PRO A 108 43.24 30.66 6.74
N ALA A 109 43.65 31.66 5.98
CA ALA A 109 42.83 32.17 4.90
C ALA A 109 43.04 31.37 3.61
N PHE A 110 43.90 30.36 3.65
CA PHE A 110 44.36 29.71 2.43
C PHE A 110 43.40 28.65 1.88
N ALA A 111 42.63 28.99 0.84
CA ALA A 111 41.52 28.11 0.49
C ALA A 111 41.89 26.67 0.07
N ASP A 112 43.04 26.52 -0.56
CA ASP A 112 43.41 25.22 -1.14
C ASP A 112 43.57 24.13 -0.12
N ALA A 113 44.23 24.47 0.97
CA ALA A 113 44.53 23.49 1.98
C ALA A 113 43.23 23.01 2.59
N HIS A 114 42.29 23.93 2.79
CA HIS A 114 41.01 23.50 3.27
C HIS A 114 40.46 22.44 2.35
N SER A 115 40.47 22.76 1.06
CA SER A 115 39.93 21.83 0.09
C SER A 115 40.68 20.49 0.07
N ASN A 116 42.00 20.55 0.16
CA ASN A 116 42.78 19.35 0.18
C ASN A 116 42.46 18.46 1.34
N LEU A 117 42.23 19.15 2.47
CA LEU A 117 41.87 18.49 3.71
C LEU A 117 40.56 17.74 3.49
N ALA A 118 39.55 18.51 3.10
CA ALA A 118 38.28 17.94 2.74
C ALA A 118 38.48 16.68 1.89
N SER A 119 39.48 16.69 1.02
CA SER A 119 39.67 15.57 0.10
C SER A 119 40.06 14.35 0.81
N ILE A 120 41.02 14.50 1.69
CA ILE A 120 41.40 13.40 2.50
C ILE A 120 40.21 12.82 3.23
N HIS A 121 39.37 13.70 3.76
CA HIS A 121 38.24 13.23 4.52
C HIS A 121 37.34 12.46 3.66
N LYS A 122 37.14 13.02 2.47
CA LYS A 122 36.29 12.44 1.48
C LYS A 122 36.77 11.09 1.19
N ASP A 123 38.02 10.93 0.81
CA ASP A 123 38.56 9.58 0.56
C ASP A 123 38.47 8.67 1.75
N SER A 124 38.45 9.23 2.95
CA SER A 124 38.38 8.40 4.12
C SER A 124 36.97 7.93 4.44
N GLY A 125 36.00 8.44 3.75
CA GLY A 125 34.69 8.05 4.11
C GLY A 125 34.06 9.17 4.87
N ASN A 126 34.82 10.01 5.56
CA ASN A 126 34.07 10.98 6.35
C ASN A 126 33.50 12.14 5.53
N ILE A 127 32.25 11.97 5.10
CA ILE A 127 31.72 12.92 4.21
C ILE A 127 31.34 14.22 4.93
N PRO A 128 30.61 14.10 6.03
CA PRO A 128 30.21 15.31 6.71
C PRO A 128 31.39 16.31 6.90
N GLU A 129 32.55 15.80 7.29
CA GLU A 129 33.72 16.68 7.53
C GLU A 129 34.29 17.18 6.20
N ALA A 130 34.27 16.29 5.21
CA ALA A 130 34.62 16.62 3.81
C ALA A 130 33.81 17.83 3.36
N ILE A 131 32.49 17.72 3.48
CA ILE A 131 31.62 18.86 3.21
C ILE A 131 31.98 20.13 3.95
N ALA A 132 32.23 20.04 5.26
CA ALA A 132 32.35 21.27 6.02
C ALA A 132 33.59 21.97 5.49
N SER A 133 34.64 21.16 5.30
CA SER A 133 35.90 21.69 4.76
C SER A 133 35.80 22.27 3.36
N TYR A 134 35.13 21.58 2.46
CA TYR A 134 34.83 22.20 1.18
C TYR A 134 34.11 23.52 1.34
N ARG A 135 33.11 23.56 2.23
CA ARG A 135 32.29 24.76 2.32
C ARG A 135 33.15 25.92 2.75
N THR A 136 34.07 25.60 3.65
CA THR A 136 34.99 26.59 4.13
C THR A 136 35.85 27.08 3.01
N ALA A 137 36.41 26.13 2.24
CA ALA A 137 37.30 26.51 1.17
C ALA A 137 36.52 27.46 0.30
N LEU A 138 35.29 27.07 -0.02
CA LEU A 138 34.49 27.88 -0.93
C LEU A 138 34.17 29.28 -0.41
N LYS A 139 33.87 29.36 0.88
CA LYS A 139 33.62 30.62 1.51
C LYS A 139 34.87 31.49 1.36
N LEU A 140 36.03 30.93 1.59
CA LEU A 140 37.29 31.64 1.43
C LEU A 140 37.61 31.96 0.00
N LYS A 141 37.25 31.10 -0.94
CA LYS A 141 37.54 31.44 -2.33
C LYS A 141 36.42 30.91 -3.14
N PRO A 142 35.53 31.80 -3.56
CA PRO A 142 34.22 31.36 -4.05
C PRO A 142 34.29 30.87 -5.46
N ASP A 143 35.25 31.36 -6.23
CA ASP A 143 35.45 30.71 -7.48
C ASP A 143 36.47 29.60 -7.32
N PHE A 144 36.02 28.36 -7.18
CA PHE A 144 36.97 27.31 -6.88
C PHE A 144 36.42 26.00 -7.33
N PRO A 145 36.76 25.61 -8.54
CA PRO A 145 36.20 24.48 -9.23
C PRO A 145 36.47 23.18 -8.51
N ASP A 146 37.72 22.88 -8.13
CA ASP A 146 37.89 21.56 -7.49
C ASP A 146 37.03 21.37 -6.25
N ALA A 147 37.09 22.34 -5.35
CA ALA A 147 36.15 22.44 -4.24
C ALA A 147 34.70 22.21 -4.67
N TYR A 148 34.20 23.11 -5.49
CA TYR A 148 32.84 23.03 -5.89
C TYR A 148 32.40 21.68 -6.42
N CYS A 149 33.22 21.10 -7.26
CA CYS A 149 32.84 19.85 -7.86
C CYS A 149 32.89 18.70 -6.90
N ASN A 150 33.88 18.73 -6.02
CA ASN A 150 33.93 17.65 -5.04
C ASN A 150 32.78 17.74 -4.07
N LEU A 151 32.58 18.98 -3.56
CA LEU A 151 31.49 19.22 -2.70
C LEU A 151 30.27 18.67 -3.35
N ALA A 152 30.00 19.15 -4.56
CA ALA A 152 28.86 18.65 -5.31
C ALA A 152 28.69 17.12 -5.34
N HIS A 153 29.80 16.41 -5.32
CA HIS A 153 29.67 14.99 -5.34
C HIS A 153 29.37 14.48 -3.95
N CYS A 154 29.93 15.13 -2.94
CA CYS A 154 29.60 14.76 -1.56
C CYS A 154 28.11 14.89 -1.38
N LEU A 155 27.59 16.08 -1.76
CA LEU A 155 26.18 16.34 -1.62
C LEU A 155 25.42 15.28 -2.35
N GLN A 156 25.85 14.96 -3.54
CA GLN A 156 25.21 13.90 -4.27
C GLN A 156 25.06 12.58 -3.50
N ILE A 157 26.08 12.29 -2.71
CA ILE A 157 26.27 10.98 -2.14
C ILE A 157 25.37 10.70 -0.95
N VAL A 158 25.07 11.79 -0.24
CA VAL A 158 24.18 11.82 0.92
C VAL A 158 22.84 12.40 0.52
N CYS A 159 22.60 12.55 -0.77
CA CYS A 159 21.35 13.10 -1.26
C CYS A 159 21.04 14.41 -0.62
N ASP A 160 22.03 15.26 -0.55
CA ASP A 160 21.68 16.62 -0.31
C ASP A 160 21.35 17.27 -1.65
N TRP A 161 20.11 17.67 -1.79
CA TRP A 161 19.70 18.21 -3.06
C TRP A 161 19.38 19.66 -2.99
N THR A 162 19.88 20.38 -2.01
CA THR A 162 19.73 21.83 -2.01
C THR A 162 20.19 22.43 -3.31
N ASP A 163 19.38 23.29 -3.92
CA ASP A 163 19.77 24.04 -5.14
C ASP A 163 20.19 23.21 -6.33
N TYR A 164 19.70 21.98 -6.31
CA TYR A 164 20.14 20.99 -7.21
C TYR A 164 20.19 21.46 -8.62
N ASP A 165 19.11 22.05 -9.11
CA ASP A 165 19.03 22.30 -10.54
C ASP A 165 20.10 23.24 -10.89
N GLU A 166 20.23 24.25 -10.05
CA GLU A 166 21.16 25.32 -10.27
C GLU A 166 22.60 24.87 -10.04
N ARG A 167 22.79 23.82 -9.24
CA ARG A 167 24.08 23.19 -9.03
C ARG A 167 24.49 22.47 -10.30
N MET A 168 23.59 21.68 -10.85
CA MET A 168 23.87 21.06 -12.10
C MET A 168 24.32 22.05 -13.17
N LYS A 169 23.55 23.11 -13.40
CA LYS A 169 23.98 24.18 -14.31
C LYS A 169 25.43 24.63 -14.07
N LYS A 170 25.74 24.92 -12.82
CA LYS A 170 27.06 25.39 -12.50
C LYS A 170 28.14 24.37 -12.82
N LEU A 171 27.89 23.11 -12.52
CA LEU A 171 28.85 22.07 -12.84
C LEU A 171 29.17 22.14 -14.29
N VAL A 172 28.12 22.04 -15.10
CA VAL A 172 28.27 22.02 -16.53
C VAL A 172 29.04 23.26 -16.97
N SER A 173 28.54 24.38 -16.52
CA SER A 173 29.22 25.61 -16.84
C SER A 173 30.76 25.64 -16.53
N ILE A 174 31.16 25.07 -15.40
CA ILE A 174 32.54 24.97 -14.96
C ILE A 174 33.32 24.01 -15.87
N VAL A 175 32.69 22.92 -16.23
CA VAL A 175 33.35 21.97 -17.08
C VAL A 175 33.63 22.65 -18.41
N ALA A 176 32.54 23.17 -18.98
CA ALA A 176 32.59 23.78 -20.26
C ALA A 176 33.76 24.74 -20.24
N ASP A 177 33.78 25.59 -19.22
CA ASP A 177 34.82 26.55 -19.15
C ASP A 177 36.21 25.91 -19.10
N GLN A 178 36.39 24.95 -18.20
CA GLN A 178 37.67 24.30 -18.02
C GLN A 178 38.15 23.64 -19.30
N LEU A 179 37.23 22.98 -20.00
CA LEU A 179 37.61 22.18 -21.16
C LEU A 179 38.15 23.09 -22.18
N GLU A 180 37.34 24.09 -22.46
CA GLU A 180 37.65 25.01 -23.52
C GLU A 180 38.88 25.89 -23.23
N LYS A 181 39.08 26.28 -21.98
CA LYS A 181 40.34 26.86 -21.56
C LYS A 181 41.47 25.82 -21.37
N ASN A 182 41.33 24.62 -21.96
CA ASN A 182 42.31 23.53 -21.87
C ASN A 182 42.92 23.19 -20.52
N ARG A 183 42.12 23.27 -19.45
CA ARG A 183 42.59 23.01 -18.08
C ARG A 183 41.95 21.64 -17.69
N LEU A 184 42.65 20.82 -16.90
CA LEU A 184 42.14 19.49 -16.52
C LEU A 184 40.82 19.64 -15.76
N PRO A 185 39.74 19.08 -16.25
CA PRO A 185 38.45 19.36 -15.61
C PRO A 185 38.24 18.76 -14.21
N SER A 186 37.48 19.52 -13.41
CA SER A 186 37.27 19.27 -12.00
C SER A 186 36.29 18.10 -11.71
N VAL A 187 35.35 17.85 -12.59
CA VAL A 187 34.55 16.64 -12.41
C VAL A 187 35.36 15.40 -12.79
N HIS A 188 35.19 14.33 -12.04
CA HIS A 188 35.95 13.12 -12.33
C HIS A 188 35.22 12.25 -13.31
N PRO A 189 35.94 11.61 -14.20
CA PRO A 189 35.32 10.78 -15.26
C PRO A 189 34.25 9.80 -14.77
N HIS A 190 34.43 9.29 -13.58
CA HIS A 190 33.51 8.34 -13.04
C HIS A 190 32.25 9.02 -12.64
N HIS A 191 32.38 10.17 -12.00
CA HIS A 191 31.23 10.95 -11.60
C HIS A 191 30.57 11.56 -12.76
N SER A 192 31.28 11.81 -13.85
CA SER A 192 30.70 12.52 -15.00
C SER A 192 29.35 11.93 -15.32
N MET A 193 29.28 10.60 -15.15
CA MET A 193 28.09 9.89 -15.52
C MET A 193 26.81 10.35 -14.81
N LEU A 194 26.94 11.17 -13.76
CA LEU A 194 25.81 11.53 -12.86
C LEU A 194 25.19 12.86 -13.15
N TYR A 195 25.91 13.70 -13.85
CA TYR A 195 25.43 15.04 -14.08
C TYR A 195 25.07 15.17 -15.56
N PRO A 196 24.16 16.09 -15.84
CA PRO A 196 23.72 16.40 -17.19
C PRO A 196 24.82 17.03 -18.08
N LEU A 197 25.71 16.22 -18.62
CA LEU A 197 26.72 16.79 -19.49
C LEU A 197 26.53 16.15 -20.85
N SER A 198 26.91 16.88 -21.89
CA SER A 198 26.86 16.34 -23.26
C SER A 198 27.76 15.12 -23.39
N HIS A 199 27.38 14.12 -24.16
CA HIS A 199 28.32 13.02 -24.31
C HIS A 199 29.65 13.55 -24.74
N GLY A 200 29.63 14.62 -25.53
CA GLY A 200 30.84 15.30 -25.90
C GLY A 200 31.74 15.58 -24.73
N PHE A 201 31.17 16.26 -23.74
CA PHE A 201 31.90 16.59 -22.53
C PHE A 201 32.40 15.38 -21.74
N ARG A 202 31.54 14.40 -21.51
CA ARG A 202 31.92 13.23 -20.74
C ARG A 202 33.14 12.61 -21.32
N LYS A 203 33.13 12.52 -22.65
CA LYS A 203 34.23 11.91 -23.37
C LYS A 203 35.49 12.74 -23.19
N ALA A 204 35.35 14.06 -23.33
CA ALA A 204 36.50 14.94 -23.14
C ALA A 204 37.13 14.76 -21.76
N ILE A 205 36.30 14.43 -20.78
CA ILE A 205 36.78 14.37 -19.45
C ILE A 205 37.64 13.14 -19.40
N ALA A 206 37.02 12.03 -19.76
CA ALA A 206 37.76 10.81 -19.83
C ALA A 206 39.11 11.04 -20.56
N GLU A 207 39.05 11.61 -21.76
CA GLU A 207 40.20 12.03 -22.53
C GLU A 207 41.38 12.70 -21.71
N ARG A 208 41.09 13.76 -20.96
CA ARG A 208 42.15 14.48 -20.27
C ARG A 208 42.73 13.67 -19.16
N HIS A 209 41.87 12.86 -18.55
CA HIS A 209 42.31 11.98 -17.50
C HIS A 209 43.19 10.92 -18.08
N GLY A 210 42.94 10.51 -19.31
CA GLY A 210 43.81 9.55 -19.99
C GLY A 210 45.20 10.11 -20.17
N ASN A 211 45.24 11.36 -20.60
CA ASN A 211 46.50 12.04 -20.80
C ASN A 211 47.38 12.17 -19.63
N LEU A 212 46.76 12.30 -18.47
CA LEU A 212 47.51 12.15 -17.26
C LEU A 212 48.48 10.93 -17.25
N CYS A 213 48.06 9.79 -17.83
CA CYS A 213 48.90 8.64 -17.81
C CYS A 213 50.03 8.83 -18.76
N LEU A 214 49.69 9.32 -19.94
CA LEU A 214 50.72 9.69 -20.88
C LEU A 214 51.85 10.44 -20.20
N ASP A 215 51.60 11.59 -19.59
CA ASP A 215 52.73 12.31 -18.94
C ASP A 215 53.53 11.40 -18.05
N LYS A 216 52.85 10.51 -17.35
CA LYS A 216 53.47 9.71 -16.32
C LYS A 216 54.33 8.58 -16.92
N ILE A 217 54.01 8.17 -18.15
CA ILE A 217 54.84 7.19 -18.82
C ILE A 217 55.83 7.79 -19.79
N ASN A 218 55.52 8.94 -20.36
CA ASN A 218 56.47 9.62 -21.22
C ASN A 218 57.84 9.78 -20.64
N VAL A 219 57.95 10.05 -19.35
CA VAL A 219 59.25 10.28 -18.75
C VAL A 219 60.01 8.98 -18.56
N LEU A 220 59.37 7.86 -18.86
CA LEU A 220 60.06 6.60 -18.88
C LEU A 220 60.81 6.38 -20.18
N HIS A 221 60.45 7.16 -21.20
CA HIS A 221 61.07 7.14 -22.54
C HIS A 221 61.21 5.75 -23.02
N LYS A 222 60.11 5.05 -23.22
CA LYS A 222 60.22 3.66 -23.60
C LYS A 222 59.87 3.53 -25.07
N PRO A 223 60.66 2.75 -25.76
CA PRO A 223 60.42 2.52 -27.16
C PRO A 223 59.13 1.73 -27.29
N PRO A 224 58.33 1.97 -28.32
CA PRO A 224 57.12 1.14 -28.54
C PRO A 224 57.41 -0.36 -28.46
N TYR A 225 56.43 -1.15 -28.09
CA TYR A 225 56.71 -2.57 -27.98
C TYR A 225 56.54 -3.32 -29.28
N GLU A 226 57.22 -4.43 -29.36
CA GLU A 226 57.11 -5.32 -30.47
C GLU A 226 55.86 -6.17 -30.25
N HIS A 227 54.80 -6.06 -31.02
CA HIS A 227 53.69 -6.99 -30.70
C HIS A 227 53.63 -8.23 -31.50
N PRO A 228 53.35 -9.40 -30.86
CA PRO A 228 53.19 -10.69 -31.62
C PRO A 228 52.19 -10.61 -32.78
N LYS A 229 52.43 -11.40 -33.82
CA LYS A 229 51.59 -11.29 -35.02
C LYS A 229 50.89 -12.56 -35.43
N ASP A 230 51.10 -13.60 -34.66
CA ASP A 230 50.53 -14.86 -34.99
C ASP A 230 50.43 -15.54 -33.66
N LEU A 231 49.74 -16.67 -33.64
CA LEU A 231 49.67 -17.46 -32.44
C LEU A 231 50.68 -18.56 -32.45
N LYS A 232 51.78 -18.33 -33.18
CA LYS A 232 52.79 -19.35 -33.39
C LYS A 232 53.49 -19.60 -32.08
N LEU A 233 53.99 -18.53 -31.47
CA LEU A 233 54.80 -18.66 -30.26
C LEU A 233 54.00 -19.16 -29.09
N SER A 234 52.69 -19.00 -29.15
CA SER A 234 51.78 -19.32 -28.05
C SER A 234 50.99 -20.55 -28.42
N ASP A 235 51.53 -21.32 -29.35
CA ASP A 235 51.03 -22.63 -29.68
C ASP A 235 49.57 -22.65 -30.16
N GLY A 236 49.15 -21.61 -30.86
CA GLY A 236 47.78 -21.55 -31.40
C GLY A 236 46.77 -20.95 -30.43
N ARG A 237 47.18 -20.81 -29.16
CA ARG A 237 46.34 -20.23 -28.13
C ARG A 237 46.51 -18.72 -28.14
N LEU A 238 45.38 -18.00 -28.05
CA LEU A 238 45.37 -16.56 -27.92
C LEU A 238 45.54 -16.29 -26.45
N ARG A 239 46.35 -15.27 -26.15
CA ARG A 239 46.76 -14.99 -24.79
C ARG A 239 46.11 -13.74 -24.31
N VAL A 240 45.28 -13.91 -23.28
CA VAL A 240 44.43 -12.86 -22.81
C VAL A 240 44.77 -12.45 -21.39
N GLY A 241 45.03 -11.15 -21.23
CA GLY A 241 45.47 -10.63 -19.94
C GLY A 241 44.33 -9.87 -19.30
N TYR A 242 43.94 -10.30 -18.10
CA TYR A 242 42.96 -9.58 -17.32
C TYR A 242 43.65 -8.81 -16.23
N VAL A 243 43.41 -7.49 -16.23
CA VAL A 243 44.09 -6.59 -15.33
C VAL A 243 43.10 -5.86 -14.42
N SER A 244 43.15 -6.24 -13.14
CA SER A 244 42.27 -5.73 -12.13
C SER A 244 42.90 -5.66 -10.80
N SER A 245 42.66 -4.50 -10.18
CA SER A 245 42.92 -4.35 -8.77
C SER A 245 41.86 -4.98 -7.90
N ASP A 246 40.96 -5.79 -8.46
CA ASP A 246 39.86 -6.33 -7.68
C ASP A 246 39.75 -7.82 -7.66
N PHE A 247 40.89 -8.49 -7.72
CA PHE A 247 40.86 -9.94 -7.58
C PHE A 247 40.90 -10.25 -6.10
N GLY A 248 39.70 -10.40 -5.57
CA GLY A 248 39.52 -10.56 -4.14
C GLY A 248 38.12 -10.09 -3.85
N ASN A 249 37.81 -9.88 -2.60
CA ASN A 249 36.44 -9.56 -2.29
C ASN A 249 36.00 -8.14 -2.71
N HIS A 250 35.45 -8.05 -3.91
CA HIS A 250 35.00 -6.82 -4.49
C HIS A 250 34.05 -7.19 -5.62
N PRO A 251 33.10 -6.34 -5.96
CA PRO A 251 32.13 -6.75 -6.94
C PRO A 251 32.67 -7.43 -8.21
N THR A 252 33.68 -6.84 -8.85
CA THR A 252 34.30 -7.49 -10.00
C THR A 252 34.45 -9.00 -9.83
N SER A 253 35.12 -9.43 -8.79
CA SER A 253 35.27 -10.83 -8.57
C SER A 253 33.94 -11.54 -8.33
N HIS A 254 32.97 -10.84 -7.74
CA HIS A 254 31.66 -11.49 -7.55
C HIS A 254 30.90 -11.66 -8.83
N LEU A 255 31.35 -11.00 -9.89
CA LEU A 255 30.72 -11.22 -11.18
C LEU A 255 31.55 -12.26 -11.96
N MET A 256 32.85 -12.00 -12.08
CA MET A 256 33.57 -12.80 -13.02
C MET A 256 34.52 -13.88 -12.52
N GLN A 257 34.71 -14.01 -11.23
CA GLN A 257 35.59 -15.06 -10.74
C GLN A 257 35.49 -16.42 -11.46
N SER A 258 34.32 -16.71 -12.01
CA SER A 258 34.25 -18.04 -12.59
C SER A 258 34.93 -18.16 -13.96
N ILE A 259 34.99 -17.03 -14.64
CA ILE A 259 35.39 -16.92 -16.03
C ILE A 259 36.78 -17.39 -16.42
N PRO A 260 37.84 -16.90 -15.75
CA PRO A 260 39.18 -17.42 -16.01
C PRO A 260 39.16 -18.90 -16.01
N GLY A 261 38.65 -19.48 -14.94
CA GLY A 261 38.34 -20.93 -14.95
C GLY A 261 37.64 -21.56 -16.15
N MET A 262 36.78 -20.81 -16.83
CA MET A 262 35.95 -21.40 -17.85
C MET A 262 36.39 -21.25 -19.27
N HIS A 263 37.46 -20.47 -19.49
CA HIS A 263 38.14 -20.39 -20.79
C HIS A 263 38.59 -21.74 -21.32
N ASN A 264 38.51 -21.90 -22.64
CA ASN A 264 38.93 -23.12 -23.34
C ASN A 264 40.44 -23.12 -23.56
N PRO A 265 41.13 -23.95 -22.76
CA PRO A 265 42.56 -24.08 -22.75
C PRO A 265 43.11 -24.46 -24.14
N ASP A 266 42.30 -25.12 -24.96
CA ASP A 266 42.78 -25.46 -26.28
C ASP A 266 43.09 -24.19 -27.08
N LYS A 267 42.33 -23.13 -26.91
CA LYS A 267 42.49 -22.01 -27.78
C LYS A 267 42.93 -20.83 -27.02
N PHE A 268 42.96 -20.92 -25.70
CA PHE A 268 43.21 -19.71 -24.92
C PHE A 268 44.14 -19.93 -23.75
N GLU A 269 44.98 -18.94 -23.51
CA GLU A 269 45.81 -19.00 -22.34
C GLU A 269 45.55 -17.74 -21.53
N VAL A 270 45.17 -17.93 -20.28
CA VAL A 270 44.67 -16.82 -19.45
C VAL A 270 45.69 -16.30 -18.45
N PHE A 271 45.95 -15.01 -18.51
CA PHE A 271 46.84 -14.39 -17.55
C PHE A 271 46.07 -13.38 -16.74
N CYS A 272 46.08 -13.51 -15.43
CA CYS A 272 45.48 -12.49 -14.59
C CYS A 272 46.54 -11.70 -13.96
N TYR A 273 46.44 -10.39 -14.12
CA TYR A 273 47.39 -9.51 -13.51
C TYR A 273 46.70 -8.73 -12.38
N ALA A 274 46.96 -9.11 -11.11
CA ALA A 274 46.40 -8.42 -9.93
C ALA A 274 47.09 -7.12 -9.76
N LEU A 275 46.34 -6.06 -9.52
CA LEU A 275 46.98 -4.79 -9.24
C LEU A 275 47.03 -4.53 -7.76
N SER A 276 46.62 -5.54 -6.97
CA SER A 276 46.35 -5.49 -5.54
C SER A 276 46.86 -6.73 -4.85
N PRO A 277 47.33 -6.57 -3.63
CA PRO A 277 47.86 -7.67 -2.84
C PRO A 277 46.76 -8.60 -2.43
N ASP A 278 47.09 -9.87 -2.21
CA ASP A 278 46.12 -10.91 -1.99
C ASP A 278 45.45 -10.58 -0.69
N ASP A 279 44.14 -10.41 -0.73
CA ASP A 279 43.45 -10.04 0.49
C ASP A 279 43.03 -11.23 1.35
N GLY A 280 43.41 -12.45 1.00
CA GLY A 280 43.00 -13.57 1.85
C GLY A 280 41.76 -14.34 1.40
N THR A 281 40.72 -13.62 1.04
CA THR A 281 39.46 -14.20 0.57
C THR A 281 39.51 -15.24 -0.53
N ASN A 282 38.53 -16.12 -0.56
CA ASN A 282 38.50 -17.17 -1.57
C ASN A 282 38.32 -16.69 -2.96
N PHE A 283 37.84 -15.47 -3.11
CA PHE A 283 37.84 -14.87 -4.43
C PHE A 283 39.25 -14.90 -4.99
N ARG A 284 40.18 -14.29 -4.27
CA ARG A 284 41.54 -14.30 -4.74
C ARG A 284 42.01 -15.75 -4.91
N VAL A 285 41.70 -16.60 -3.97
CA VAL A 285 42.14 -17.95 -4.13
C VAL A 285 41.74 -18.64 -5.44
N LYS A 286 40.47 -18.50 -5.78
CA LYS A 286 39.91 -19.17 -6.92
C LYS A 286 40.52 -18.66 -8.21
N VAL A 287 40.63 -17.34 -8.35
CA VAL A 287 41.20 -16.82 -9.57
C VAL A 287 42.65 -17.30 -9.69
N MET A 288 43.36 -17.31 -8.57
CA MET A 288 44.73 -17.78 -8.63
C MET A 288 44.75 -19.23 -8.99
N ALA A 289 43.91 -20.03 -8.35
CA ALA A 289 43.80 -21.45 -8.69
C ALA A 289 43.46 -21.76 -10.15
N GLU A 290 42.71 -20.87 -10.79
CA GLU A 290 42.12 -21.25 -12.06
C GLU A 290 42.72 -20.59 -13.26
N ALA A 291 43.24 -19.38 -13.12
CA ALA A 291 43.92 -18.76 -14.24
C ALA A 291 45.10 -19.64 -14.68
N ASN A 292 45.41 -19.61 -15.97
CA ASN A 292 46.63 -20.26 -16.46
C ASN A 292 47.87 -19.66 -15.77
N HIS A 293 47.91 -18.34 -15.65
CA HIS A 293 48.98 -17.66 -14.92
C HIS A 293 48.45 -16.58 -14.12
N PHE A 294 48.82 -16.57 -12.84
CA PHE A 294 48.41 -15.47 -12.03
C PHE A 294 49.64 -14.66 -11.70
N ILE A 295 49.58 -13.33 -11.89
CA ILE A 295 50.75 -12.48 -11.79
C ILE A 295 50.44 -11.30 -10.90
N ASP A 296 51.08 -11.23 -9.75
CA ASP A 296 50.81 -10.14 -8.82
C ASP A 296 51.61 -8.86 -9.14
N LEU A 297 51.01 -7.90 -9.83
CA LEU A 297 51.75 -6.64 -10.13
C LEU A 297 51.86 -5.64 -9.02
N SER A 298 51.24 -5.90 -7.87
CA SER A 298 51.30 -4.91 -6.81
C SER A 298 52.69 -5.02 -6.30
N GLN A 299 53.33 -6.16 -6.55
CA GLN A 299 54.77 -6.37 -6.37
C GLN A 299 55.67 -5.43 -7.15
N ILE A 300 55.20 -4.89 -8.26
CA ILE A 300 56.09 -4.32 -9.24
C ILE A 300 55.60 -2.94 -9.45
N PRO A 301 55.90 -2.10 -8.50
CA PRO A 301 55.44 -0.73 -8.50
C PRO A 301 55.76 -0.02 -9.79
N CYS A 302 56.96 -0.23 -10.32
CA CYS A 302 57.32 0.48 -11.53
C CYS A 302 56.49 0.11 -12.80
N ASN A 303 55.84 1.10 -13.40
CA ASN A 303 55.06 0.76 -14.59
C ASN A 303 55.84 0.26 -15.75
N GLY A 304 56.99 0.87 -16.02
CA GLY A 304 57.97 0.28 -16.92
C GLY A 304 58.15 -1.22 -16.68
N LYS A 305 58.58 -1.61 -15.49
CA LYS A 305 58.88 -2.99 -15.26
C LYS A 305 57.64 -3.84 -15.47
N ALA A 306 56.51 -3.34 -14.94
CA ALA A 306 55.25 -4.09 -15.01
C ALA A 306 54.82 -4.21 -16.47
N ALA A 307 54.75 -3.10 -17.17
CA ALA A 307 54.45 -3.19 -18.61
C ALA A 307 55.34 -4.22 -19.33
N ASP A 308 56.60 -4.31 -18.92
CA ASP A 308 57.49 -5.20 -19.55
C ASP A 308 57.05 -6.60 -19.28
N ARG A 309 56.86 -6.88 -18.00
CA ARG A 309 56.37 -8.16 -17.53
C ARG A 309 55.11 -8.67 -18.26
N ILE A 310 54.30 -7.74 -18.77
CA ILE A 310 53.15 -8.15 -19.54
C ILE A 310 53.67 -8.59 -20.87
N HIS A 311 54.31 -7.64 -21.55
CA HIS A 311 54.79 -7.84 -22.88
C HIS A 311 55.58 -9.15 -23.03
N GLN A 312 56.57 -9.24 -22.16
CA GLN A 312 57.18 -10.44 -21.71
C GLN A 312 56.32 -11.67 -21.87
N ASP A 313 55.08 -11.62 -21.40
CA ASP A 313 54.28 -12.83 -21.31
C ASP A 313 53.67 -13.10 -22.66
N GLY A 314 53.77 -12.11 -23.52
CA GLY A 314 53.37 -12.25 -24.90
C GLY A 314 51.88 -12.22 -25.10
N ILE A 315 51.25 -11.28 -24.39
CA ILE A 315 49.79 -11.09 -24.42
C ILE A 315 49.29 -10.49 -25.72
N HIS A 316 48.33 -11.19 -26.34
CA HIS A 316 47.66 -10.66 -27.52
C HIS A 316 46.64 -9.63 -27.19
N ILE A 317 45.72 -9.99 -26.30
CA ILE A 317 44.71 -9.06 -25.82
C ILE A 317 44.77 -8.80 -24.30
N LEU A 318 44.92 -7.51 -23.98
CA LEU A 318 44.95 -7.01 -22.63
C LEU A 318 43.62 -6.32 -22.29
N VAL A 319 43.00 -6.74 -21.19
CA VAL A 319 41.67 -6.30 -20.78
C VAL A 319 41.75 -5.45 -19.53
N ASN A 320 41.13 -4.27 -19.62
CA ASN A 320 41.20 -3.29 -18.56
C ASN A 320 39.95 -3.40 -17.75
N MET A 321 40.03 -4.11 -16.63
CA MET A 321 38.88 -4.16 -15.75
C MET A 321 38.71 -3.00 -14.77
N ASN A 322 39.35 -1.87 -15.00
CA ASN A 322 39.38 -0.86 -13.98
C ASN A 322 38.92 0.49 -14.39
N GLY A 323 39.06 0.84 -15.64
CA GLY A 323 38.80 2.21 -16.02
C GLY A 323 39.39 3.25 -15.07
N TYR A 324 38.57 4.23 -14.69
CA TYR A 324 38.98 5.29 -13.83
C TYR A 324 38.41 5.02 -12.44
N THR A 325 38.69 3.86 -11.90
CA THR A 325 38.31 3.58 -10.54
C THR A 325 39.50 3.37 -9.59
N LYS A 326 39.23 3.16 -8.31
CA LYS A 326 40.28 3.05 -7.31
C LYS A 326 41.16 1.86 -7.63
N GLY A 327 42.47 2.05 -7.60
CA GLY A 327 43.37 0.92 -7.79
C GLY A 327 43.92 0.79 -9.19
N ALA A 328 43.36 1.57 -10.09
CA ALA A 328 43.63 1.46 -11.50
C ALA A 328 45.06 1.85 -11.82
N ARG A 329 45.63 1.24 -12.85
CA ARG A 329 46.98 1.59 -13.27
C ARG A 329 46.97 1.64 -14.77
N ASN A 330 46.38 2.68 -15.28
CA ASN A 330 46.27 2.73 -16.72
C ASN A 330 47.54 3.06 -17.45
N GLU A 331 48.43 3.80 -16.81
CA GLU A 331 49.80 3.77 -17.24
C GLU A 331 50.17 2.43 -17.94
N LEU A 332 49.98 1.28 -17.28
CA LEU A 332 50.19 0.02 -17.99
C LEU A 332 49.59 -0.01 -19.37
N PHE A 333 48.35 0.42 -19.54
CA PHE A 333 47.72 0.41 -20.88
C PHE A 333 48.28 1.43 -21.83
N ALA A 334 48.58 2.59 -21.24
CA ALA A 334 49.21 3.71 -21.91
C ALA A 334 50.55 3.32 -22.48
N LEU A 335 51.27 2.43 -21.81
CA LEU A 335 52.50 1.84 -22.36
C LEU A 335 52.30 0.85 -23.53
N ARG A 336 51.08 0.48 -23.81
CA ARG A 336 50.73 -0.31 -24.98
C ARG A 336 51.57 -1.59 -25.14
N PRO A 337 51.57 -2.46 -24.13
CA PRO A 337 52.29 -3.71 -24.18
C PRO A 337 51.64 -4.78 -25.06
N ALA A 338 50.36 -4.62 -25.34
CA ALA A 338 49.71 -5.61 -26.15
C ALA A 338 49.00 -4.99 -27.36
N PRO A 339 48.85 -5.77 -28.41
CA PRO A 339 48.38 -5.26 -29.67
C PRO A 339 46.95 -4.75 -29.53
N ILE A 340 46.19 -5.44 -28.71
CA ILE A 340 44.78 -5.13 -28.56
C ILE A 340 44.47 -4.90 -27.10
N GLN A 341 43.85 -3.78 -26.82
CA GLN A 341 43.57 -3.44 -25.44
C GLN A 341 42.15 -2.95 -25.31
N ALA A 342 41.35 -3.70 -24.52
CA ALA A 342 39.89 -3.55 -24.39
C ALA A 342 39.44 -3.28 -23.00
N MET A 343 38.52 -2.31 -22.88
CA MET A 343 37.77 -2.05 -21.63
C MET A 343 36.65 -3.03 -21.44
N TRP A 344 36.48 -3.52 -20.22
CA TRP A 344 35.49 -4.58 -20.01
C TRP A 344 35.02 -4.57 -18.62
N LEU A 345 33.71 -4.62 -18.47
CA LEU A 345 33.06 -5.02 -17.16
C LEU A 345 33.21 -4.09 -15.93
N GLY A 346 34.44 -3.76 -15.60
CA GLY A 346 34.76 -3.02 -14.42
C GLY A 346 34.29 -1.59 -14.40
N TYR A 347 34.40 -0.88 -15.52
CA TYR A 347 34.11 0.54 -15.53
C TYR A 347 33.08 0.77 -16.62
N PRO A 348 32.01 1.50 -16.27
CA PRO A 348 30.82 1.81 -17.03
C PRO A 348 30.87 3.20 -17.73
N GLY A 349 31.82 3.33 -18.67
CA GLY A 349 31.98 4.59 -19.43
C GLY A 349 33.17 4.53 -20.36
N THR A 350 33.35 5.59 -21.13
CA THR A 350 34.49 5.50 -22.02
C THR A 350 35.76 5.89 -21.31
N SER A 351 36.87 5.27 -21.73
CA SER A 351 38.21 5.64 -21.28
C SER A 351 38.62 6.95 -21.94
N GLY A 352 38.00 7.24 -23.07
CA GLY A 352 38.27 8.43 -23.87
C GLY A 352 39.73 8.54 -24.27
N ALA A 353 40.41 7.39 -24.35
CA ALA A 353 41.85 7.39 -24.43
C ALA A 353 42.30 6.58 -25.63
N LEU A 354 43.37 7.08 -26.31
CA LEU A 354 43.95 6.46 -27.53
C LEU A 354 44.48 5.10 -27.21
N PHE A 355 44.93 4.85 -25.99
CA PHE A 355 45.46 3.52 -25.75
C PHE A 355 44.45 2.38 -25.55
N MET A 356 43.16 2.72 -25.58
CA MET A 356 42.13 1.68 -25.45
C MET A 356 41.45 1.47 -26.78
N ASP A 357 41.55 0.25 -27.29
CA ASP A 357 41.06 -0.04 -28.62
C ASP A 357 39.54 -0.29 -28.62
N TYR A 358 39.09 -1.23 -27.81
CA TYR A 358 37.69 -1.56 -27.80
C TYR A 358 37.12 -1.28 -26.45
N ILE A 359 35.83 -1.11 -26.43
CA ILE A 359 35.10 -1.33 -25.19
C ILE A 359 34.14 -2.45 -25.39
N ILE A 360 34.18 -3.46 -24.54
CA ILE A 360 33.26 -4.63 -24.62
C ILE A 360 31.91 -4.30 -23.97
N THR A 361 30.86 -4.36 -24.77
CA THR A 361 29.49 -3.92 -24.37
C THR A 361 28.46 -4.77 -25.13
N ASP A 362 27.26 -4.24 -25.31
CA ASP A 362 26.29 -4.93 -26.16
C ASP A 362 25.36 -3.97 -26.85
N GLN A 363 24.49 -4.55 -27.68
CA GLN A 363 23.63 -3.75 -28.49
C GLN A 363 22.63 -2.81 -27.70
N GLU A 364 22.22 -3.28 -26.52
CA GLU A 364 21.26 -2.58 -25.68
C GLU A 364 21.92 -1.48 -24.91
N THR A 365 23.10 -1.79 -24.45
CA THR A 365 23.75 -0.90 -23.52
C THR A 365 24.32 0.25 -24.32
N SER A 366 24.77 -0.08 -25.52
CA SER A 366 25.45 0.91 -26.31
C SER A 366 24.97 0.78 -27.77
N PRO A 367 23.72 1.15 -28.04
CA PRO A 367 23.29 1.09 -29.41
C PRO A 367 24.07 2.10 -30.28
N ALA A 368 24.09 1.82 -31.59
CA ALA A 368 24.94 2.58 -32.49
C ALA A 368 24.60 4.04 -32.53
N GLU A 369 23.35 4.39 -32.24
CA GLU A 369 22.93 5.80 -32.14
C GLU A 369 23.82 6.60 -31.20
N VAL A 370 24.12 6.03 -30.04
CA VAL A 370 24.89 6.77 -29.04
C VAL A 370 26.37 6.40 -29.01
N ALA A 371 26.85 5.73 -30.05
CA ALA A 371 28.27 5.35 -30.19
C ALA A 371 29.33 6.45 -30.06
N GLU A 372 28.96 7.71 -30.10
CA GLU A 372 29.98 8.72 -30.00
C GLU A 372 30.29 9.15 -28.57
N GLN A 373 29.52 8.62 -27.65
CA GLN A 373 29.82 8.64 -26.23
C GLN A 373 31.22 8.12 -26.03
N TYR A 374 31.50 7.00 -26.69
CA TYR A 374 32.73 6.25 -26.49
C TYR A 374 33.84 6.64 -27.44
N SER A 375 35.07 6.64 -26.96
CA SER A 375 36.23 6.87 -27.80
C SER A 375 36.75 5.55 -28.39
N GLU A 376 36.42 4.40 -27.77
CA GLU A 376 36.84 3.04 -28.22
C GLU A 376 35.89 2.55 -29.30
N LYS A 377 36.22 1.51 -30.04
CA LYS A 377 35.26 0.96 -30.96
C LYS A 377 34.46 0.02 -30.11
N LEU A 378 33.19 -0.16 -30.46
CA LEU A 378 32.31 -1.05 -29.73
C LEU A 378 32.58 -2.49 -30.05
N ALA A 379 32.76 -3.34 -29.08
CA ALA A 379 32.73 -4.75 -29.39
C ALA A 379 31.53 -5.37 -28.71
N TYR A 380 30.60 -5.93 -29.46
CA TYR A 380 29.34 -6.37 -28.84
C TYR A 380 29.45 -7.78 -28.41
N MET A 381 29.08 -8.04 -27.17
CA MET A 381 28.58 -9.35 -26.84
C MET A 381 27.14 -9.49 -27.34
N PRO A 382 26.70 -10.74 -27.49
CA PRO A 382 25.43 -11.01 -28.13
C PRO A 382 24.21 -10.63 -27.32
N HIS A 383 24.27 -10.73 -26.00
CA HIS A 383 23.04 -10.41 -25.29
C HIS A 383 23.22 -9.23 -24.40
N THR A 384 23.96 -9.53 -23.34
CA THR A 384 24.42 -8.51 -22.45
C THR A 384 25.88 -8.83 -22.18
N PHE A 385 26.61 -7.76 -21.87
CA PHE A 385 28.00 -7.86 -21.56
C PHE A 385 28.17 -8.07 -20.08
N PHE A 386 27.16 -7.71 -19.31
CA PHE A 386 27.12 -8.06 -17.91
C PHE A 386 27.05 -9.55 -17.60
N ILE A 387 27.61 -9.90 -16.45
CA ILE A 387 27.57 -11.28 -16.03
C ILE A 387 27.69 -11.36 -14.50
N GLY A 388 27.43 -12.51 -13.89
CA GLY A 388 27.55 -12.60 -12.44
C GLY A 388 27.69 -14.01 -11.93
N ASP A 389 28.32 -14.12 -10.77
CA ASP A 389 28.61 -15.46 -10.33
C ASP A 389 27.51 -16.12 -9.54
N HIS A 390 26.40 -15.42 -9.41
CA HIS A 390 25.38 -15.82 -8.48
C HIS A 390 25.10 -17.26 -8.56
N ALA A 391 25.20 -17.85 -9.75
CA ALA A 391 24.76 -19.23 -9.93
C ALA A 391 25.66 -20.16 -9.16
N ASN A 392 26.91 -19.76 -9.08
CA ASN A 392 27.94 -20.50 -8.38
C ASN A 392 27.99 -20.08 -6.91
N MET A 393 28.00 -18.77 -6.66
CA MET A 393 28.14 -18.28 -5.27
C MET A 393 26.94 -18.60 -4.40
N PHE A 394 25.75 -18.63 -5.00
CA PHE A 394 24.51 -18.59 -4.25
C PHE A 394 23.53 -19.65 -4.71
N PRO A 395 24.00 -20.86 -4.82
CA PRO A 395 23.09 -21.81 -5.36
C PRO A 395 21.99 -22.20 -4.41
N HIS A 396 22.07 -21.81 -3.15
CA HIS A 396 20.98 -22.12 -2.24
C HIS A 396 19.73 -21.28 -2.47
N LEU A 397 19.83 -20.26 -3.32
CA LEU A 397 18.68 -19.45 -3.72
C LEU A 397 18.12 -19.90 -5.07
N LYS A 398 18.55 -21.07 -5.54
CA LYS A 398 18.01 -21.60 -6.77
C LYS A 398 16.59 -21.99 -6.48
N LYS A 399 16.36 -22.57 -5.31
CA LYS A 399 15.01 -22.94 -4.86
C LYS A 399 14.58 -22.35 -3.52
N LYS A 400 13.28 -22.16 -3.38
CA LYS A 400 12.76 -21.72 -2.12
C LYS A 400 11.56 -22.50 -1.72
N ALA A 401 11.20 -22.31 -0.45
CA ALA A 401 9.94 -22.74 0.17
C ALA A 401 9.37 -21.60 1.02
N VAL A 402 8.10 -21.69 1.36
CA VAL A 402 7.55 -20.64 2.21
C VAL A 402 6.76 -21.25 3.36
N ILE A 403 6.35 -20.41 4.30
CA ILE A 403 5.42 -20.82 5.33
C ILE A 403 4.11 -20.02 5.29
N ASP A 404 2.97 -20.74 5.32
CA ASP A 404 1.67 -20.07 5.39
C ASP A 404 1.14 -19.92 6.81
N PHE A 405 1.04 -18.68 7.24
CA PHE A 405 0.60 -18.33 8.57
C PHE A 405 -0.80 -17.66 8.59
N LYS A 406 -1.68 -17.95 7.63
CA LYS A 406 -3.03 -17.34 7.59
C LYS A 406 -4.13 -18.27 8.11
N ILE A 411 -1.48 -17.04 0.69
CA ILE A 411 -0.22 -17.74 0.36
C ILE A 411 0.82 -16.92 -0.41
N TYR A 412 1.79 -16.38 0.31
CA TYR A 412 2.74 -15.49 -0.32
C TYR A 412 4.12 -16.11 -0.53
N ASP A 413 4.72 -15.73 -1.64
CA ASP A 413 6.03 -16.22 -1.99
C ASP A 413 7.17 -15.45 -1.28
N ASN A 414 6.85 -14.41 -0.53
CA ASN A 414 7.91 -13.53 -0.12
C ASN A 414 7.68 -12.99 1.23
N ARG A 415 7.05 -13.79 2.09
CA ARG A 415 6.74 -13.28 3.44
C ARG A 415 7.60 -13.97 4.48
N ILE A 416 7.71 -15.29 4.33
CA ILE A 416 8.58 -16.09 5.13
C ILE A 416 9.14 -17.15 4.19
N VAL A 417 10.48 -17.10 4.05
CA VAL A 417 11.15 -17.85 2.99
C VAL A 417 12.27 -18.72 3.55
N LEU A 418 12.40 -19.91 3.00
CA LEU A 418 13.46 -20.78 3.39
C LEU A 418 14.23 -21.17 2.18
N ASN A 419 15.54 -21.13 2.29
CA ASN A 419 16.38 -21.70 1.26
C ASN A 419 17.44 -22.45 1.95
N GLY A 420 17.98 -23.42 1.26
CA GLY A 420 18.99 -24.27 1.88
C GLY A 420 19.35 -25.35 0.93
N ILE A 421 20.59 -25.79 0.95
CA ILE A 421 20.97 -26.82 -0.01
C ILE A 421 20.25 -28.11 0.32
N ASP A 422 20.11 -28.40 1.59
CA ASP A 422 19.39 -29.58 1.99
C ASP A 422 17.87 -29.35 2.19
N LEU A 423 17.33 -28.25 1.66
CA LEU A 423 15.93 -27.87 1.91
C LEU A 423 15.01 -29.01 1.53
N LYS A 424 15.24 -29.54 0.34
CA LYS A 424 14.51 -30.69 -0.19
C LYS A 424 14.40 -31.78 0.86
N ALA A 425 15.53 -32.41 1.12
CA ALA A 425 15.69 -33.37 2.23
C ALA A 425 14.84 -33.11 3.50
N PHE A 426 14.71 -31.85 3.86
CA PHE A 426 14.03 -31.46 5.08
C PHE A 426 12.53 -31.50 4.91
N LEU A 427 12.05 -30.85 3.86
CA LEU A 427 10.64 -30.94 3.53
C LEU A 427 10.15 -32.39 3.54
N ASP A 428 11.01 -33.34 3.20
CA ASP A 428 10.58 -34.71 3.10
C ASP A 428 10.39 -35.37 4.44
N SER A 429 11.13 -34.86 5.42
CA SER A 429 10.92 -35.27 6.79
C SER A 429 9.63 -34.66 7.26
N LEU A 430 9.14 -33.63 6.59
CA LEU A 430 7.90 -33.01 7.03
C LEU A 430 6.66 -33.77 6.63
N PRO A 431 5.66 -33.69 7.50
CA PRO A 431 4.32 -34.22 7.28
C PRO A 431 3.52 -33.58 6.11
N ASP A 432 3.37 -32.26 6.08
CA ASP A 432 2.25 -31.67 5.35
C ASP A 432 2.55 -30.69 4.26
N VAL A 433 3.54 -30.97 3.45
CA VAL A 433 3.95 -29.91 2.57
C VAL A 433 3.13 -29.83 1.27
N LYS A 434 2.34 -28.77 1.16
CA LYS A 434 1.58 -28.55 -0.07
C LYS A 434 2.53 -27.87 -1.04
N ILE A 435 2.27 -28.03 -2.34
CA ILE A 435 3.23 -27.68 -3.36
C ILE A 435 2.67 -26.84 -4.51
N VAL A 436 2.39 -25.56 -4.29
CA VAL A 436 1.99 -24.62 -5.38
C VAL A 436 2.79 -24.77 -6.69
N LYS A 437 2.12 -24.84 -7.84
CA LYS A 437 2.83 -25.00 -9.13
C LYS A 437 3.06 -23.68 -9.83
N MET A 438 3.95 -23.66 -10.83
CA MET A 438 4.32 -22.37 -11.47
C MET A 438 4.23 -22.39 -13.00
N LEU A 454 10.33 -24.35 -11.46
CA LEU A 454 9.80 -25.62 -10.95
C LEU A 454 8.39 -25.32 -10.35
N ASN A 455 8.35 -24.85 -9.09
CA ASN A 455 7.13 -24.82 -8.25
C ASN A 455 7.53 -24.57 -6.79
N MET A 456 6.60 -24.11 -5.96
CA MET A 456 6.99 -23.72 -4.63
C MET A 456 6.34 -24.46 -3.48
N PRO A 457 7.10 -25.28 -2.78
CA PRO A 457 6.63 -25.98 -1.58
C PRO A 457 6.17 -25.02 -0.53
N VAL A 458 5.05 -25.35 0.10
CA VAL A 458 4.52 -24.53 1.19
C VAL A 458 4.31 -25.32 2.47
N ILE A 459 5.02 -24.89 3.50
CA ILE A 459 4.88 -25.42 4.83
C ILE A 459 3.65 -24.74 5.41
N PRO A 460 2.70 -25.56 5.90
CA PRO A 460 1.45 -25.16 6.56
C PRO A 460 1.74 -24.76 7.97
N MET A 461 0.79 -24.17 8.69
CA MET A 461 1.11 -23.75 10.05
C MET A 461 1.27 -24.85 11.16
N ASN A 462 2.20 -25.81 11.02
CA ASN A 462 2.43 -26.89 12.01
C ASN A 462 2.92 -26.30 13.31
N THR A 463 3.39 -27.17 14.18
CA THR A 463 4.11 -26.71 15.37
C THR A 463 5.51 -26.32 14.94
N ILE A 464 5.99 -27.07 13.95
CA ILE A 464 7.20 -26.78 13.26
C ILE A 464 7.17 -25.32 12.81
N ALA A 465 6.30 -25.04 11.84
CA ALA A 465 6.17 -23.66 11.44
C ALA A 465 6.27 -22.69 12.64
N GLU A 466 5.64 -23.06 13.77
CA GLU A 466 5.65 -22.19 14.93
C GLU A 466 7.02 -21.99 15.53
N ALA A 467 7.74 -23.10 15.70
CA ALA A 467 9.05 -23.03 16.31
C ALA A 467 9.94 -22.06 15.53
N VAL A 468 9.98 -22.31 14.22
CA VAL A 468 10.77 -21.51 13.31
C VAL A 468 10.42 -20.06 13.53
N ILE A 469 9.13 -19.77 13.37
CA ILE A 469 8.72 -18.40 13.43
C ILE A 469 8.99 -17.84 14.82
N GLU A 470 8.83 -18.70 15.84
CA GLU A 470 9.22 -18.28 17.17
C GLU A 470 10.72 -17.97 17.31
N MET A 471 11.58 -18.81 16.71
CA MET A 471 13.04 -18.55 16.70
C MET A 471 13.36 -17.20 16.13
N ILE A 472 12.74 -16.94 14.98
CA ILE A 472 12.80 -15.62 14.41
C ILE A 472 12.38 -14.53 15.40
N ASN A 473 11.25 -14.73 16.07
CA ASN A 473 10.73 -13.68 16.94
C ASN A 473 11.56 -13.55 18.19
N ARG A 474 12.05 -14.67 18.71
CA ARG A 474 12.82 -14.56 19.91
C ARG A 474 14.20 -13.96 19.60
N GLY A 475 14.55 -13.92 18.32
CA GLY A 475 15.84 -13.40 17.90
C GLY A 475 16.92 -14.42 18.20
N GLN A 476 16.60 -15.69 18.11
CA GLN A 476 17.62 -16.69 18.28
C GLN A 476 18.41 -16.98 17.01
N ILE A 477 19.62 -17.49 17.23
CA ILE A 477 20.62 -17.70 16.19
C ILE A 477 20.17 -18.74 15.25
N GLN A 478 19.72 -19.85 15.84
CA GLN A 478 19.39 -21.00 15.01
C GLN A 478 18.68 -22.05 15.80
N ILE A 479 18.02 -23.00 15.16
CA ILE A 479 17.36 -24.11 15.88
C ILE A 479 17.63 -25.42 15.16
N THR A 480 17.19 -26.51 15.74
CA THR A 480 17.29 -27.80 15.05
C THR A 480 15.88 -28.33 14.90
N ILE A 481 15.58 -29.02 13.82
CA ILE A 481 14.27 -29.63 13.59
C ILE A 481 14.47 -30.94 12.82
N ASN A 482 14.08 -32.04 13.40
CA ASN A 482 14.40 -33.34 12.82
C ASN A 482 15.82 -33.48 12.44
N GLY A 483 16.68 -32.76 13.16
CA GLY A 483 18.12 -32.83 12.91
C GLY A 483 18.72 -31.87 11.91
N PHE A 484 17.89 -31.10 11.20
CA PHE A 484 18.43 -30.14 10.22
C PHE A 484 18.64 -28.83 10.90
N SER A 485 19.77 -28.15 10.65
CA SER A 485 19.94 -26.84 11.29
C SER A 485 19.16 -25.87 10.50
N ILE A 486 18.45 -25.05 11.25
CA ILE A 486 17.67 -24.00 10.70
C ILE A 486 18.19 -22.68 11.23
N SER A 487 18.80 -21.91 10.35
CA SER A 487 19.52 -20.73 10.78
C SER A 487 18.73 -19.47 10.62
N ASN A 488 18.89 -18.58 11.57
CA ASN A 488 18.21 -17.33 11.44
C ASN A 488 18.99 -16.42 10.47
N GLY A 489 18.42 -16.11 9.31
CA GLY A 489 19.21 -15.44 8.29
C GLY A 489 19.61 -14.02 8.60
N LEU A 490 19.81 -13.74 9.87
CA LEU A 490 20.25 -12.44 10.31
C LEU A 490 21.50 -12.66 11.06
N ALA A 491 21.71 -13.89 11.50
CA ALA A 491 22.91 -14.24 12.19
C ALA A 491 23.87 -14.99 11.30
N THR A 492 23.96 -14.70 10.00
CA THR A 492 24.78 -15.59 9.18
C THR A 492 26.21 -15.48 9.60
N THR A 493 26.68 -14.27 9.91
CA THR A 493 28.13 -14.09 10.20
C THR A 493 28.53 -14.77 11.48
N GLN A 494 27.55 -15.08 12.30
CA GLN A 494 27.82 -15.72 13.57
C GLN A 494 27.91 -17.21 13.40
N ILE A 495 27.18 -17.74 12.43
CA ILE A 495 27.18 -19.15 12.22
C ILE A 495 28.31 -19.51 11.28
N ASN A 496 28.51 -18.70 10.25
CA ASN A 496 29.63 -18.95 9.35
C ASN A 496 29.95 -17.76 8.45
N ASN A 497 30.78 -16.82 8.94
CA ASN A 497 31.27 -15.66 8.19
C ASN A 497 31.65 -15.96 6.75
N LYS A 498 32.22 -17.13 6.46
CA LYS A 498 32.50 -17.45 5.05
C LYS A 498 31.26 -17.54 4.18
N ALA A 499 30.20 -18.17 4.72
CA ALA A 499 28.89 -18.10 4.06
C ALA A 499 28.40 -16.66 3.89
N ALA A 500 28.44 -15.89 4.95
CA ALA A 500 27.89 -14.57 4.92
C ALA A 500 28.45 -13.65 3.85
N THR A 501 29.70 -13.93 3.45
CA THR A 501 30.39 -13.02 2.52
C THR A 501 30.32 -13.47 1.10
N GLY A 502 29.93 -14.72 0.89
CA GLY A 502 29.84 -15.23 -0.45
C GLY A 502 30.97 -16.20 -0.70
N GLU A 503 31.94 -16.19 0.19
CA GLU A 503 33.06 -17.04 0.00
C GLU A 503 32.70 -18.52 0.13
N GLU A 504 31.64 -18.86 0.82
CA GLU A 504 31.21 -20.27 0.88
C GLU A 504 29.73 -20.39 0.59
N VAL A 505 29.31 -21.55 0.18
CA VAL A 505 27.88 -21.78 0.12
C VAL A 505 27.39 -22.22 1.49
N PRO A 506 26.33 -21.60 2.02
CA PRO A 506 25.89 -22.00 3.34
C PRO A 506 25.60 -23.48 3.40
N ARG A 507 25.88 -24.07 4.55
CA ARG A 507 25.61 -25.47 4.77
C ARG A 507 24.38 -25.66 5.70
N THR A 508 23.65 -24.59 5.99
CA THR A 508 22.38 -24.67 6.75
C THR A 508 21.18 -24.24 5.93
N ILE A 509 20.05 -24.28 6.57
CA ILE A 509 18.83 -23.87 5.92
C ILE A 509 18.47 -22.55 6.56
N ILE A 510 18.15 -21.59 5.75
CA ILE A 510 18.10 -20.26 6.27
C ILE A 510 16.73 -19.62 6.12
N VAL A 511 16.27 -19.08 7.24
CA VAL A 511 14.97 -18.43 7.27
C VAL A 511 15.07 -16.92 7.09
N THR A 512 14.25 -16.40 6.19
CA THR A 512 14.29 -14.99 5.82
C THR A 512 12.87 -14.46 5.86
N THR A 513 12.63 -13.34 6.52
CA THR A 513 11.24 -12.91 6.77
C THR A 513 11.08 -11.39 6.78
N ARG A 514 9.92 -10.92 6.35
CA ARG A 514 9.71 -9.48 6.28
C ARG A 514 9.86 -8.91 7.67
N SER A 515 9.44 -9.70 8.65
CA SER A 515 9.43 -9.18 10.01
C SER A 515 10.84 -8.85 10.41
N GLN A 516 11.82 -9.63 9.91
CA GLN A 516 13.25 -9.36 10.23
C GLN A 516 13.67 -7.92 9.87
N TYR A 517 13.03 -7.31 8.88
CA TYR A 517 13.58 -6.06 8.46
C TYR A 517 12.56 -5.03 8.72
N GLY A 518 11.49 -5.44 9.43
CA GLY A 518 10.39 -4.51 9.78
C GLY A 518 9.58 -4.14 8.56
N LEU A 519 9.36 -5.12 7.71
CA LEU A 519 8.58 -4.87 6.55
C LEU A 519 7.19 -5.34 6.94
N PRO A 520 6.16 -4.68 6.39
CA PRO A 520 4.77 -5.05 6.50
C PRO A 520 4.41 -6.40 5.85
N GLU A 521 3.84 -7.32 6.62
CA GLU A 521 3.48 -8.62 6.09
C GLU A 521 2.44 -8.58 4.99
N ASP A 522 1.82 -7.43 4.74
CA ASP A 522 0.67 -7.37 3.82
C ASP A 522 0.75 -6.12 2.95
N ALA A 523 1.96 -5.82 2.48
CA ALA A 523 2.15 -4.65 1.64
C ALA A 523 2.85 -4.99 0.34
N ILE A 524 2.87 -4.03 -0.55
CA ILE A 524 3.71 -4.17 -1.69
C ILE A 524 5.01 -3.55 -1.22
N VAL A 525 6.06 -4.37 -1.34
CA VAL A 525 7.39 -3.88 -1.07
C VAL A 525 8.17 -3.61 -2.36
N TYR A 526 8.45 -2.34 -2.60
CA TYR A 526 9.32 -1.89 -3.68
C TYR A 526 10.68 -1.64 -3.08
N CYS A 527 11.72 -2.13 -3.69
CA CYS A 527 13.00 -1.99 -3.06
C CYS A 527 13.96 -1.32 -3.99
N ASN A 528 14.99 -0.67 -3.44
CA ASN A 528 16.19 -0.35 -4.20
C ASN A 528 17.43 -0.36 -3.34
N PHE A 529 18.28 -1.33 -3.64
CA PHE A 529 19.46 -1.56 -2.81
C PHE A 529 20.73 -0.85 -3.26
N ASN A 530 20.61 0.18 -4.09
CA ASN A 530 21.80 0.87 -4.58
C ASN A 530 22.27 1.85 -3.59
N GLN A 531 23.49 2.30 -3.74
CA GLN A 531 23.94 3.35 -2.86
C GLN A 531 23.18 4.57 -3.23
N LEU A 532 22.86 5.36 -2.24
CA LEU A 532 21.90 6.44 -2.46
C LEU A 532 22.36 7.49 -3.47
N TYR A 533 23.67 7.64 -3.70
CA TYR A 533 24.09 8.67 -4.67
C TYR A 533 23.48 8.44 -6.08
N LYS A 534 22.96 7.23 -6.36
CA LYS A 534 22.31 6.95 -7.65
C LYS A 534 20.91 7.60 -7.80
N ILE A 535 20.43 8.14 -6.69
CA ILE A 535 19.14 8.81 -6.66
C ILE A 535 19.31 10.33 -6.78
N ASP A 536 18.45 10.85 -7.65
CA ASP A 536 18.24 12.30 -7.76
C ASP A 536 16.75 12.63 -7.53
N PRO A 537 16.46 13.94 -7.39
CA PRO A 537 15.15 14.50 -7.12
C PRO A 537 14.04 13.88 -7.95
N SER A 538 14.26 13.83 -9.25
CA SER A 538 13.26 13.31 -10.19
C SER A 538 13.06 11.84 -9.98
N THR A 539 14.11 11.13 -9.59
CA THR A 539 13.94 9.73 -9.36
C THR A 539 13.02 9.56 -8.17
N LEU A 540 13.27 10.36 -7.15
CA LEU A 540 12.47 10.20 -5.94
C LEU A 540 11.04 10.58 -6.27
N GLN A 541 10.93 11.65 -7.05
CA GLN A 541 9.66 12.06 -7.58
C GLN A 541 8.85 10.86 -8.12
N MET A 542 9.32 10.23 -9.17
CA MET A 542 8.63 9.11 -9.72
C MET A 542 8.17 8.11 -8.67
N TRP A 543 9.07 7.84 -7.71
CA TRP A 543 8.76 6.82 -6.74
C TRP A 543 7.63 7.27 -5.82
N ALA A 544 7.68 8.56 -5.49
CA ALA A 544 6.59 9.18 -4.75
C ALA A 544 5.24 8.87 -5.46
N ASN A 545 5.17 9.18 -6.76
CA ASN A 545 3.94 9.00 -7.49
C ASN A 545 3.47 7.61 -7.47
N ILE A 546 4.38 6.68 -7.72
CA ILE A 546 4.05 5.27 -7.60
C ILE A 546 3.46 4.93 -6.24
N LEU A 547 4.14 5.30 -5.18
CA LEU A 547 3.65 4.95 -3.89
C LEU A 547 2.26 5.54 -3.61
N LYS A 548 2.02 6.78 -4.10
CA LYS A 548 0.70 7.40 -3.91
C LYS A 548 -0.33 6.62 -4.67
N ARG A 549 -0.01 6.26 -5.88
CA ARG A 549 -0.93 5.45 -6.65
C ARG A 549 -1.00 4.01 -6.24
N VAL A 550 -0.08 3.51 -5.45
CA VAL A 550 -0.27 2.16 -4.95
C VAL A 550 -0.41 2.30 -3.47
N PRO A 551 -1.64 2.48 -3.04
CA PRO A 551 -1.84 3.00 -1.74
C PRO A 551 -1.20 2.02 -0.70
N ASN A 552 -1.15 0.68 -0.96
CA ASN A 552 -0.73 -0.21 0.10
C ASN A 552 0.65 -0.70 0.06
N SER A 553 1.58 0.24 -0.11
CA SER A 553 2.93 -0.13 -0.48
C SER A 553 3.96 0.68 0.30
N VAL A 554 5.17 0.11 0.43
CA VAL A 554 6.35 0.82 0.97
C VAL A 554 7.57 0.72 0.04
N LEU A 555 8.42 1.74 0.14
CA LEU A 555 9.75 1.72 -0.50
C LEU A 555 10.84 1.32 0.50
N TRP A 556 11.65 0.32 0.09
CA TRP A 556 12.70 -0.30 0.91
C TRP A 556 14.05 0.15 0.44
N LEU A 557 14.83 0.80 1.29
CA LEU A 557 16.12 1.39 0.90
C LEU A 557 17.22 1.11 1.88
N LEU A 558 18.46 1.38 1.47
CA LEU A 558 19.58 1.01 2.35
C LEU A 558 20.22 2.24 2.95
N ARG A 559 20.64 2.18 4.21
CA ARG A 559 21.38 3.32 4.80
C ARG A 559 22.76 3.20 4.24
N PHE A 560 23.02 3.99 3.21
CA PHE A 560 24.12 3.67 2.28
C PHE A 560 24.52 4.95 1.54
N PRO A 561 24.98 5.94 2.29
CA PRO A 561 25.28 6.00 3.70
C PRO A 561 24.07 6.36 4.61
N ALA A 562 24.19 6.03 5.89
CA ALA A 562 23.10 6.30 6.81
C ALA A 562 22.75 7.78 6.80
N VAL A 563 23.76 8.62 6.64
CA VAL A 563 23.59 10.05 6.81
C VAL A 563 22.67 10.56 5.70
N GLY A 564 22.48 9.73 4.68
CA GLY A 564 21.58 10.07 3.60
C GLY A 564 20.11 9.87 3.90
N GLU A 565 19.82 8.98 4.84
CA GLU A 565 18.45 8.66 5.13
C GLU A 565 17.62 9.87 5.57
N PRO A 566 18.01 10.58 6.63
CA PRO A 566 17.19 11.74 6.97
C PRO A 566 16.94 12.64 5.77
N ASN A 567 17.94 12.79 4.90
CA ASN A 567 17.71 13.55 3.68
C ASN A 567 16.65 13.03 2.73
N ILE A 568 16.57 11.74 2.55
CA ILE A 568 15.55 11.22 1.70
C ILE A 568 14.22 11.49 2.39
N GLN A 569 14.10 10.94 3.61
CA GLN A 569 12.94 11.11 4.47
C GLN A 569 12.41 12.52 4.39
N GLN A 570 13.32 13.48 4.40
CA GLN A 570 12.95 14.87 4.34
C GLN A 570 12.15 15.15 3.07
N TYR A 571 12.80 14.99 1.94
CA TYR A 571 12.24 15.26 0.62
C TYR A 571 11.01 14.41 0.36
N ALA A 572 11.01 13.22 0.95
CA ALA A 572 9.88 12.27 0.88
C ALA A 572 8.63 12.92 1.37
N GLN A 573 8.77 13.72 2.43
CA GLN A 573 7.64 14.34 3.06
C GLN A 573 7.20 15.62 2.40
N ASN A 574 8.09 16.35 1.76
CA ASN A 574 7.65 17.50 0.95
C ASN A 574 7.00 17.00 -0.26
N MET A 575 7.09 15.70 -0.53
CA MET A 575 6.37 15.20 -1.66
C MET A 575 5.09 14.67 -1.09
N GLY A 576 5.01 14.74 0.25
CA GLY A 576 3.80 14.38 0.97
C GLY A 576 3.71 12.89 1.16
N LEU A 577 4.75 12.26 1.68
CA LEU A 577 4.64 10.87 2.08
C LEU A 577 5.02 10.81 3.52
N PRO A 578 4.06 10.41 4.39
CA PRO A 578 4.30 10.01 5.77
C PRO A 578 5.56 9.15 5.90
N GLN A 579 6.26 9.37 6.99
CA GLN A 579 7.60 8.87 7.12
C GLN A 579 7.59 7.37 6.90
N ASN A 580 6.71 6.71 7.61
CA ASN A 580 6.55 5.28 7.50
C ASN A 580 6.24 4.67 6.11
N ARG A 581 6.18 5.46 5.04
CA ARG A 581 6.03 4.87 3.68
C ARG A 581 7.36 4.35 3.09
N ILE A 582 8.47 4.91 3.60
CA ILE A 582 9.82 4.47 3.26
C ILE A 582 10.53 3.80 4.41
N ILE A 583 11.02 2.62 4.15
CA ILE A 583 11.65 1.87 5.20
C ILE A 583 13.11 1.61 4.89
N PHE A 584 14.01 2.11 5.74
CA PHE A 584 15.45 1.84 5.61
C PHE A 584 15.99 0.60 6.33
N SER A 585 16.80 -0.20 5.66
CA SER A 585 17.63 -1.17 6.37
C SER A 585 19.13 -0.81 6.35
N PRO A 586 19.89 -1.44 7.25
CA PRO A 586 21.30 -1.30 7.25
C PRO A 586 21.91 -2.10 6.10
N VAL A 587 23.12 -1.70 5.69
CA VAL A 587 23.83 -2.50 4.72
C VAL A 587 24.11 -3.90 5.31
N ALA A 588 24.13 -4.95 4.51
CA ALA A 588 24.31 -6.29 5.05
C ALA A 588 25.40 -7.05 4.30
N PRO A 589 25.94 -8.12 4.87
CA PRO A 589 26.90 -8.99 4.22
C PRO A 589 26.40 -9.51 2.92
N LYS A 590 27.28 -9.65 1.91
CA LYS A 590 26.85 -10.01 0.57
C LYS A 590 25.73 -11.04 0.58
N GLU A 591 25.92 -12.18 1.22
CA GLU A 591 24.87 -13.18 1.07
C GLU A 591 23.52 -12.75 1.68
N GLU A 592 23.52 -12.17 2.87
CA GLU A 592 22.23 -11.74 3.38
C GLU A 592 21.61 -10.72 2.43
N HIS A 593 22.36 -9.69 2.09
CA HIS A 593 21.87 -8.74 1.11
C HIS A 593 21.20 -9.38 -0.08
N VAL A 594 21.77 -10.42 -0.66
CA VAL A 594 21.19 -11.00 -1.88
C VAL A 594 19.88 -11.70 -1.60
N ARG A 595 19.94 -12.54 -0.57
CA ARG A 595 18.91 -13.41 -0.12
C ARG A 595 17.69 -12.62 0.31
N ARG A 596 17.88 -11.50 1.00
CA ARG A 596 16.72 -10.73 1.48
C ARG A 596 15.96 -9.99 0.38
N GLY A 597 16.50 -10.02 -0.82
CA GLY A 597 15.83 -9.47 -1.96
C GLY A 597 14.60 -10.30 -2.28
N GLN A 598 14.58 -11.54 -1.82
CA GLN A 598 13.39 -12.39 -2.00
C GLN A 598 12.15 -11.88 -1.28
N LEU A 599 12.33 -11.07 -0.23
CA LEU A 599 11.27 -10.48 0.49
C LEU A 599 10.54 -9.39 -0.32
N ALA A 600 11.21 -8.74 -1.27
CA ALA A 600 10.60 -7.64 -2.03
C ALA A 600 9.61 -8.16 -3.07
N ASP A 601 8.71 -7.30 -3.54
CA ASP A 601 7.81 -7.65 -4.64
C ASP A 601 8.39 -7.20 -5.99
N VAL A 602 8.94 -5.99 -6.00
CA VAL A 602 9.45 -5.39 -7.20
C VAL A 602 10.59 -4.46 -6.84
N CYS A 603 11.67 -4.54 -7.61
CA CYS A 603 12.72 -3.55 -7.48
C CYS A 603 12.44 -2.38 -8.43
N LEU A 604 12.65 -1.15 -7.98
CA LEU A 604 12.52 0.02 -8.85
C LEU A 604 13.86 0.63 -9.16
N ASP A 605 14.36 0.41 -10.38
CA ASP A 605 15.73 0.81 -10.70
C ASP A 605 16.01 2.31 -10.87
N THR A 606 17.08 2.81 -10.25
CA THR A 606 17.51 4.19 -10.48
C THR A 606 17.82 4.44 -11.92
N PRO A 607 17.09 5.36 -12.53
CA PRO A 607 17.26 5.54 -13.93
C PRO A 607 18.46 6.49 -14.17
N LEU A 608 19.01 7.12 -13.12
CA LEU A 608 20.09 8.08 -13.33
C LEU A 608 21.33 7.30 -13.59
N CYS A 609 21.57 6.32 -12.74
CA CYS A 609 22.59 5.32 -12.90
C CYS A 609 22.01 3.98 -12.47
N ASN A 610 21.84 3.04 -13.39
CA ASN A 610 21.21 1.75 -13.06
C ASN A 610 22.00 0.98 -11.98
N GLY A 611 21.32 0.04 -11.35
CA GLY A 611 21.97 -0.89 -10.47
C GLY A 611 22.73 -1.78 -11.40
N HIS A 612 24.01 -1.98 -11.17
CA HIS A 612 24.75 -2.89 -12.07
C HIS A 612 24.90 -4.24 -11.45
N THR A 613 25.88 -4.38 -10.54
CA THR A 613 25.89 -5.59 -9.72
C THR A 613 24.52 -5.71 -9.03
N THR A 614 24.07 -4.58 -8.47
CA THR A 614 22.90 -4.56 -7.66
C THR A 614 21.76 -5.15 -8.48
N GLY A 615 21.70 -4.79 -9.77
CA GLY A 615 20.75 -5.37 -10.69
C GLY A 615 20.77 -6.89 -10.63
N MET A 616 21.96 -7.50 -10.76
CA MET A 616 22.01 -8.94 -10.90
C MET A 616 21.56 -9.54 -9.62
N ASP A 617 21.91 -8.90 -8.50
CA ASP A 617 21.57 -9.47 -7.20
C ASP A 617 20.02 -9.54 -7.02
N VAL A 618 19.33 -8.49 -7.50
CA VAL A 618 17.92 -8.41 -7.32
C VAL A 618 17.26 -9.45 -8.22
N LEU A 619 17.75 -9.56 -9.45
CA LEU A 619 17.25 -10.58 -10.36
C LEU A 619 17.51 -11.98 -9.89
N TRP A 620 18.53 -12.15 -9.06
CA TRP A 620 18.87 -13.52 -8.76
C TRP A 620 17.82 -13.98 -7.76
N ALA A 621 17.31 -13.02 -7.00
CA ALA A 621 16.33 -13.31 -5.97
C ALA A 621 14.99 -13.55 -6.62
N GLY A 622 14.82 -13.08 -7.84
CA GLY A 622 13.63 -13.48 -8.60
C GLY A 622 12.62 -12.38 -8.53
N THR A 623 13.13 -11.18 -8.53
CA THR A 623 12.39 -10.08 -8.05
C THR A 623 12.46 -9.17 -9.19
N PRO A 624 11.41 -9.16 -9.98
CA PRO A 624 11.39 -8.26 -11.13
C PRO A 624 11.82 -6.82 -10.79
N MET A 625 12.44 -6.19 -11.78
CA MET A 625 13.00 -4.86 -11.66
C MET A 625 12.52 -3.99 -12.82
N VAL A 626 12.14 -2.76 -12.53
CA VAL A 626 11.50 -1.91 -13.51
C VAL A 626 12.48 -0.84 -13.87
N THR A 627 12.89 -0.74 -15.13
CA THR A 627 13.97 0.26 -15.44
C THR A 627 13.63 1.24 -16.54
N MET A 628 14.35 2.36 -16.58
CA MET A 628 14.08 3.42 -17.56
C MET A 628 15.39 3.91 -18.25
N PRO A 629 15.92 3.11 -19.21
CA PRO A 629 17.25 3.31 -19.74
C PRO A 629 17.39 4.67 -20.32
N GLY A 630 18.55 5.30 -20.09
CA GLY A 630 18.86 6.64 -20.58
C GLY A 630 19.85 6.61 -21.73
N GLU A 631 20.84 7.50 -21.75
CA GLU A 631 21.80 7.44 -22.84
C GLU A 631 23.20 6.91 -22.47
N THR A 632 23.67 7.33 -21.29
CA THR A 632 24.92 6.89 -20.77
C THR A 632 24.84 5.41 -20.53
N LEU A 633 25.90 4.72 -20.91
CA LEU A 633 26.03 3.33 -20.68
C LEU A 633 25.46 3.02 -19.31
N ALA A 634 25.95 3.74 -18.31
CA ALA A 634 25.65 3.37 -16.94
C ALA A 634 24.19 3.35 -16.68
N SER A 635 23.42 4.08 -17.47
CA SER A 635 21.98 4.14 -17.26
C SER A 635 21.20 3.16 -18.12
N ARG A 636 21.88 2.26 -18.81
CA ARG A 636 21.14 1.38 -19.72
C ARG A 636 21.43 -0.07 -19.43
N VAL A 637 22.20 -0.28 -18.37
CA VAL A 637 22.62 -1.62 -18.01
C VAL A 637 21.46 -2.49 -17.50
N ALA A 638 20.58 -1.92 -16.67
CA ALA A 638 19.49 -2.72 -16.14
C ALA A 638 18.62 -3.20 -17.32
N ALA A 639 18.38 -2.26 -18.26
CA ALA A 639 17.59 -2.57 -19.46
C ALA A 639 18.23 -3.74 -20.16
N SER A 640 19.55 -3.62 -20.36
CA SER A 640 20.30 -4.66 -21.03
C SER A 640 20.18 -5.99 -20.36
N GLN A 641 20.23 -5.98 -19.04
CA GLN A 641 20.12 -7.20 -18.29
C GLN A 641 18.72 -7.81 -18.49
N LEU A 642 17.69 -6.96 -18.41
CA LEU A 642 16.30 -7.42 -18.46
C LEU A 642 16.04 -8.04 -19.80
N THR A 643 16.49 -7.34 -20.84
CA THR A 643 16.42 -7.84 -22.19
C THR A 643 17.03 -9.22 -22.29
N CYS A 644 18.31 -9.38 -22.01
CA CYS A 644 18.86 -10.71 -22.00
C CYS A 644 17.98 -11.71 -21.21
N LEU A 645 17.33 -11.25 -20.17
CA LEU A 645 16.61 -12.18 -19.31
C LEU A 645 15.31 -12.62 -19.97
N GLY A 646 14.77 -11.65 -20.69
CA GLY A 646 13.59 -11.87 -21.46
C GLY A 646 12.36 -11.23 -20.87
N CYS A 647 12.40 -9.93 -20.64
CA CYS A 647 11.35 -9.27 -19.89
C CYS A 647 11.20 -7.87 -20.31
N LEU A 648 10.86 -7.67 -21.58
CA LEU A 648 10.82 -6.30 -22.08
C LEU A 648 9.71 -5.45 -21.43
N GLU A 649 8.69 -6.11 -20.86
CA GLU A 649 7.53 -5.44 -20.26
C GLU A 649 7.92 -4.72 -18.97
N LEU A 650 9.18 -4.90 -18.58
CA LEU A 650 9.75 -4.16 -17.48
C LEU A 650 10.56 -2.91 -17.88
N ILE A 651 10.50 -2.56 -19.16
CA ILE A 651 11.42 -1.54 -19.63
C ILE A 651 10.67 -0.27 -20.04
N ALA A 652 10.79 0.79 -19.30
CA ALA A 652 10.04 1.96 -19.66
C ALA A 652 10.71 2.86 -20.65
N LYS A 653 9.94 3.47 -21.54
CA LYS A 653 10.46 4.49 -22.46
C LYS A 653 10.50 5.87 -21.88
N ASN A 654 9.69 6.12 -20.84
CA ASN A 654 9.71 7.44 -20.12
C ASN A 654 9.15 7.34 -18.73
N ARG A 655 9.29 8.46 -17.99
CA ARG A 655 8.73 8.55 -16.66
C ARG A 655 7.32 7.97 -16.62
N GLN A 656 6.45 8.45 -17.51
CA GLN A 656 5.09 7.97 -17.47
C GLN A 656 5.06 6.42 -17.45
N GLU A 657 5.67 5.83 -18.44
CA GLU A 657 5.55 4.40 -18.62
C GLU A 657 6.07 3.65 -17.39
N TYR A 658 7.13 4.18 -16.82
CA TYR A 658 7.78 3.60 -15.65
C TYR A 658 6.77 3.42 -14.54
N GLU A 659 6.19 4.55 -14.15
CA GLU A 659 5.21 4.57 -13.07
C GLU A 659 4.09 3.62 -13.37
N ASP A 660 3.67 3.55 -14.62
CA ASP A 660 2.55 2.67 -14.89
C ASP A 660 2.90 1.24 -14.65
N ILE A 661 4.10 0.88 -15.11
CA ILE A 661 4.54 -0.50 -15.00
C ILE A 661 4.67 -0.85 -13.52
N ALA A 662 5.18 0.12 -12.77
CA ALA A 662 5.32 -0.07 -11.34
C ALA A 662 3.89 -0.38 -10.81
N VAL A 663 3.00 0.59 -11.08
CA VAL A 663 1.73 0.62 -10.42
C VAL A 663 0.95 -0.62 -10.81
N LYS A 664 1.09 -1.00 -12.06
CA LYS A 664 0.35 -2.16 -12.48
C LYS A 664 0.74 -3.35 -11.64
N LEU A 665 2.03 -3.55 -11.49
CA LEU A 665 2.56 -4.69 -10.74
C LEU A 665 2.18 -4.61 -9.27
N GLY A 666 2.06 -3.35 -8.80
CA GLY A 666 1.64 -3.02 -7.41
C GLY A 666 0.18 -3.41 -7.13
N THR A 667 -0.71 -3.03 -8.03
CA THR A 667 -2.14 -3.27 -7.89
C THR A 667 -2.66 -4.58 -8.58
N ASP A 668 -2.19 -4.91 -9.76
CA ASP A 668 -2.67 -6.11 -10.36
C ASP A 668 -1.92 -7.32 -9.87
N LEU A 669 -2.43 -7.91 -8.81
CA LEU A 669 -1.70 -9.04 -8.20
C LEU A 669 -1.58 -10.25 -9.07
N GLU A 670 -2.47 -10.32 -10.03
CA GLU A 670 -2.46 -11.43 -10.95
C GLU A 670 -1.23 -11.34 -11.82
N TYR A 671 -1.07 -10.14 -12.38
CA TYR A 671 0.04 -9.82 -13.24
C TYR A 671 1.33 -10.09 -12.50
N LEU A 672 1.50 -9.37 -11.39
CA LEU A 672 2.67 -9.53 -10.55
C LEU A 672 3.07 -11.00 -10.41
N LYS A 673 2.20 -11.82 -9.85
CA LYS A 673 2.41 -13.25 -9.76
C LYS A 673 2.99 -13.89 -11.06
N LYS A 674 2.37 -13.56 -12.20
CA LYS A 674 2.88 -13.94 -13.53
C LYS A 674 4.33 -13.50 -13.78
N VAL A 675 4.59 -12.19 -13.74
CA VAL A 675 5.91 -11.65 -13.97
C VAL A 675 6.95 -12.24 -13.03
N ARG A 676 6.70 -12.16 -11.73
CA ARG A 676 7.63 -12.68 -10.74
C ARG A 676 7.93 -14.09 -11.08
N GLY A 677 6.89 -14.89 -11.29
CA GLY A 677 7.12 -16.27 -11.74
C GLY A 677 8.04 -16.41 -12.96
N LYS A 678 7.91 -15.49 -13.91
CA LYS A 678 8.73 -15.48 -15.13
C LYS A 678 10.21 -15.27 -14.75
N VAL A 679 10.58 -14.06 -14.27
CA VAL A 679 11.92 -13.76 -13.73
C VAL A 679 12.52 -14.94 -13.00
N TRP A 680 11.75 -15.51 -12.10
CA TRP A 680 12.28 -16.61 -11.34
C TRP A 680 12.71 -17.78 -12.20
N LYS A 681 11.99 -18.01 -13.27
CA LYS A 681 12.23 -19.19 -14.05
C LYS A 681 13.32 -18.87 -15.01
N GLN A 682 13.17 -17.72 -15.67
CA GLN A 682 14.12 -17.19 -16.63
C GLN A 682 15.52 -16.99 -16.11
N ARG A 683 15.66 -16.75 -14.83
CA ARG A 683 16.96 -16.41 -14.36
C ARG A 683 17.87 -17.65 -14.45
N ILE A 684 17.29 -18.82 -14.36
CA ILE A 684 17.93 -20.06 -14.81
C ILE A 684 17.98 -20.28 -16.33
N SER A 685 16.85 -20.16 -16.99
CA SER A 685 16.77 -20.64 -18.35
C SER A 685 17.40 -19.65 -19.33
N SER A 686 17.59 -18.39 -18.97
CA SER A 686 18.14 -17.46 -19.94
C SER A 686 19.63 -17.48 -19.80
N PRO A 687 20.29 -16.68 -20.62
CA PRO A 687 21.70 -16.80 -20.72
C PRO A 687 22.39 -15.92 -19.66
N LEU A 688 21.58 -15.25 -18.85
CA LEU A 688 22.07 -14.06 -18.15
C LEU A 688 23.10 -14.43 -17.12
N PHE A 689 22.77 -15.49 -16.39
CA PHE A 689 23.52 -15.96 -15.24
C PHE A 689 24.35 -17.18 -15.57
N ASN A 690 24.34 -17.53 -16.86
CA ASN A 690 25.15 -18.58 -17.40
C ASN A 690 26.54 -18.13 -17.83
N THR A 691 27.51 -18.43 -16.97
CA THR A 691 28.89 -17.95 -17.15
C THR A 691 29.62 -18.79 -18.18
N LYS A 692 29.31 -20.09 -18.27
CA LYS A 692 29.94 -20.90 -19.30
C LYS A 692 29.65 -20.35 -20.71
N GLN A 693 28.37 -20.21 -20.99
CA GLN A 693 27.96 -19.64 -22.24
C GLN A 693 28.63 -18.31 -22.36
N TYR A 694 28.40 -17.41 -21.42
CA TYR A 694 29.11 -16.11 -21.44
C TYR A 694 30.57 -16.23 -21.87
N THR A 695 31.31 -17.13 -21.22
CA THR A 695 32.74 -17.26 -21.54
C THR A 695 32.95 -17.56 -23.02
N MET A 696 32.38 -18.68 -23.46
CA MET A 696 32.37 -18.98 -24.88
C MET A 696 32.05 -17.81 -25.81
N GLU A 697 31.13 -16.93 -25.43
CA GLU A 697 30.79 -15.78 -26.27
C GLU A 697 31.95 -14.87 -26.27
N LEU A 698 32.39 -14.57 -25.05
CA LEU A 698 33.48 -13.70 -24.87
C LEU A 698 34.66 -14.24 -25.72
N GLU A 699 34.88 -15.55 -25.71
CA GLU A 699 35.92 -16.13 -26.56
C GLU A 699 35.77 -15.84 -28.07
N ARG A 700 34.60 -16.08 -28.67
CA ARG A 700 34.42 -15.77 -30.08
C ARG A 700 34.74 -14.33 -30.31
N LEU A 701 34.22 -13.48 -29.46
CA LEU A 701 34.41 -12.05 -29.62
C LEU A 701 35.90 -11.76 -29.59
N TYR A 702 36.65 -12.49 -28.81
CA TYR A 702 38.07 -12.23 -28.75
C TYR A 702 38.71 -12.62 -30.06
N LEU A 703 38.38 -13.80 -30.53
CA LEU A 703 38.88 -14.28 -31.79
C LEU A 703 38.61 -13.29 -32.86
N GLN A 704 37.34 -12.86 -33.03
CA GLN A 704 36.97 -11.84 -34.01
C GLN A 704 37.98 -10.72 -34.01
N MET A 705 38.30 -10.23 -32.83
CA MET A 705 39.13 -9.03 -32.66
C MET A 705 40.54 -9.25 -33.15
N TRP A 706 41.04 -10.45 -32.83
CA TRP A 706 42.34 -10.92 -33.22
C TRP A 706 42.43 -11.16 -34.71
N GLU A 707 41.55 -11.98 -35.28
CA GLU A 707 41.43 -12.08 -36.75
C GLU A 707 41.63 -10.77 -37.41
N HIS A 708 40.70 -9.86 -37.13
CA HIS A 708 40.76 -8.52 -37.65
C HIS A 708 42.10 -7.82 -37.49
N TYR A 709 42.81 -8.01 -36.39
CA TYR A 709 44.11 -7.35 -36.22
C TYR A 709 45.16 -8.13 -36.98
N ALA A 710 45.06 -9.46 -36.93
CA ALA A 710 46.07 -10.34 -37.52
C ALA A 710 45.93 -10.27 -39.03
N ALA A 711 44.75 -9.91 -39.50
CA ALA A 711 44.52 -9.65 -40.92
C ALA A 711 45.09 -8.28 -41.25
N GLY A 712 45.69 -7.66 -40.27
CA GLY A 712 46.39 -6.43 -40.55
C GLY A 712 45.61 -5.13 -40.40
N ASN A 713 44.38 -5.17 -39.89
CA ASN A 713 43.64 -3.93 -39.70
C ASN A 713 43.71 -3.26 -38.35
N LYS A 714 43.39 -1.98 -38.44
CA LYS A 714 43.20 -1.16 -37.27
C LYS A 714 41.84 -1.47 -36.66
N PRO A 715 41.76 -1.44 -35.32
CA PRO A 715 40.54 -1.59 -34.56
C PRO A 715 39.39 -0.93 -35.24
N ASP A 716 38.31 -1.68 -35.39
CA ASP A 716 37.08 -1.22 -35.96
C ASP A 716 35.88 -1.95 -35.26
N HIS A 717 34.69 -1.33 -35.24
CA HIS A 717 33.51 -1.85 -34.44
C HIS A 717 33.23 -3.26 -34.73
N MET A 718 33.03 -4.09 -33.73
CA MET A 718 32.74 -5.50 -33.96
C MET A 718 31.31 -5.79 -33.62
N ILE A 719 30.40 -5.40 -34.50
CA ILE A 719 28.99 -5.64 -34.26
C ILE A 719 28.44 -6.92 -34.95
N LYS A 720 29.38 -7.86 -35.20
CA LYS A 720 29.12 -9.29 -35.49
C LYS A 720 28.11 -9.62 -36.62
N SER B 4 -21.50 -14.94 56.63
CA SER B 4 -21.69 -13.62 57.29
C SER B 4 -20.39 -12.82 57.33
N CYS B 5 -19.28 -13.52 57.01
CA CYS B 5 -17.88 -13.15 57.40
C CYS B 5 -17.19 -11.86 56.85
N PRO B 6 -17.07 -10.80 57.68
CA PRO B 6 -16.46 -9.56 57.20
C PRO B 6 -14.99 -9.71 56.88
N THR B 7 -14.27 -10.62 57.50
CA THR B 7 -12.80 -10.58 57.31
C THR B 7 -12.41 -11.26 56.03
N HIS B 8 -13.18 -12.27 55.68
CA HIS B 8 -13.10 -12.86 54.36
C HIS B 8 -13.42 -11.84 53.31
N ALA B 9 -14.68 -11.34 53.32
CA ALA B 9 -15.16 -10.29 52.43
C ALA B 9 -14.17 -9.11 52.37
N ASP B 10 -13.49 -8.83 53.48
CA ASP B 10 -12.56 -7.69 53.55
C ASP B 10 -11.37 -7.97 52.66
N SER B 11 -10.85 -9.19 52.76
CA SER B 11 -9.73 -9.67 51.97
C SER B 11 -10.03 -9.67 50.47
N LEU B 12 -11.14 -10.29 50.04
CA LEU B 12 -11.62 -10.27 48.66
C LEU B 12 -11.57 -8.88 48.09
N ASN B 13 -12.19 -7.92 48.78
CA ASN B 13 -12.14 -6.52 48.36
C ASN B 13 -10.74 -6.04 48.06
N ASN B 14 -9.77 -6.22 48.99
CA ASN B 14 -8.37 -5.79 48.78
C ASN B 14 -7.78 -6.31 47.50
N LEU B 15 -8.11 -7.57 47.17
CA LEU B 15 -7.63 -8.30 45.98
C LEU B 15 -8.24 -7.67 44.77
N ALA B 16 -9.56 -7.47 44.80
CA ALA B 16 -10.29 -6.79 43.75
C ALA B 16 -9.65 -5.43 43.47
N ASN B 17 -9.25 -4.68 44.49
CA ASN B 17 -8.65 -3.37 44.26
C ASN B 17 -7.39 -3.45 43.48
N ILE B 18 -6.54 -4.38 43.88
CA ILE B 18 -5.39 -4.76 43.09
C ILE B 18 -5.81 -5.11 41.66
N LYS B 19 -6.69 -6.10 41.45
CA LYS B 19 -7.07 -6.52 40.07
C LYS B 19 -7.44 -5.32 39.25
N ARG B 20 -7.95 -4.28 39.88
CA ARG B 20 -8.39 -3.11 39.15
C ARG B 20 -7.20 -2.27 38.77
N GLU B 21 -6.23 -2.24 39.66
CA GLU B 21 -4.97 -1.54 39.44
C GLU B 21 -4.39 -1.99 38.15
N GLN B 22 -4.10 -3.29 38.06
CA GLN B 22 -3.60 -3.89 36.85
C GLN B 22 -4.72 -3.88 35.79
N GLY B 23 -5.45 -2.77 35.68
CA GLY B 23 -6.55 -2.64 34.74
C GLY B 23 -7.58 -3.76 34.56
N ASN B 24 -7.41 -4.90 35.21
CA ASN B 24 -8.24 -6.07 34.89
C ASN B 24 -9.67 -5.96 35.52
N ILE B 25 -10.49 -5.12 34.89
CA ILE B 25 -11.82 -4.77 35.38
C ILE B 25 -12.71 -6.01 35.49
N GLU B 26 -12.82 -6.71 34.38
CA GLU B 26 -13.28 -8.07 34.38
C GLU B 26 -13.28 -8.71 35.77
N GLU B 27 -12.07 -8.95 36.26
CA GLU B 27 -11.86 -9.71 37.45
C GLU B 27 -12.24 -8.91 38.69
N ALA B 28 -11.69 -7.70 38.78
CA ALA B 28 -12.10 -6.76 39.81
C ALA B 28 -13.59 -6.91 40.17
N VAL B 29 -14.46 -6.63 39.21
CA VAL B 29 -15.87 -6.88 39.39
C VAL B 29 -16.19 -8.23 40.05
N ARG B 30 -15.70 -9.32 39.45
CA ARG B 30 -16.05 -10.64 39.93
C ARG B 30 -15.75 -10.77 41.44
N LEU B 31 -14.60 -10.23 41.84
CA LEU B 31 -14.22 -10.15 43.26
C LEU B 31 -15.12 -9.34 44.19
N TYR B 32 -15.30 -8.06 43.88
CA TYR B 32 -16.24 -7.24 44.62
C TYR B 32 -17.56 -7.96 44.90
N ARG B 33 -18.10 -8.60 43.87
CA ARG B 33 -19.39 -9.26 43.95
C ARG B 33 -19.34 -10.42 44.86
N LYS B 34 -18.15 -11.01 44.95
CA LYS B 34 -17.92 -12.12 45.87
C LYS B 34 -17.89 -11.61 47.33
N ALA B 35 -17.00 -10.62 47.54
CA ALA B 35 -16.97 -9.82 48.74
C ALA B 35 -18.38 -9.50 49.26
N LEU B 36 -19.21 -8.97 48.37
CA LEU B 36 -20.57 -8.61 48.68
C LEU B 36 -21.49 -9.82 48.99
N GLU B 37 -21.11 -10.99 48.48
CA GLU B 37 -21.85 -12.17 48.73
C GLU B 37 -21.50 -12.66 50.14
N VAL B 38 -20.22 -12.58 50.50
CA VAL B 38 -19.80 -12.85 51.89
C VAL B 38 -20.29 -11.84 52.90
N PHE B 39 -20.11 -10.56 52.57
CA PHE B 39 -20.59 -9.46 53.39
C PHE B 39 -21.58 -8.47 52.71
N PRO B 40 -22.90 -8.79 52.74
CA PRO B 40 -23.76 -7.84 52.06
C PRO B 40 -23.63 -6.43 52.63
N GLU B 41 -23.57 -6.27 53.96
CA GLU B 41 -23.65 -4.96 54.56
C GLU B 41 -22.33 -4.21 54.39
N PHE B 42 -21.59 -4.52 53.35
CA PHE B 42 -20.22 -4.03 53.25
C PHE B 42 -20.02 -2.73 52.46
N ALA B 43 -19.95 -1.60 53.16
CA ALA B 43 -20.07 -0.28 52.52
C ALA B 43 -19.12 -0.05 51.38
N ALA B 44 -17.84 -0.23 51.61
CA ALA B 44 -16.83 0.07 50.55
C ALA B 44 -16.84 -0.84 49.31
N ALA B 45 -17.20 -2.12 49.46
CA ALA B 45 -17.41 -3.02 48.28
C ALA B 45 -18.44 -2.48 47.31
N HIS B 46 -19.66 -2.30 47.82
CA HIS B 46 -20.70 -1.57 47.15
C HIS B 46 -20.18 -0.40 46.39
N SER B 47 -19.41 0.43 47.08
CA SER B 47 -18.93 1.65 46.49
C SER B 47 -17.92 1.43 45.39
N ASN B 48 -17.03 0.45 45.56
CA ASN B 48 -16.05 0.15 44.53
C ASN B 48 -16.72 -0.45 43.32
N LEU B 49 -17.39 -1.58 43.53
CA LEU B 49 -18.18 -2.18 42.47
C LEU B 49 -18.97 -1.09 41.71
N ALA B 50 -19.61 -0.18 42.46
CA ALA B 50 -20.39 0.91 41.87
C ALA B 50 -19.56 1.67 40.86
N SER B 51 -18.36 2.07 41.23
CA SER B 51 -17.67 2.94 40.31
C SER B 51 -16.99 2.20 39.16
N VAL B 52 -16.86 0.87 39.20
CA VAL B 52 -16.48 0.21 37.95
C VAL B 52 -17.66 -0.04 37.03
N LEU B 53 -18.82 -0.35 37.61
CA LEU B 53 -20.03 -0.42 36.85
C LEU B 53 -20.21 0.93 36.17
N GLN B 54 -19.78 2.00 36.84
CA GLN B 54 -19.96 3.30 36.26
C GLN B 54 -19.04 3.41 35.08
N GLN B 55 -17.79 3.06 35.25
CA GLN B 55 -16.83 3.10 34.16
C GLN B 55 -17.26 2.23 32.98
N GLN B 56 -17.91 1.11 33.28
CA GLN B 56 -18.34 0.18 32.24
C GLN B 56 -19.60 0.68 31.62
N GLY B 57 -20.05 1.83 32.09
CA GLY B 57 -21.24 2.45 31.56
C GLY B 57 -22.54 1.88 32.08
N LYS B 58 -22.53 1.01 33.12
CA LYS B 58 -23.77 0.43 33.66
C LYS B 58 -24.50 1.30 34.73
N LEU B 59 -24.57 2.60 34.43
CA LEU B 59 -25.08 3.63 35.34
C LEU B 59 -26.26 3.22 36.21
N GLN B 60 -27.32 2.71 35.57
CA GLN B 60 -28.52 2.29 36.28
C GLN B 60 -28.15 1.45 37.53
N GLU B 61 -27.23 0.52 37.35
CA GLU B 61 -26.90 -0.42 38.38
C GLU B 61 -25.82 0.13 39.29
N ALA B 62 -24.82 0.73 38.67
CA ALA B 62 -23.84 1.53 39.43
C ALA B 62 -24.52 2.41 40.47
N LEU B 63 -25.63 3.02 40.08
CA LEU B 63 -26.36 3.86 40.96
C LEU B 63 -26.87 3.13 42.19
N MET B 64 -27.59 2.06 41.98
CA MET B 64 -28.10 1.27 43.09
C MET B 64 -27.07 0.84 44.14
N HIS B 65 -25.86 0.56 43.70
CA HIS B 65 -24.76 0.34 44.64
C HIS B 65 -24.30 1.51 45.45
N TYR B 66 -24.03 2.64 44.83
CA TYR B 66 -23.87 3.86 45.60
C TYR B 66 -25.03 4.05 46.60
N LYS B 67 -26.28 3.83 46.17
CA LYS B 67 -27.42 3.95 47.09
C LYS B 67 -27.20 3.08 48.32
N GLU B 68 -26.86 1.81 48.09
CA GLU B 68 -26.50 0.91 49.19
C GLU B 68 -25.41 1.33 50.10
N ALA B 69 -24.29 1.70 49.52
CA ALA B 69 -23.15 2.20 50.28
C ALA B 69 -23.51 3.32 51.22
N ILE B 70 -24.11 4.40 50.70
CA ILE B 70 -24.65 5.50 51.51
C ILE B 70 -25.67 5.03 52.58
N ARG B 71 -26.58 4.13 52.23
CA ARG B 71 -27.55 3.66 53.21
C ARG B 71 -26.80 3.04 54.34
N ILE B 72 -25.86 2.16 53.97
CA ILE B 72 -24.98 1.48 54.93
C ILE B 72 -24.06 2.39 55.75
N SER B 73 -23.51 3.40 55.15
CA SER B 73 -22.59 4.22 55.87
C SER B 73 -22.82 5.72 55.63
N PRO B 74 -23.72 6.35 56.41
CA PRO B 74 -24.26 7.59 55.89
C PRO B 74 -23.27 8.71 55.85
N THR B 75 -22.08 8.52 56.44
CA THR B 75 -21.07 9.62 56.47
C THR B 75 -20.02 9.47 55.38
N PHE B 76 -20.31 8.57 54.46
CA PHE B 76 -19.48 8.29 53.29
C PHE B 76 -19.51 9.40 52.25
N ALA B 77 -18.85 10.53 52.55
CA ALA B 77 -18.83 11.69 51.64
C ALA B 77 -18.48 11.31 50.20
N ASP B 78 -17.42 10.57 50.08
CA ASP B 78 -17.01 10.09 48.80
C ASP B 78 -18.12 9.40 47.92
N ALA B 79 -18.89 8.46 48.47
CA ALA B 79 -19.95 7.80 47.70
C ALA B 79 -20.95 8.83 47.15
N TYR B 80 -21.44 9.77 47.96
CA TYR B 80 -22.28 10.83 47.41
C TYR B 80 -21.62 11.46 46.18
N SER B 81 -20.42 12.00 46.35
CA SER B 81 -19.75 12.64 45.24
C SER B 81 -19.73 11.75 43.99
N ASN B 82 -19.28 10.51 44.09
CA ASN B 82 -19.36 9.67 42.88
C ASN B 82 -20.74 9.44 42.34
N MET B 83 -21.69 9.14 43.24
CA MET B 83 -23.07 9.03 42.86
C MET B 83 -23.54 10.24 42.07
N GLY B 84 -23.09 11.42 42.51
CA GLY B 84 -23.31 12.67 41.78
C GLY B 84 -22.86 12.53 40.35
N ASN B 85 -21.62 12.12 40.16
CA ASN B 85 -21.11 11.85 38.84
C ASN B 85 -21.99 10.95 37.99
N THR B 86 -22.44 9.87 38.59
CA THR B 86 -23.32 8.98 37.87
C THR B 86 -24.57 9.70 37.44
N LEU B 87 -25.23 10.36 38.36
CA LEU B 87 -26.37 11.10 37.96
C LEU B 87 -26.07 12.15 36.89
N LYS B 88 -24.89 12.77 36.91
CA LYS B 88 -24.59 13.82 35.93
C LYS B 88 -24.50 13.14 34.59
N GLU B 89 -23.84 11.99 34.56
CA GLU B 89 -23.76 11.26 33.31
C GLU B 89 -25.11 10.68 32.90
N MET B 90 -26.07 10.65 33.78
CA MET B 90 -27.35 10.13 33.40
C MET B 90 -28.27 11.25 32.97
N GLN B 91 -27.71 12.45 32.77
CA GLN B 91 -28.46 13.64 32.40
C GLN B 91 -29.28 14.19 33.57
N ASP B 92 -29.30 13.50 34.71
CA ASP B 92 -30.01 14.05 35.87
C ASP B 92 -29.16 15.05 36.60
N VAL B 93 -29.15 16.29 36.15
CA VAL B 93 -28.25 17.29 36.73
C VAL B 93 -28.76 17.66 38.11
N GLN B 94 -30.03 17.98 38.15
CA GLN B 94 -30.77 18.16 39.36
C GLN B 94 -30.21 17.31 40.51
N GLY B 95 -30.31 15.99 40.36
CA GLY B 95 -29.87 15.01 41.37
C GLY B 95 -28.38 15.02 41.68
N ALA B 96 -27.58 15.02 40.60
CA ALA B 96 -26.14 15.16 40.68
C ALA B 96 -25.84 16.33 41.63
N LEU B 97 -26.53 17.43 41.40
CA LEU B 97 -26.30 18.59 42.19
C LEU B 97 -26.55 18.35 43.69
N GLN B 98 -27.63 17.64 44.01
CA GLN B 98 -27.94 17.38 45.39
C GLN B 98 -26.85 16.63 46.05
N CYS B 99 -26.28 15.65 45.33
CA CYS B 99 -25.22 14.80 45.88
C CYS B 99 -23.99 15.60 46.19
N TYR B 100 -23.52 16.34 45.21
CA TYR B 100 -22.32 17.10 45.40
C TYR B 100 -22.51 17.95 46.62
N THR B 101 -23.60 18.70 46.69
CA THR B 101 -23.84 19.51 47.88
C THR B 101 -23.95 18.71 49.20
N ARG B 102 -24.62 17.53 49.20
CA ARG B 102 -24.70 16.78 50.45
C ARG B 102 -23.32 16.38 50.91
N ALA B 103 -22.49 15.96 49.96
CA ALA B 103 -21.10 15.59 50.24
C ALA B 103 -20.33 16.73 50.93
N ILE B 104 -20.49 17.94 50.41
CA ILE B 104 -19.77 19.07 50.93
C ILE B 104 -20.26 19.45 52.31
N GLN B 105 -21.51 19.11 52.57
CA GLN B 105 -22.11 19.57 53.76
C GLN B 105 -21.70 18.64 54.86
N ILE B 106 -21.70 17.36 54.52
CA ILE B 106 -21.25 16.32 55.41
C ILE B 106 -19.78 16.48 55.67
N ASN B 107 -19.03 16.94 54.71
CA ASN B 107 -17.61 17.03 54.95
C ASN B 107 -17.02 18.19 54.18
N PRO B 108 -17.02 19.35 54.80
CA PRO B 108 -16.78 20.59 54.03
C PRO B 108 -15.39 20.65 53.51
N ALA B 109 -14.58 19.70 53.98
CA ALA B 109 -13.17 19.68 53.68
C ALA B 109 -12.89 18.94 52.42
N PHE B 110 -13.90 18.25 51.89
CA PHE B 110 -13.73 17.23 50.86
C PHE B 110 -13.52 17.78 49.46
N ALA B 111 -12.29 17.71 48.93
CA ALA B 111 -11.93 18.54 47.75
C ALA B 111 -12.62 18.16 46.47
N ASP B 112 -12.92 16.89 46.29
CA ASP B 112 -13.53 16.37 45.06
C ASP B 112 -14.91 16.90 44.79
N ALA B 113 -15.76 16.89 45.80
CA ALA B 113 -17.10 17.38 45.64
C ALA B 113 -17.08 18.83 45.20
N HIS B 114 -16.20 19.66 45.76
CA HIS B 114 -16.06 21.03 45.25
C HIS B 114 -15.75 21.13 43.77
N SER B 115 -14.85 20.26 43.32
CA SER B 115 -14.49 20.17 41.94
C SER B 115 -15.67 19.67 41.12
N ASN B 116 -16.25 18.55 41.52
CA ASN B 116 -17.43 18.07 40.83
C ASN B 116 -18.53 19.09 40.65
N LEU B 117 -18.72 19.90 41.69
CA LEU B 117 -19.67 20.97 41.65
C LEU B 117 -19.22 21.95 40.58
N ALA B 118 -17.98 22.48 40.69
CA ALA B 118 -17.47 23.42 39.69
C ALA B 118 -17.70 22.90 38.25
N SER B 119 -17.63 21.57 38.07
CA SER B 119 -17.88 20.93 36.79
C SER B 119 -19.22 21.24 36.29
N ILE B 120 -20.23 20.77 37.02
CA ILE B 120 -21.62 21.18 36.79
C ILE B 120 -21.76 22.67 36.41
N HIS B 121 -21.25 23.56 37.24
CA HIS B 121 -21.24 24.92 36.86
C HIS B 121 -20.66 25.22 35.54
N LYS B 122 -19.50 24.62 35.28
CA LYS B 122 -18.79 24.86 34.03
C LYS B 122 -19.67 24.38 32.91
N ASP B 123 -20.14 23.12 32.94
CA ASP B 123 -21.04 22.61 31.89
C ASP B 123 -22.30 23.41 31.77
N SER B 124 -22.66 24.16 32.78
CA SER B 124 -23.87 24.91 32.61
C SER B 124 -23.56 26.27 32.07
N GLY B 125 -22.32 26.62 31.92
CA GLY B 125 -22.13 27.95 31.37
C GLY B 125 -21.71 28.90 32.46
N ASN B 126 -21.98 28.61 33.71
CA ASN B 126 -21.55 29.62 34.65
C ASN B 126 -20.10 29.43 35.06
N ILE B 127 -19.26 30.26 34.45
CA ILE B 127 -17.83 30.04 34.54
C ILE B 127 -17.35 30.60 35.84
N PRO B 128 -17.74 31.84 36.12
CA PRO B 128 -17.26 32.46 37.35
C PRO B 128 -17.44 31.55 38.58
N GLU B 129 -18.57 30.86 38.63
CA GLU B 129 -18.82 29.98 39.73
C GLU B 129 -17.99 28.74 39.63
N ALA B 130 -17.87 28.24 38.41
CA ALA B 130 -17.01 27.06 38.21
C ALA B 130 -15.58 27.33 38.75
N ILE B 131 -15.10 28.54 38.52
CA ILE B 131 -13.77 28.93 38.94
C ILE B 131 -13.66 28.98 40.45
N ALA B 132 -14.55 29.75 41.07
CA ALA B 132 -14.54 29.84 42.52
C ALA B 132 -14.44 28.44 43.08
N SER B 133 -15.34 27.55 42.63
CA SER B 133 -15.36 26.18 43.15
C SER B 133 -14.12 25.38 42.88
N TYR B 134 -13.49 25.58 41.72
CA TYR B 134 -12.23 24.90 41.48
C TYR B 134 -11.17 25.44 42.42
N ARG B 135 -11.08 26.77 42.51
CA ARG B 135 -10.10 27.37 43.41
C ARG B 135 -10.17 26.80 44.81
N THR B 136 -11.38 26.63 45.29
CA THR B 136 -11.63 26.03 46.58
C THR B 136 -11.14 24.60 46.67
N ALA B 137 -11.51 23.78 45.71
CA ALA B 137 -11.10 22.40 45.73
C ALA B 137 -9.59 22.37 45.80
N LEU B 138 -8.95 23.30 45.08
CA LEU B 138 -7.50 23.36 44.95
C LEU B 138 -6.82 23.83 46.21
N LYS B 139 -7.45 24.82 46.84
CA LYS B 139 -7.06 25.28 48.16
C LYS B 139 -7.20 24.13 49.18
N LEU B 140 -8.30 23.40 49.18
CA LEU B 140 -8.40 22.17 49.95
C LEU B 140 -7.47 21.04 49.57
N LYS B 141 -7.17 20.84 48.31
CA LYS B 141 -6.22 19.77 47.95
C LYS B 141 -5.42 20.26 46.78
N PRO B 142 -4.20 20.73 47.04
CA PRO B 142 -3.47 21.51 46.05
C PRO B 142 -2.84 20.62 44.98
N ASP B 143 -2.64 19.34 45.27
CA ASP B 143 -2.29 18.44 44.20
C ASP B 143 -3.57 17.82 43.69
N PHE B 144 -4.14 18.45 42.66
CA PHE B 144 -5.41 17.98 42.17
C PHE B 144 -5.53 18.17 40.71
N PRO B 145 -5.20 17.15 39.93
CA PRO B 145 -5.17 17.26 38.48
C PRO B 145 -6.49 17.71 37.88
N ASP B 146 -7.58 17.02 38.18
CA ASP B 146 -8.84 17.32 37.48
C ASP B 146 -9.24 18.71 37.72
N ALA B 147 -9.23 19.08 38.97
CA ALA B 147 -9.43 20.45 39.32
C ALA B 147 -8.51 21.38 38.56
N TYR B 148 -7.21 21.11 38.60
CA TYR B 148 -6.26 22.07 38.02
C TYR B 148 -6.55 22.31 36.54
N CYS B 149 -6.72 21.19 35.84
CA CYS B 149 -6.92 21.20 34.41
C CYS B 149 -8.15 21.92 34.04
N ASN B 150 -9.25 21.52 34.65
CA ASN B 150 -10.50 22.25 34.38
C ASN B 150 -10.43 23.73 34.66
N LEU B 151 -9.86 24.07 35.79
CA LEU B 151 -9.75 25.44 36.15
C LEU B 151 -8.99 26.15 35.03
N ALA B 152 -7.94 25.48 34.57
CA ALA B 152 -7.03 26.07 33.59
C ALA B 152 -7.80 26.43 32.31
N HIS B 153 -8.75 25.55 31.98
CA HIS B 153 -9.53 25.76 30.83
C HIS B 153 -10.52 26.88 31.05
N CYS B 154 -11.08 26.97 32.25
CA CYS B 154 -11.97 28.08 32.56
C CYS B 154 -11.23 29.39 32.39
N LEU B 155 -10.01 29.43 32.94
CA LEU B 155 -9.26 30.68 32.83
C LEU B 155 -9.06 31.01 31.36
N GLN B 156 -8.72 29.96 30.60
CA GLN B 156 -8.49 30.06 29.16
C GLN B 156 -9.59 30.84 28.47
N ILE B 157 -10.79 30.39 28.84
CA ILE B 157 -12.06 30.79 28.27
C ILE B 157 -12.43 32.23 28.45
N VAL B 158 -12.04 32.78 29.58
CA VAL B 158 -12.37 34.14 29.91
C VAL B 158 -11.11 34.96 29.75
N CYS B 159 -10.08 34.33 29.17
CA CYS B 159 -8.80 35.00 28.98
C CYS B 159 -8.31 35.56 30.30
N ASP B 160 -8.29 34.71 31.31
CA ASP B 160 -7.53 35.04 32.46
C ASP B 160 -6.14 34.45 32.26
N TRP B 161 -5.17 35.35 32.11
CA TRP B 161 -3.81 34.90 31.83
C TRP B 161 -2.82 35.05 32.93
N THR B 162 -3.29 35.22 34.15
CA THR B 162 -2.45 35.17 35.31
C THR B 162 -1.60 33.92 35.30
N ASP B 163 -0.28 34.10 35.41
CA ASP B 163 0.71 33.00 35.57
C ASP B 163 0.78 32.08 34.41
N TYR B 164 0.33 32.62 33.30
CA TYR B 164 0.10 31.85 32.13
C TYR B 164 1.23 30.85 31.87
N ASP B 165 2.46 31.35 31.76
CA ASP B 165 3.53 30.52 31.20
C ASP B 165 3.74 29.34 32.10
N GLU B 166 3.67 29.64 33.37
CA GLU B 166 3.97 28.68 34.37
C GLU B 166 2.80 27.70 34.48
N ARG B 167 1.61 28.19 34.13
CA ARG B 167 0.41 27.35 34.13
C ARG B 167 0.60 26.28 33.09
N MET B 168 1.03 26.70 31.90
CA MET B 168 1.23 25.79 30.81
C MET B 168 2.24 24.71 31.16
N LYS B 169 3.39 25.11 31.72
CA LYS B 169 4.40 24.14 32.15
C LYS B 169 3.69 23.09 33.02
N LYS B 170 2.88 23.58 33.96
CA LYS B 170 2.29 22.68 34.93
C LYS B 170 1.36 21.66 34.28
N LEU B 171 0.55 22.14 33.35
CA LEU B 171 -0.34 21.25 32.62
C LEU B 171 0.40 20.12 31.97
N VAL B 172 1.41 20.50 31.19
CA VAL B 172 2.25 19.56 30.48
C VAL B 172 2.82 18.59 31.46
N SER B 173 3.40 19.15 32.50
CA SER B 173 3.96 18.36 33.58
C SER B 173 2.93 17.32 34.15
N ILE B 174 1.71 17.80 34.42
CA ILE B 174 0.68 16.92 34.94
C ILE B 174 0.35 15.78 33.98
N VAL B 175 0.22 16.16 32.72
CA VAL B 175 -0.18 15.22 31.70
C VAL B 175 0.91 14.17 31.63
N ALA B 176 2.15 14.64 31.44
CA ALA B 176 3.30 13.77 31.27
C ALA B 176 3.23 12.80 32.38
N ASP B 177 2.99 13.35 33.58
CA ASP B 177 2.90 12.52 34.76
C ASP B 177 1.85 11.43 34.61
N GLN B 178 0.61 11.88 34.42
CA GLN B 178 -0.53 10.97 34.39
C GLN B 178 -0.35 9.89 33.36
N LEU B 179 0.15 10.30 32.19
CA LEU B 179 0.32 9.39 31.08
C LEU B 179 1.22 8.30 31.49
N GLU B 180 2.42 8.68 31.86
CA GLU B 180 3.46 7.71 32.10
C GLU B 180 3.06 6.86 33.33
N LYS B 181 2.36 7.47 34.30
CA LYS B 181 1.73 6.69 35.39
C LYS B 181 0.47 5.91 35.01
N ASN B 182 0.25 5.75 33.72
CA ASN B 182 -0.91 5.01 33.22
C ASN B 182 -2.27 5.34 33.87
N ARG B 183 -2.54 6.61 34.13
CA ARG B 183 -3.84 7.07 34.65
C ARG B 183 -4.53 7.93 33.57
N LEU B 184 -5.87 7.96 33.50
CA LEU B 184 -6.57 8.76 32.45
C LEU B 184 -6.34 10.30 32.53
N PRO B 185 -5.77 10.91 31.50
CA PRO B 185 -5.30 12.28 31.69
C PRO B 185 -6.38 13.30 31.93
N SER B 186 -6.04 14.32 32.71
CA SER B 186 -7.00 15.32 33.14
C SER B 186 -7.29 16.34 32.09
N VAL B 187 -6.41 16.56 31.13
CA VAL B 187 -6.72 17.46 29.98
C VAL B 187 -7.61 16.72 28.96
N HIS B 188 -8.61 17.42 28.45
CA HIS B 188 -9.56 16.78 27.56
C HIS B 188 -9.06 16.88 26.16
N PRO B 189 -9.19 15.80 25.36
CA PRO B 189 -8.61 15.71 24.04
C PRO B 189 -8.95 16.92 23.17
N HIS B 190 -10.13 17.48 23.42
CA HIS B 190 -10.51 18.65 22.70
C HIS B 190 -9.73 19.85 23.10
N HIS B 191 -9.55 20.05 24.40
CA HIS B 191 -8.72 21.14 24.88
C HIS B 191 -7.26 21.00 24.59
N SER B 192 -6.77 19.74 24.53
CA SER B 192 -5.35 19.43 24.34
C SER B 192 -4.76 20.34 23.26
N MET B 193 -5.57 20.63 22.24
CA MET B 193 -5.12 21.44 21.15
C MET B 193 -4.64 22.84 21.61
N LEU B 194 -4.96 23.24 22.83
CA LEU B 194 -4.76 24.63 23.17
C LEU B 194 -3.52 24.87 23.94
N TYR B 195 -2.96 23.78 24.41
CA TYR B 195 -1.79 23.85 25.28
C TYR B 195 -0.54 23.28 24.63
N PRO B 196 0.63 23.85 24.92
CA PRO B 196 1.88 23.37 24.37
C PRO B 196 2.16 21.95 24.79
N LEU B 197 1.59 20.98 24.13
CA LEU B 197 1.96 19.60 24.39
C LEU B 197 2.55 18.95 23.14
N SER B 198 3.31 17.88 23.30
CA SER B 198 3.93 17.26 22.13
C SER B 198 2.87 16.55 21.38
N HIS B 199 2.99 16.52 20.06
CA HIS B 199 2.07 15.74 19.27
C HIS B 199 1.90 14.38 19.89
N GLY B 200 2.99 13.83 20.39
CA GLY B 200 2.95 12.52 21.04
C GLY B 200 1.96 12.43 22.18
N PHE B 201 1.90 13.51 22.95
CA PHE B 201 1.00 13.62 24.08
C PHE B 201 -0.45 13.72 23.65
N ARG B 202 -0.73 14.72 22.80
CA ARG B 202 -2.11 14.96 22.35
C ARG B 202 -2.74 13.66 21.85
N LYS B 203 -1.95 12.91 21.09
CA LYS B 203 -2.40 11.66 20.53
C LYS B 203 -2.61 10.68 21.64
N ALA B 204 -1.74 10.67 22.65
CA ALA B 204 -1.90 9.75 23.77
C ALA B 204 -3.17 10.04 24.55
N ILE B 205 -3.50 11.32 24.66
CA ILE B 205 -4.73 11.72 25.37
C ILE B 205 -5.96 11.17 24.62
N ALA B 206 -6.10 11.56 23.34
CA ALA B 206 -7.15 11.04 22.49
C ALA B 206 -7.16 9.53 22.67
N GLU B 207 -6.01 8.92 22.51
CA GLU B 207 -5.86 7.47 22.69
C GLU B 207 -6.61 6.93 23.90
N ARG B 208 -6.47 7.60 25.05
CA ARG B 208 -6.96 7.03 26.32
C ARG B 208 -8.44 7.24 26.40
N HIS B 209 -8.89 8.39 25.94
CA HIS B 209 -10.30 8.68 25.90
C HIS B 209 -11.00 7.73 24.96
N GLY B 210 -10.36 7.35 23.87
CA GLY B 210 -10.93 6.30 23.07
C GLY B 210 -11.22 5.03 23.85
N ASN B 211 -10.27 4.62 24.69
CA ASN B 211 -10.38 3.34 25.37
C ASN B 211 -11.55 3.32 26.30
N LEU B 212 -11.90 4.50 26.79
CA LEU B 212 -13.08 4.61 27.59
C LEU B 212 -14.27 3.97 26.93
N CYS B 213 -14.41 4.20 25.63
CA CYS B 213 -15.46 3.58 24.86
C CYS B 213 -15.29 2.09 24.82
N LEU B 214 -14.07 1.62 24.64
CA LEU B 214 -13.89 0.19 24.62
C LEU B 214 -14.48 -0.45 25.87
N ASP B 215 -14.18 0.11 27.06
CA ASP B 215 -14.68 -0.54 28.32
C ASP B 215 -16.17 -0.62 28.30
N LYS B 216 -16.77 0.48 27.83
CA LYS B 216 -18.21 0.65 27.72
C LYS B 216 -18.90 -0.29 26.72
N ILE B 217 -18.22 -0.72 25.65
CA ILE B 217 -18.82 -1.71 24.75
C ILE B 217 -18.37 -3.14 25.06
N ASN B 218 -17.21 -3.29 25.72
CA ASN B 218 -16.72 -4.64 26.01
C ASN B 218 -17.69 -5.46 26.77
N VAL B 219 -18.45 -4.80 27.62
CA VAL B 219 -19.36 -5.47 28.52
C VAL B 219 -20.63 -5.86 27.79
N LEU B 220 -20.81 -5.39 26.57
CA LEU B 220 -21.87 -5.93 25.72
C LEU B 220 -21.53 -7.26 25.07
N HIS B 221 -20.24 -7.60 25.01
CA HIS B 221 -19.78 -8.91 24.55
C HIS B 221 -20.33 -9.21 23.23
N LYS B 222 -20.07 -8.35 22.26
CA LYS B 222 -20.61 -8.54 20.93
C LYS B 222 -19.57 -9.06 19.98
N PRO B 223 -19.94 -10.11 19.21
CA PRO B 223 -19.06 -10.75 18.26
C PRO B 223 -18.78 -9.71 17.20
N PRO B 224 -17.59 -9.75 16.58
CA PRO B 224 -17.29 -8.80 15.52
C PRO B 224 -18.36 -8.84 14.42
N TYR B 225 -18.49 -7.76 13.64
CA TYR B 225 -19.54 -7.74 12.65
C TYR B 225 -19.09 -8.31 11.33
N GLU B 226 -20.01 -8.94 10.62
CA GLU B 226 -19.75 -9.38 9.29
C GLU B 226 -19.76 -8.23 8.29
N HIS B 227 -18.66 -7.72 7.75
CA HIS B 227 -18.84 -6.56 6.83
C HIS B 227 -19.03 -6.93 5.40
N PRO B 228 -19.80 -6.14 4.66
CA PRO B 228 -19.95 -6.38 3.22
C PRO B 228 -18.64 -6.37 2.42
N LYS B 229 -18.58 -7.14 1.33
CA LYS B 229 -17.34 -7.17 0.55
C LYS B 229 -17.39 -6.62 -0.87
N ASP B 230 -18.57 -6.22 -1.28
CA ASP B 230 -18.83 -5.83 -2.65
C ASP B 230 -20.02 -4.91 -2.65
N LEU B 231 -20.21 -4.22 -3.75
CA LEU B 231 -21.40 -3.44 -3.77
C LEU B 231 -22.53 -4.22 -4.37
N LYS B 232 -22.54 -5.53 -4.17
CA LYS B 232 -23.52 -6.31 -4.91
C LYS B 232 -24.88 -6.09 -4.30
N LEU B 233 -24.97 -6.25 -2.98
CA LEU B 233 -26.23 -6.18 -2.28
C LEU B 233 -26.80 -4.79 -2.32
N SER B 234 -25.97 -3.75 -2.52
CA SER B 234 -26.41 -2.33 -2.48
C SER B 234 -26.49 -1.81 -3.87
N ASP B 235 -26.64 -2.74 -4.81
CA ASP B 235 -26.82 -2.42 -6.22
C ASP B 235 -25.79 -1.50 -6.89
N GLY B 236 -24.52 -1.67 -6.59
CA GLY B 236 -23.49 -0.84 -7.21
C GLY B 236 -23.24 0.41 -6.38
N ARG B 237 -24.16 0.74 -5.49
CA ARG B 237 -23.98 1.98 -4.74
C ARG B 237 -23.21 1.73 -3.46
N LEU B 238 -22.32 2.67 -3.18
CA LEU B 238 -21.58 2.65 -1.93
C LEU B 238 -22.47 3.30 -0.86
N ARG B 239 -22.51 2.69 0.32
CA ARG B 239 -23.37 3.17 1.35
C ARG B 239 -22.61 3.88 2.39
N VAL B 240 -22.82 5.18 2.46
CA VAL B 240 -22.13 6.01 3.41
C VAL B 240 -23.03 6.50 4.58
N GLY B 241 -22.61 6.24 5.83
CA GLY B 241 -23.32 6.68 7.00
C GLY B 241 -22.67 7.91 7.59
N TYR B 242 -23.39 9.02 7.65
CA TYR B 242 -22.96 10.18 8.44
C TYR B 242 -23.57 10.22 9.81
N VAL B 243 -22.74 10.39 10.83
CA VAL B 243 -23.18 10.20 12.20
C VAL B 243 -22.84 11.43 12.98
N SER B 244 -23.87 12.21 13.27
CA SER B 244 -23.72 13.45 13.97
C SER B 244 -24.84 13.72 14.92
N SER B 245 -24.44 14.28 16.04
CA SER B 245 -25.38 14.76 16.98
C SER B 245 -25.76 16.15 16.55
N ASP B 246 -25.38 16.57 15.35
CA ASP B 246 -25.58 17.99 15.07
C ASP B 246 -26.33 18.19 13.80
N PHE B 247 -27.25 17.30 13.52
CA PHE B 247 -28.14 17.62 12.44
C PHE B 247 -29.29 18.55 12.95
N GLY B 248 -29.08 19.82 12.77
CA GLY B 248 -30.01 20.80 13.34
C GLY B 248 -29.20 22.02 13.47
N ASN B 249 -29.69 23.04 14.16
CA ASN B 249 -29.00 24.33 14.18
C ASN B 249 -27.72 24.32 14.99
N HIS B 250 -26.60 24.06 14.33
CA HIS B 250 -25.27 23.89 14.93
C HIS B 250 -24.27 23.99 13.80
N PRO B 251 -23.06 24.47 14.09
CA PRO B 251 -22.20 24.71 12.94
C PRO B 251 -22.08 23.54 11.96
N THR B 252 -21.91 22.31 12.43
CA THR B 252 -21.84 21.22 11.48
C THR B 252 -22.87 21.38 10.35
N SER B 253 -24.12 21.60 10.72
CA SER B 253 -25.15 21.65 9.72
C SER B 253 -24.96 22.86 8.89
N HIS B 254 -24.46 23.95 9.47
CA HIS B 254 -24.24 25.19 8.69
C HIS B 254 -23.17 25.09 7.67
N LEU B 255 -22.38 24.02 7.77
CA LEU B 255 -21.32 23.73 6.84
C LEU B 255 -21.80 22.71 5.83
N MET B 256 -22.16 21.54 6.33
CA MET B 256 -22.49 20.52 5.37
C MET B 256 -23.95 20.20 4.99
N GLN B 257 -24.95 20.89 5.52
CA GLN B 257 -26.35 20.49 5.23
C GLN B 257 -26.57 20.14 3.72
N SER B 258 -25.84 20.84 2.86
CA SER B 258 -26.15 20.69 1.47
C SER B 258 -25.69 19.39 0.85
N ILE B 259 -24.67 18.80 1.47
CA ILE B 259 -23.95 17.63 0.95
C ILE B 259 -24.65 16.30 0.80
N PRO B 260 -25.34 15.82 1.84
CA PRO B 260 -26.08 14.57 1.58
C PRO B 260 -26.99 14.78 0.35
N GLY B 261 -27.69 15.92 0.30
CA GLY B 261 -28.39 16.33 -0.92
C GLY B 261 -27.59 16.17 -2.22
N MET B 262 -26.33 16.57 -2.20
CA MET B 262 -25.55 16.56 -3.41
C MET B 262 -24.85 15.28 -3.82
N HIS B 263 -25.01 14.19 -3.08
CA HIS B 263 -24.40 12.94 -3.49
C HIS B 263 -24.98 12.36 -4.72
N ASN B 264 -24.18 11.59 -5.47
CA ASN B 264 -24.64 11.01 -6.75
C ASN B 264 -25.33 9.67 -6.51
N PRO B 265 -26.65 9.72 -6.69
CA PRO B 265 -27.52 8.59 -6.39
C PRO B 265 -27.15 7.39 -7.20
N ASP B 266 -26.45 7.60 -8.30
CA ASP B 266 -26.09 6.47 -9.14
C ASP B 266 -25.05 5.56 -8.46
N LYS B 267 -24.23 6.18 -7.62
CA LYS B 267 -23.06 5.51 -7.07
C LYS B 267 -23.09 5.49 -5.58
N PHE B 268 -23.98 6.29 -5.01
CA PHE B 268 -23.99 6.41 -3.57
C PHE B 268 -25.39 6.36 -2.94
N GLU B 269 -25.47 5.69 -1.79
CA GLU B 269 -26.65 5.73 -0.95
C GLU B 269 -26.32 6.36 0.43
N VAL B 270 -26.88 7.50 0.70
CA VAL B 270 -26.56 8.26 1.89
C VAL B 270 -27.44 7.96 3.09
N PHE B 271 -26.86 7.56 4.21
CA PHE B 271 -27.62 7.37 5.44
C PHE B 271 -27.13 8.39 6.44
N CYS B 272 -28.04 9.18 7.00
CA CYS B 272 -27.68 10.02 8.12
C CYS B 272 -28.15 9.44 9.42
N TYR B 273 -27.28 9.31 10.40
CA TYR B 273 -27.72 8.84 11.67
C TYR B 273 -27.67 10.02 12.63
N ALA B 274 -28.81 10.60 13.03
CA ALA B 274 -28.79 11.69 14.04
C ALA B 274 -28.57 11.13 15.42
N LEU B 275 -27.78 11.85 16.19
CA LEU B 275 -27.48 11.34 17.51
C LEU B 275 -28.27 12.17 18.46
N SER B 276 -29.16 12.98 17.91
CA SER B 276 -29.88 14.01 18.64
C SER B 276 -31.33 14.00 18.17
N PRO B 277 -32.24 14.40 19.04
CA PRO B 277 -33.62 14.51 18.67
C PRO B 277 -33.80 15.76 17.83
N ASP B 278 -34.86 15.76 17.03
CA ASP B 278 -35.08 16.77 16.00
C ASP B 278 -35.35 18.11 16.66
N ASP B 279 -34.54 19.11 16.41
CA ASP B 279 -34.75 20.33 17.13
C ASP B 279 -35.81 21.30 16.53
N GLY B 280 -36.47 20.89 15.45
CA GLY B 280 -37.40 21.80 14.85
C GLY B 280 -36.82 22.50 13.67
N THR B 281 -35.65 23.09 13.80
CA THR B 281 -35.05 23.91 12.73
C THR B 281 -35.03 23.24 11.36
N ASN B 282 -35.01 24.10 10.33
CA ASN B 282 -34.87 23.67 8.91
C ASN B 282 -33.60 23.01 8.53
N PHE B 283 -32.57 23.14 9.34
CA PHE B 283 -31.40 22.34 9.14
C PHE B 283 -31.78 20.89 9.23
N ARG B 284 -32.43 20.53 10.31
CA ARG B 284 -32.76 19.12 10.49
C ARG B 284 -33.72 18.72 9.41
N VAL B 285 -34.54 19.66 8.99
CA VAL B 285 -35.51 19.36 7.97
C VAL B 285 -34.87 18.96 6.66
N LYS B 286 -33.98 19.81 6.21
CA LYS B 286 -33.34 19.63 4.93
C LYS B 286 -32.58 18.32 4.88
N VAL B 287 -31.85 18.03 5.95
CA VAL B 287 -31.09 16.86 5.92
C VAL B 287 -31.99 15.66 5.87
N MET B 288 -33.11 15.68 6.59
CA MET B 288 -33.98 14.49 6.62
C MET B 288 -34.63 14.41 5.28
N ALA B 289 -34.91 15.57 4.71
CA ALA B 289 -35.49 15.62 3.36
C ALA B 289 -34.58 15.02 2.30
N GLU B 290 -33.30 15.37 2.38
CA GLU B 290 -32.41 15.04 1.31
C GLU B 290 -31.59 13.76 1.45
N ALA B 291 -31.31 13.25 2.63
CA ALA B 291 -30.59 11.98 2.68
C ALA B 291 -31.45 10.90 2.06
N ASN B 292 -30.80 9.89 1.55
CA ASN B 292 -31.53 8.71 1.17
C ASN B 292 -32.24 8.07 2.36
N HIS B 293 -31.70 8.16 3.55
CA HIS B 293 -32.30 7.55 4.72
C HIS B 293 -31.87 8.30 5.88
N PHE B 294 -32.84 8.70 6.67
CA PHE B 294 -32.50 9.39 7.87
C PHE B 294 -32.89 8.51 9.02
N ILE B 295 -32.05 8.38 10.01
CA ILE B 295 -32.31 7.43 11.09
C ILE B 295 -32.02 8.07 12.42
N ASP B 296 -33.03 8.08 13.27
CA ASP B 296 -32.85 8.84 14.50
C ASP B 296 -32.28 7.96 15.59
N LEU B 297 -30.99 8.05 15.88
CA LEU B 297 -30.48 7.11 16.86
C LEU B 297 -30.69 7.58 18.29
N SER B 298 -31.19 8.82 18.47
CA SER B 298 -31.36 9.33 19.81
C SER B 298 -32.47 8.54 20.40
N GLN B 299 -33.18 7.82 19.53
CA GLN B 299 -34.24 6.82 19.88
C GLN B 299 -33.72 5.54 20.43
N ILE B 300 -32.47 5.21 20.17
CA ILE B 300 -31.97 3.89 20.48
C ILE B 300 -30.78 4.02 21.38
N PRO B 301 -31.06 4.29 22.66
CA PRO B 301 -30.05 4.62 23.64
C PRO B 301 -29.01 3.51 23.69
N CYS B 302 -29.41 2.24 23.52
CA CYS B 302 -28.45 1.16 23.57
C CYS B 302 -27.43 1.12 22.40
N ASN B 303 -26.13 1.13 22.69
CA ASN B 303 -25.18 1.13 21.60
C ASN B 303 -25.13 -0.19 20.90
N GLY B 304 -25.34 -1.27 21.62
CA GLY B 304 -25.60 -2.58 20.98
C GLY B 304 -26.67 -2.51 19.88
N LYS B 305 -27.84 -1.99 20.22
CA LYS B 305 -28.91 -1.99 19.26
C LYS B 305 -28.70 -1.01 18.15
N ALA B 306 -28.17 0.18 18.49
CA ALA B 306 -27.89 1.20 17.48
C ALA B 306 -26.82 0.68 16.53
N ALA B 307 -25.69 0.23 17.08
CA ALA B 307 -24.65 -0.40 16.24
C ALA B 307 -25.23 -1.47 15.32
N ASP B 308 -26.17 -2.24 15.82
CA ASP B 308 -26.80 -3.25 14.99
C ASP B 308 -27.55 -2.61 13.83
N ARG B 309 -28.28 -1.57 14.17
CA ARG B 309 -29.06 -0.82 13.22
C ARG B 309 -28.22 -0.24 12.11
N ILE B 310 -26.99 0.12 12.41
CA ILE B 310 -26.14 0.58 11.33
C ILE B 310 -25.73 -0.60 10.48
N HIS B 311 -25.22 -1.63 11.10
CA HIS B 311 -24.77 -2.78 10.40
C HIS B 311 -25.77 -3.42 9.48
N GLN B 312 -26.91 -3.70 10.09
CA GLN B 312 -28.20 -3.81 9.47
C GLN B 312 -28.40 -3.07 8.16
N ASP B 313 -28.11 -1.77 8.13
CA ASP B 313 -28.35 -0.99 6.94
C ASP B 313 -27.37 -1.28 5.86
N GLY B 314 -26.24 -1.89 6.24
CA GLY B 314 -25.21 -2.36 5.34
C GLY B 314 -24.27 -1.28 4.88
N ILE B 315 -23.90 -0.42 5.81
CA ILE B 315 -22.98 0.64 5.54
C ILE B 315 -21.57 0.12 5.24
N HIS B 316 -21.01 0.69 4.15
CA HIS B 316 -19.63 0.46 3.76
C HIS B 316 -18.76 1.41 4.49
N ILE B 317 -19.02 2.70 4.41
CA ILE B 317 -18.22 3.68 5.08
C ILE B 317 -18.99 4.58 6.10
N LEU B 318 -18.54 4.54 7.35
CA LEU B 318 -19.19 5.27 8.41
C LEU B 318 -18.41 6.50 8.83
N VAL B 319 -19.03 7.65 8.80
CA VAL B 319 -18.32 8.87 9.04
C VAL B 319 -18.61 9.46 10.39
N ASN B 320 -17.59 9.76 11.14
CA ASN B 320 -17.83 10.25 12.45
C ASN B 320 -17.68 11.73 12.42
N MET B 321 -18.81 12.40 12.44
CA MET B 321 -18.76 13.85 12.53
C MET B 321 -18.53 14.42 13.90
N ASN B 322 -18.16 13.62 14.86
CA ASN B 322 -18.28 14.09 16.21
C ASN B 322 -17.02 14.17 17.01
N GLY B 323 -16.11 13.23 16.80
CA GLY B 323 -14.90 13.17 17.59
C GLY B 323 -15.23 13.20 19.07
N TYR B 324 -14.50 14.03 19.82
CA TYR B 324 -14.60 14.13 21.28
C TYR B 324 -15.32 15.41 21.63
N THR B 325 -16.51 15.54 21.08
CA THR B 325 -17.31 16.72 21.35
C THR B 325 -18.64 16.34 21.92
N LYS B 326 -19.41 17.34 22.37
CA LYS B 326 -20.69 17.13 23.05
C LYS B 326 -21.64 16.33 22.19
N GLY B 327 -22.20 15.29 22.75
CA GLY B 327 -23.18 14.57 21.96
C GLY B 327 -22.68 13.30 21.38
N ALA B 328 -21.36 13.15 21.33
CA ALA B 328 -20.68 12.07 20.60
C ALA B 328 -21.10 10.67 21.10
N ARG B 329 -21.01 9.66 20.26
CA ARG B 329 -21.28 8.33 20.74
C ARG B 329 -20.34 7.37 20.12
N ASN B 330 -19.08 7.52 20.46
CA ASN B 330 -18.08 6.77 19.73
C ASN B 330 -18.14 5.33 19.98
N GLU B 331 -18.74 4.95 21.07
CA GLU B 331 -19.07 3.55 21.28
C GLU B 331 -19.57 2.93 19.98
N LEU B 332 -20.37 3.65 19.22
CA LEU B 332 -20.88 3.06 17.97
C LEU B 332 -19.76 2.74 17.04
N PHE B 333 -18.80 3.65 16.89
CA PHE B 333 -17.62 3.37 16.07
C PHE B 333 -16.80 2.25 16.61
N ALA B 334 -16.55 2.32 17.92
CA ALA B 334 -15.79 1.34 18.64
C ALA B 334 -16.33 -0.09 18.41
N LEU B 335 -17.63 -0.22 18.22
CA LEU B 335 -18.22 -1.50 17.95
C LEU B 335 -17.98 -1.95 16.51
N ARG B 336 -17.40 -1.06 15.69
CA ARG B 336 -16.97 -1.38 14.31
C ARG B 336 -18.08 -2.11 13.50
N PRO B 337 -19.17 -1.37 13.15
CA PRO B 337 -20.29 -1.91 12.37
C PRO B 337 -19.99 -1.82 10.88
N ALA B 338 -19.00 -1.01 10.53
CA ALA B 338 -18.70 -0.84 9.13
C ALA B 338 -17.24 -1.09 8.87
N PRO B 339 -16.92 -1.63 7.68
CA PRO B 339 -15.56 -1.91 7.27
C PRO B 339 -14.67 -0.66 7.35
N ILE B 340 -15.20 0.50 7.03
CA ILE B 340 -14.36 1.66 6.98
C ILE B 340 -14.98 2.78 7.79
N GLN B 341 -14.18 3.41 8.63
CA GLN B 341 -14.74 4.40 9.51
C GLN B 341 -13.82 5.63 9.55
N ALA B 342 -14.35 6.78 9.15
CA ALA B 342 -13.52 7.91 8.95
C ALA B 342 -13.95 9.09 9.78
N MET B 343 -12.99 9.83 10.29
CA MET B 343 -13.32 11.06 10.96
C MET B 343 -13.41 12.14 9.94
N TRP B 344 -14.32 13.09 10.14
CA TRP B 344 -14.58 14.10 9.14
C TRP B 344 -15.23 15.35 9.67
N LEU B 345 -14.65 16.49 9.31
CA LEU B 345 -15.30 17.82 9.51
C LEU B 345 -15.67 18.27 10.92
N GLY B 346 -16.28 17.39 11.69
CA GLY B 346 -16.76 17.78 12.99
C GLY B 346 -15.76 18.11 14.08
N TYR B 347 -14.74 17.23 14.20
CA TYR B 347 -13.68 17.35 15.20
C TYR B 347 -12.31 17.58 14.51
N PRO B 348 -11.59 18.64 14.96
CA PRO B 348 -10.26 19.09 14.55
C PRO B 348 -9.07 18.47 15.38
N GLY B 349 -8.96 17.14 15.33
CA GLY B 349 -7.86 16.42 15.98
C GLY B 349 -7.95 14.90 15.80
N THR B 350 -6.92 14.17 16.18
CA THR B 350 -7.02 12.77 15.98
C THR B 350 -7.91 12.28 17.08
N SER B 351 -8.64 11.22 16.77
CA SER B 351 -9.36 10.35 17.73
C SER B 351 -8.42 9.52 18.55
N GLY B 352 -7.19 9.36 18.02
CA GLY B 352 -6.16 8.45 18.53
C GLY B 352 -6.64 7.05 18.83
N ALA B 353 -7.65 6.56 18.12
CA ALA B 353 -8.30 5.33 18.49
C ALA B 353 -8.23 4.29 17.38
N LEU B 354 -8.14 3.03 17.75
CA LEU B 354 -7.91 2.01 16.74
C LEU B 354 -9.11 1.88 15.85
N PHE B 355 -10.30 2.19 16.34
CA PHE B 355 -11.51 1.95 15.54
C PHE B 355 -11.80 3.04 14.51
N MET B 356 -10.97 4.07 14.42
CA MET B 356 -11.04 5.03 13.33
C MET B 356 -9.93 4.80 12.31
N ASP B 357 -10.28 4.35 11.12
CA ASP B 357 -9.33 4.12 10.01
C ASP B 357 -8.76 5.37 9.39
N TYR B 358 -9.61 6.34 9.06
CA TYR B 358 -9.12 7.49 8.37
C TYR B 358 -9.55 8.74 8.99
N ILE B 359 -8.78 9.76 8.73
CA ILE B 359 -9.23 11.09 8.99
C ILE B 359 -9.13 11.95 7.73
N ILE B 360 -10.27 12.52 7.37
CA ILE B 360 -10.41 13.23 6.12
C ILE B 360 -9.92 14.64 6.37
N THR B 361 -8.91 15.01 5.59
CA THR B 361 -8.23 16.28 5.76
C THR B 361 -7.66 16.69 4.40
N ASP B 362 -6.60 17.52 4.40
CA ASP B 362 -5.93 17.89 3.16
C ASP B 362 -4.46 18.11 3.31
N GLN B 363 -3.81 18.38 2.19
CA GLN B 363 -2.39 18.54 2.21
C GLN B 363 -1.93 19.71 3.07
N GLU B 364 -2.63 20.86 3.02
CA GLU B 364 -2.28 22.04 3.86
C GLU B 364 -2.50 21.86 5.35
N THR B 365 -3.53 21.15 5.69
CA THR B 365 -3.95 21.12 7.05
C THR B 365 -3.11 20.11 7.73
N SER B 366 -2.80 19.07 7.00
CA SER B 366 -2.08 17.98 7.62
C SER B 366 -0.96 17.47 6.70
N PRO B 367 0.10 18.29 6.52
CA PRO B 367 1.18 17.85 5.64
C PRO B 367 1.84 16.60 6.20
N ALA B 368 2.51 15.82 5.34
CA ALA B 368 2.99 14.50 5.77
C ALA B 368 4.06 14.57 6.85
N GLU B 369 4.77 15.70 6.91
CA GLU B 369 5.76 16.00 7.95
C GLU B 369 5.13 15.71 9.32
N VAL B 370 3.92 16.21 9.55
CA VAL B 370 3.29 16.20 10.87
C VAL B 370 2.31 15.07 10.97
N ALA B 371 2.39 14.15 10.04
CA ALA B 371 1.52 12.97 10.02
C ALA B 371 1.47 12.11 11.28
N GLU B 372 2.34 12.32 12.24
CA GLU B 372 2.27 11.41 13.38
C GLU B 372 1.42 11.92 14.53
N GLN B 373 0.98 13.18 14.42
CA GLN B 373 -0.06 13.85 15.24
C GLN B 373 -1.25 12.95 15.38
N TYR B 374 -1.65 12.33 14.25
CA TYR B 374 -2.87 11.53 14.02
C TYR B 374 -2.57 10.07 14.13
N SER B 375 -3.55 9.35 14.66
CA SER B 375 -3.50 7.90 14.73
C SER B 375 -4.19 7.22 13.54
N GLU B 376 -4.96 7.97 12.76
CA GLU B 376 -5.63 7.44 11.59
C GLU B 376 -4.73 7.67 10.38
N LYS B 377 -4.97 6.97 9.27
CA LYS B 377 -4.30 7.29 8.03
C LYS B 377 -4.91 8.55 7.48
N LEU B 378 -4.10 9.43 6.91
CA LEU B 378 -4.63 10.61 6.23
C LEU B 378 -5.43 10.25 4.99
N ALA B 379 -6.52 10.95 4.75
CA ALA B 379 -7.15 10.85 3.46
C ALA B 379 -7.29 12.25 3.00
N TYR B 380 -6.67 12.58 1.85
CA TYR B 380 -6.67 13.98 1.45
C TYR B 380 -7.77 14.30 0.50
N MET B 381 -8.43 15.42 0.76
CA MET B 381 -9.20 16.11 -0.22
C MET B 381 -8.20 16.94 -0.99
N PRO B 382 -8.56 17.26 -2.23
CA PRO B 382 -7.65 17.97 -3.09
C PRO B 382 -7.36 19.43 -2.68
N HIS B 383 -8.26 20.14 -2.05
CA HIS B 383 -7.92 21.53 -1.80
C HIS B 383 -7.90 21.77 -0.36
N THR B 384 -9.11 21.91 0.17
CA THR B 384 -9.31 21.90 1.60
C THR B 384 -10.37 20.87 1.90
N PHE B 385 -10.40 20.41 3.13
CA PHE B 385 -11.42 19.50 3.57
C PHE B 385 -12.54 20.33 4.20
N PHE B 386 -12.24 21.56 4.55
CA PHE B 386 -13.32 22.41 5.01
C PHE B 386 -14.34 22.77 3.93
N ILE B 387 -15.57 23.10 4.37
CA ILE B 387 -16.68 23.45 3.44
C ILE B 387 -17.72 24.28 4.13
N GLY B 388 -18.59 24.95 3.39
CA GLY B 388 -19.55 25.81 4.04
C GLY B 388 -20.76 26.07 3.17
N ASP B 389 -21.89 26.21 3.83
CA ASP B 389 -23.08 26.32 3.07
C ASP B 389 -23.41 27.70 2.68
N HIS B 390 -22.45 28.60 2.86
CA HIS B 390 -22.78 30.02 2.83
C HIS B 390 -23.38 30.39 1.56
N ALA B 391 -22.98 29.66 0.53
CA ALA B 391 -23.44 29.96 -0.80
C ALA B 391 -24.98 29.80 -0.91
N ASN B 392 -25.48 28.72 -0.28
CA ASN B 392 -26.88 28.44 -0.17
C ASN B 392 -27.53 29.23 0.94
N MET B 393 -26.94 29.27 2.13
CA MET B 393 -27.60 29.93 3.27
C MET B 393 -27.71 31.40 3.15
N PHE B 394 -26.74 32.04 2.50
CA PHE B 394 -26.58 33.48 2.55
C PHE B 394 -26.34 34.07 1.17
N PRO B 395 -27.16 33.69 0.20
CA PRO B 395 -26.92 34.25 -1.10
C PRO B 395 -27.13 35.76 -1.22
N HIS B 396 -27.69 36.42 -0.23
CA HIS B 396 -27.93 37.86 -0.39
C HIS B 396 -26.66 38.64 -0.22
N LEU B 397 -25.63 37.94 0.24
CA LEU B 397 -24.34 38.59 0.40
C LEU B 397 -23.44 38.32 -0.81
N LYS B 398 -23.99 37.67 -1.84
CA LYS B 398 -23.25 37.48 -3.06
C LYS B 398 -23.00 38.86 -3.62
N LYS B 399 -23.95 39.77 -3.53
CA LYS B 399 -23.67 41.11 -4.03
C LYS B 399 -23.88 42.18 -2.97
N LYS B 400 -23.22 43.32 -3.14
CA LYS B 400 -23.50 44.46 -2.26
C LYS B 400 -23.55 45.78 -2.97
N ALA B 401 -24.15 46.76 -2.32
CA ALA B 401 -24.11 48.15 -2.74
C ALA B 401 -23.76 49.00 -1.51
N VAL B 402 -23.32 50.24 -1.74
CA VAL B 402 -23.00 51.12 -0.60
C VAL B 402 -23.60 52.47 -0.77
N ILE B 403 -23.49 53.27 0.28
CA ILE B 403 -23.89 54.68 0.17
C ILE B 403 -22.72 55.64 0.40
N ASP B 404 -22.58 56.66 -0.45
CA ASP B 404 -21.53 57.65 -0.23
C ASP B 404 -22.08 58.88 0.44
N PHE B 405 -21.63 59.09 1.65
CA PHE B 405 -22.00 60.22 2.48
C PHE B 405 -20.89 61.30 2.62
N LYS B 406 -20.01 61.46 1.62
CA LYS B 406 -18.92 62.45 1.69
C LYS B 406 -19.23 63.75 0.92
N ILE B 411 -15.27 57.17 -0.90
CA ILE B 411 -16.07 55.97 -1.36
C ILE B 411 -15.61 54.60 -0.82
N TYR B 412 -16.24 54.19 0.26
CA TYR B 412 -15.80 53.00 0.94
C TYR B 412 -16.76 51.83 0.69
N ASP B 413 -16.19 50.66 0.57
CA ASP B 413 -16.96 49.45 0.41
C ASP B 413 -17.50 48.89 1.72
N ASN B 414 -17.26 49.54 2.86
CA ASN B 414 -17.59 48.88 4.11
C ASN B 414 -17.98 49.85 5.19
N ARG B 415 -18.59 50.94 4.78
CA ARG B 415 -19.05 51.86 5.77
C ARG B 415 -20.55 51.79 5.97
N ILE B 416 -21.27 51.74 4.85
CA ILE B 416 -22.73 51.58 4.83
C ILE B 416 -23.02 50.67 3.65
N VAL B 417 -23.56 49.49 3.96
CA VAL B 417 -23.67 48.42 3.01
C VAL B 417 -25.06 47.90 2.91
N LEU B 418 -25.50 47.67 1.67
CA LEU B 418 -26.83 47.11 1.41
C LEU B 418 -26.69 45.78 0.81
N ASN B 419 -27.45 44.80 1.30
CA ASN B 419 -27.58 43.54 0.55
C ASN B 419 -29.03 43.17 0.56
N GLY B 420 -29.40 42.44 -0.49
CA GLY B 420 -30.76 41.99 -0.63
C GLY B 420 -30.87 41.17 -1.87
N ILE B 421 -31.78 40.23 -1.86
CA ILE B 421 -32.04 39.53 -3.08
C ILE B 421 -32.59 40.45 -4.20
N ASP B 422 -33.52 41.33 -3.87
CA ASP B 422 -34.09 42.23 -4.85
C ASP B 422 -33.34 43.55 -4.91
N LEU B 423 -32.10 43.58 -4.43
CA LEU B 423 -31.31 44.80 -4.36
C LEU B 423 -31.26 45.47 -5.73
N LYS B 424 -30.92 44.63 -6.72
CA LYS B 424 -30.79 45.01 -8.12
C LYS B 424 -32.00 45.76 -8.55
N ALA B 425 -33.09 45.02 -8.65
CA ALA B 425 -34.41 45.62 -8.77
C ALA B 425 -34.58 47.05 -8.17
N PHE B 426 -34.09 47.24 -6.95
CA PHE B 426 -34.29 48.46 -6.21
C PHE B 426 -33.44 49.58 -6.78
N LEU B 427 -32.17 49.29 -6.97
CA LEU B 427 -31.28 50.26 -7.59
C LEU B 427 -31.83 50.83 -8.89
N ASP B 428 -32.62 50.05 -9.61
CA ASP B 428 -33.09 50.50 -10.91
C ASP B 428 -34.18 51.53 -10.76
N SER B 429 -34.88 51.43 -9.63
CA SER B 429 -35.93 52.35 -9.31
C SER B 429 -35.25 53.61 -8.91
N LEU B 430 -33.96 53.52 -8.60
CA LEU B 430 -33.22 54.73 -8.27
C LEU B 430 -32.73 55.56 -9.48
N PRO B 431 -32.78 56.90 -9.30
CA PRO B 431 -32.22 57.89 -10.21
C PRO B 431 -30.68 57.79 -10.46
N ASP B 432 -29.83 57.75 -9.42
CA ASP B 432 -28.44 58.17 -9.59
C ASP B 432 -27.32 57.21 -9.31
N VAL B 433 -27.50 55.96 -9.63
CA VAL B 433 -26.54 55.00 -9.14
C VAL B 433 -25.23 54.91 -9.94
N LYS B 434 -24.15 55.40 -9.36
CA LYS B 434 -22.86 55.27 -10.02
C LYS B 434 -22.38 53.86 -9.74
N ILE B 435 -21.54 53.32 -10.60
CA ILE B 435 -21.19 51.92 -10.52
C ILE B 435 -19.66 51.61 -10.54
N VAL B 436 -18.91 51.89 -9.45
CA VAL B 436 -17.50 51.46 -9.34
C VAL B 436 -17.20 50.05 -9.89
N LYS B 437 -16.18 49.92 -10.75
CA LYS B 437 -15.81 48.59 -11.27
C LYS B 437 -14.73 47.87 -10.44
N MET B 438 -14.55 46.58 -10.67
CA MET B 438 -13.61 45.81 -9.85
C MET B 438 -12.58 45.02 -10.66
N LEU B 454 -17.95 41.08 -9.73
CA LEU B 454 -18.64 41.96 -10.70
C LEU B 454 -18.14 43.44 -10.57
N ASN B 455 -18.57 44.16 -9.54
CA ASN B 455 -18.45 45.62 -9.46
C ASN B 455 -19.46 46.17 -8.42
N MET B 456 -19.21 47.35 -7.88
CA MET B 456 -20.06 47.82 -6.80
C MET B 456 -20.91 49.07 -7.04
N PRO B 457 -22.21 48.92 -7.16
CA PRO B 457 -23.10 50.08 -7.23
C PRO B 457 -22.98 50.97 -6.01
N VAL B 458 -23.03 52.28 -6.25
CA VAL B 458 -22.96 53.25 -5.18
C VAL B 458 -24.07 54.25 -5.23
N ILE B 459 -24.91 54.20 -4.20
CA ILE B 459 -25.94 55.19 -3.99
C ILE B 459 -25.25 56.46 -3.54
N PRO B 460 -25.52 57.56 -4.24
CA PRO B 460 -25.08 58.90 -3.88
C PRO B 460 -25.94 59.46 -2.73
N MET B 461 -25.55 60.57 -2.14
CA MET B 461 -26.33 61.09 -1.03
C MET B 461 -27.69 61.76 -1.42
N ASN B 462 -28.65 61.02 -2.00
CA ASN B 462 -30.00 61.56 -2.30
C ASN B 462 -30.77 61.86 -1.03
N THR B 463 -32.07 62.11 -1.15
CA THR B 463 -32.93 62.15 0.04
C THR B 463 -33.17 60.74 0.54
N ILE B 464 -33.18 59.84 -0.42
CA ILE B 464 -33.22 58.42 -0.16
C ILE B 464 -32.10 57.98 0.76
N ALA B 465 -30.86 58.11 0.29
CA ALA B 465 -29.72 57.85 1.15
C ALA B 465 -29.99 58.42 2.53
N GLU B 466 -30.63 59.59 2.62
CA GLU B 466 -30.89 60.23 3.92
C GLU B 466 -31.89 59.52 4.77
N ALA B 467 -32.99 59.09 4.15
CA ALA B 467 -34.05 58.40 4.87
C ALA B 467 -33.52 57.11 5.48
N VAL B 468 -32.81 56.36 4.66
CA VAL B 468 -32.16 55.15 5.12
C VAL B 468 -31.30 55.43 6.33
N ILE B 469 -30.32 56.31 6.12
CA ILE B 469 -29.36 56.62 7.15
C ILE B 469 -30.08 57.14 8.41
N GLU B 470 -31.07 57.99 8.20
CA GLU B 470 -31.89 58.41 9.30
C GLU B 470 -32.59 57.24 10.02
N MET B 471 -33.10 56.26 9.27
CA MET B 471 -33.77 55.09 9.88
C MET B 471 -32.79 54.38 10.77
N ILE B 472 -31.55 54.21 10.27
CA ILE B 472 -30.50 53.63 11.07
C ILE B 472 -30.28 54.40 12.35
N ASN B 473 -30.16 55.73 12.22
CA ASN B 473 -29.95 56.65 13.36
C ASN B 473 -31.09 56.75 14.30
N ARG B 474 -32.30 56.78 13.80
CA ARG B 474 -33.41 56.78 14.71
C ARG B 474 -33.59 55.38 15.36
N GLY B 475 -32.80 54.39 14.93
CA GLY B 475 -32.94 53.01 15.41
C GLY B 475 -34.30 52.40 15.09
N GLN B 476 -34.85 52.67 13.90
CA GLN B 476 -36.14 52.12 13.55
C GLN B 476 -35.94 50.80 12.88
N ILE B 477 -36.96 49.95 12.97
CA ILE B 477 -36.91 48.58 12.47
C ILE B 477 -36.64 48.53 10.98
N GLN B 478 -37.36 49.35 10.20
CA GLN B 478 -37.39 49.20 8.76
C GLN B 478 -38.21 50.27 8.10
N ILE B 479 -37.99 50.48 6.80
CA ILE B 479 -38.73 51.51 6.09
C ILE B 479 -39.13 50.98 4.75
N THR B 480 -39.93 51.76 4.03
CA THR B 480 -40.27 51.41 2.67
C THR B 480 -39.73 52.49 1.74
N ILE B 481 -39.23 52.15 0.56
CA ILE B 481 -38.80 53.16 -0.40
C ILE B 481 -39.18 52.62 -1.77
N ASN B 482 -39.93 53.41 -2.52
CA ASN B 482 -40.46 52.91 -3.79
C ASN B 482 -41.03 51.54 -3.67
N GLY B 483 -41.55 51.23 -2.48
CA GLY B 483 -42.20 49.95 -2.26
C GLY B 483 -41.30 48.80 -1.89
N PHE B 484 -39.99 48.98 -1.85
CA PHE B 484 -39.13 47.90 -1.36
C PHE B 484 -38.98 48.04 0.15
N SER B 485 -39.00 46.93 0.89
CA SER B 485 -38.75 47.05 2.31
C SER B 485 -37.28 47.12 2.45
N ILE B 486 -36.89 48.04 3.31
CA ILE B 486 -35.55 48.26 3.68
C ILE B 486 -35.46 48.08 5.16
N SER B 487 -34.68 47.10 5.56
CA SER B 487 -34.67 46.60 6.90
C SER B 487 -33.42 46.99 7.62
N ASN B 488 -33.57 47.40 8.86
CA ASN B 488 -32.43 47.75 9.68
C ASN B 488 -31.74 46.48 10.13
N GLY B 489 -30.58 46.19 9.57
CA GLY B 489 -29.84 44.95 9.86
C GLY B 489 -29.45 44.60 11.30
N LEU B 490 -30.18 45.17 12.25
CA LEU B 490 -30.02 44.89 13.66
C LEU B 490 -31.30 44.34 14.16
N ALA B 491 -32.38 44.64 13.45
CA ALA B 491 -33.69 44.15 13.80
C ALA B 491 -34.05 42.86 13.06
N THR B 492 -33.08 42.07 12.61
CA THR B 492 -33.50 40.92 11.78
C THR B 492 -34.45 40.00 12.48
N THR B 493 -34.19 39.61 13.73
CA THR B 493 -35.07 38.64 14.42
C THR B 493 -36.47 39.15 14.62
N GLN B 494 -36.64 40.47 14.57
CA GLN B 494 -37.95 41.10 14.76
C GLN B 494 -38.72 41.07 13.49
N ILE B 495 -38.01 41.22 12.40
CA ILE B 495 -38.62 41.15 11.09
C ILE B 495 -38.90 39.69 10.64
N ASN B 496 -37.95 38.79 10.87
CA ASN B 496 -38.12 37.41 10.51
C ASN B 496 -37.04 36.56 11.13
N ASN B 497 -37.27 36.12 12.36
CA ASN B 497 -36.34 35.18 13.05
C ASN B 497 -35.73 34.04 12.16
N LYS B 498 -36.50 33.43 11.26
CA LYS B 498 -35.92 32.41 10.40
C LYS B 498 -34.83 32.96 9.45
N ALA B 499 -34.98 34.21 9.03
CA ALA B 499 -33.90 34.88 8.31
C ALA B 499 -32.72 34.92 9.24
N ALA B 500 -32.94 35.54 10.38
CA ALA B 500 -31.91 35.82 11.34
C ALA B 500 -31.03 34.63 11.70
N THR B 501 -31.60 33.44 11.75
CA THR B 501 -30.83 32.24 12.13
C THR B 501 -30.13 31.48 10.98
N GLY B 502 -30.41 31.83 9.74
CA GLY B 502 -29.85 31.10 8.61
C GLY B 502 -30.81 30.07 8.04
N GLU B 503 -31.84 29.76 8.79
CA GLU B 503 -32.87 28.90 8.26
C GLU B 503 -33.61 29.44 7.04
N GLU B 504 -33.68 30.74 6.78
CA GLU B 504 -34.32 31.22 5.56
C GLU B 504 -33.47 32.31 4.95
N VAL B 505 -33.53 32.47 3.65
CA VAL B 505 -32.88 33.61 3.06
C VAL B 505 -33.77 34.80 3.26
N PRO B 506 -33.18 35.93 3.67
CA PRO B 506 -33.99 37.12 3.90
C PRO B 506 -34.68 37.58 2.64
N ARG B 507 -35.92 38.04 2.84
CA ARG B 507 -36.76 38.51 1.77
C ARG B 507 -36.84 40.04 1.74
N THR B 508 -36.00 40.72 2.52
CA THR B 508 -35.93 42.18 2.46
C THR B 508 -34.55 42.61 2.08
N ILE B 509 -34.36 43.92 2.07
CA ILE B 509 -33.10 44.48 1.77
C ILE B 509 -32.58 45.02 3.04
N ILE B 510 -31.33 44.72 3.33
CA ILE B 510 -30.77 44.94 4.66
C ILE B 510 -29.58 45.92 4.67
N VAL B 511 -29.74 46.92 5.54
CA VAL B 511 -28.77 47.95 5.75
C VAL B 511 -27.83 47.59 6.91
N THR B 512 -26.51 47.64 6.67
CA THR B 512 -25.50 47.25 7.64
C THR B 512 -24.46 48.35 7.67
N THR B 513 -24.14 48.89 8.84
CA THR B 513 -23.33 50.14 8.92
C THR B 513 -22.40 50.12 10.10
N ARG B 514 -21.25 50.81 10.01
CA ARG B 514 -20.27 50.84 11.10
C ARG B 514 -20.84 51.56 12.30
N SER B 515 -21.66 52.57 12.02
CA SER B 515 -22.32 53.22 13.12
C SER B 515 -23.19 52.29 13.96
N GLN B 516 -23.77 51.26 13.36
CA GLN B 516 -24.55 50.29 14.15
C GLN B 516 -23.73 49.64 15.26
N TYR B 517 -22.43 49.40 15.05
CA TYR B 517 -21.69 48.67 16.05
C TYR B 517 -20.67 49.59 16.70
N GLY B 518 -20.81 50.90 16.48
CA GLY B 518 -19.91 51.92 17.06
C GLY B 518 -18.49 51.80 16.53
N LEU B 519 -18.39 51.36 15.29
CA LEU B 519 -17.11 51.36 14.65
C LEU B 519 -16.93 52.75 14.08
N PRO B 520 -15.69 53.17 13.98
CA PRO B 520 -15.24 54.42 13.41
C PRO B 520 -15.38 54.44 11.91
N GLU B 521 -15.96 55.52 11.40
CA GLU B 521 -16.29 55.68 9.98
C GLU B 521 -15.04 55.80 9.13
N ASP B 522 -13.90 56.03 9.77
CA ASP B 522 -12.70 56.43 9.05
C ASP B 522 -11.48 55.81 9.66
N ALA B 523 -11.59 54.52 9.96
CA ALA B 523 -10.49 53.80 10.57
C ALA B 523 -10.20 52.57 9.75
N ILE B 524 -9.16 51.89 10.14
CA ILE B 524 -9.04 50.53 9.73
C ILE B 524 -9.69 49.63 10.80
N VAL B 525 -10.68 48.84 10.41
CA VAL B 525 -11.20 47.88 11.34
C VAL B 525 -10.65 46.47 11.13
N TYR B 526 -9.99 45.97 12.15
CA TYR B 526 -9.48 44.61 12.17
C TYR B 526 -10.42 43.87 13.03
N CYS B 527 -10.72 42.62 12.73
CA CYS B 527 -11.74 41.95 13.53
C CYS B 527 -11.24 40.61 13.87
N ASN B 528 -11.91 40.02 14.86
CA ASN B 528 -11.89 38.57 15.11
C ASN B 528 -13.08 38.07 15.93
N PHE B 529 -13.91 37.32 15.21
CA PHE B 529 -15.17 36.91 15.77
C PHE B 529 -15.13 35.56 16.43
N ASN B 530 -13.94 35.05 16.74
CA ASN B 530 -13.87 33.78 17.43
C ASN B 530 -14.23 33.93 18.89
N GLN B 531 -14.56 32.79 19.52
CA GLN B 531 -14.73 32.80 20.96
C GLN B 531 -13.38 33.11 21.54
N LEU B 532 -13.36 33.87 22.63
CA LEU B 532 -12.12 34.45 23.09
C LEU B 532 -11.14 33.42 23.57
N TYR B 533 -11.58 32.23 23.99
CA TYR B 533 -10.59 31.21 24.39
C TYR B 533 -9.50 30.87 23.31
N LYS B 534 -9.70 31.20 22.05
CA LYS B 534 -8.69 30.94 21.02
C LYS B 534 -7.53 31.96 21.11
N ILE B 535 -7.74 32.96 21.95
CA ILE B 535 -6.72 33.94 22.16
C ILE B 535 -5.84 33.56 23.37
N ASP B 536 -4.54 33.69 23.11
CA ASP B 536 -3.50 33.71 24.11
C ASP B 536 -2.72 35.03 24.13
N PRO B 537 -1.84 35.20 25.12
CA PRO B 537 -1.10 36.42 25.38
C PRO B 537 -0.30 36.92 24.17
N SER B 538 0.42 35.99 23.53
CA SER B 538 1.28 36.29 22.39
C SER B 538 0.48 36.70 21.18
N THR B 539 -0.70 36.11 21.04
CA THR B 539 -1.59 36.50 19.98
C THR B 539 -2.00 37.94 20.21
N LEU B 540 -2.38 38.24 21.46
CA LEU B 540 -2.82 39.59 21.77
C LEU B 540 -1.65 40.51 21.58
N GLN B 541 -0.48 40.01 21.95
CA GLN B 541 0.74 40.73 21.68
C GLN B 541 0.81 41.22 20.23
N MET B 542 0.89 40.27 19.30
CA MET B 542 0.96 40.61 17.90
C MET B 542 -0.05 41.68 17.51
N TRP B 543 -1.25 41.56 18.05
CA TRP B 543 -2.31 42.47 17.65
C TRP B 543 -2.07 43.86 18.14
N ALA B 544 -1.52 43.92 19.34
CA ALA B 544 -1.09 45.17 19.90
C ALA B 544 -0.11 45.87 18.93
N ASN B 545 0.94 45.14 18.49
CA ASN B 545 1.98 45.71 17.65
C ASN B 545 1.41 46.28 16.41
N ILE B 546 0.57 45.48 15.78
CA ILE B 546 -0.11 45.90 14.58
C ILE B 546 -0.88 47.21 14.81
N LEU B 547 -1.64 47.28 15.89
CA LEU B 547 -2.44 48.46 16.11
C LEU B 547 -1.60 49.68 16.34
N LYS B 548 -0.46 49.49 17.01
CA LYS B 548 0.49 50.58 17.22
C LYS B 548 1.02 51.02 15.88
N ARG B 549 1.49 50.06 15.10
CA ARG B 549 2.01 50.38 13.76
C ARG B 549 0.97 50.86 12.76
N VAL B 550 -0.32 50.66 13.00
CA VAL B 550 -1.29 51.20 12.07
C VAL B 550 -2.10 52.17 12.84
N PRO B 551 -1.69 53.42 12.80
CA PRO B 551 -2.07 54.37 13.81
C PRO B 551 -3.58 54.59 13.81
N ASN B 552 -4.22 54.43 12.67
CA ASN B 552 -5.60 54.78 12.73
C ASN B 552 -6.62 53.66 12.76
N SER B 553 -6.44 52.74 13.68
CA SER B 553 -7.11 51.45 13.58
C SER B 553 -7.77 51.04 14.89
N VAL B 554 -8.69 50.09 14.81
CA VAL B 554 -9.30 49.43 15.96
C VAL B 554 -9.42 47.94 15.76
N LEU B 555 -9.47 47.22 16.86
CA LEU B 555 -9.65 45.77 16.84
C LEU B 555 -11.07 45.53 17.28
N TRP B 556 -11.74 44.63 16.58
CA TRP B 556 -13.17 44.36 16.76
C TRP B 556 -13.39 42.97 17.26
N LEU B 557 -13.94 42.80 18.46
CA LEU B 557 -14.06 41.46 19.02
C LEU B 557 -15.40 41.19 19.64
N LEU B 558 -15.67 39.91 19.90
CA LEU B 558 -16.98 39.61 20.46
C LEU B 558 -17.03 39.34 21.96
N ARG B 559 -18.05 39.83 22.66
CA ARG B 559 -18.25 39.42 24.05
C ARG B 559 -18.62 37.95 24.09
N PHE B 560 -17.64 37.08 24.19
CA PHE B 560 -17.84 35.72 23.86
C PHE B 560 -16.87 34.83 24.68
N PRO B 561 -17.04 34.85 26.00
CA PRO B 561 -18.11 35.40 26.84
C PRO B 561 -17.79 36.77 27.31
N ALA B 562 -18.83 37.52 27.69
CA ALA B 562 -18.67 38.97 28.02
C ALA B 562 -17.62 39.22 29.13
N VAL B 563 -17.55 38.20 30.03
CA VAL B 563 -16.76 38.29 31.25
C VAL B 563 -15.32 38.37 30.86
N GLY B 564 -15.04 37.84 29.67
CA GLY B 564 -13.72 37.90 29.09
C GLY B 564 -13.25 39.27 28.66
N GLU B 565 -14.17 40.20 28.38
CA GLU B 565 -13.79 41.51 27.80
C GLU B 565 -12.98 42.39 28.73
N PRO B 566 -13.41 42.56 30.00
CA PRO B 566 -12.60 43.39 30.87
C PRO B 566 -11.17 42.82 30.98
N ASN B 567 -10.99 41.48 31.09
CA ASN B 567 -9.66 40.87 30.97
C ASN B 567 -8.84 41.25 29.75
N ILE B 568 -9.46 41.28 28.57
CA ILE B 568 -8.68 41.58 27.38
C ILE B 568 -8.31 43.04 27.55
N GLN B 569 -9.32 43.87 27.81
CA GLN B 569 -9.14 45.30 27.97
C GLN B 569 -8.01 45.59 28.91
N GLN B 570 -7.92 44.80 29.97
CA GLN B 570 -6.84 44.91 30.93
C GLN B 570 -5.49 44.76 30.25
N TYR B 571 -5.17 43.53 29.88
CA TYR B 571 -3.91 43.22 29.21
C TYR B 571 -3.58 44.16 28.05
N ALA B 572 -4.63 44.69 27.42
CA ALA B 572 -4.56 45.60 26.31
C ALA B 572 -3.86 46.85 26.73
N GLN B 573 -4.12 47.26 27.96
CA GLN B 573 -3.57 48.51 28.43
C GLN B 573 -2.17 48.35 28.98
N ASN B 574 -1.85 47.15 29.44
CA ASN B 574 -0.48 46.84 29.83
C ASN B 574 0.36 46.71 28.62
N MET B 575 -0.26 46.60 27.46
CA MET B 575 0.55 46.56 26.28
C MET B 575 0.59 47.99 25.79
N GLY B 576 -0.14 48.85 26.50
CA GLY B 576 -0.22 50.29 26.23
C GLY B 576 -1.17 50.66 25.10
N LEU B 577 -2.40 50.19 25.14
CA LEU B 577 -3.36 50.63 24.16
C LEU B 577 -4.55 51.22 24.89
N PRO B 578 -4.83 52.52 24.67
CA PRO B 578 -6.04 53.20 25.18
C PRO B 578 -7.26 52.32 25.00
N GLN B 579 -8.17 52.36 25.95
CA GLN B 579 -9.22 51.39 25.96
C GLN B 579 -9.95 51.38 24.64
N ASN B 580 -10.33 52.57 24.18
CA ASN B 580 -11.03 52.74 22.93
C ASN B 580 -10.33 52.24 21.61
N ARG B 581 -9.16 51.60 21.67
CA ARG B 581 -8.60 51.00 20.45
C ARG B 581 -9.20 49.61 20.18
N ILE B 582 -9.81 49.02 21.20
CA ILE B 582 -10.51 47.74 21.07
C ILE B 582 -12.01 47.88 21.30
N ILE B 583 -12.77 47.47 20.30
CA ILE B 583 -14.22 47.57 20.36
C ILE B 583 -14.88 46.19 20.44
N PHE B 584 -15.70 46.00 21.48
CA PHE B 584 -16.44 44.75 21.66
C PHE B 584 -17.88 44.85 21.20
N SER B 585 -18.35 43.85 20.45
CA SER B 585 -19.78 43.72 20.16
C SER B 585 -20.36 42.49 20.80
N PRO B 586 -21.68 42.52 20.98
CA PRO B 586 -22.33 41.33 21.49
C PRO B 586 -22.37 40.22 20.43
N VAL B 587 -22.45 38.99 20.88
CA VAL B 587 -22.68 37.92 19.93
C VAL B 587 -23.99 38.20 19.20
N ALA B 588 -24.05 37.92 17.89
CA ALA B 588 -25.28 38.11 17.10
C ALA B 588 -25.92 36.83 16.49
N PRO B 589 -27.16 36.92 16.01
CA PRO B 589 -27.76 35.76 15.31
C PRO B 589 -26.92 35.41 14.06
N LYS B 590 -26.80 34.13 13.70
CA LYS B 590 -25.94 33.74 12.58
C LYS B 590 -25.95 34.73 11.40
N GLU B 591 -27.10 35.05 10.85
CA GLU B 591 -27.05 35.89 9.67
C GLU B 591 -26.43 37.27 9.93
N GLU B 592 -26.84 37.96 10.99
CA GLU B 592 -26.24 39.28 11.27
C GLU B 592 -24.76 39.09 11.48
N HIS B 593 -24.40 38.08 12.24
CA HIS B 593 -22.99 37.82 12.44
C HIS B 593 -22.23 37.77 11.16
N VAL B 594 -22.69 36.98 10.19
CA VAL B 594 -21.96 36.79 8.95
C VAL B 594 -21.89 38.06 8.15
N ARG B 595 -23.09 38.65 7.99
CA ARG B 595 -23.38 39.89 7.30
C ARG B 595 -22.51 41.06 7.81
N ARG B 596 -22.29 41.18 9.13
CA ARG B 596 -21.65 42.42 9.62
C ARG B 596 -20.12 42.33 9.41
N GLY B 597 -19.61 41.12 9.13
CA GLY B 597 -18.21 40.93 8.67
C GLY B 597 -17.81 41.84 7.50
N GLN B 598 -18.78 42.29 6.73
CA GLN B 598 -18.56 43.21 5.62
C GLN B 598 -18.10 44.58 6.08
N LEU B 599 -18.41 44.96 7.30
CA LEU B 599 -17.98 46.27 7.80
C LEU B 599 -16.46 46.30 8.14
N ALA B 600 -15.85 45.14 8.35
CA ALA B 600 -14.43 45.06 8.69
C ALA B 600 -13.56 45.29 7.46
N ASP B 601 -12.31 45.72 7.69
CA ASP B 601 -11.32 45.75 6.62
C ASP B 601 -10.56 44.41 6.56
N VAL B 602 -10.16 43.88 7.70
CA VAL B 602 -9.32 42.69 7.71
C VAL B 602 -9.53 41.90 8.94
N CYS B 603 -9.69 40.60 8.79
CA CYS B 603 -9.80 39.77 9.96
C CYS B 603 -8.41 39.27 10.30
N LEU B 604 -8.13 39.29 11.62
CA LEU B 604 -6.85 38.79 12.10
C LEU B 604 -7.00 37.45 12.77
N ASP B 605 -6.60 36.38 12.09
CA ASP B 605 -6.83 35.06 12.66
C ASP B 605 -5.99 34.65 13.89
N THR B 606 -6.68 34.12 14.89
CA THR B 606 -6.03 33.46 16.01
C THR B 606 -5.11 32.31 15.59
N PRO B 607 -3.84 32.49 15.76
CA PRO B 607 -2.94 31.46 15.36
C PRO B 607 -2.85 30.31 16.35
N LEU B 608 -3.42 30.45 17.55
CA LEU B 608 -3.38 29.33 18.52
C LEU B 608 -4.30 28.20 18.07
N CYS B 609 -5.56 28.61 17.79
CA CYS B 609 -6.59 27.78 17.22
C CYS B 609 -7.30 28.64 16.21
N ASN B 610 -7.24 28.24 14.93
CA ASN B 610 -7.74 29.09 13.82
C ASN B 610 -9.27 29.28 13.93
N GLY B 611 -9.78 30.38 13.37
CA GLY B 611 -11.21 30.39 13.04
C GLY B 611 -11.55 29.20 12.14
N HIS B 612 -12.51 28.37 12.47
CA HIS B 612 -12.86 27.35 11.48
C HIS B 612 -14.08 27.71 10.73
N THR B 613 -15.24 27.45 11.32
CA THR B 613 -16.45 27.98 10.77
C THR B 613 -16.25 29.46 10.67
N THR B 614 -15.66 30.02 11.71
CA THR B 614 -15.58 31.46 11.78
C THR B 614 -14.82 32.01 10.59
N GLY B 615 -13.78 31.26 10.22
CA GLY B 615 -13.04 31.50 8.98
C GLY B 615 -13.94 31.63 7.74
N MET B 616 -14.70 30.59 7.48
CA MET B 616 -15.59 30.67 6.37
C MET B 616 -16.48 31.89 6.46
N ASP B 617 -16.96 32.25 7.64
CA ASP B 617 -17.96 33.30 7.74
C ASP B 617 -17.35 34.67 7.39
N VAL B 618 -16.06 34.79 7.60
CA VAL B 618 -15.44 36.09 7.37
C VAL B 618 -15.09 36.25 5.88
N LEU B 619 -14.66 35.13 5.30
CA LEU B 619 -14.33 35.07 3.91
C LEU B 619 -15.54 35.27 3.05
N TRP B 620 -16.69 34.85 3.53
CA TRP B 620 -17.89 34.96 2.74
C TRP B 620 -18.24 36.43 2.64
N ALA B 621 -17.88 37.21 3.66
CA ALA B 621 -18.22 38.64 3.68
C ALA B 621 -17.27 39.34 2.76
N GLY B 622 -16.18 38.66 2.41
CA GLY B 622 -15.29 39.19 1.40
C GLY B 622 -14.19 39.97 2.03
N THR B 623 -13.83 39.50 3.22
CA THR B 623 -13.02 40.24 4.17
C THR B 623 -11.79 39.38 4.34
N PRO B 624 -10.65 39.85 3.81
CA PRO B 624 -9.40 39.07 3.89
C PRO B 624 -8.96 38.81 5.32
N MET B 625 -8.34 37.68 5.49
CA MET B 625 -8.04 37.20 6.80
C MET B 625 -6.58 36.79 6.80
N VAL B 626 -5.85 37.26 7.83
CA VAL B 626 -4.40 37.00 7.95
C VAL B 626 -4.14 35.84 8.90
N THR B 627 -3.48 34.78 8.48
CA THR B 627 -3.29 33.66 9.41
C THR B 627 -1.82 33.26 9.51
N MET B 628 -1.51 32.53 10.57
CA MET B 628 -0.17 32.10 10.82
C MET B 628 -0.18 30.62 11.26
N PRO B 629 -0.31 29.69 10.30
CA PRO B 629 -0.55 28.24 10.58
C PRO B 629 0.47 27.65 11.51
N GLY B 630 0.03 26.82 12.45
CA GLY B 630 0.90 26.15 13.43
C GLY B 630 1.19 24.71 13.08
N GLU B 631 1.18 23.79 14.04
CA GLU B 631 1.36 22.39 13.65
C GLU B 631 0.14 21.49 13.82
N THR B 632 -0.65 21.80 14.84
CA THR B 632 -1.91 21.12 15.10
C THR B 632 -2.87 21.49 14.02
N LEU B 633 -3.52 20.44 13.56
CA LEU B 633 -4.59 20.58 12.64
C LEU B 633 -5.34 21.91 12.88
N ALA B 634 -5.86 22.07 14.09
CA ALA B 634 -6.72 23.21 14.37
C ALA B 634 -6.07 24.57 14.12
N SER B 635 -4.75 24.61 14.04
CA SER B 635 -4.08 25.87 13.81
C SER B 635 -3.74 26.07 12.32
N ARG B 636 -4.14 25.17 11.46
CA ARG B 636 -3.72 25.26 10.08
C ARG B 636 -4.88 25.36 9.12
N VAL B 637 -6.07 25.43 9.72
CA VAL B 637 -7.30 25.44 8.95
C VAL B 637 -7.48 26.75 8.16
N ALA B 638 -7.22 27.90 8.78
CA ALA B 638 -7.35 29.17 8.04
C ALA B 638 -6.41 29.25 6.84
N ALA B 639 -5.18 28.77 7.07
CA ALA B 639 -4.20 28.66 6.02
C ALA B 639 -4.78 27.86 4.90
N SER B 640 -5.18 26.63 5.23
CA SER B 640 -5.78 25.73 4.25
C SER B 640 -6.94 26.34 3.48
N GLN B 641 -7.80 27.08 4.18
CA GLN B 641 -8.94 27.75 3.58
C GLN B 641 -8.43 28.77 2.63
N LEU B 642 -7.45 29.55 3.09
CA LEU B 642 -6.84 30.62 2.28
C LEU B 642 -6.19 30.12 1.01
N THR B 643 -5.45 29.05 1.15
CA THR B 643 -4.87 28.41 0.01
C THR B 643 -5.89 28.05 -1.03
N CYS B 644 -6.84 27.16 -0.71
CA CYS B 644 -7.93 26.84 -1.62
C CYS B 644 -8.59 28.06 -2.26
N LEU B 645 -8.72 29.15 -1.52
CA LEU B 645 -9.32 30.36 -2.06
C LEU B 645 -8.41 31.08 -3.05
N GLY B 646 -7.11 30.89 -2.84
CA GLY B 646 -6.10 31.43 -3.74
C GLY B 646 -5.52 32.74 -3.27
N CYS B 647 -4.97 32.74 -2.07
CA CYS B 647 -4.52 33.97 -1.44
C CYS B 647 -3.36 33.71 -0.53
N LEU B 648 -2.26 33.22 -1.09
CA LEU B 648 -1.11 32.87 -0.28
C LEU B 648 -0.48 34.10 0.41
N GLU B 649 -0.66 35.27 -0.18
CA GLU B 649 -0.07 36.47 0.36
C GLU B 649 -0.66 36.84 1.72
N LEU B 650 -1.62 36.05 2.19
CA LEU B 650 -2.20 36.26 3.52
C LEU B 650 -1.75 35.21 4.53
N ILE B 651 -0.84 34.34 4.16
CA ILE B 651 -0.43 33.32 5.08
C ILE B 651 0.96 33.59 5.61
N ALA B 652 1.09 33.92 6.89
CA ALA B 652 2.43 34.21 7.47
C ALA B 652 3.21 32.97 7.94
N LYS B 653 4.53 33.02 7.83
CA LYS B 653 5.38 31.93 8.32
C LYS B 653 5.83 32.14 9.77
N ASN B 654 5.67 33.36 10.29
CA ASN B 654 6.02 33.70 11.70
C ASN B 654 5.41 35.03 12.11
N ARG B 655 5.49 35.27 13.43
CA ARG B 655 4.96 36.49 14.01
C ARG B 655 5.36 37.72 13.25
N GLN B 656 6.63 37.83 12.88
CA GLN B 656 7.04 39.00 12.15
C GLN B 656 6.17 39.15 10.91
N GLU B 657 6.23 38.12 10.05
CA GLU B 657 5.56 38.21 8.78
C GLU B 657 4.09 38.62 8.97
N TYR B 658 3.42 37.93 9.89
CA TYR B 658 2.03 38.19 10.21
C TYR B 658 1.78 39.69 10.38
N GLU B 659 2.51 40.29 11.31
CA GLU B 659 2.29 41.66 11.59
C GLU B 659 2.52 42.56 10.39
N ASP B 660 3.46 42.19 9.52
CA ASP B 660 3.77 43.05 8.37
C ASP B 660 2.70 43.05 7.33
N ILE B 661 2.17 41.83 7.10
CA ILE B 661 1.05 41.62 6.21
C ILE B 661 -0.13 42.40 6.72
N ALA B 662 -0.37 42.31 8.04
CA ALA B 662 -1.44 43.09 8.66
C ALA B 662 -1.24 44.55 8.39
N VAL B 663 -0.03 45.02 8.72
CA VAL B 663 0.27 46.44 8.72
C VAL B 663 0.22 46.98 7.31
N LYS B 664 0.79 46.20 6.40
CA LYS B 664 0.74 46.62 5.03
C LYS B 664 -0.70 46.92 4.62
N LEU B 665 -1.61 45.98 4.90
CA LEU B 665 -3.04 46.07 4.54
C LEU B 665 -3.69 47.25 5.20
N GLY B 666 -3.23 47.55 6.40
CA GLY B 666 -3.79 48.65 7.16
C GLY B 666 -3.35 49.98 6.60
N THR B 667 -2.10 50.07 6.17
CA THR B 667 -1.54 51.36 5.75
C THR B 667 -1.61 51.55 4.23
N ASP B 668 -1.31 50.50 3.48
CA ASP B 668 -1.31 50.58 2.03
C ASP B 668 -2.73 50.38 1.47
N LEU B 669 -3.50 51.46 1.44
CA LEU B 669 -4.89 51.37 0.99
C LEU B 669 -5.08 50.84 -0.43
N GLU B 670 -4.13 51.12 -1.29
CA GLU B 670 -4.13 50.57 -2.62
C GLU B 670 -4.12 49.07 -2.61
N TYR B 671 -3.18 48.53 -1.84
CA TYR B 671 -3.03 47.11 -1.70
C TYR B 671 -4.31 46.52 -1.15
N LEU B 672 -4.74 47.05 0.00
CA LEU B 672 -5.96 46.56 0.61
C LEU B 672 -7.05 46.38 -0.44
N LYS B 673 -7.44 47.50 -1.05
CA LYS B 673 -8.42 47.50 -2.12
C LYS B 673 -8.23 46.32 -3.10
N LYS B 674 -7.02 46.15 -3.58
CA LYS B 674 -6.70 45.01 -4.42
C LYS B 674 -7.05 43.64 -3.78
N VAL B 675 -6.53 43.38 -2.57
CA VAL B 675 -6.72 42.08 -1.91
C VAL B 675 -8.19 41.79 -1.56
N ARG B 676 -8.82 42.76 -0.88
CA ARG B 676 -10.26 42.72 -0.65
C ARG B 676 -11.04 42.29 -1.91
N GLY B 677 -10.90 43.09 -2.97
CA GLY B 677 -11.48 42.78 -4.26
C GLY B 677 -11.19 41.33 -4.68
N LYS B 678 -9.99 40.84 -4.37
CA LYS B 678 -9.61 39.49 -4.76
C LYS B 678 -10.44 38.45 -4.02
N VAL B 679 -10.29 38.38 -2.69
CA VAL B 679 -11.18 37.61 -1.80
C VAL B 679 -12.62 37.62 -2.28
N TRP B 680 -13.15 38.84 -2.43
CA TRP B 680 -14.51 39.00 -2.85
C TRP B 680 -14.83 38.28 -4.13
N LYS B 681 -13.89 38.24 -5.05
CA LYS B 681 -14.16 37.60 -6.31
C LYS B 681 -14.01 36.11 -6.18
N GLN B 682 -12.88 35.73 -5.63
CA GLN B 682 -12.47 34.35 -5.46
C GLN B 682 -13.38 33.49 -4.65
N ARG B 683 -14.10 34.13 -3.74
CA ARG B 683 -14.92 33.35 -2.88
C ARG B 683 -16.00 32.62 -3.74
N ILE B 684 -16.56 33.30 -4.75
CA ILE B 684 -17.31 32.64 -5.82
C ILE B 684 -16.45 31.72 -6.72
N SER B 685 -15.33 32.22 -7.21
CA SER B 685 -14.67 31.58 -8.34
C SER B 685 -13.76 30.43 -7.89
N SER B 686 -13.40 30.36 -6.62
CA SER B 686 -12.59 29.24 -6.22
C SER B 686 -13.48 28.14 -5.76
N PRO B 687 -12.90 27.06 -5.30
CA PRO B 687 -13.64 25.85 -5.04
C PRO B 687 -14.14 25.77 -3.62
N LEU B 688 -13.96 26.89 -2.90
CA LEU B 688 -13.99 26.88 -1.43
C LEU B 688 -15.37 26.67 -0.92
N PHE B 689 -16.26 27.53 -1.43
CA PHE B 689 -17.67 27.59 -1.10
C PHE B 689 -18.62 26.76 -2.02
N ASN B 690 -18.00 26.07 -2.99
CA ASN B 690 -18.65 25.19 -3.92
C ASN B 690 -18.86 23.78 -3.36
N THR B 691 -20.06 23.58 -2.88
CA THR B 691 -20.42 22.34 -2.22
C THR B 691 -20.54 21.20 -3.24
N LYS B 692 -20.98 21.51 -4.46
CA LYS B 692 -21.21 20.45 -5.42
C LYS B 692 -19.91 19.80 -5.79
N GLN B 693 -18.94 20.68 -6.09
CA GLN B 693 -17.60 20.25 -6.38
C GLN B 693 -17.07 19.51 -5.20
N TYR B 694 -17.07 20.18 -4.06
CA TYR B 694 -16.76 19.50 -2.82
C TYR B 694 -17.36 18.09 -2.66
N THR B 695 -18.65 17.91 -2.84
CA THR B 695 -19.19 16.58 -2.69
C THR B 695 -18.54 15.59 -3.64
N MET B 696 -18.37 16.02 -4.90
CA MET B 696 -17.78 15.14 -5.94
C MET B 696 -16.41 14.65 -5.56
N GLU B 697 -15.65 15.54 -4.95
CA GLU B 697 -14.31 15.23 -4.47
C GLU B 697 -14.33 14.18 -3.42
N LEU B 698 -15.10 14.50 -2.40
CA LEU B 698 -15.40 13.62 -1.34
C LEU B 698 -15.87 12.28 -1.90
N GLU B 699 -16.64 12.29 -2.99
CA GLU B 699 -17.11 11.02 -3.53
C GLU B 699 -15.97 10.15 -4.07
N ARG B 700 -14.99 10.81 -4.72
CA ARG B 700 -13.87 10.09 -5.37
C ARG B 700 -13.04 9.49 -4.30
N LEU B 701 -12.86 10.34 -3.29
CA LEU B 701 -12.12 9.97 -2.13
C LEU B 701 -12.72 8.75 -1.47
N TYR B 702 -14.04 8.74 -1.31
CA TYR B 702 -14.69 7.53 -0.77
C TYR B 702 -14.39 6.34 -1.62
N LEU B 703 -14.57 6.50 -2.93
CA LEU B 703 -14.32 5.41 -3.85
C LEU B 703 -12.95 4.79 -3.72
N GLN B 704 -11.93 5.68 -3.74
CA GLN B 704 -10.55 5.35 -3.43
C GLN B 704 -10.43 4.41 -2.25
N MET B 705 -11.05 4.83 -1.14
CA MET B 705 -11.00 4.07 0.13
C MET B 705 -11.62 2.68 0.05
N TRP B 706 -12.72 2.64 -0.66
CA TRP B 706 -13.42 1.45 -0.80
C TRP B 706 -12.61 0.53 -1.68
N GLU B 707 -12.23 0.99 -2.87
CA GLU B 707 -11.43 0.19 -3.79
C GLU B 707 -10.40 -0.55 -3.02
N HIS B 708 -9.62 0.27 -2.29
CA HIS B 708 -8.53 -0.17 -1.49
C HIS B 708 -8.92 -1.23 -0.52
N TYR B 709 -10.08 -1.07 0.10
CA TYR B 709 -10.51 -2.07 1.06
C TYR B 709 -11.01 -3.34 0.39
N ALA B 710 -11.66 -3.13 -0.74
CA ALA B 710 -12.36 -4.19 -1.44
C ALA B 710 -11.30 -5.04 -2.12
N ALA B 711 -10.16 -4.40 -2.42
CA ALA B 711 -9.04 -5.07 -3.02
C ALA B 711 -8.38 -5.95 -1.99
N GLY B 712 -8.81 -5.85 -0.75
CA GLY B 712 -8.29 -6.69 0.29
C GLY B 712 -7.37 -5.99 1.29
N ASN B 713 -7.10 -4.70 1.12
CA ASN B 713 -6.10 -4.10 1.99
C ASN B 713 -6.56 -3.47 3.27
N LYS B 714 -5.67 -3.45 4.24
CA LYS B 714 -5.90 -2.59 5.37
C LYS B 714 -5.75 -1.13 4.99
N PRO B 715 -6.37 -0.29 5.78
CA PRO B 715 -6.26 1.16 5.66
C PRO B 715 -4.82 1.66 5.45
N ASP B 716 -4.61 2.50 4.44
CA ASP B 716 -3.35 3.07 4.22
C ASP B 716 -3.57 4.53 3.73
N HIS B 717 -2.62 5.46 3.88
CA HIS B 717 -2.85 6.87 3.53
C HIS B 717 -3.27 7.01 2.11
N MET B 718 -4.21 7.94 1.87
CA MET B 718 -4.74 8.22 0.53
C MET B 718 -4.39 9.61 0.13
N ILE B 719 -3.18 9.73 -0.43
CA ILE B 719 -2.71 11.02 -0.83
C ILE B 719 -2.66 11.15 -2.37
N LYS B 720 -3.43 10.32 -3.06
CA LYS B 720 -3.94 10.64 -4.41
C LYS B 720 -2.92 10.83 -5.57
N SER C 4 -104.21 14.64 15.44
CA SER C 4 -104.00 13.40 14.63
C SER C 4 -104.30 13.60 13.14
N CYS C 5 -104.94 14.71 12.81
CA CYS C 5 -105.65 14.88 11.53
C CYS C 5 -104.86 15.04 10.22
N PRO C 6 -104.89 14.03 9.37
CA PRO C 6 -104.21 14.04 8.07
C PRO C 6 -104.74 15.05 7.08
N THR C 7 -106.00 15.43 7.18
CA THR C 7 -106.52 16.28 6.13
C THR C 7 -106.09 17.71 6.41
N HIS C 8 -105.91 17.98 7.70
CA HIS C 8 -105.41 19.27 8.16
C HIS C 8 -104.00 19.38 7.69
N ALA C 9 -103.18 18.45 8.20
CA ALA C 9 -101.77 18.32 7.81
C ALA C 9 -101.56 18.29 6.30
N ASP C 10 -102.51 17.71 5.60
CA ASP C 10 -102.42 17.67 4.17
C ASP C 10 -102.47 19.07 3.55
N SER C 11 -103.47 19.83 3.97
CA SER C 11 -103.69 21.19 3.57
C SER C 11 -102.40 21.99 3.82
N LEU C 12 -101.90 21.91 5.05
CA LEU C 12 -100.69 22.64 5.46
C LEU C 12 -99.56 22.46 4.47
N ASN C 13 -99.27 21.19 4.25
CA ASN C 13 -98.36 20.81 3.23
C ASN C 13 -98.55 21.56 1.90
N ASN C 14 -99.74 21.47 1.28
CA ASN C 14 -99.98 22.14 0.00
C ASN C 14 -99.61 23.59 0.00
N LEU C 15 -99.79 24.24 1.17
CA LEU C 15 -99.58 25.69 1.36
C LEU C 15 -98.12 25.99 1.41
N ALA C 16 -97.43 25.16 2.17
CA ALA C 16 -95.97 25.18 2.25
C ALA C 16 -95.30 25.00 0.88
N ASN C 17 -95.84 24.12 0.06
CA ASN C 17 -95.33 23.98 -1.28
C ASN C 17 -95.41 25.24 -2.06
N ILE C 18 -96.59 25.82 -2.07
CA ILE C 18 -96.77 27.13 -2.63
C ILE C 18 -95.76 28.12 -2.04
N LYS C 19 -95.66 28.22 -0.70
CA LYS C 19 -94.74 29.19 -0.09
C LYS C 19 -93.29 29.06 -0.59
N ARG C 20 -92.92 27.82 -0.85
CA ARG C 20 -91.63 27.55 -1.40
C ARG C 20 -91.52 28.00 -2.86
N GLU C 21 -92.60 27.86 -3.63
CA GLU C 21 -92.66 28.31 -5.04
C GLU C 21 -92.24 29.73 -5.14
N GLN C 22 -92.92 30.58 -4.39
CA GLN C 22 -92.63 31.98 -4.37
C GLN C 22 -91.39 32.18 -3.50
N GLY C 23 -90.37 31.36 -3.74
CA GLY C 23 -89.09 31.41 -3.01
C GLY C 23 -89.05 31.57 -1.48
N ASN C 24 -90.20 31.75 -0.84
CA ASN C 24 -90.24 32.09 0.58
C ASN C 24 -90.00 30.86 1.48
N ILE C 25 -88.74 30.43 1.51
CA ILE C 25 -88.25 29.25 2.23
C ILE C 25 -88.55 29.36 3.73
N GLU C 26 -88.09 30.44 4.33
CA GLU C 26 -88.58 30.90 5.60
C GLU C 26 -89.89 30.23 5.98
N GLU C 27 -90.95 30.61 5.25
CA GLU C 27 -92.33 30.29 5.61
C GLU C 27 -92.68 28.84 5.33
N ALA C 28 -92.35 28.40 4.10
CA ALA C 28 -92.43 26.99 3.72
C ALA C 28 -92.05 26.04 4.89
N VAL C 29 -90.81 26.13 5.36
CA VAL C 29 -90.38 25.37 6.56
C VAL C 29 -91.39 25.40 7.70
N ARG C 30 -91.76 26.61 8.14
CA ARG C 30 -92.61 26.81 9.28
C ARG C 30 -93.86 25.94 9.05
N LEU C 31 -94.44 26.05 7.85
CA LEU C 31 -95.64 25.25 7.48
C LEU C 31 -95.47 23.74 7.54
N TYR C 32 -94.46 23.22 6.85
CA TYR C 32 -94.08 21.80 6.90
C TYR C 32 -94.04 21.24 8.31
N ARG C 33 -93.30 21.91 9.17
CA ARG C 33 -93.21 21.49 10.54
C ARG C 33 -94.52 21.54 11.26
N LYS C 34 -95.43 22.41 10.82
CA LYS C 34 -96.74 22.50 11.45
C LYS C 34 -97.52 21.30 10.98
N ALA C 35 -97.44 21.03 9.68
CA ALA C 35 -98.00 19.82 9.06
C ALA C 35 -97.59 18.55 9.81
N LEU C 36 -96.34 18.51 10.24
CA LEU C 36 -95.77 17.34 10.92
C LEU C 36 -96.16 17.27 12.35
N GLU C 37 -96.56 18.41 12.89
CA GLU C 37 -97.06 18.46 14.23
C GLU C 37 -98.46 17.82 14.23
N VAL C 38 -99.29 18.22 13.26
CA VAL C 38 -100.65 17.68 13.10
C VAL C 38 -100.58 16.20 12.80
N PHE C 39 -99.73 15.85 11.84
CA PHE C 39 -99.62 14.47 11.41
C PHE C 39 -98.19 13.99 11.39
N PRO C 40 -97.74 13.33 12.45
CA PRO C 40 -96.33 12.99 12.48
C PRO C 40 -95.98 11.92 11.45
N GLU C 41 -96.87 10.98 11.20
CA GLU C 41 -96.55 9.89 10.29
C GLU C 41 -96.72 10.29 8.84
N PHE C 42 -96.38 11.52 8.48
CA PHE C 42 -96.81 12.05 7.18
C PHE C 42 -95.61 12.03 6.27
N ALA C 43 -95.51 10.99 5.47
CA ALA C 43 -94.33 10.79 4.62
C ALA C 43 -93.84 12.04 3.84
N ALA C 44 -94.68 12.52 2.93
CA ALA C 44 -94.28 13.64 2.07
C ALA C 44 -93.84 14.91 2.77
N ALA C 45 -94.35 15.21 3.96
CA ALA C 45 -93.93 16.40 4.70
C ALA C 45 -92.47 16.28 5.08
N HIS C 46 -92.17 15.20 5.81
CA HIS C 46 -90.80 14.82 6.15
C HIS C 46 -89.88 14.99 5.00
N SER C 47 -90.30 14.47 3.87
CA SER C 47 -89.51 14.56 2.69
C SER C 47 -89.26 16.00 2.20
N ASN C 48 -90.30 16.84 2.19
CA ASN C 48 -90.21 18.19 1.66
C ASN C 48 -89.39 19.04 2.61
N LEU C 49 -89.75 18.95 3.89
CA LEU C 49 -89.03 19.62 4.90
C LEU C 49 -87.56 19.25 4.80
N ALA C 50 -87.30 17.98 4.53
CA ALA C 50 -85.93 17.46 4.36
C ALA C 50 -85.22 18.23 3.30
N SER C 51 -85.87 18.40 2.14
CA SER C 51 -85.14 18.99 1.07
C SER C 51 -84.93 20.51 1.15
N VAL C 52 -85.74 21.23 1.93
CA VAL C 52 -85.36 22.60 2.16
C VAL C 52 -84.27 22.72 3.19
N LEU C 53 -84.35 21.91 4.23
CA LEU C 53 -83.24 21.81 5.19
C LEU C 53 -81.95 21.52 4.45
N GLN C 54 -82.07 20.78 3.35
CA GLN C 54 -80.89 20.45 2.64
C GLN C 54 -80.41 21.70 1.99
N GLN C 55 -81.33 22.43 1.37
CA GLN C 55 -80.95 23.60 0.61
C GLN C 55 -80.34 24.70 1.47
N GLN C 56 -80.78 24.74 2.73
CA GLN C 56 -80.33 25.69 3.74
C GLN C 56 -79.04 25.18 4.34
N GLY C 57 -78.64 24.01 3.88
CA GLY C 57 -77.40 23.46 4.34
C GLY C 57 -77.49 22.82 5.69
N LYS C 58 -78.66 22.49 6.19
CA LYS C 58 -78.73 21.78 7.50
C LYS C 58 -78.71 20.26 7.38
N LEU C 59 -77.73 19.74 6.64
CA LEU C 59 -77.67 18.34 6.22
C LEU C 59 -78.00 17.31 7.30
N GLN C 60 -77.26 17.40 8.40
CA GLN C 60 -77.46 16.53 9.56
C GLN C 60 -78.95 16.26 9.79
N GLU C 61 -79.72 17.35 9.79
CA GLU C 61 -81.13 17.32 10.16
C GLU C 61 -81.93 16.90 8.95
N ALA C 62 -81.60 17.49 7.81
CA ALA C 62 -82.29 17.17 6.58
C ALA C 62 -82.27 15.67 6.44
N LEU C 63 -81.21 15.07 6.93
CA LEU C 63 -81.04 13.67 6.73
C LEU C 63 -82.04 12.90 7.56
N MET C 64 -82.01 13.07 8.86
CA MET C 64 -83.03 12.52 9.73
C MET C 64 -84.46 12.55 9.19
N HIS C 65 -84.82 13.62 8.47
CA HIS C 65 -86.15 13.62 7.86
C HIS C 65 -86.34 12.67 6.74
N TYR C 66 -85.36 12.60 5.85
CA TYR C 66 -85.43 11.65 4.80
C TYR C 66 -85.55 10.24 5.39
N LYS C 67 -84.73 9.93 6.40
CA LYS C 67 -84.82 8.64 7.08
C LYS C 67 -86.23 8.35 7.53
N GLU C 68 -86.85 9.29 8.26
CA GLU C 68 -88.25 9.17 8.60
C GLU C 68 -89.14 8.90 7.41
N ALA C 69 -88.99 9.69 6.33
CA ALA C 69 -89.91 9.57 5.18
C ALA C 69 -89.86 8.14 4.66
N ILE C 70 -88.65 7.66 4.39
CA ILE C 70 -88.40 6.25 4.03
C ILE C 70 -88.95 5.23 5.00
N ARG C 71 -88.73 5.41 6.30
CA ARG C 71 -89.32 4.48 7.27
C ARG C 71 -90.80 4.41 7.12
N ILE C 72 -91.43 5.60 6.98
CA ILE C 72 -92.88 5.72 6.90
C ILE C 72 -93.33 5.10 5.61
N SER C 73 -92.62 5.32 4.54
CA SER C 73 -93.15 4.90 3.27
C SER C 73 -92.05 4.27 2.42
N PRO C 74 -91.86 2.95 2.59
CA PRO C 74 -90.65 2.32 2.13
C PRO C 74 -90.48 2.27 0.66
N THR C 75 -91.52 2.54 -0.12
CA THR C 75 -91.38 2.48 -1.58
C THR C 75 -91.17 3.86 -2.18
N PHE C 76 -90.87 4.83 -1.32
CA PHE C 76 -90.60 6.21 -1.71
C PHE C 76 -89.21 6.32 -2.41
N ALA C 77 -89.15 5.93 -3.69
CA ALA C 77 -87.88 5.98 -4.41
C ALA C 77 -87.30 7.38 -4.36
N ASP C 78 -88.17 8.37 -4.60
CA ASP C 78 -87.75 9.73 -4.59
C ASP C 78 -86.95 10.16 -3.32
N ALA C 79 -87.40 9.77 -2.14
CA ALA C 79 -86.69 10.14 -0.91
C ALA C 79 -85.30 9.51 -0.85
N TYR C 80 -85.17 8.25 -1.24
CA TYR C 80 -83.84 7.64 -1.29
C TYR C 80 -82.88 8.48 -2.12
N SER C 81 -83.26 8.68 -3.37
CA SER C 81 -82.49 9.52 -4.23
C SER C 81 -82.02 10.87 -3.60
N ASN C 82 -82.91 11.70 -3.05
CA ASN C 82 -82.45 12.93 -2.39
C ASN C 82 -81.59 12.72 -1.16
N MET C 83 -81.93 11.70 -0.41
CA MET C 83 -81.15 11.32 0.73
C MET C 83 -79.75 11.06 0.25
N GLY C 84 -79.66 10.34 -0.85
CA GLY C 84 -78.41 10.18 -1.54
C GLY C 84 -77.67 11.49 -1.66
N ASN C 85 -78.26 12.45 -2.34
CA ASN C 85 -77.62 13.74 -2.52
C ASN C 85 -77.14 14.36 -1.23
N THR C 86 -77.91 14.20 -0.15
CA THR C 86 -77.52 14.79 1.11
C THR C 86 -76.26 14.11 1.57
N LEU C 87 -76.23 12.79 1.55
CA LEU C 87 -75.02 12.04 1.88
C LEU C 87 -73.83 12.41 0.98
N LYS C 88 -74.08 12.63 -0.31
CA LYS C 88 -73.02 12.97 -1.18
C LYS C 88 -72.47 14.30 -0.67
N GLU C 89 -73.34 15.28 -0.44
CA GLU C 89 -72.84 16.58 -0.01
C GLU C 89 -72.24 16.47 1.35
N MET C 90 -72.46 15.37 2.06
CA MET C 90 -71.89 15.23 3.39
C MET C 90 -70.58 14.50 3.34
N GLN C 91 -70.02 14.34 2.13
CA GLN C 91 -68.78 13.59 1.89
C GLN C 91 -68.94 12.10 2.08
N ASP C 92 -70.09 11.61 2.49
CA ASP C 92 -70.26 10.16 2.62
C ASP C 92 -70.70 9.51 1.31
N VAL C 93 -69.74 9.22 0.44
CA VAL C 93 -70.07 8.80 -0.93
C VAL C 93 -70.59 7.38 -0.89
N GLN C 94 -69.84 6.53 -0.22
CA GLN C 94 -70.31 5.26 0.18
C GLN C 94 -71.85 5.18 0.31
N GLY C 95 -72.40 5.90 1.27
CA GLY C 95 -73.82 5.83 1.54
C GLY C 95 -74.66 6.37 0.39
N ALA C 96 -74.27 7.54 -0.12
CA ALA C 96 -75.02 8.20 -1.17
C ALA C 96 -75.23 7.13 -2.21
N LEU C 97 -74.18 6.38 -2.43
CA LEU C 97 -74.25 5.38 -3.44
C LEU C 97 -75.32 4.36 -3.13
N GLN C 98 -75.39 3.93 -1.89
CA GLN C 98 -76.33 2.91 -1.56
C GLN C 98 -77.70 3.39 -1.87
N CYS C 99 -77.95 4.69 -1.64
CA CYS C 99 -79.29 5.27 -1.78
C CYS C 99 -79.64 5.21 -3.22
N TYR C 100 -78.72 5.73 -4.02
CA TYR C 100 -79.03 5.86 -5.41
C TYR C 100 -79.36 4.48 -5.92
N THR C 101 -78.54 3.51 -5.61
CA THR C 101 -78.87 2.15 -6.03
C THR C 101 -80.15 1.59 -5.44
N ARG C 102 -80.43 1.77 -4.14
CA ARG C 102 -81.73 1.26 -3.65
C ARG C 102 -82.91 1.87 -4.42
N ALA C 103 -82.83 3.17 -4.72
CA ALA C 103 -83.89 3.86 -5.42
C ALA C 103 -84.11 3.19 -6.78
N ILE C 104 -83.03 2.83 -7.43
CA ILE C 104 -83.15 2.27 -8.78
C ILE C 104 -83.75 0.87 -8.77
N GLN C 105 -83.54 0.23 -7.65
CA GLN C 105 -83.83 -1.15 -7.55
C GLN C 105 -85.26 -1.24 -7.22
N ILE C 106 -85.71 -0.32 -6.35
CA ILE C 106 -87.11 -0.18 -6.05
C ILE C 106 -87.94 0.30 -7.24
N ASN C 107 -87.33 1.11 -8.09
CA ASN C 107 -88.08 1.66 -9.17
C ASN C 107 -87.16 1.94 -10.31
N PRO C 108 -87.01 0.92 -11.12
CA PRO C 108 -86.01 0.89 -12.16
C PRO C 108 -86.24 1.99 -13.15
N ALA C 109 -87.44 2.53 -13.14
CA ALA C 109 -87.82 3.44 -14.19
C ALA C 109 -87.51 4.87 -13.76
N PHE C 110 -86.95 5.03 -12.55
CA PHE C 110 -86.85 6.34 -11.95
C PHE C 110 -85.65 7.09 -12.47
N ALA C 111 -85.87 8.09 -13.32
CA ALA C 111 -84.73 8.74 -14.02
C ALA C 111 -83.72 9.52 -13.16
N ASP C 112 -84.18 10.19 -12.12
CA ASP C 112 -83.31 10.95 -11.24
C ASP C 112 -82.21 10.16 -10.61
N ALA C 113 -82.53 8.99 -10.08
CA ALA C 113 -81.51 8.16 -9.42
C ALA C 113 -80.40 7.79 -10.38
N HIS C 114 -80.79 7.49 -11.60
CA HIS C 114 -79.79 7.22 -12.63
C HIS C 114 -78.83 8.37 -12.81
N SER C 115 -79.40 9.57 -12.98
CA SER C 115 -78.65 10.76 -13.13
C SER C 115 -77.76 10.96 -11.91
N ASN C 116 -78.35 10.97 -10.72
CA ASN C 116 -77.54 11.09 -9.50
C ASN C 116 -76.39 10.09 -9.42
N LEU C 117 -76.63 8.86 -9.87
CA LEU C 117 -75.59 7.85 -9.92
C LEU C 117 -74.48 8.30 -10.90
N ALA C 118 -74.84 8.45 -12.16
CA ALA C 118 -73.93 9.10 -13.08
C ALA C 118 -73.11 10.24 -12.42
N SER C 119 -73.74 11.09 -11.60
CA SER C 119 -72.99 12.17 -10.95
C SER C 119 -71.85 11.67 -10.14
N ILE C 120 -72.14 10.78 -9.22
CA ILE C 120 -71.11 10.17 -8.43
C ILE C 120 -69.99 9.63 -9.30
N HIS C 121 -70.35 9.00 -10.39
CA HIS C 121 -69.32 8.50 -11.22
C HIS C 121 -68.49 9.60 -11.79
N LYS C 122 -69.15 10.61 -12.34
CA LYS C 122 -68.44 11.73 -12.91
C LYS C 122 -67.50 12.33 -11.92
N ASP C 123 -67.98 12.67 -10.71
CA ASP C 123 -67.13 13.20 -9.65
C ASP C 123 -66.04 12.23 -9.29
N SER C 124 -66.25 10.95 -9.51
CA SER C 124 -65.17 10.04 -9.15
C SER C 124 -64.15 9.92 -10.24
N GLY C 125 -64.37 10.55 -11.38
CA GLY C 125 -63.44 10.32 -12.42
C GLY C 125 -63.92 9.30 -13.40
N ASN C 126 -64.77 8.37 -13.05
CA ASN C 126 -65.12 7.46 -14.14
C ASN C 126 -66.15 8.02 -15.08
N ILE C 127 -65.70 8.51 -16.22
CA ILE C 127 -66.56 9.23 -17.14
C ILE C 127 -67.41 8.30 -17.96
N PRO C 128 -66.79 7.33 -18.61
CA PRO C 128 -67.60 6.35 -19.33
C PRO C 128 -68.86 5.89 -18.56
N GLU C 129 -68.74 5.49 -17.28
CA GLU C 129 -69.93 5.01 -16.56
C GLU C 129 -70.89 6.15 -16.32
N ALA C 130 -70.34 7.34 -16.08
CA ALA C 130 -71.17 8.52 -15.87
C ALA C 130 -71.98 8.75 -17.12
N ILE C 131 -71.36 8.58 -18.28
CA ILE C 131 -72.06 8.77 -19.53
C ILE C 131 -73.16 7.73 -19.73
N ALA C 132 -72.87 6.47 -19.45
CA ALA C 132 -73.88 5.46 -19.64
C ALA C 132 -75.09 5.79 -18.78
N SER C 133 -74.84 6.00 -17.48
CA SER C 133 -75.94 6.35 -16.62
C SER C 133 -76.73 7.58 -17.08
N TYR C 134 -76.06 8.68 -17.47
CA TYR C 134 -76.77 9.85 -17.95
C TYR C 134 -77.64 9.46 -19.11
N ARG C 135 -77.10 8.72 -20.04
CA ARG C 135 -77.87 8.32 -21.20
C ARG C 135 -79.10 7.52 -20.82
N THR C 136 -78.97 6.64 -19.85
CA THR C 136 -80.16 5.95 -19.32
C THR C 136 -81.20 6.87 -18.70
N ALA C 137 -80.74 7.78 -17.83
CA ALA C 137 -81.63 8.75 -17.24
C ALA C 137 -82.37 9.45 -18.35
N LEU C 138 -81.65 9.84 -19.40
CA LEU C 138 -82.22 10.61 -20.47
C LEU C 138 -83.20 9.81 -21.29
N LYS C 139 -82.88 8.55 -21.52
CA LYS C 139 -83.76 7.64 -22.21
C LYS C 139 -85.04 7.52 -21.40
N LEU C 140 -84.94 7.33 -20.10
CA LEU C 140 -86.13 7.25 -19.24
C LEU C 140 -86.87 8.58 -19.14
N LYS C 141 -86.20 9.71 -19.18
CA LYS C 141 -86.94 10.97 -19.07
C LYS C 141 -86.22 11.95 -19.93
N PRO C 142 -86.72 12.14 -21.14
CA PRO C 142 -85.96 12.81 -22.20
C PRO C 142 -85.92 14.30 -22.00
N ASP C 143 -86.90 14.84 -21.29
CA ASP C 143 -86.72 16.22 -20.88
C ASP C 143 -86.11 16.26 -19.48
N PHE C 144 -84.79 16.46 -19.41
CA PHE C 144 -84.13 16.36 -18.13
C PHE C 144 -82.89 17.20 -18.15
N PRO C 145 -83.02 18.45 -17.76
CA PRO C 145 -81.93 19.42 -17.82
C PRO C 145 -80.66 18.97 -17.10
N ASP C 146 -80.71 18.69 -15.80
CA ASP C 146 -79.49 18.24 -15.11
C ASP C 146 -78.76 17.11 -15.81
N ALA C 147 -79.42 15.99 -16.05
CA ALA C 147 -78.84 14.95 -16.88
C ALA C 147 -78.25 15.49 -18.15
N TYR C 148 -79.01 16.18 -18.97
CA TYR C 148 -78.47 16.63 -20.25
C TYR C 148 -77.20 17.46 -20.08
N CYS C 149 -77.23 18.45 -19.20
CA CYS C 149 -76.08 19.34 -19.05
C CYS C 149 -74.84 18.66 -18.57
N ASN C 150 -74.99 17.85 -17.55
CA ASN C 150 -73.88 17.02 -17.13
C ASN C 150 -73.33 16.13 -18.22
N LEU C 151 -74.22 15.40 -18.88
CA LEU C 151 -73.80 14.54 -19.95
C LEU C 151 -73.02 15.36 -20.96
N ALA C 152 -73.56 16.53 -21.27
CA ALA C 152 -72.92 17.41 -22.22
C ALA C 152 -71.47 17.75 -21.88
N HIS C 153 -71.24 17.92 -20.59
CA HIS C 153 -69.92 18.16 -20.10
C HIS C 153 -69.03 16.95 -20.15
N CYS C 154 -69.56 15.80 -19.79
CA CYS C 154 -68.79 14.59 -19.93
C CYS C 154 -68.33 14.47 -21.37
N LEU C 155 -69.25 14.65 -22.30
CA LEU C 155 -68.87 14.48 -23.67
C LEU C 155 -67.81 15.46 -23.99
N GLN C 156 -67.96 16.67 -23.47
CA GLN C 156 -66.99 17.73 -23.74
C GLN C 156 -65.59 17.32 -23.39
N ILE C 157 -65.51 16.60 -22.28
CA ILE C 157 -64.27 16.23 -21.64
C ILE C 157 -63.47 15.17 -22.35
N VAL C 158 -64.19 14.30 -23.05
CA VAL C 158 -63.57 13.18 -23.76
C VAL C 158 -63.63 13.49 -25.25
N CYS C 159 -63.93 14.75 -25.55
CA CYS C 159 -64.04 15.16 -26.92
C CYS C 159 -64.92 14.27 -27.73
N ASP C 160 -66.08 13.93 -27.19
CA ASP C 160 -67.13 13.38 -28.03
C ASP C 160 -67.88 14.55 -28.65
N TRP C 161 -67.72 14.68 -29.95
CA TRP C 161 -68.40 15.79 -30.58
C TRP C 161 -69.57 15.42 -31.44
N THR C 162 -70.22 14.30 -31.16
CA THR C 162 -71.42 13.93 -31.85
C THR C 162 -72.47 15.03 -31.65
N ASP C 163 -73.04 15.53 -32.75
CA ASP C 163 -74.19 16.45 -32.75
C ASP C 163 -73.90 17.77 -32.15
N TYR C 164 -72.61 18.01 -32.04
CA TYR C 164 -72.10 19.13 -31.33
C TYR C 164 -72.92 20.38 -31.48
N ASP C 165 -73.18 20.80 -32.72
CA ASP C 165 -73.64 22.16 -32.93
C ASP C 165 -74.99 22.26 -32.34
N GLU C 166 -75.74 21.19 -32.58
CA GLU C 166 -77.11 21.06 -32.15
C GLU C 166 -77.20 20.91 -30.60
N ARG C 167 -76.18 20.30 -30.01
CA ARG C 167 -76.04 20.17 -28.55
C ARG C 167 -75.86 21.53 -27.94
N MET C 168 -74.99 22.31 -28.52
CA MET C 168 -74.79 23.63 -28.03
C MET C 168 -76.13 24.38 -28.01
N LYS C 169 -76.82 24.39 -29.15
CA LYS C 169 -78.08 25.10 -29.23
C LYS C 169 -78.91 24.70 -28.02
N LYS C 170 -79.06 23.36 -27.87
CA LYS C 170 -79.92 22.85 -26.83
C LYS C 170 -79.54 23.33 -25.41
N LEU C 171 -78.25 23.39 -25.15
CA LEU C 171 -77.79 23.90 -23.87
C LEU C 171 -78.28 25.29 -23.66
N VAL C 172 -78.02 26.15 -24.62
CA VAL C 172 -78.38 27.52 -24.52
C VAL C 172 -79.87 27.65 -24.29
N SER C 173 -80.61 26.99 -25.16
CA SER C 173 -82.03 26.94 -25.03
C SER C 173 -82.49 26.53 -23.58
N ILE C 174 -81.88 25.47 -23.02
CA ILE C 174 -82.18 25.01 -21.67
C ILE C 174 -81.93 26.07 -20.63
N VAL C 175 -80.81 26.74 -20.75
CA VAL C 175 -80.40 27.75 -19.79
C VAL C 175 -81.39 28.88 -19.88
N ALA C 176 -81.58 29.36 -21.11
CA ALA C 176 -82.46 30.47 -21.35
C ALA C 176 -83.76 30.13 -20.64
N ASP C 177 -84.24 28.92 -20.91
CA ASP C 177 -85.49 28.51 -20.36
C ASP C 177 -85.44 28.60 -18.83
N GLN C 178 -84.52 27.87 -18.21
CA GLN C 178 -84.43 27.80 -16.77
C GLN C 178 -84.31 29.16 -16.11
N LEU C 179 -83.57 30.06 -16.75
CA LEU C 179 -83.27 31.37 -16.15
C LEU C 179 -84.53 32.14 -16.04
N GLU C 180 -85.13 32.34 -17.21
CA GLU C 180 -86.32 33.13 -17.31
C GLU C 180 -87.44 32.52 -16.43
N LYS C 181 -87.57 31.19 -16.42
CA LYS C 181 -88.49 30.50 -15.50
C LYS C 181 -87.99 30.52 -14.06
N ASN C 182 -87.10 31.43 -13.75
CA ASN C 182 -86.54 31.51 -12.41
C ASN C 182 -86.18 30.18 -11.65
N ARG C 183 -85.57 29.21 -12.34
CA ARG C 183 -85.14 27.95 -11.69
C ARG C 183 -83.61 27.97 -11.70
N LEU C 184 -82.92 27.30 -10.76
CA LEU C 184 -81.42 27.22 -10.74
C LEU C 184 -80.78 26.49 -11.94
N PRO C 185 -79.94 27.16 -12.72
CA PRO C 185 -79.57 26.55 -14.01
C PRO C 185 -78.68 25.31 -13.93
N SER C 186 -78.91 24.44 -14.91
CA SER C 186 -78.23 23.15 -14.96
C SER C 186 -76.77 23.22 -15.39
N VAL C 187 -76.37 24.25 -16.12
CA VAL C 187 -74.97 24.42 -16.50
C VAL C 187 -74.25 25.01 -15.33
N HIS C 188 -73.07 24.50 -15.02
CA HIS C 188 -72.37 25.01 -13.86
C HIS C 188 -71.57 26.22 -14.27
N PRO C 189 -71.46 27.23 -13.41
CA PRO C 189 -70.83 28.52 -13.74
C PRO C 189 -69.43 28.37 -14.28
N HIS C 190 -68.75 27.32 -13.81
CA HIS C 190 -67.44 27.05 -14.30
C HIS C 190 -67.47 26.57 -15.70
N HIS C 191 -68.37 25.65 -16.01
CA HIS C 191 -68.49 25.14 -17.35
C HIS C 191 -69.05 26.15 -18.28
N SER C 192 -69.82 27.11 -17.76
CA SER C 192 -70.50 28.10 -18.62
C SER C 192 -69.52 28.65 -19.65
N MET C 193 -68.28 28.80 -19.21
CA MET C 193 -67.28 29.42 -20.05
C MET C 193 -67.06 28.67 -21.34
N LEU C 194 -67.50 27.41 -21.42
CA LEU C 194 -67.22 26.57 -22.59
C LEU C 194 -68.27 26.66 -23.70
N TYR C 195 -69.47 27.06 -23.33
CA TYR C 195 -70.54 26.98 -24.31
C TYR C 195 -70.92 28.36 -24.80
N PRO C 196 -71.36 28.45 -26.05
CA PRO C 196 -71.77 29.72 -26.65
C PRO C 196 -72.94 30.34 -25.93
N LEU C 197 -72.74 30.94 -24.77
CA LEU C 197 -73.85 31.64 -24.11
C LEU C 197 -73.53 33.12 -24.11
N SER C 198 -74.57 33.94 -23.99
CA SER C 198 -74.39 35.38 -23.91
C SER C 198 -73.72 35.71 -22.59
N HIS C 199 -72.83 36.68 -22.61
CA HIS C 199 -72.27 37.18 -21.37
C HIS C 199 -73.31 37.43 -20.36
N GLY C 200 -74.46 37.92 -20.81
CA GLY C 200 -75.62 38.04 -19.95
C GLY C 200 -75.93 36.75 -19.17
N PHE C 201 -76.04 35.66 -19.91
CA PHE C 201 -76.37 34.37 -19.31
C PHE C 201 -75.31 33.90 -18.33
N ARG C 202 -74.06 33.97 -18.78
CA ARG C 202 -72.95 33.46 -17.94
C ARG C 202 -73.08 34.07 -16.55
N LYS C 203 -73.28 35.39 -16.58
CA LYS C 203 -73.31 36.18 -15.37
C LYS C 203 -74.46 35.76 -14.52
N ALA C 204 -75.59 35.56 -15.14
CA ALA C 204 -76.77 35.14 -14.40
C ALA C 204 -76.55 33.76 -13.75
N ILE C 205 -75.81 32.90 -14.43
CA ILE C 205 -75.56 31.58 -13.86
C ILE C 205 -74.74 31.69 -12.57
N ALA C 206 -73.63 32.41 -12.73
CA ALA C 206 -72.82 32.81 -11.59
C ALA C 206 -73.71 33.38 -10.47
N GLU C 207 -74.48 34.38 -10.86
CA GLU C 207 -75.44 35.01 -9.98
C GLU C 207 -76.25 34.03 -9.12
N ARG C 208 -76.83 33.00 -9.76
CA ARG C 208 -77.74 32.09 -9.10
C ARG C 208 -76.97 31.18 -8.20
N HIS C 209 -75.80 30.80 -8.68
CA HIS C 209 -74.95 29.98 -7.84
C HIS C 209 -74.52 30.73 -6.63
N GLY C 210 -74.32 32.05 -6.77
CA GLY C 210 -74.03 32.93 -5.63
C GLY C 210 -75.09 32.86 -4.53
N ASN C 211 -76.35 32.99 -4.95
CA ASN C 211 -77.48 32.99 -4.00
C ASN C 211 -77.61 31.77 -3.17
N LEU C 212 -77.18 30.63 -3.72
CA LEU C 212 -77.16 29.42 -2.97
C LEU C 212 -76.45 29.55 -1.63
N CYS C 213 -75.42 30.41 -1.64
CA CYS C 213 -74.64 30.66 -0.46
C CYS C 213 -75.49 31.47 0.44
N LEU C 214 -76.14 32.50 -0.12
CA LEU C 214 -77.03 33.30 0.70
C LEU C 214 -77.98 32.43 1.52
N ASP C 215 -78.71 31.50 0.89
CA ASP C 215 -79.66 30.64 1.64
C ASP C 215 -78.97 29.91 2.77
N LYS C 216 -77.74 29.49 2.48
CA LYS C 216 -76.97 28.71 3.45
C LYS C 216 -76.45 29.54 4.65
N ILE C 217 -76.24 30.85 4.47
CA ILE C 217 -75.85 31.72 5.61
C ILE C 217 -77.01 32.46 6.26
N ASN C 218 -78.09 32.64 5.50
CA ASN C 218 -79.30 33.31 6.04
C ASN C 218 -79.85 32.66 7.24
N VAL C 219 -79.76 31.36 7.29
CA VAL C 219 -80.27 30.64 8.41
C VAL C 219 -79.33 30.74 9.62
N LEU C 220 -78.18 31.39 9.44
CA LEU C 220 -77.31 31.68 10.60
C LEU C 220 -77.71 32.96 11.32
N HIS C 221 -78.47 33.80 10.62
CA HIS C 221 -79.06 35.02 11.18
C HIS C 221 -77.99 35.81 11.82
N LYS C 222 -77.01 36.20 11.04
CA LYS C 222 -75.93 36.90 11.66
C LYS C 222 -76.03 38.37 11.33
N PRO C 223 -75.79 39.20 12.35
CA PRO C 223 -75.77 40.65 12.18
C PRO C 223 -74.62 41.00 11.26
N PRO C 224 -74.79 42.02 10.43
CA PRO C 224 -73.66 42.53 9.63
C PRO C 224 -72.40 42.74 10.45
N TYR C 225 -71.22 42.71 9.83
CA TYR C 225 -70.00 42.85 10.59
C TYR C 225 -69.55 44.28 10.67
N GLU C 226 -68.95 44.60 11.80
CA GLU C 226 -68.34 45.88 12.00
C GLU C 226 -67.02 45.99 11.23
N HIS C 227 -66.93 46.72 10.13
CA HIS C 227 -65.61 46.71 9.45
C HIS C 227 -64.64 47.76 9.86
N PRO C 228 -63.35 47.42 10.04
CA PRO C 228 -62.36 48.46 10.40
C PRO C 228 -62.32 49.63 9.41
N LYS C 229 -61.99 50.83 9.92
CA LYS C 229 -62.02 52.05 9.08
C LYS C 229 -60.70 52.83 8.88
N ASP C 230 -59.63 52.31 9.45
CA ASP C 230 -58.35 52.96 9.35
C ASP C 230 -57.35 51.87 9.55
N LEU C 231 -56.08 52.21 9.37
CA LEU C 231 -55.03 51.25 9.66
C LEU C 231 -54.45 51.46 11.04
N LYS C 232 -55.29 51.94 11.94
CA LYS C 232 -54.79 52.31 13.24
C LYS C 232 -54.53 51.05 14.04
N LEU C 233 -55.53 50.18 14.13
CA LEU C 233 -55.45 49.00 14.98
C LEU C 233 -54.36 48.05 14.52
N SER C 234 -54.09 48.05 13.22
CA SER C 234 -53.19 47.09 12.58
C SER C 234 -51.91 47.80 12.28
N ASP C 235 -51.68 48.87 13.02
CA ASP C 235 -50.38 49.49 13.04
C ASP C 235 -49.89 50.04 11.69
N GLY C 236 -50.81 50.55 10.88
CA GLY C 236 -50.42 51.14 9.59
C GLY C 236 -50.45 50.14 8.48
N ARG C 237 -50.41 48.87 8.85
CA ARG C 237 -50.33 47.84 7.86
C ARG C 237 -51.75 47.48 7.45
N LEU C 238 -51.96 47.36 6.13
CA LEU C 238 -53.15 46.76 5.55
C LEU C 238 -53.19 45.20 5.77
N ARG C 239 -54.34 44.65 6.12
CA ARG C 239 -54.41 43.24 6.38
C ARG C 239 -55.13 42.54 5.28
N VAL C 240 -54.39 41.64 4.61
CA VAL C 240 -54.92 40.91 3.51
C VAL C 240 -55.11 39.43 3.76
N GLY C 241 -56.32 38.95 3.53
CA GLY C 241 -56.63 37.57 3.74
C GLY C 241 -56.73 36.81 2.42
N TYR C 242 -55.88 35.79 2.28
CA TYR C 242 -56.01 34.89 1.16
C TYR C 242 -56.75 33.63 1.53
N VAL C 243 -57.76 33.32 0.74
CA VAL C 243 -58.60 32.20 1.08
C VAL C 243 -58.67 31.19 -0.05
N SER C 244 -58.05 30.03 0.21
CA SER C 244 -57.97 29.00 -0.79
C SER C 244 -57.99 27.65 -0.18
N SER C 245 -58.67 26.78 -0.90
CA SER C 245 -58.63 25.38 -0.57
C SER C 245 -57.46 24.75 -1.25
N ASP C 246 -56.60 25.55 -1.89
CA ASP C 246 -55.47 24.98 -2.62
C ASP C 246 -54.06 25.37 -2.13
N PHE C 247 -53.90 25.59 -0.84
CA PHE C 247 -52.57 25.74 -0.33
C PHE C 247 -52.01 24.36 -0.14
N GLY C 248 -51.23 23.96 -1.13
CA GLY C 248 -50.68 22.61 -1.19
C GLY C 248 -50.51 22.29 -2.65
N ASN C 249 -50.30 21.03 -2.94
CA ASN C 249 -49.94 20.71 -4.28
C ASN C 249 -51.14 20.83 -5.26
N HIS C 250 -51.30 22.01 -5.84
CA HIS C 250 -52.36 22.27 -6.76
C HIS C 250 -51.93 23.54 -7.50
N PRO C 251 -52.43 23.73 -8.76
CA PRO C 251 -51.95 24.85 -9.58
C PRO C 251 -51.85 26.19 -8.88
N THR C 252 -52.93 26.61 -8.22
CA THR C 252 -52.82 27.83 -7.41
C THR C 252 -51.47 28.01 -6.69
N SER C 253 -51.09 27.04 -5.86
CA SER C 253 -49.85 27.12 -5.14
C SER C 253 -48.66 27.15 -6.11
N HIS C 254 -48.75 26.39 -7.20
CA HIS C 254 -47.70 26.46 -8.17
C HIS C 254 -47.56 27.78 -8.84
N LEU C 255 -48.57 28.66 -8.70
CA LEU C 255 -48.46 29.98 -9.28
C LEU C 255 -48.05 30.94 -8.22
N MET C 256 -48.76 30.94 -7.09
CA MET C 256 -48.52 32.02 -6.18
C MET C 256 -47.77 31.76 -4.85
N GLN C 257 -47.32 30.53 -4.58
CA GLN C 257 -46.64 30.22 -3.28
C GLN C 257 -45.63 31.29 -2.86
N SER C 258 -45.01 31.92 -3.85
CA SER C 258 -43.95 32.85 -3.50
C SER C 258 -44.43 34.18 -2.96
N ILE C 259 -45.68 34.53 -3.30
CA ILE C 259 -46.25 35.84 -3.04
C ILE C 259 -46.50 36.24 -1.60
N PRO C 260 -47.13 35.40 -0.80
CA PRO C 260 -47.27 35.74 0.60
C PRO C 260 -45.93 36.10 1.16
N GLY C 261 -44.96 35.20 0.97
CA GLY C 261 -43.56 35.59 1.22
C GLY C 261 -43.08 37.00 0.80
N MET C 262 -43.48 37.46 -0.37
CA MET C 262 -42.89 38.67 -0.90
C MET C 262 -43.57 39.99 -0.54
N HIS C 263 -44.63 39.90 0.25
CA HIS C 263 -45.28 41.11 0.71
C HIS C 263 -44.41 41.96 1.59
N ASN C 264 -44.58 43.27 1.50
CA ASN C 264 -43.81 44.20 2.33
C ASN C 264 -44.41 44.32 3.71
N PRO C 265 -43.70 43.75 4.69
CA PRO C 265 -44.13 43.68 6.08
C PRO C 265 -44.35 45.05 6.67
N ASP C 266 -43.69 46.06 6.11
CA ASP C 266 -43.86 47.40 6.62
C ASP C 266 -45.29 47.88 6.42
N LYS C 267 -45.92 47.48 5.34
CA LYS C 267 -47.20 48.01 4.99
C LYS C 267 -48.29 46.97 4.99
N PHE C 268 -47.92 45.72 5.01
CA PHE C 268 -48.94 44.72 4.88
C PHE C 268 -48.81 43.59 5.88
N GLU C 269 -49.96 43.08 6.30
CA GLU C 269 -49.97 41.92 7.14
C GLU C 269 -50.77 40.82 6.43
N VAL C 270 -50.09 39.72 6.15
CA VAL C 270 -50.65 38.62 5.35
C VAL C 270 -51.29 37.45 6.13
N PHE C 271 -52.57 37.19 5.88
CA PHE C 271 -53.19 36.07 6.53
C PHE C 271 -53.59 35.07 5.46
N CYS C 272 -53.22 33.82 5.65
CA CYS C 272 -53.66 32.82 4.71
C CYS C 272 -54.64 31.95 5.39
N TYR C 273 -55.79 31.76 4.75
CA TYR C 273 -56.83 30.94 5.33
C TYR C 273 -56.97 29.69 4.52
N ALA C 274 -56.50 28.55 5.03
CA ALA C 274 -56.58 27.33 4.21
C ALA C 274 -57.98 26.79 4.34
N LEU C 275 -58.58 26.41 3.24
CA LEU C 275 -59.87 25.76 3.33
C LEU C 275 -59.74 24.27 3.31
N SER C 276 -58.50 23.76 3.39
CA SER C 276 -58.12 22.36 3.15
C SER C 276 -57.12 21.94 4.21
N PRO C 277 -57.13 20.66 4.58
CA PRO C 277 -56.15 20.17 5.53
C PRO C 277 -54.76 20.07 4.89
N ASP C 278 -53.73 20.10 5.72
CA ASP C 278 -52.36 20.17 5.22
C ASP C 278 -52.08 18.91 4.48
N ASP C 279 -51.80 19.03 3.18
CA ASP C 279 -51.54 17.84 2.43
C ASP C 279 -50.12 17.18 2.56
N GLY C 280 -49.20 17.79 3.30
CA GLY C 280 -47.89 17.21 3.41
C GLY C 280 -46.91 17.96 2.57
N THR C 281 -47.28 18.25 1.34
CA THR C 281 -46.39 18.92 0.39
C THR C 281 -45.71 20.25 0.80
N ASN C 282 -44.58 20.55 0.17
CA ASN C 282 -43.79 21.72 0.58
C ASN C 282 -44.46 22.94 0.17
N PHE C 283 -45.50 22.80 -0.65
CA PHE C 283 -46.20 23.99 -1.06
C PHE C 283 -46.86 24.48 0.19
N ARG C 284 -47.56 23.58 0.86
CA ARG C 284 -48.29 23.96 2.06
C ARG C 284 -47.24 24.49 3.02
N VAL C 285 -46.10 23.82 3.12
CA VAL C 285 -45.09 24.21 4.10
C VAL C 285 -44.62 25.63 3.86
N LYS C 286 -44.36 25.96 2.61
CA LYS C 286 -43.79 27.24 2.31
C LYS C 286 -44.75 28.32 2.72
N VAL C 287 -46.01 28.22 2.25
CA VAL C 287 -46.99 29.22 2.56
C VAL C 287 -47.22 29.35 4.07
N MET C 288 -47.25 28.26 4.82
CA MET C 288 -47.35 28.38 6.30
C MET C 288 -46.15 29.06 6.86
N ALA C 289 -44.97 28.69 6.33
CA ALA C 289 -43.73 29.34 6.77
C ALA C 289 -43.71 30.84 6.51
N GLU C 290 -44.24 31.27 5.40
CA GLU C 290 -44.02 32.63 4.96
C GLU C 290 -45.12 33.59 5.20
N ALA C 291 -46.37 33.16 5.29
CA ALA C 291 -47.41 34.12 5.60
C ALA C 291 -47.13 34.68 7.00
N ASN C 292 -47.56 35.91 7.23
CA ASN C 292 -47.64 36.40 8.60
C ASN C 292 -48.49 35.54 9.52
N HIS C 293 -49.63 35.05 9.02
CA HIS C 293 -50.46 34.14 9.78
C HIS C 293 -51.07 33.16 8.90
N PHE C 294 -50.97 31.90 9.32
CA PHE C 294 -51.62 30.91 8.56
C PHE C 294 -52.72 30.38 9.42
N ILE C 295 -53.91 30.29 8.86
CA ILE C 295 -55.07 29.82 9.61
C ILE C 295 -55.79 28.66 8.94
N ASP C 296 -55.91 27.54 9.63
CA ASP C 296 -56.50 26.38 8.98
C ASP C 296 -57.99 26.36 9.15
N LEU C 297 -58.75 26.77 8.16
CA LEU C 297 -60.18 26.75 8.38
C LEU C 297 -60.86 25.42 8.14
N SER C 298 -60.16 24.44 7.59
CA SER C 298 -60.77 23.14 7.39
C SER C 298 -61.09 22.64 8.77
N GLN C 299 -60.45 23.26 9.77
CA GLN C 299 -60.73 23.03 11.21
C GLN C 299 -62.01 23.58 11.70
N ILE C 300 -62.61 24.49 10.97
CA ILE C 300 -63.75 25.18 11.50
C ILE C 300 -64.86 25.07 10.49
N PRO C 301 -65.56 23.91 10.53
CA PRO C 301 -66.57 23.55 9.56
C PRO C 301 -67.68 24.58 9.53
N CYS C 302 -67.98 25.17 10.70
CA CYS C 302 -69.04 26.18 10.77
C CYS C 302 -68.71 27.51 10.09
N ASN C 303 -69.48 27.92 9.08
CA ASN C 303 -69.21 29.21 8.43
C ASN C 303 -69.37 30.43 9.30
N GLY C 304 -70.35 30.37 10.18
CA GLY C 304 -70.46 31.31 11.27
C GLY C 304 -69.13 31.47 11.97
N LYS C 305 -68.60 30.38 12.54
CA LYS C 305 -67.38 30.44 13.35
C LYS C 305 -66.18 30.89 12.53
N ALA C 306 -66.09 30.37 11.31
CA ALA C 306 -65.01 30.71 10.44
C ALA C 306 -65.07 32.17 10.09
N ALA C 307 -66.20 32.58 9.54
CA ALA C 307 -66.35 33.99 9.17
C ALA C 307 -66.02 34.90 10.32
N ASP C 308 -66.32 34.47 11.54
CA ASP C 308 -66.01 35.24 12.72
C ASP C 308 -64.52 35.34 12.86
N ARG C 309 -63.88 34.18 12.82
CA ARG C 309 -62.45 34.06 12.91
C ARG C 309 -61.71 34.97 11.94
N ILE C 310 -62.33 35.25 10.80
CA ILE C 310 -61.68 36.17 9.88
C ILE C 310 -61.81 37.57 10.43
N HIS C 311 -63.05 37.95 10.70
CA HIS C 311 -63.38 39.28 11.12
C HIS C 311 -62.60 39.68 12.35
N GLN C 312 -62.71 38.83 13.36
CA GLN C 312 -61.77 38.67 14.42
C GLN C 312 -60.33 39.09 14.09
N ASP C 313 -59.79 38.68 12.94
CA ASP C 313 -58.36 38.92 12.69
C ASP C 313 -58.15 40.33 12.19
N GLY C 314 -59.25 40.91 11.71
CA GLY C 314 -59.30 42.33 11.39
C GLY C 314 -58.93 42.64 9.96
N ILE C 315 -59.35 41.76 9.05
CA ILE C 315 -58.98 41.84 7.66
C ILE C 315 -59.63 43.02 6.96
N HIS C 316 -58.81 43.80 6.27
CA HIS C 316 -59.30 44.85 5.42
C HIS C 316 -59.67 44.37 4.09
N ILE C 317 -58.78 43.62 3.44
CA ILE C 317 -59.12 42.95 2.16
C ILE C 317 -59.09 41.40 2.17
N LEU C 318 -60.21 40.80 1.83
CA LEU C 318 -60.32 39.36 1.74
C LEU C 318 -60.34 38.96 0.26
N VAL C 319 -59.47 38.00 -0.09
CA VAL C 319 -59.25 37.60 -1.45
C VAL C 319 -59.78 36.20 -1.66
N ASN C 320 -60.56 36.03 -2.73
CA ASN C 320 -61.18 34.78 -2.99
C ASN C 320 -60.45 34.05 -4.10
N MET C 321 -59.60 33.12 -3.72
CA MET C 321 -58.87 32.42 -4.75
C MET C 321 -59.59 31.22 -5.30
N ASN C 322 -60.89 31.12 -5.07
CA ASN C 322 -61.60 29.87 -5.34
C ASN C 322 -62.76 29.93 -6.35
N GLY C 323 -63.46 31.04 -6.41
CA GLY C 323 -64.68 31.09 -7.19
C GLY C 323 -65.52 29.82 -7.05
N TYR C 324 -65.96 29.25 -8.17
CA TYR C 324 -66.92 28.19 -8.15
C TYR C 324 -66.19 26.95 -8.54
N THR C 325 -65.23 26.63 -7.71
CA THR C 325 -64.41 25.46 -7.95
C THR C 325 -64.39 24.57 -6.73
N LYS C 326 -63.91 23.33 -6.88
CA LYS C 326 -63.89 22.35 -5.80
C LYS C 326 -63.23 22.96 -4.58
N GLY C 327 -63.88 22.77 -3.43
CA GLY C 327 -63.22 23.14 -2.18
C GLY C 327 -63.67 24.47 -1.65
N ALA C 328 -64.37 25.23 -2.50
CA ALA C 328 -64.69 26.63 -2.27
C ALA C 328 -65.65 26.78 -1.10
N ARG C 329 -65.58 27.92 -0.40
CA ARG C 329 -66.51 28.15 0.71
C ARG C 329 -66.92 29.58 0.68
N ASN C 330 -67.70 29.91 -0.32
CA ASN C 330 -68.05 31.30 -0.52
C ASN C 330 -69.00 31.82 0.57
N GLU C 331 -69.85 30.94 1.11
CA GLU C 331 -70.57 31.29 2.32
C GLU C 331 -69.69 32.23 3.11
N LEU C 332 -68.38 31.97 3.25
CA LEU C 332 -67.53 32.91 4.01
C LEU C 332 -67.59 34.31 3.46
N PHE C 333 -67.53 34.46 2.15
CA PHE C 333 -67.52 35.82 1.58
C PHE C 333 -68.86 36.46 1.69
N ALA C 334 -69.89 35.65 1.42
CA ALA C 334 -71.29 36.01 1.57
C ALA C 334 -71.57 36.60 2.93
N LEU C 335 -71.06 36.01 4.01
CA LEU C 335 -71.12 36.62 5.34
C LEU C 335 -70.42 38.00 5.46
N ARG C 336 -69.75 38.44 4.40
CA ARG C 336 -69.10 39.73 4.33
C ARG C 336 -68.28 40.15 5.58
N PRO C 337 -67.20 39.42 5.92
CA PRO C 337 -66.41 39.69 7.14
C PRO C 337 -65.43 40.78 6.93
N ALA C 338 -65.19 41.14 5.68
CA ALA C 338 -64.22 42.20 5.48
C ALA C 338 -64.84 43.23 4.60
N PRO C 339 -64.37 44.47 4.75
CA PRO C 339 -64.82 45.65 3.98
C PRO C 339 -64.71 45.49 2.48
N ILE C 340 -63.59 44.90 2.06
CA ILE C 340 -63.31 44.69 0.65
C ILE C 340 -63.09 43.24 0.33
N GLN C 341 -63.73 42.76 -0.72
CA GLN C 341 -63.63 41.37 -1.04
C GLN C 341 -63.40 41.21 -2.56
N ALA C 342 -62.21 40.72 -2.92
CA ALA C 342 -61.80 40.62 -4.31
C ALA C 342 -61.60 39.21 -4.80
N MET C 343 -62.05 38.95 -6.02
CA MET C 343 -61.76 37.70 -6.74
C MET C 343 -60.36 37.77 -7.30
N TRP C 344 -59.62 36.67 -7.26
CA TRP C 344 -58.25 36.71 -7.74
C TRP C 344 -57.73 35.38 -8.16
N LEU C 345 -57.08 35.38 -9.33
CA LEU C 345 -56.24 34.27 -9.82
C LEU C 345 -56.88 32.86 -9.98
N GLY C 346 -57.53 32.40 -8.93
CA GLY C 346 -58.00 31.03 -8.86
C GLY C 346 -59.13 30.61 -9.78
N TYR C 347 -60.12 31.51 -9.97
CA TYR C 347 -61.30 31.28 -10.83
C TYR C 347 -61.35 32.33 -11.94
N PRO C 348 -61.51 31.85 -13.20
CA PRO C 348 -61.45 32.61 -14.46
C PRO C 348 -62.86 32.96 -14.96
N GLY C 349 -63.57 33.72 -14.14
CA GLY C 349 -64.89 34.19 -14.49
C GLY C 349 -65.49 35.05 -13.40
N THR C 350 -66.65 35.64 -13.67
CA THR C 350 -67.32 36.40 -12.63
C THR C 350 -68.00 35.51 -11.59
N SER C 351 -68.03 36.03 -10.36
CA SER C 351 -68.75 35.36 -9.27
C SER C 351 -70.21 35.59 -9.48
N GLY C 352 -70.49 36.71 -10.18
CA GLY C 352 -71.82 37.24 -10.40
C GLY C 352 -72.55 37.46 -9.10
N ALA C 353 -71.83 37.83 -8.05
CA ALA C 353 -72.43 37.88 -6.73
C ALA C 353 -72.15 39.20 -6.05
N LEU C 354 -73.17 39.73 -5.37
CA LEU C 354 -73.10 41.03 -4.70
C LEU C 354 -72.01 41.05 -3.64
N PHE C 355 -71.69 39.92 -3.00
CA PHE C 355 -70.63 39.96 -1.97
C PHE C 355 -69.20 40.06 -2.50
N MET C 356 -68.99 40.08 -3.80
CA MET C 356 -67.62 40.20 -4.26
C MET C 356 -67.52 41.55 -4.86
N ASP C 357 -66.67 42.40 -4.29
CA ASP C 357 -66.48 43.79 -4.74
C ASP C 357 -65.68 43.92 -6.03
N TYR C 358 -64.48 43.37 -6.05
CA TYR C 358 -63.67 43.46 -7.23
C TYR C 358 -63.29 42.15 -7.77
N ILE C 359 -63.00 42.14 -9.07
CA ILE C 359 -62.20 41.08 -9.65
C ILE C 359 -60.89 41.65 -10.16
N ILE C 360 -59.81 41.09 -9.64
CA ILE C 360 -58.45 41.46 -10.07
C ILE C 360 -58.11 40.82 -11.39
N THR C 361 -57.87 41.65 -12.38
CA THR C 361 -57.59 41.18 -13.72
C THR C 361 -56.66 42.21 -14.37
N ASP C 362 -56.71 42.35 -15.69
CA ASP C 362 -55.92 43.37 -16.38
C ASP C 362 -56.59 43.89 -17.64
N GLN C 363 -55.97 44.88 -18.22
CA GLN C 363 -56.55 45.45 -19.38
C GLN C 363 -56.78 44.49 -20.60
N GLU C 364 -55.88 43.51 -20.80
CA GLU C 364 -55.96 42.57 -21.93
C GLU C 364 -56.97 41.49 -21.70
N THR C 365 -57.09 41.12 -20.46
CA THR C 365 -57.87 39.98 -20.15
C THR C 365 -59.28 40.46 -20.15
N SER C 366 -59.45 41.66 -19.62
CA SER C 366 -60.78 42.15 -19.42
C SER C 366 -60.87 43.60 -19.90
N PRO C 367 -60.80 43.82 -21.23
CA PRO C 367 -60.92 45.20 -21.68
C PRO C 367 -62.29 45.76 -21.28
N ALA C 368 -62.38 47.08 -21.17
CA ALA C 368 -63.61 47.71 -20.69
C ALA C 368 -64.82 47.45 -21.60
N GLU C 369 -64.59 47.27 -22.91
CA GLU C 369 -65.63 46.79 -23.86
C GLU C 369 -66.48 45.66 -23.29
N VAL C 370 -65.83 44.58 -22.87
CA VAL C 370 -66.53 43.42 -22.37
C VAL C 370 -66.76 43.42 -20.84
N ALA C 371 -66.58 44.58 -20.20
CA ALA C 371 -66.78 44.72 -18.77
C ALA C 371 -68.14 44.28 -18.18
N GLU C 372 -69.12 43.95 -19.01
CA GLU C 372 -70.40 43.59 -18.45
C GLU C 372 -70.57 42.11 -18.20
N GLN C 373 -69.57 41.39 -18.69
CA GLN C 373 -69.33 39.99 -18.37
C GLN C 373 -69.41 39.78 -16.89
N TYR C 374 -68.74 40.72 -16.18
CA TYR C 374 -68.45 40.63 -14.74
C TYR C 374 -69.39 41.45 -13.90
N SER C 375 -69.66 40.97 -12.71
CA SER C 375 -70.52 41.60 -11.76
C SER C 375 -69.65 42.42 -10.80
N GLU C 376 -68.39 42.09 -10.66
CA GLU C 376 -67.52 42.87 -9.77
C GLU C 376 -66.96 44.05 -10.53
N LYS C 377 -66.43 45.03 -9.82
CA LYS C 377 -65.73 46.11 -10.54
C LYS C 377 -64.40 45.55 -10.91
N LEU C 378 -63.88 46.00 -12.04
CA LEU C 378 -62.56 45.60 -12.49
C LEU C 378 -61.48 46.24 -11.66
N ALA C 379 -60.48 45.47 -11.26
CA ALA C 379 -59.30 46.06 -10.66
C ALA C 379 -58.15 45.63 -11.55
N TYR C 380 -57.48 46.58 -12.18
CA TYR C 380 -56.42 46.18 -13.13
C TYR C 380 -55.06 46.05 -12.52
N MET C 381 -54.38 44.97 -12.83
CA MET C 381 -52.95 44.96 -12.65
C MET C 381 -52.40 45.53 -13.92
N PRO C 382 -51.16 46.00 -13.85
CA PRO C 382 -50.61 46.74 -14.96
C PRO C 382 -50.27 45.90 -16.15
N HIS C 383 -49.94 44.62 -16.00
CA HIS C 383 -49.57 43.93 -17.22
C HIS C 383 -50.44 42.80 -17.47
N THR C 384 -50.16 41.76 -16.68
CA THR C 384 -51.08 40.70 -16.60
C THR C 384 -51.33 40.45 -15.14
N PHE C 385 -52.48 39.84 -14.86
CA PHE C 385 -52.86 39.45 -13.51
C PHE C 385 -52.39 38.05 -13.28
N PHE C 386 -52.18 37.29 -14.34
CA PHE C 386 -51.48 36.02 -14.20
C PHE C 386 -50.01 36.08 -13.65
N ILE C 387 -49.60 35.00 -13.00
CA ILE C 387 -48.28 34.92 -12.43
C ILE C 387 -47.88 33.47 -12.20
N GLY C 388 -46.59 33.21 -12.05
CA GLY C 388 -46.13 31.85 -11.86
C GLY C 388 -44.84 31.70 -11.08
N ASP C 389 -44.74 30.55 -10.41
CA ASP C 389 -43.56 30.34 -9.62
C ASP C 389 -42.40 29.75 -10.34
N HIS C 390 -42.47 29.75 -11.65
CA HIS C 390 -41.58 28.90 -12.41
C HIS C 390 -40.18 29.24 -12.16
N ALA C 391 -39.99 30.53 -11.90
CA ALA C 391 -38.68 31.07 -11.74
C ALA C 391 -38.02 30.44 -10.52
N ASN C 392 -38.84 30.26 -9.47
CA ASN C 392 -38.42 29.64 -8.23
C ASN C 392 -38.52 28.13 -8.26
N MET C 393 -39.58 27.59 -8.86
CA MET C 393 -39.77 26.15 -8.83
C MET C 393 -38.88 25.40 -9.76
N PHE C 394 -38.56 26.02 -10.89
CA PHE C 394 -37.86 25.35 -11.96
C PHE C 394 -36.65 26.08 -12.50
N PRO C 395 -35.70 26.42 -11.65
CA PRO C 395 -34.67 27.29 -12.14
C PRO C 395 -33.66 26.50 -12.96
N HIS C 396 -33.73 25.18 -12.94
CA HIS C 396 -32.81 24.48 -13.79
C HIS C 396 -33.12 24.61 -15.25
N LEU C 397 -34.22 25.28 -15.54
CA LEU C 397 -34.62 25.47 -16.93
C LEU C 397 -34.44 26.90 -17.34
N LYS C 398 -33.78 27.68 -16.48
CA LYS C 398 -33.29 29.00 -16.88
C LYS C 398 -32.30 28.83 -18.02
N LYS C 399 -31.43 27.81 -17.97
CA LYS C 399 -30.49 27.53 -19.03
C LYS C 399 -30.59 26.10 -19.63
N LYS C 400 -30.15 25.98 -20.88
CA LYS C 400 -30.05 24.64 -21.48
C LYS C 400 -28.80 24.47 -22.31
N ALA C 401 -28.53 23.24 -22.69
CA ALA C 401 -27.49 22.90 -23.65
C ALA C 401 -28.02 21.72 -24.46
N VAL C 402 -27.49 21.54 -25.67
CA VAL C 402 -27.96 20.48 -26.54
C VAL C 402 -26.86 19.57 -26.99
N ILE C 403 -27.22 18.49 -27.64
CA ILE C 403 -26.24 17.66 -28.27
C ILE C 403 -26.43 17.61 -29.80
N ASP C 404 -25.34 17.72 -30.56
CA ASP C 404 -25.46 17.62 -32.02
C ASP C 404 -25.02 16.27 -32.54
N PHE C 405 -26.00 15.55 -33.05
CA PHE C 405 -25.80 14.20 -33.55
C PHE C 405 -25.82 14.11 -35.11
N LYS C 406 -25.41 15.17 -35.82
CA LYS C 406 -25.43 15.16 -37.29
C LYS C 406 -24.05 14.87 -37.92
N ILE C 411 -28.07 21.67 -36.25
CA ILE C 411 -28.01 22.11 -34.84
C ILE C 411 -29.34 22.63 -34.22
N TYR C 412 -30.06 21.73 -33.60
CA TYR C 412 -31.34 22.08 -33.09
C TYR C 412 -31.36 22.29 -31.58
N ASP C 413 -32.08 23.33 -31.21
CA ASP C 413 -32.33 23.66 -29.81
C ASP C 413 -33.33 22.76 -29.07
N ASN C 414 -33.85 21.71 -29.68
CA ASN C 414 -34.94 21.03 -29.04
C ASN C 414 -35.02 19.56 -29.41
N ARG C 415 -33.88 19.00 -29.74
CA ARG C 415 -33.93 17.61 -30.12
C ARG C 415 -33.43 16.74 -29.00
N ILE C 416 -32.34 17.17 -28.37
CA ILE C 416 -31.77 16.54 -27.18
C ILE C 416 -31.27 17.71 -26.30
N VAL C 417 -31.84 17.77 -25.11
CA VAL C 417 -31.64 18.90 -24.27
C VAL C 417 -31.10 18.51 -22.91
N LEU C 418 -30.22 19.34 -22.36
CA LEU C 418 -29.77 19.08 -21.00
C LEU C 418 -30.08 20.28 -20.17
N ASN C 419 -30.53 20.06 -18.95
CA ASN C 419 -30.66 21.16 -17.99
C ASN C 419 -30.20 20.62 -16.70
N GLY C 420 -29.73 21.55 -15.88
CA GLY C 420 -29.26 21.12 -14.57
C GLY C 420 -28.71 22.30 -13.85
N ILE C 421 -28.71 22.25 -12.53
CA ILE C 421 -28.14 23.36 -11.85
C ILE C 421 -26.63 23.40 -12.03
N ASP C 422 -26.00 22.21 -12.04
CA ASP C 422 -24.56 22.12 -12.22
C ASP C 422 -24.16 21.85 -13.68
N LEU C 423 -25.03 22.18 -14.62
CA LEU C 423 -24.75 21.97 -16.00
C LEU C 423 -23.46 22.67 -16.40
N LYS C 424 -23.38 23.97 -16.08
CA LYS C 424 -22.20 24.80 -16.39
C LYS C 424 -20.97 24.05 -15.97
N ALA C 425 -20.85 23.86 -14.67
CA ALA C 425 -19.82 23.00 -14.11
C ALA C 425 -19.37 21.79 -14.98
N PHE C 426 -20.34 21.11 -15.55
CA PHE C 426 -20.13 19.88 -16.25
C PHE C 426 -19.60 20.14 -17.64
N LEU C 427 -20.22 21.04 -18.36
CA LEU C 427 -19.65 21.44 -19.61
C LEU C 427 -18.15 21.82 -19.50
N ASP C 428 -17.73 22.33 -18.34
CA ASP C 428 -16.36 22.77 -18.21
C ASP C 428 -15.38 21.63 -18.14
N SER C 429 -15.90 20.50 -17.67
CA SER C 429 -15.15 19.25 -17.60
C SER C 429 -15.06 18.66 -18.97
N LEU C 430 -15.85 19.22 -19.86
CA LEU C 430 -15.83 18.75 -21.21
C LEU C 430 -14.76 19.39 -22.07
N PRO C 431 -14.20 18.55 -22.95
CA PRO C 431 -13.35 18.98 -24.03
C PRO C 431 -13.95 20.04 -25.00
N ASP C 432 -15.06 19.69 -25.71
CA ASP C 432 -15.39 20.33 -27.01
C ASP C 432 -16.64 21.16 -27.18
N VAL C 433 -16.98 21.92 -26.19
CA VAL C 433 -18.25 22.55 -26.26
C VAL C 433 -18.27 23.84 -27.11
N LYS C 434 -18.89 23.77 -28.27
CA LYS C 434 -19.10 24.98 -29.08
C LYS C 434 -20.29 25.71 -28.48
N ILE C 435 -20.38 27.01 -28.68
CA ILE C 435 -21.37 27.81 -27.96
C ILE C 435 -22.14 28.76 -28.90
N VAL C 436 -23.09 28.27 -29.68
CA VAL C 436 -24.07 29.15 -30.40
C VAL C 436 -24.55 30.40 -29.66
N LYS C 437 -24.49 31.58 -30.31
CA LYS C 437 -24.93 32.82 -29.67
C LYS C 437 -26.38 33.14 -30.01
N MET C 438 -26.99 34.04 -29.23
CA MET C 438 -28.41 34.32 -29.42
C MET C 438 -28.75 35.79 -29.67
N LEU C 454 -28.95 34.55 -23.10
CA LEU C 454 -27.51 34.31 -23.10
C LEU C 454 -27.08 33.73 -24.50
N ASN C 455 -27.18 32.42 -24.69
CA ASN C 455 -26.52 31.70 -25.80
C ASN C 455 -26.52 30.19 -25.47
N MET C 456 -26.34 29.32 -26.45
CA MET C 456 -26.53 27.91 -26.14
C MET C 456 -25.37 26.94 -26.38
N PRO C 457 -24.81 26.44 -25.31
CA PRO C 457 -23.74 25.47 -25.42
C PRO C 457 -24.16 24.25 -26.18
N VAL C 458 -23.29 23.80 -27.09
CA VAL C 458 -23.52 22.56 -27.81
C VAL C 458 -22.44 21.51 -27.66
N ILE C 459 -22.85 20.39 -27.09
CA ILE C 459 -21.99 19.24 -26.98
C ILE C 459 -21.98 18.59 -28.34
N PRO C 460 -20.78 18.44 -28.92
CA PRO C 460 -20.51 17.73 -30.16
C PRO C 460 -20.68 16.22 -29.97
N MET C 461 -20.70 15.43 -31.03
CA MET C 461 -20.88 14.00 -30.89
C MET C 461 -19.66 13.21 -30.32
N ASN C 462 -19.16 13.55 -29.10
CA ASN C 462 -18.12 12.77 -28.38
C ASN C 462 -18.50 11.29 -28.12
N THR C 463 -17.68 10.60 -27.34
CA THR C 463 -18.10 9.32 -26.79
C THR C 463 -19.05 9.58 -25.64
N ILE C 464 -18.83 10.70 -24.98
CA ILE C 464 -19.72 11.19 -23.95
C ILE C 464 -21.09 11.35 -24.58
N ALA C 465 -21.22 12.23 -25.58
CA ALA C 465 -22.52 12.32 -26.25
C ALA C 465 -23.10 10.93 -26.49
N GLU C 466 -22.27 9.97 -26.83
CA GLU C 466 -22.78 8.64 -27.13
C GLU C 466 -23.33 7.90 -25.97
N ALA C 467 -22.65 8.00 -24.83
CA ALA C 467 -23.03 7.26 -23.61
C ALA C 467 -24.36 7.78 -23.15
N VAL C 468 -24.47 9.10 -23.03
CA VAL C 468 -25.73 9.78 -22.72
C VAL C 468 -26.80 9.24 -23.62
N ILE C 469 -26.68 9.48 -24.91
CA ILE C 469 -27.69 9.04 -25.87
C ILE C 469 -27.95 7.54 -25.76
N GLU C 470 -26.91 6.74 -25.53
CA GLU C 470 -27.12 5.34 -25.32
C GLU C 470 -27.90 5.04 -24.05
N MET C 471 -27.66 5.80 -22.99
CA MET C 471 -28.48 5.62 -21.75
C MET C 471 -29.95 5.76 -22.07
N ILE C 472 -30.29 6.87 -22.75
CA ILE C 472 -31.64 7.18 -23.13
C ILE C 472 -32.24 6.00 -23.86
N ASN C 473 -31.49 5.49 -24.84
CA ASN C 473 -31.96 4.38 -25.67
C ASN C 473 -32.02 3.13 -24.90
N ARG C 474 -31.11 2.87 -23.97
CA ARG C 474 -31.23 1.59 -23.30
C ARG C 474 -32.36 1.72 -22.28
N GLY C 475 -32.90 2.94 -22.16
CA GLY C 475 -33.82 3.30 -21.08
C GLY C 475 -33.27 3.04 -19.68
N GLN C 476 -32.08 3.55 -19.37
CA GLN C 476 -31.54 3.39 -18.05
C GLN C 476 -31.96 4.60 -17.27
N ILE C 477 -31.98 4.46 -15.95
CA ILE C 477 -32.35 5.54 -15.05
C ILE C 477 -31.46 6.79 -15.12
N GLN C 478 -30.13 6.55 -15.11
CA GLN C 478 -29.11 7.58 -15.04
C GLN C 478 -27.69 7.01 -15.19
N ILE C 479 -26.72 7.88 -15.46
CA ILE C 479 -25.34 7.44 -15.52
C ILE C 479 -24.48 8.46 -14.81
N THR C 480 -23.19 8.16 -14.68
CA THR C 480 -22.23 9.19 -14.24
C THR C 480 -21.23 9.56 -15.34
N ILE C 481 -20.70 10.77 -15.37
CA ILE C 481 -19.73 11.16 -16.37
C ILE C 481 -18.90 12.20 -15.66
N ASN C 482 -17.60 11.99 -15.65
CA ASN C 482 -16.71 12.91 -14.92
C ASN C 482 -17.24 13.19 -13.55
N GLY C 483 -18.03 12.24 -13.07
CA GLY C 483 -18.62 12.35 -11.76
C GLY C 483 -19.92 13.09 -11.59
N PHE C 484 -20.46 13.68 -12.67
CA PHE C 484 -21.72 14.39 -12.50
C PHE C 484 -22.81 13.41 -12.78
N SER C 485 -23.92 13.48 -12.04
CA SER C 485 -25.01 12.50 -12.31
C SER C 485 -25.79 13.03 -13.38
N ILE C 486 -26.05 12.13 -14.32
CA ILE C 486 -26.78 12.43 -15.51
C ILE C 486 -28.01 11.54 -15.50
N SER C 487 -29.16 12.19 -15.33
CA SER C 487 -30.40 11.53 -15.09
C SER C 487 -31.24 11.51 -16.35
N ASN C 488 -31.87 10.35 -16.55
CA ASN C 488 -32.80 10.14 -17.65
C ASN C 488 -34.07 10.82 -17.35
N GLY C 489 -34.42 11.87 -18.06
CA GLY C 489 -35.55 12.69 -17.61
C GLY C 489 -36.92 12.10 -17.77
N LEU C 490 -37.00 10.78 -17.67
CA LEU C 490 -38.25 10.04 -17.60
C LEU C 490 -38.27 9.33 -16.33
N ALA C 491 -37.13 9.20 -15.67
CA ALA C 491 -37.06 8.50 -14.40
C ALA C 491 -37.06 9.49 -13.25
N THR C 492 -37.54 10.74 -13.43
CA THR C 492 -37.42 11.65 -12.31
C THR C 492 -37.97 11.09 -11.00
N THR C 493 -39.17 10.53 -11.01
CA THR C 493 -39.78 10.09 -9.74
C THR C 493 -39.00 8.97 -9.09
N GLN C 494 -38.23 8.23 -9.86
CA GLN C 494 -37.46 7.18 -9.25
C GLN C 494 -36.19 7.68 -8.65
N ILE C 495 -35.66 8.77 -9.21
CA ILE C 495 -34.47 9.39 -8.71
C ILE C 495 -34.78 10.27 -7.53
N ASN C 496 -35.85 11.04 -7.62
CA ASN C 496 -36.22 11.93 -6.53
C ASN C 496 -37.60 12.48 -6.68
N ASN C 497 -38.61 11.74 -6.25
CA ASN C 497 -40.02 12.20 -6.34
C ASN C 497 -40.28 13.66 -5.97
N LYS C 498 -39.63 14.22 -4.95
CA LYS C 498 -39.79 15.65 -4.64
C LYS C 498 -39.40 16.57 -5.79
N ALA C 499 -38.37 16.19 -6.58
CA ALA C 499 -37.99 16.98 -7.75
C ALA C 499 -39.11 16.87 -8.77
N ALA C 500 -39.60 15.63 -8.93
CA ALA C 500 -40.54 15.28 -9.99
C ALA C 500 -41.83 16.07 -9.88
N THR C 501 -42.21 16.38 -8.66
CA THR C 501 -43.44 17.12 -8.39
C THR C 501 -43.34 18.65 -8.34
N GLY C 502 -42.16 19.25 -8.25
CA GLY C 502 -42.05 20.68 -8.16
C GLY C 502 -41.71 21.09 -6.75
N GLU C 503 -41.88 20.18 -5.82
CA GLU C 503 -41.46 20.44 -4.45
C GLU C 503 -39.96 20.72 -4.20
N GLU C 504 -39.07 20.15 -5.00
CA GLU C 504 -37.64 20.44 -4.85
C GLU C 504 -37.09 20.82 -6.20
N VAL C 505 -36.01 21.57 -6.22
CA VAL C 505 -35.29 21.72 -7.46
C VAL C 505 -34.39 20.51 -7.64
N PRO C 506 -34.43 19.91 -8.82
CA PRO C 506 -33.57 18.72 -8.99
C PRO C 506 -32.10 19.01 -8.74
N ARG C 507 -31.45 18.03 -8.15
CA ARG C 507 -30.03 18.18 -7.91
C ARG C 507 -29.19 17.35 -8.91
N THR C 508 -29.77 16.90 -10.03
CA THR C 508 -28.99 16.24 -11.04
C THR C 508 -29.09 16.93 -12.33
N ILE C 509 -28.48 16.33 -13.35
CA ILE C 509 -28.46 16.91 -14.69
C ILE C 509 -29.35 16.01 -15.48
N ILE C 510 -30.27 16.60 -16.26
CA ILE C 510 -31.38 15.83 -16.78
C ILE C 510 -31.48 15.89 -18.28
N VAL C 511 -31.58 14.70 -18.85
CA VAL C 511 -31.56 14.59 -20.30
C VAL C 511 -32.98 14.45 -20.78
N THR C 512 -33.39 15.31 -21.70
CA THR C 512 -34.76 15.32 -22.26
C THR C 512 -34.60 15.24 -23.79
N THR C 513 -35.30 14.32 -24.45
CA THR C 513 -35.05 14.05 -25.88
C THR C 513 -36.36 13.74 -26.61
N ARG C 514 -36.48 14.17 -27.88
CA ARG C 514 -37.67 13.85 -28.66
C ARG C 514 -37.86 12.38 -28.76
N SER C 515 -36.79 11.63 -28.85
CA SER C 515 -37.00 10.19 -28.89
C SER C 515 -37.71 9.67 -27.67
N GLN C 516 -37.58 10.33 -26.52
CA GLN C 516 -38.19 9.82 -25.29
C GLN C 516 -39.68 9.74 -25.47
N TYR C 517 -40.28 10.64 -26.25
CA TYR C 517 -41.75 10.68 -26.33
C TYR C 517 -42.23 10.24 -27.73
N GLY C 518 -41.34 9.70 -28.55
CA GLY C 518 -41.77 9.23 -29.86
C GLY C 518 -42.06 10.39 -30.80
N LEU C 519 -41.47 11.54 -30.53
CA LEU C 519 -41.46 12.60 -31.49
C LEU C 519 -40.35 12.40 -32.54
N PRO C 520 -40.59 12.82 -33.77
CA PRO C 520 -39.71 12.81 -34.92
C PRO C 520 -38.56 13.81 -34.86
N GLU C 521 -37.36 13.32 -35.15
CA GLU C 521 -36.16 14.12 -34.90
C GLU C 521 -36.10 15.34 -35.78
N ASP C 522 -36.93 15.37 -36.81
CA ASP C 522 -36.73 16.30 -37.92
C ASP C 522 -38.08 16.81 -38.39
N ALA C 523 -38.91 17.18 -37.42
CA ALA C 523 -40.24 17.63 -37.72
C ALA C 523 -40.50 18.91 -37.03
N ILE C 524 -41.56 19.58 -37.43
CA ILE C 524 -42.02 20.67 -36.62
C ILE C 524 -42.91 20.03 -35.60
N VAL C 525 -42.66 20.30 -34.33
CA VAL C 525 -43.54 19.81 -33.26
C VAL C 525 -44.42 20.92 -32.65
N TYR C 526 -45.72 20.82 -32.91
CA TYR C 526 -46.71 21.70 -32.35
C TYR C 526 -47.36 21.01 -31.18
N CYS C 527 -47.57 21.71 -30.10
CA CYS C 527 -47.99 21.00 -28.90
C CYS C 527 -49.17 21.70 -28.31
N ASN C 528 -49.97 20.93 -27.57
CA ASN C 528 -50.89 21.50 -26.61
C ASN C 528 -51.14 20.56 -25.47
N PHE C 529 -50.68 21.02 -24.30
CA PHE C 529 -50.73 20.23 -23.11
C PHE C 529 -51.94 20.53 -22.20
N ASN C 530 -52.97 21.18 -22.74
CA ASN C 530 -54.20 21.36 -21.95
C ASN C 530 -54.95 20.06 -21.83
N GLN C 531 -55.84 20.02 -20.86
CA GLN C 531 -56.76 18.91 -20.82
C GLN C 531 -57.69 19.04 -22.04
N LEU C 532 -58.15 17.88 -22.54
CA LEU C 532 -58.67 17.87 -23.87
C LEU C 532 -59.99 18.55 -23.91
N TYR C 533 -60.67 18.67 -22.77
CA TYR C 533 -61.94 19.36 -22.80
C TYR C 533 -61.86 20.81 -23.31
N LYS C 534 -60.69 21.43 -23.28
CA LYS C 534 -60.55 22.77 -23.88
C LYS C 534 -60.66 22.80 -25.42
N ILE C 535 -60.67 21.61 -26.00
CA ILE C 535 -60.77 21.50 -27.45
C ILE C 535 -62.23 21.26 -27.90
N ASP C 536 -62.56 22.07 -28.92
CA ASP C 536 -63.75 21.92 -29.72
C ASP C 536 -63.43 21.71 -31.18
N PRO C 537 -64.45 21.30 -31.95
CA PRO C 537 -64.31 20.90 -33.34
C PRO C 537 -63.60 21.94 -34.16
N SER C 538 -63.92 23.19 -33.98
CA SER C 538 -63.32 24.22 -34.83
C SER C 538 -61.88 24.39 -34.49
N THR C 539 -61.54 24.18 -33.22
CA THR C 539 -60.18 24.33 -32.82
C THR C 539 -59.42 23.22 -33.54
N LEU C 540 -59.91 21.99 -33.42
CA LEU C 540 -59.20 20.90 -34.07
C LEU C 540 -59.11 21.16 -35.58
N GLN C 541 -60.17 21.74 -36.14
CA GLN C 541 -60.17 22.14 -37.52
C GLN C 541 -58.91 22.94 -37.81
N MET C 542 -58.74 24.07 -37.14
CA MET C 542 -57.65 24.98 -37.42
C MET C 542 -56.35 24.23 -37.49
N TRP C 543 -56.20 23.38 -36.49
CA TRP C 543 -54.97 22.66 -36.33
C TRP C 543 -54.72 21.74 -37.45
N ALA C 544 -55.77 21.04 -37.87
CA ALA C 544 -55.70 20.23 -39.06
C ALA C 544 -55.17 21.09 -40.23
N ASN C 545 -55.68 22.31 -40.43
CA ASN C 545 -55.29 23.10 -41.61
C ASN C 545 -53.81 23.36 -41.55
N ILE C 546 -53.38 23.75 -40.35
CA ILE C 546 -51.98 24.08 -40.08
C ILE C 546 -51.11 22.90 -40.44
N LEU C 547 -51.47 21.73 -39.98
CA LEU C 547 -50.68 20.57 -40.27
C LEU C 547 -50.61 20.21 -41.74
N LYS C 548 -51.71 20.39 -42.48
CA LYS C 548 -51.68 20.13 -43.91
C LYS C 548 -50.78 21.14 -44.59
N ARG C 549 -50.91 22.42 -44.21
CA ARG C 549 -49.99 23.49 -44.73
C ARG C 549 -48.52 23.42 -44.33
N VAL C 550 -48.16 22.68 -43.30
CA VAL C 550 -46.76 22.65 -42.89
C VAL C 550 -46.39 21.22 -42.93
N PRO C 551 -45.91 20.82 -44.07
CA PRO C 551 -45.97 19.43 -44.47
C PRO C 551 -45.23 18.52 -43.49
N ASN C 552 -44.22 19.05 -42.85
CA ASN C 552 -43.49 18.08 -42.13
C ASN C 552 -43.67 18.01 -40.63
N SER C 553 -44.92 18.04 -40.19
CA SER C 553 -45.18 18.45 -38.81
C SER C 553 -46.05 17.45 -38.08
N VAL C 554 -46.09 17.56 -36.75
CA VAL C 554 -46.98 16.79 -35.90
C VAL C 554 -47.61 17.65 -34.81
N LEU C 555 -48.74 17.19 -34.33
CA LEU C 555 -49.36 17.79 -33.20
C LEU C 555 -49.14 16.88 -31.95
N TRP C 556 -48.79 17.49 -30.82
CA TRP C 556 -48.43 16.71 -29.65
C TRP C 556 -49.44 16.93 -28.60
N LEU C 557 -50.08 15.88 -28.11
CA LEU C 557 -51.12 16.14 -27.11
C LEU C 557 -51.12 15.21 -25.95
N LEU C 558 -51.90 15.49 -24.89
CA LEU C 558 -51.83 14.58 -23.74
C LEU C 558 -53.03 13.71 -23.54
N ARG C 559 -52.82 12.50 -23.06
CA ARG C 559 -53.98 11.58 -22.87
C ARG C 559 -54.59 12.04 -21.61
N PHE C 560 -55.52 12.96 -21.74
CA PHE C 560 -55.91 13.81 -20.63
C PHE C 560 -57.37 14.18 -20.77
N PRO C 561 -58.25 13.20 -20.66
CA PRO C 561 -58.07 11.78 -20.28
C PRO C 561 -57.79 10.90 -21.46
N ALA C 562 -57.29 9.67 -21.21
CA ALA C 562 -56.84 8.79 -22.34
C ALA C 562 -57.97 8.47 -23.25
N VAL C 563 -59.16 8.39 -22.66
CA VAL C 563 -60.32 7.88 -23.38
C VAL C 563 -60.68 8.86 -24.46
N GLY C 564 -60.22 10.10 -24.31
CA GLY C 564 -60.41 11.14 -25.29
C GLY C 564 -59.57 10.92 -26.53
N GLU C 565 -58.47 10.17 -26.43
CA GLU C 565 -57.54 10.09 -27.55
C GLU C 565 -58.19 9.52 -28.81
N PRO C 566 -58.81 8.33 -28.71
CA PRO C 566 -59.40 7.70 -29.90
C PRO C 566 -60.45 8.62 -30.53
N ASN C 567 -61.18 9.36 -29.73
CA ASN C 567 -62.00 10.41 -30.34
C ASN C 567 -61.29 11.46 -31.16
N ILE C 568 -60.18 11.97 -30.66
CA ILE C 568 -59.54 13.00 -31.39
C ILE C 568 -59.02 12.34 -32.63
N GLN C 569 -58.32 11.23 -32.47
CA GLN C 569 -57.82 10.46 -33.61
C GLN C 569 -58.87 10.23 -34.70
N GLN C 570 -60.07 9.87 -34.27
CA GLN C 570 -61.17 9.72 -35.15
C GLN C 570 -61.37 10.96 -36.03
N TYR C 571 -61.84 12.04 -35.40
CA TYR C 571 -62.14 13.30 -36.07
C TYR C 571 -60.97 13.77 -36.94
N ALA C 572 -59.77 13.48 -36.46
CA ALA C 572 -58.53 13.76 -37.15
C ALA C 572 -58.59 13.15 -38.48
N GLN C 573 -59.12 11.93 -38.56
CA GLN C 573 -59.10 11.24 -39.83
C GLN C 573 -60.14 11.67 -40.78
N ASN C 574 -61.24 12.15 -40.25
CA ASN C 574 -62.25 12.70 -41.11
C ASN C 574 -61.81 14.03 -41.60
N MET C 575 -60.82 14.61 -40.97
CA MET C 575 -60.32 15.86 -41.54
C MET C 575 -59.23 15.45 -42.53
N GLY C 576 -59.01 14.12 -42.62
CA GLY C 576 -58.01 13.52 -43.50
C GLY C 576 -56.57 13.68 -43.04
N LEU C 577 -56.23 13.32 -41.81
CA LEU C 577 -54.83 13.35 -41.37
C LEU C 577 -54.53 11.97 -40.93
N PRO C 578 -53.55 11.35 -41.57
CA PRO C 578 -52.99 10.03 -41.22
C PRO C 578 -52.78 9.97 -39.74
N GLN C 579 -53.05 8.84 -39.13
CA GLN C 579 -53.08 8.80 -37.66
C GLN C 579 -51.77 9.33 -37.03
N ASN C 580 -50.64 8.86 -37.55
CA ASN C 580 -49.35 9.26 -37.08
C ASN C 580 -49.03 10.80 -37.16
N ARG C 581 -49.88 11.64 -37.71
CA ARG C 581 -49.62 13.09 -37.65
C ARG C 581 -49.89 13.65 -36.23
N ILE C 582 -50.69 12.94 -35.42
CA ILE C 582 -50.97 13.38 -34.04
C ILE C 582 -50.41 12.43 -33.00
N ILE C 583 -49.64 12.98 -32.07
CA ILE C 583 -48.94 12.13 -31.18
C ILE C 583 -49.34 12.38 -29.73
N PHE C 584 -49.77 11.30 -29.07
CA PHE C 584 -50.21 11.42 -27.68
C PHE C 584 -49.17 10.98 -26.68
N SER C 585 -48.98 11.76 -25.64
CA SER C 585 -48.21 11.32 -24.50
C SER C 585 -49.08 11.24 -23.22
N PRO C 586 -48.67 10.38 -22.29
CA PRO C 586 -49.28 10.31 -20.98
C PRO C 586 -49.05 11.58 -20.23
N VAL C 587 -49.93 11.83 -19.26
CA VAL C 587 -49.69 12.96 -18.36
C VAL C 587 -48.47 12.68 -17.46
N ALA C 588 -47.73 13.72 -17.10
CA ALA C 588 -46.45 13.56 -16.42
C ALA C 588 -46.40 14.30 -15.12
N PRO C 589 -45.48 13.95 -14.23
CA PRO C 589 -45.28 14.74 -13.04
C PRO C 589 -44.92 16.16 -13.45
N LYS C 590 -45.36 17.12 -12.64
CA LYS C 590 -45.20 18.55 -12.96
C LYS C 590 -43.86 18.90 -13.59
N GLU C 591 -42.76 18.54 -12.96
CA GLU C 591 -41.47 18.94 -13.51
C GLU C 591 -41.23 18.34 -14.89
N GLU C 592 -41.45 17.05 -15.04
CA GLU C 592 -41.26 16.49 -16.37
C GLU C 592 -42.17 17.20 -17.35
N HIS C 593 -43.40 17.40 -16.95
CA HIS C 593 -44.28 18.10 -17.84
C HIS C 593 -43.77 19.41 -18.28
N VAL C 594 -43.24 20.23 -17.38
CA VAL C 594 -42.78 21.58 -17.80
C VAL C 594 -41.59 21.50 -18.69
N ARG C 595 -40.60 20.74 -18.19
CA ARG C 595 -39.34 20.43 -18.85
C ARG C 595 -39.49 19.90 -20.31
N ARG C 596 -40.50 19.07 -20.59
CA ARG C 596 -40.52 18.44 -21.90
C ARG C 596 -41.15 19.34 -22.93
N GLY C 597 -41.65 20.47 -22.45
CA GLY C 597 -42.11 21.58 -23.31
C GLY C 597 -40.99 22.08 -24.20
N GLN C 598 -39.75 21.83 -23.78
CA GLN C 598 -38.57 22.28 -24.51
C GLN C 598 -38.41 21.57 -25.82
N LEU C 599 -38.91 20.34 -25.90
CA LEU C 599 -38.89 19.55 -27.12
C LEU C 599 -39.73 20.14 -28.30
N ALA C 600 -40.80 20.84 -27.99
CA ALA C 600 -41.70 21.33 -29.01
C ALA C 600 -41.12 22.54 -29.74
N ASP C 601 -41.64 22.85 -30.91
CA ASP C 601 -41.27 24.07 -31.63
C ASP C 601 -42.23 25.19 -31.32
N VAL C 602 -43.53 24.90 -31.35
CA VAL C 602 -44.54 25.91 -31.09
C VAL C 602 -45.73 25.31 -30.41
N CYS C 603 -46.27 26.03 -29.43
CA CYS C 603 -47.47 25.56 -28.78
C CYS C 603 -48.66 26.26 -29.44
N LEU C 604 -49.71 25.49 -29.69
CA LEU C 604 -50.91 26.05 -30.29
C LEU C 604 -52.04 26.16 -29.30
N ASP C 605 -52.35 27.37 -28.89
CA ASP C 605 -53.28 27.53 -27.78
C ASP C 605 -54.75 27.32 -28.14
N THR C 606 -55.44 26.62 -27.24
CA THR C 606 -56.90 26.46 -27.35
C THR C 606 -57.62 27.79 -27.19
N PRO C 607 -58.22 28.27 -28.27
CA PRO C 607 -58.85 29.53 -28.21
C PRO C 607 -60.23 29.45 -27.48
N LEU C 608 -60.78 28.25 -27.28
CA LEU C 608 -62.09 28.14 -26.64
C LEU C 608 -61.91 28.52 -25.19
N CYS C 609 -60.96 27.85 -24.53
CA CYS C 609 -60.48 28.18 -23.20
C CYS C 609 -58.97 28.09 -23.24
N ASN C 610 -58.28 29.20 -22.96
CA ASN C 610 -56.83 29.29 -23.11
C ASN C 610 -56.12 28.34 -22.14
N GLY C 611 -54.89 27.95 -22.46
CA GLY C 611 -54.06 27.38 -21.42
C GLY C 611 -53.87 28.49 -20.38
N HIS C 612 -54.00 28.21 -19.08
CA HIS C 612 -53.71 29.23 -18.08
C HIS C 612 -52.43 28.94 -17.40
N THR C 613 -52.46 28.08 -16.38
CA THR C 613 -51.22 27.56 -15.84
C THR C 613 -50.47 26.96 -17.01
N THR C 614 -51.19 26.19 -17.85
CA THR C 614 -50.54 25.50 -18.92
C THR C 614 -49.74 26.45 -19.82
N GLY C 615 -50.30 27.64 -20.05
CA GLY C 615 -49.60 28.71 -20.77
C GLY C 615 -48.30 29.08 -20.11
N MET C 616 -48.33 29.35 -18.82
CA MET C 616 -47.11 29.69 -18.18
C MET C 616 -46.10 28.57 -18.40
N ASP C 617 -46.52 27.34 -18.23
CA ASP C 617 -45.58 26.22 -18.30
C ASP C 617 -44.86 26.13 -19.67
N VAL C 618 -45.60 26.46 -20.72
CA VAL C 618 -45.08 26.31 -22.03
C VAL C 618 -44.15 27.49 -22.30
N LEU C 619 -44.52 28.66 -21.80
CA LEU C 619 -43.66 29.82 -21.97
C LEU C 619 -42.36 29.70 -21.22
N TRP C 620 -42.37 29.06 -20.07
CA TRP C 620 -41.12 28.92 -19.32
C TRP C 620 -40.12 28.05 -20.04
N ALA C 621 -40.62 27.08 -20.77
CA ALA C 621 -39.76 26.20 -21.52
C ALA C 621 -39.16 26.97 -22.65
N GLY C 622 -39.70 28.17 -22.92
CA GLY C 622 -39.19 29.06 -23.98
C GLY C 622 -39.76 28.76 -25.36
N THR C 623 -41.01 28.35 -25.37
CA THR C 623 -41.64 27.71 -26.49
C THR C 623 -42.74 28.66 -26.85
N PRO C 624 -42.61 29.38 -27.97
CA PRO C 624 -43.66 30.33 -28.35
C PRO C 624 -45.01 29.66 -28.52
N MET C 625 -46.04 30.43 -28.23
CA MET C 625 -47.42 29.95 -28.14
C MET C 625 -48.32 30.91 -28.92
N VAL C 626 -49.12 30.35 -29.84
CA VAL C 626 -49.96 31.13 -30.73
C VAL C 626 -51.36 31.13 -30.17
N THR C 627 -51.92 32.29 -29.85
CA THR C 627 -53.29 32.30 -29.33
C THR C 627 -54.28 33.12 -30.13
N MET C 628 -55.56 32.90 -29.90
CA MET C 628 -56.57 33.71 -30.59
C MET C 628 -57.67 34.15 -29.65
N PRO C 629 -57.42 35.18 -28.87
CA PRO C 629 -58.23 35.56 -27.72
C PRO C 629 -59.68 35.77 -28.09
N GLY C 630 -60.62 35.26 -27.30
CA GLY C 630 -62.05 35.48 -27.49
C GLY C 630 -62.65 36.60 -26.63
N GLU C 631 -63.82 36.39 -26.02
CA GLU C 631 -64.43 37.41 -25.19
C GLU C 631 -64.48 37.08 -23.71
N THR C 632 -64.65 35.80 -23.41
CA THR C 632 -64.60 35.35 -22.04
C THR C 632 -63.19 35.48 -21.54
N LEU C 633 -63.06 36.09 -20.36
CA LEU C 633 -61.82 36.11 -19.63
C LEU C 633 -60.98 34.85 -19.94
N ALA C 634 -61.58 33.67 -19.73
CA ALA C 634 -60.85 32.42 -19.86
C ALA C 634 -60.27 32.19 -21.24
N SER C 635 -60.77 32.91 -22.23
CA SER C 635 -60.22 32.78 -23.56
C SER C 635 -59.24 33.90 -23.92
N ARG C 636 -58.80 34.69 -22.96
CA ARG C 636 -57.97 35.81 -23.33
C ARG C 636 -56.77 35.86 -22.48
N VAL C 637 -56.58 34.82 -21.68
CA VAL C 637 -55.47 34.77 -20.75
C VAL C 637 -54.18 34.57 -21.54
N ALA C 638 -54.17 33.68 -22.50
CA ALA C 638 -52.89 33.42 -23.18
C ALA C 638 -52.44 34.71 -23.82
N ALA C 639 -53.40 35.45 -24.42
CA ALA C 639 -53.07 36.78 -25.05
C ALA C 639 -52.41 37.74 -24.06
N SER C 640 -53.08 37.89 -22.93
CA SER C 640 -52.59 38.73 -21.90
C SER C 640 -51.23 38.28 -21.43
N GLN C 641 -50.99 36.99 -21.33
CA GLN C 641 -49.66 36.51 -20.95
C GLN C 641 -48.64 36.92 -22.00
N LEU C 642 -48.94 36.67 -23.28
CA LEU C 642 -48.07 36.98 -24.39
C LEU C 642 -47.77 38.43 -24.41
N THR C 643 -48.80 39.27 -24.20
CA THR C 643 -48.62 40.71 -24.24
C THR C 643 -47.59 41.18 -23.25
N CYS C 644 -47.85 40.98 -21.96
CA CYS C 644 -46.84 41.18 -20.90
C CYS C 644 -45.42 40.64 -21.24
N LEU C 645 -45.34 39.52 -21.95
CA LEU C 645 -44.05 38.93 -22.26
C LEU C 645 -43.40 39.72 -23.36
N GLY C 646 -44.24 40.35 -24.20
CA GLY C 646 -43.78 41.22 -25.29
C GLY C 646 -43.67 40.52 -26.63
N CYS C 647 -44.79 39.96 -27.07
CA CYS C 647 -44.78 39.11 -28.24
C CYS C 647 -46.05 39.21 -28.98
N LEU C 648 -46.44 40.43 -29.35
CA LEU C 648 -47.72 40.57 -30.02
C LEU C 648 -47.87 39.83 -31.36
N GLU C 649 -46.75 39.49 -31.99
CA GLU C 649 -46.79 38.80 -33.26
C GLU C 649 -47.34 37.37 -33.11
N LEU C 650 -47.55 36.92 -31.89
CA LEU C 650 -48.15 35.61 -31.67
C LEU C 650 -49.65 35.65 -31.36
N ILE C 651 -50.26 36.83 -31.40
CA ILE C 651 -51.69 36.97 -31.08
C ILE C 651 -52.59 37.19 -32.29
N ALA C 652 -53.40 36.19 -32.65
CA ALA C 652 -54.23 36.31 -33.83
C ALA C 652 -55.56 36.99 -33.55
N LYS C 653 -56.06 37.73 -34.54
CA LYS C 653 -57.38 38.34 -34.46
C LYS C 653 -58.50 37.46 -34.99
N ASN C 654 -58.17 36.41 -35.76
CA ASN C 654 -59.19 35.42 -36.21
C ASN C 654 -58.56 34.12 -36.67
N ARG C 655 -59.40 33.12 -36.93
CA ARG C 655 -58.90 31.84 -37.44
C ARG C 655 -57.89 31.97 -38.54
N GLN C 656 -58.15 32.82 -39.51
CA GLN C 656 -57.19 32.96 -40.59
C GLN C 656 -55.81 33.31 -39.98
N GLU C 657 -55.78 34.44 -39.27
CA GLU C 657 -54.52 34.96 -38.78
C GLU C 657 -53.73 33.90 -38.04
N TYR C 658 -54.41 33.23 -37.14
CA TYR C 658 -53.86 32.15 -36.30
C TYR C 658 -53.09 31.14 -37.13
N GLU C 659 -53.76 30.58 -38.13
CA GLU C 659 -53.17 29.53 -38.91
C GLU C 659 -51.98 30.09 -39.64
N ASP C 660 -52.01 31.36 -40.01
CA ASP C 660 -50.92 31.86 -40.79
C ASP C 660 -49.74 31.99 -39.92
N ILE C 661 -50.00 32.50 -38.72
CA ILE C 661 -48.92 32.65 -37.77
C ILE C 661 -48.30 31.33 -37.47
N ALA C 662 -49.13 30.33 -37.24
CA ALA C 662 -48.61 28.97 -37.04
C ALA C 662 -47.70 28.56 -38.23
N VAL C 663 -48.28 28.68 -39.43
CA VAL C 663 -47.67 28.09 -40.58
C VAL C 663 -46.37 28.80 -40.86
N LYS C 664 -46.39 30.11 -40.71
CA LYS C 664 -45.18 30.87 -40.89
C LYS C 664 -44.09 30.28 -40.04
N LEU C 665 -44.35 30.20 -38.73
CA LEU C 665 -43.38 29.64 -37.81
C LEU C 665 -42.97 28.22 -38.19
N GLY C 666 -43.86 27.47 -38.81
CA GLY C 666 -43.58 26.06 -39.09
C GLY C 666 -42.68 25.97 -40.30
N THR C 667 -42.93 26.83 -41.28
CA THR C 667 -42.19 26.76 -42.54
C THR C 667 -40.95 27.70 -42.54
N ASP C 668 -41.10 28.94 -42.11
CA ASP C 668 -39.97 29.88 -42.06
C ASP C 668 -38.96 29.66 -40.90
N LEU C 669 -38.02 28.76 -41.09
CA LEU C 669 -37.15 28.37 -39.98
C LEU C 669 -36.43 29.55 -39.40
N GLU C 670 -36.00 30.44 -40.27
CA GLU C 670 -35.37 31.67 -39.83
C GLU C 670 -36.18 32.40 -38.77
N TYR C 671 -37.44 32.70 -39.11
CA TYR C 671 -38.38 33.37 -38.23
C TYR C 671 -38.48 32.60 -36.93
N LEU C 672 -38.72 31.30 -37.04
CA LEU C 672 -38.93 30.50 -35.85
C LEU C 672 -37.82 30.78 -34.85
N LYS C 673 -36.60 30.50 -35.29
CA LYS C 673 -35.41 30.72 -34.50
C LYS C 673 -35.45 32.09 -33.80
N LYS C 674 -35.83 33.11 -34.55
CA LYS C 674 -35.92 34.47 -34.02
C LYS C 674 -36.91 34.55 -32.88
N VAL C 675 -38.13 34.08 -33.13
CA VAL C 675 -39.21 34.16 -32.13
C VAL C 675 -38.93 33.31 -30.92
N ARG C 676 -38.56 32.05 -31.15
CA ARG C 676 -38.16 31.21 -30.03
C ARG C 676 -37.10 31.90 -29.18
N GLY C 677 -36.05 32.36 -29.86
CA GLY C 677 -35.01 33.05 -29.14
C GLY C 677 -35.60 34.18 -28.30
N LYS C 678 -36.60 34.89 -28.84
CA LYS C 678 -37.19 36.04 -28.18
C LYS C 678 -37.86 35.62 -26.91
N VAL C 679 -38.87 34.75 -27.01
CA VAL C 679 -39.54 34.09 -25.87
C VAL C 679 -38.52 33.68 -24.81
N TRP C 680 -37.56 32.88 -25.24
CA TRP C 680 -36.55 32.43 -24.33
C TRP C 680 -35.90 33.53 -23.53
N LYS C 681 -35.65 34.66 -24.14
CA LYS C 681 -34.92 35.67 -23.47
C LYS C 681 -35.88 36.42 -22.58
N GLN C 682 -36.99 36.85 -23.18
CA GLN C 682 -38.02 37.66 -22.57
C GLN C 682 -38.63 37.04 -21.35
N ARG C 683 -38.56 35.72 -21.24
CA ARG C 683 -39.25 35.08 -20.12
C ARG C 683 -38.57 35.46 -18.79
N ILE C 684 -37.28 35.70 -18.87
CA ILE C 684 -36.53 36.35 -17.81
C ILE C 684 -36.69 37.88 -17.76
N SER C 685 -36.59 38.54 -18.89
CA SER C 685 -36.43 39.97 -18.87
C SER C 685 -37.77 40.66 -18.73
N SER C 686 -38.87 39.99 -19.05
CA SER C 686 -40.15 40.68 -18.91
C SER C 686 -40.62 40.50 -17.51
N PRO C 687 -41.73 41.14 -17.19
CA PRO C 687 -42.31 41.14 -15.87
C PRO C 687 -43.09 39.84 -15.51
N LEU C 688 -43.12 38.91 -16.46
CA LEU C 688 -44.20 37.93 -16.52
C LEU C 688 -44.03 36.97 -15.41
N PHE C 689 -42.77 36.50 -15.28
CA PHE C 689 -42.38 35.46 -14.36
C PHE C 689 -41.77 36.01 -13.06
N ASN C 690 -41.71 37.35 -13.00
CA ASN C 690 -41.20 38.11 -11.87
C ASN C 690 -42.24 38.35 -10.75
N THR C 691 -42.15 37.50 -9.72
CA THR C 691 -43.12 37.49 -8.63
C THR C 691 -42.89 38.70 -7.71
N LYS C 692 -41.65 39.11 -7.53
CA LYS C 692 -41.45 40.28 -6.68
C LYS C 692 -42.12 41.53 -7.19
N GLN C 693 -41.82 41.82 -8.45
CA GLN C 693 -42.47 42.90 -9.12
C GLN C 693 -43.96 42.67 -9.02
N TYR C 694 -44.42 41.49 -9.46
CA TYR C 694 -45.83 41.18 -9.34
C TYR C 694 -46.40 41.53 -7.98
N THR C 695 -45.83 41.00 -6.91
CA THR C 695 -46.31 41.32 -5.59
C THR C 695 -46.38 42.83 -5.38
N MET C 696 -45.28 43.53 -5.57
CA MET C 696 -45.36 45.00 -5.45
C MET C 696 -46.51 45.69 -6.20
N GLU C 697 -46.88 45.18 -7.36
CA GLU C 697 -47.98 45.75 -8.17
C GLU C 697 -49.29 45.49 -7.51
N LEU C 698 -49.43 44.23 -7.15
CA LEU C 698 -50.57 43.81 -6.41
C LEU C 698 -50.68 44.69 -5.16
N GLU C 699 -49.58 44.99 -4.50
CA GLU C 699 -49.66 45.80 -3.29
C GLU C 699 -50.23 47.20 -3.55
N ARG C 700 -49.80 47.83 -4.64
CA ARG C 700 -50.25 49.18 -4.95
C ARG C 700 -51.73 49.13 -5.20
N LEU C 701 -52.11 48.13 -5.98
CA LEU C 701 -53.50 47.92 -6.29
C LEU C 701 -54.35 47.75 -5.04
N TYR C 702 -53.82 47.06 -4.05
CA TYR C 702 -54.52 46.89 -2.80
C TYR C 702 -54.70 48.21 -2.12
N LEU C 703 -53.63 48.98 -2.07
CA LEU C 703 -53.66 50.33 -1.53
C LEU C 703 -54.71 51.19 -2.19
N GLN C 704 -54.66 51.30 -3.52
CA GLN C 704 -55.70 52.00 -4.25
C GLN C 704 -57.07 51.68 -3.71
N MET C 705 -57.38 50.38 -3.63
CA MET C 705 -58.71 49.90 -3.26
C MET C 705 -59.16 50.41 -1.88
N TRP C 706 -58.20 50.33 -0.96
CA TRP C 706 -58.40 50.72 0.39
C TRP C 706 -58.59 52.19 0.47
N GLU C 707 -57.65 52.99 -0.05
CA GLU C 707 -57.84 54.46 -0.11
C GLU C 707 -59.25 54.81 -0.47
N HIS C 708 -59.65 54.38 -1.65
CA HIS C 708 -60.98 54.55 -2.12
C HIS C 708 -62.02 54.15 -1.13
N TYR C 709 -61.89 53.02 -0.45
CA TYR C 709 -62.93 52.66 0.54
C TYR C 709 -62.79 53.52 1.79
N ALA C 710 -61.57 53.83 2.19
CA ALA C 710 -61.32 54.56 3.44
C ALA C 710 -61.65 56.03 3.29
N ALA C 711 -61.59 56.51 2.06
CA ALA C 711 -62.10 57.81 1.69
C ALA C 711 -63.63 57.79 1.68
N GLY C 712 -64.22 56.64 2.00
CA GLY C 712 -65.67 56.50 2.14
C GLY C 712 -66.50 56.13 0.92
N ASN C 713 -65.87 55.73 -0.20
CA ASN C 713 -66.63 55.27 -1.38
C ASN C 713 -66.95 53.79 -1.60
N LYS C 714 -68.02 53.58 -2.34
CA LYS C 714 -68.40 52.25 -2.75
C LYS C 714 -67.45 51.79 -3.85
N PRO C 715 -67.11 50.50 -3.82
CA PRO C 715 -66.31 49.92 -4.86
C PRO C 715 -66.61 50.55 -6.22
N ASP C 716 -65.54 50.96 -6.90
CA ASP C 716 -65.62 51.39 -8.28
C ASP C 716 -64.40 50.92 -9.08
N HIS C 717 -64.48 50.81 -10.41
CA HIS C 717 -63.39 50.22 -11.24
C HIS C 717 -62.10 50.88 -10.96
N MET C 718 -61.02 50.11 -10.86
CA MET C 718 -59.68 50.66 -10.60
C MET C 718 -58.82 50.40 -11.80
N ILE C 719 -59.02 51.21 -12.82
CA ILE C 719 -58.19 51.12 -14.01
C ILE C 719 -57.05 52.21 -14.07
N LYS C 720 -56.64 52.65 -12.87
CA LYS C 720 -55.32 53.25 -12.54
C LYS C 720 -54.91 54.48 -13.35
N SER D 4 82.73 -50.64 42.41
CA SER D 4 83.28 -50.91 41.04
C SER D 4 82.81 -52.28 40.57
N CYS D 5 82.11 -53.00 41.49
CA CYS D 5 81.93 -54.49 41.48
C CYS D 5 81.08 -55.24 40.37
N PRO D 6 81.77 -55.81 39.34
CA PRO D 6 81.06 -56.50 38.29
C PRO D 6 80.23 -57.71 38.75
N THR D 7 80.59 -58.39 39.81
CA THR D 7 79.87 -59.65 40.11
C THR D 7 78.58 -59.33 40.80
N HIS D 8 78.58 -58.23 41.52
CA HIS D 8 77.37 -57.69 42.07
C HIS D 8 76.46 -57.27 40.95
N ALA D 9 76.94 -56.28 40.17
CA ALA D 9 76.26 -55.72 39.00
C ALA D 9 75.75 -56.83 38.09
N ASP D 10 76.50 -57.92 38.03
CA ASP D 10 76.18 -59.06 37.16
C ASP D 10 74.91 -59.71 37.64
N SER D 11 74.82 -59.85 38.96
CA SER D 11 73.72 -60.49 39.64
C SER D 11 72.44 -59.69 39.47
N LEU D 12 72.53 -58.38 39.71
CA LEU D 12 71.40 -57.43 39.52
C LEU D 12 70.75 -57.55 38.16
N ASN D 13 71.58 -57.45 37.13
CA ASN D 13 71.16 -57.69 35.79
C ASN D 13 70.36 -58.97 35.72
N ASN D 14 70.90 -60.13 36.11
CA ASN D 14 70.16 -61.43 35.99
C ASN D 14 68.78 -61.34 36.55
N LEU D 15 68.65 -60.57 37.64
CA LEU D 15 67.41 -60.45 38.41
C LEU D 15 66.44 -59.57 37.67
N ALA D 16 66.96 -58.44 37.19
CA ALA D 16 66.24 -57.57 36.25
C ALA D 16 65.65 -58.33 35.02
N ASN D 17 66.43 -59.19 34.39
CA ASN D 17 65.95 -60.02 33.28
C ASN D 17 64.77 -60.81 33.67
N ILE D 18 64.88 -61.49 34.80
CA ILE D 18 63.75 -62.17 35.37
C ILE D 18 62.58 -61.21 35.56
N LYS D 19 62.76 -60.10 36.26
CA LYS D 19 61.64 -59.18 36.50
C LYS D 19 60.96 -58.76 35.23
N ARG D 20 61.71 -58.67 34.15
CA ARG D 20 61.14 -58.34 32.86
C ARG D 20 60.30 -59.50 32.31
N GLU D 21 60.78 -60.73 32.51
CA GLU D 21 60.07 -61.94 32.08
C GLU D 21 58.67 -61.92 32.60
N GLN D 22 58.54 -61.75 33.91
CA GLN D 22 57.24 -61.63 34.52
C GLN D 22 56.67 -60.23 34.23
N GLY D 23 56.78 -59.79 32.97
CA GLY D 23 56.31 -58.48 32.53
C GLY D 23 56.59 -57.23 33.39
N ASN D 24 57.13 -57.36 34.58
CA ASN D 24 57.22 -56.22 35.50
C ASN D 24 58.34 -55.23 35.11
N ILE D 25 58.03 -54.40 34.11
CA ILE D 25 58.99 -53.50 33.46
C ILE D 25 59.47 -52.48 34.46
N GLU D 26 58.50 -51.82 35.07
CA GLU D 26 58.75 -51.10 36.30
C GLU D 26 60.09 -51.48 36.96
N GLU D 27 60.10 -52.68 37.53
CA GLU D 27 61.15 -53.14 38.40
C GLU D 27 62.39 -53.43 37.60
N ALA D 28 62.21 -54.20 36.54
CA ALA D 28 63.30 -54.50 35.63
C ALA D 28 64.19 -53.24 35.48
N VAL D 29 63.59 -52.13 35.07
CA VAL D 29 64.35 -50.90 34.92
C VAL D 29 65.15 -50.54 36.17
N ARG D 30 64.46 -50.49 37.29
CA ARG D 30 65.07 -50.06 38.52
C ARG D 30 66.37 -50.88 38.76
N LEU D 31 66.27 -52.20 38.58
CA LEU D 31 67.42 -53.09 38.73
C LEU D 31 68.57 -52.76 37.79
N TYR D 32 68.25 -52.66 36.49
CA TYR D 32 69.23 -52.37 35.46
C TYR D 32 70.05 -51.17 35.84
N ARG D 33 69.35 -50.15 36.28
CA ARG D 33 70.00 -48.91 36.62
C ARG D 33 70.88 -49.08 37.82
N LYS D 34 70.53 -50.07 38.64
CA LYS D 34 71.28 -50.30 39.85
C LYS D 34 72.54 -50.98 39.43
N ALA D 35 72.37 -51.99 38.59
CA ALA D 35 73.50 -52.70 38.01
C ALA D 35 74.52 -51.71 37.43
N LEU D 36 73.99 -50.67 36.78
CA LEU D 36 74.81 -49.72 36.06
C LEU D 36 75.50 -48.77 36.99
N GLU D 37 74.94 -48.66 38.18
CA GLU D 37 75.50 -47.84 39.22
C GLU D 37 76.66 -48.55 39.88
N VAL D 38 76.51 -49.86 40.12
CA VAL D 38 77.64 -50.72 40.55
C VAL D 38 78.72 -50.83 39.48
N PHE D 39 78.32 -51.19 38.27
CA PHE D 39 79.22 -51.34 37.15
C PHE D 39 78.84 -50.44 35.96
N PRO D 40 79.35 -49.21 35.93
CA PRO D 40 79.04 -48.39 34.75
C PRO D 40 79.50 -49.01 33.42
N GLU D 41 80.71 -49.56 33.32
CA GLU D 41 81.23 -50.07 32.06
C GLU D 41 80.57 -51.39 31.70
N PHE D 42 79.30 -51.53 32.00
CA PHE D 42 78.65 -52.82 31.85
C PHE D 42 77.84 -52.97 30.58
N ALA D 43 78.44 -53.47 29.51
CA ALA D 43 77.79 -53.47 28.21
C ALA D 43 76.35 -54.00 28.24
N ALA D 44 76.14 -55.24 28.64
CA ALA D 44 74.81 -55.83 28.50
C ALA D 44 73.72 -55.11 29.28
N ALA D 45 74.06 -54.48 30.40
CA ALA D 45 73.06 -53.76 31.20
C ALA D 45 72.55 -52.58 30.36
N HIS D 46 73.45 -51.66 30.02
CA HIS D 46 73.11 -50.64 29.04
C HIS D 46 72.19 -51.10 27.94
N SER D 47 72.50 -52.25 27.37
CA SER D 47 71.74 -52.73 26.26
C SER D 47 70.38 -53.16 26.66
N ASN D 48 70.25 -53.76 27.82
CA ASN D 48 68.94 -54.25 28.19
C ASN D 48 68.09 -53.08 28.58
N LEU D 49 68.61 -52.26 29.48
CA LEU D 49 67.98 -51.02 29.86
C LEU D 49 67.50 -50.27 28.62
N ALA D 50 68.37 -50.18 27.63
CA ALA D 50 68.06 -49.49 26.38
C ALA D 50 66.82 -50.07 25.78
N SER D 51 66.68 -51.37 25.69
CA SER D 51 65.53 -51.84 24.97
C SER D 51 64.25 -51.82 25.79
N VAL D 52 64.30 -51.65 27.09
CA VAL D 52 63.03 -51.41 27.74
C VAL D 52 62.68 -49.96 27.64
N LEU D 53 63.65 -49.09 27.76
CA LEU D 53 63.39 -47.69 27.49
C LEU D 53 62.76 -47.52 26.11
N GLN D 54 63.10 -48.43 25.20
CA GLN D 54 62.57 -48.35 23.86
C GLN D 54 61.14 -48.75 23.92
N GLN D 55 60.86 -49.86 24.54
CA GLN D 55 59.51 -50.32 24.60
C GLN D 55 58.59 -49.34 25.34
N GLN D 56 59.15 -48.49 26.19
CA GLN D 56 58.37 -47.55 27.01
C GLN D 56 58.28 -46.28 26.22
N GLY D 57 58.92 -46.32 25.07
CA GLY D 57 58.90 -45.20 24.18
C GLY D 57 59.87 -44.09 24.52
N LYS D 58 60.86 -44.31 25.38
CA LYS D 58 61.77 -43.21 25.69
C LYS D 58 62.98 -43.13 24.75
N LEU D 59 62.70 -43.19 23.46
CA LEU D 59 63.69 -43.39 22.42
C LEU D 59 64.98 -42.61 22.60
N GLN D 60 64.84 -41.31 22.81
CA GLN D 60 65.98 -40.42 22.95
C GLN D 60 67.03 -41.06 23.92
N GLU D 61 66.55 -41.53 25.07
CA GLU D 61 67.43 -42.05 26.10
C GLU D 61 67.83 -43.47 25.77
N ALA D 62 66.85 -44.27 25.40
CA ALA D 62 67.10 -45.59 24.93
C ALA D 62 68.32 -45.58 24.04
N LEU D 63 68.37 -44.57 23.21
CA LEU D 63 69.40 -44.51 22.24
C LEU D 63 70.74 -44.34 22.89
N MET D 64 70.88 -43.33 23.73
CA MET D 64 72.13 -43.15 24.46
C MET D 64 72.70 -44.38 25.16
N HIS D 65 71.83 -45.29 25.56
CA HIS D 65 72.31 -46.53 26.14
C HIS D 65 72.89 -47.49 25.18
N TYR D 66 72.17 -47.74 24.09
CA TYR D 66 72.72 -48.48 23.00
C TYR D 66 74.06 -47.89 22.61
N LYS D 67 74.15 -46.58 22.44
CA LYS D 67 75.44 -45.94 22.13
C LYS D 67 76.54 -46.36 23.09
N GLU D 68 76.25 -46.25 24.40
CA GLU D 68 77.15 -46.76 25.42
C GLU D 68 77.53 -48.22 25.21
N ALA D 69 76.54 -49.10 25.12
CA ALA D 69 76.83 -50.53 24.99
C ALA D 69 77.82 -50.77 23.88
N ILE D 70 77.52 -50.29 22.68
CA ILE D 70 78.44 -50.36 21.56
C ILE D 70 79.81 -49.81 21.90
N ARG D 71 79.88 -48.69 22.59
CA ARG D 71 81.17 -48.05 22.84
C ARG D 71 81.99 -48.91 23.70
N ILE D 72 81.30 -49.47 24.69
CA ILE D 72 81.92 -50.44 25.59
C ILE D 72 82.26 -51.76 24.91
N SER D 73 81.42 -52.24 24.02
CA SER D 73 81.67 -53.52 23.45
C SER D 73 81.43 -53.49 21.92
N PRO D 74 82.50 -53.17 21.15
CA PRO D 74 82.28 -52.79 19.77
C PRO D 74 81.86 -53.92 18.88
N THR D 75 81.97 -55.15 19.38
CA THR D 75 81.55 -56.32 18.60
C THR D 75 80.14 -56.80 18.94
N PHE D 76 79.40 -55.96 19.64
CA PHE D 76 78.05 -56.28 20.05
C PHE D 76 77.05 -56.13 18.88
N ALA D 77 76.96 -57.13 18.02
CA ALA D 77 76.15 -56.99 16.81
C ALA D 77 74.74 -56.70 17.21
N ASP D 78 74.29 -57.46 18.19
CA ASP D 78 72.96 -57.28 18.66
C ASP D 78 72.55 -55.79 18.98
N ALA D 79 73.39 -55.06 19.71
CA ALA D 79 73.06 -53.70 20.08
C ALA D 79 72.85 -52.85 18.84
N TYR D 80 73.73 -52.92 17.85
CA TYR D 80 73.55 -52.11 16.65
C TYR D 80 72.18 -52.36 16.06
N SER D 81 71.81 -53.63 15.90
CA SER D 81 70.55 -53.97 15.31
C SER D 81 69.39 -53.36 16.07
N ASN D 82 69.36 -53.45 17.40
CA ASN D 82 68.28 -52.79 18.12
C ASN D 82 68.29 -51.32 18.01
N MET D 83 69.48 -50.72 18.12
CA MET D 83 69.63 -49.31 18.00
C MET D 83 69.08 -48.87 16.65
N GLY D 84 69.34 -49.66 15.63
CA GLY D 84 68.73 -49.43 14.33
C GLY D 84 67.22 -49.26 14.47
N ASN D 85 66.58 -50.26 15.08
CA ASN D 85 65.17 -50.18 15.34
C ASN D 85 64.76 -48.87 16.01
N THR D 86 65.58 -48.41 16.94
CA THR D 86 65.25 -47.22 17.64
C THR D 86 65.30 -46.09 16.66
N LEU D 87 66.40 -45.95 15.96
CA LEU D 87 66.47 -44.96 14.91
C LEU D 87 65.34 -45.05 13.86
N LYS D 88 64.83 -46.25 13.59
CA LYS D 88 63.78 -46.38 12.58
C LYS D 88 62.54 -45.82 13.18
N GLU D 89 62.20 -46.20 14.39
CA GLU D 89 61.01 -45.63 15.04
C GLU D 89 61.15 -44.12 15.27
N MET D 90 62.38 -43.61 15.25
CA MET D 90 62.61 -42.20 15.44
C MET D 90 62.53 -41.47 14.12
N GLN D 91 62.04 -42.11 13.08
CA GLN D 91 62.00 -41.53 11.74
C GLN D 91 63.34 -41.34 11.10
N ASP D 92 64.43 -41.71 11.78
CA ASP D 92 65.75 -41.58 11.15
C ASP D 92 66.10 -42.85 10.41
N VAL D 93 65.64 -42.97 9.17
CA VAL D 93 65.78 -44.21 8.40
C VAL D 93 67.23 -44.38 7.93
N GLN D 94 67.74 -43.36 7.25
CA GLN D 94 69.18 -43.15 7.15
C GLN D 94 70.06 -43.91 8.21
N GLY D 95 70.02 -43.48 9.48
CA GLY D 95 70.84 -44.05 10.52
C GLY D 95 70.44 -45.48 10.82
N ALA D 96 69.14 -45.75 10.92
CA ALA D 96 68.70 -47.12 11.21
C ALA D 96 69.38 -48.05 10.22
N LEU D 97 69.38 -47.61 8.98
CA LEU D 97 70.03 -48.33 7.93
C LEU D 97 71.53 -48.57 8.20
N GLN D 98 72.27 -47.54 8.59
CA GLN D 98 73.67 -47.75 8.94
C GLN D 98 73.87 -48.83 10.01
N CYS D 99 73.00 -48.86 10.99
CA CYS D 99 73.18 -49.77 12.08
C CYS D 99 72.98 -51.15 11.57
N TYR D 100 71.86 -51.40 10.89
CA TYR D 100 71.55 -52.76 10.46
C TYR D 100 72.70 -53.28 9.65
N THR D 101 73.24 -52.47 8.73
CA THR D 101 74.33 -52.91 7.88
C THR D 101 75.61 -53.09 8.66
N ARG D 102 75.89 -52.23 9.66
CA ARG D 102 77.12 -52.50 10.44
C ARG D 102 77.02 -53.80 11.21
N ALA D 103 75.83 -54.13 11.65
CA ALA D 103 75.62 -55.37 12.39
C ALA D 103 75.95 -56.55 11.50
N ILE D 104 75.52 -56.47 10.25
CA ILE D 104 75.66 -57.59 9.32
C ILE D 104 77.10 -57.76 8.91
N GLN D 105 77.81 -56.66 8.97
CA GLN D 105 79.13 -56.64 8.45
C GLN D 105 80.03 -57.21 9.50
N ILE D 106 79.73 -56.86 10.74
CA ILE D 106 80.42 -57.34 11.92
C ILE D 106 80.15 -58.81 12.14
N ASN D 107 78.94 -59.24 11.86
CA ASN D 107 78.58 -60.62 12.09
C ASN D 107 77.62 -61.11 11.04
N PRO D 108 78.19 -61.60 9.94
CA PRO D 108 77.35 -61.81 8.76
C PRO D 108 76.32 -62.87 9.03
N ALA D 109 76.53 -63.63 10.09
CA ALA D 109 75.67 -64.77 10.40
C ALA D 109 74.42 -64.37 11.20
N PHE D 110 74.34 -63.09 11.53
CA PHE D 110 73.33 -62.57 12.45
C PHE D 110 71.95 -62.40 11.83
N ALA D 111 71.01 -63.28 12.14
CA ALA D 111 69.73 -63.27 11.43
C ALA D 111 68.89 -62.01 11.60
N ASP D 112 68.82 -61.50 12.81
CA ASP D 112 67.96 -60.35 13.10
C ASP D 112 68.21 -59.11 12.27
N ALA D 113 69.47 -58.75 12.09
CA ALA D 113 69.77 -57.57 11.29
C ALA D 113 69.27 -57.75 9.86
N HIS D 114 69.32 -58.98 9.36
CA HIS D 114 68.88 -59.21 7.99
C HIS D 114 67.43 -58.89 7.91
N SER D 115 66.72 -59.39 8.92
CA SER D 115 65.30 -59.22 9.01
C SER D 115 65.01 -57.73 9.13
N ASN D 116 65.65 -57.08 10.10
CA ASN D 116 65.52 -55.65 10.27
C ASN D 116 65.73 -54.88 8.99
N LEU D 117 66.73 -55.29 8.22
CA LEU D 117 67.00 -54.68 6.96
C LEU D 117 65.83 -54.85 5.99
N ALA D 118 65.41 -56.10 5.81
CA ALA D 118 64.22 -56.38 5.01
C ALA D 118 63.01 -55.51 5.40
N SER D 119 62.85 -55.24 6.71
CA SER D 119 61.79 -54.36 7.21
C SER D 119 61.83 -52.99 6.58
N ILE D 120 62.93 -52.26 6.80
CA ILE D 120 63.18 -51.02 6.12
C ILE D 120 62.85 -51.12 4.65
N HIS D 121 63.34 -52.14 3.97
CA HIS D 121 62.98 -52.27 2.58
C HIS D 121 61.52 -52.31 2.36
N LYS D 122 60.84 -53.15 3.14
CA LYS D 122 59.42 -53.32 3.01
C LYS D 122 58.74 -51.97 3.23
N ASP D 123 59.05 -51.28 4.33
CA ASP D 123 58.41 -49.99 4.58
C ASP D 123 58.72 -49.01 3.50
N SER D 124 59.79 -49.21 2.75
CA SER D 124 60.10 -48.23 1.73
C SER D 124 59.45 -48.61 0.44
N GLY D 125 58.69 -49.69 0.45
CA GLY D 125 58.08 -50.11 -0.77
C GLY D 125 58.90 -51.13 -1.52
N ASN D 126 60.22 -51.17 -1.40
CA ASN D 126 60.91 -52.15 -2.26
C ASN D 126 60.77 -53.56 -1.76
N ILE D 127 59.80 -54.28 -2.34
CA ILE D 127 59.36 -55.59 -1.81
C ILE D 127 60.34 -56.66 -2.18
N PRO D 128 60.70 -56.72 -3.47
CA PRO D 128 61.65 -57.74 -3.88
C PRO D 128 62.88 -57.81 -2.94
N GLU D 129 63.49 -56.67 -2.61
CA GLU D 129 64.66 -56.67 -1.72
C GLU D 129 64.28 -57.09 -0.30
N ALA D 130 63.12 -56.60 0.17
CA ALA D 130 62.58 -57.01 1.45
C ALA D 130 62.44 -58.53 1.49
N ILE D 131 61.92 -59.13 0.44
CA ILE D 131 61.84 -60.59 0.39
C ILE D 131 63.20 -61.26 0.41
N ALA D 132 64.12 -60.82 -0.43
CA ALA D 132 65.44 -61.42 -0.48
C ALA D 132 66.03 -61.45 0.92
N SER D 133 66.07 -60.29 1.60
CA SER D 133 66.57 -60.23 2.97
C SER D 133 65.83 -61.12 3.94
N TYR D 134 64.50 -61.23 3.88
CA TYR D 134 63.79 -62.09 4.81
C TYR D 134 64.25 -63.53 4.59
N ARG D 135 64.26 -63.97 3.34
CA ARG D 135 64.69 -65.34 3.02
C ARG D 135 66.06 -65.63 3.60
N THR D 136 67.00 -64.71 3.44
CA THR D 136 68.32 -64.81 4.08
C THR D 136 68.22 -64.99 5.59
N ALA D 137 67.51 -64.09 6.25
CA ALA D 137 67.37 -64.15 7.68
C ALA D 137 66.86 -65.52 8.03
N LEU D 138 65.87 -65.98 7.27
CA LEU D 138 65.26 -67.25 7.56
C LEU D 138 66.19 -68.45 7.33
N LYS D 139 66.94 -68.38 6.24
CA LYS D 139 67.99 -69.34 5.96
C LYS D 139 68.99 -69.35 7.13
N LEU D 140 69.41 -68.19 7.61
CA LEU D 140 70.23 -68.12 8.81
C LEU D 140 69.54 -68.61 10.09
N LYS D 141 68.26 -68.39 10.23
CA LYS D 141 67.68 -68.84 11.46
C LYS D 141 66.33 -69.20 11.11
N PRO D 142 66.10 -70.50 10.97
CA PRO D 142 64.88 -71.00 10.34
C PRO D 142 63.67 -70.91 11.25
N ASP D 143 63.90 -70.89 12.55
CA ASP D 143 62.78 -70.58 13.44
C ASP D 143 62.77 -69.11 13.78
N PHE D 144 61.98 -68.34 13.04
CA PHE D 144 62.07 -66.90 13.18
C PHE D 144 60.76 -66.27 12.83
N PRO D 145 59.89 -66.12 13.81
CA PRO D 145 58.53 -65.63 13.63
C PRO D 145 58.42 -64.27 12.89
N ASP D 146 59.11 -63.23 13.39
CA ASP D 146 58.98 -61.95 12.74
C ASP D 146 59.35 -62.04 11.28
N ALA D 147 60.55 -62.54 10.96
CA ALA D 147 60.90 -62.78 9.56
C ALA D 147 59.85 -63.55 8.76
N TYR D 148 59.42 -64.69 9.29
CA TYR D 148 58.45 -65.50 8.57
C TYR D 148 57.19 -64.73 8.23
N CYS D 149 56.59 -64.11 9.26
CA CYS D 149 55.35 -63.39 9.10
C CYS D 149 55.46 -62.23 8.16
N ASN D 150 56.48 -61.41 8.35
CA ASN D 150 56.70 -60.34 7.39
C ASN D 150 56.88 -60.86 6.00
N LEU D 151 57.77 -61.82 5.85
CA LEU D 151 57.91 -62.47 4.57
C LEU D 151 56.54 -62.88 3.99
N ALA D 152 55.75 -63.55 4.81
CA ALA D 152 54.47 -64.00 4.36
C ALA D 152 53.57 -62.88 3.78
N HIS D 153 53.70 -61.71 4.36
CA HIS D 153 52.88 -60.62 3.93
C HIS D 153 53.43 -60.07 2.65
N CYS D 154 54.75 -60.05 2.52
CA CYS D 154 55.36 -59.62 1.25
C CYS D 154 54.86 -60.50 0.13
N LEU D 155 54.89 -61.78 0.37
CA LEU D 155 54.47 -62.70 -0.66
C LEU D 155 53.03 -62.41 -0.95
N GLN D 156 52.25 -62.20 0.09
CA GLN D 156 50.84 -61.88 -0.05
C GLN D 156 50.58 -60.77 -1.03
N ILE D 157 51.44 -59.77 -0.89
CA ILE D 157 51.31 -58.50 -1.56
C ILE D 157 51.56 -58.55 -3.05
N VAL D 158 52.43 -59.47 -3.48
CA VAL D 158 52.86 -59.58 -4.89
C VAL D 158 52.21 -60.83 -5.44
N CYS D 159 51.32 -61.43 -4.64
CA CYS D 159 50.62 -62.66 -4.97
C CYS D 159 51.60 -63.75 -5.33
N ASP D 160 52.58 -63.94 -4.48
CA ASP D 160 53.34 -65.12 -4.59
C ASP D 160 52.67 -66.18 -3.74
N TRP D 161 52.05 -67.15 -4.39
CA TRP D 161 51.31 -68.14 -3.63
C TRP D 161 51.94 -69.48 -3.53
N THR D 162 53.25 -69.56 -3.73
CA THR D 162 54.04 -70.76 -3.39
C THR D 162 53.73 -71.30 -2.00
N ASP D 163 53.40 -72.59 -1.91
CA ASP D 163 53.13 -73.27 -0.62
C ASP D 163 52.07 -72.67 0.25
N TYR D 164 51.20 -71.94 -0.41
CA TYR D 164 50.22 -71.13 0.22
C TYR D 164 49.53 -71.82 1.40
N ASP D 165 48.95 -72.99 1.16
CA ASP D 165 48.05 -73.57 2.15
C ASP D 165 48.82 -73.86 3.38
N GLU D 166 50.02 -74.37 3.16
CA GLU D 166 50.93 -74.76 4.21
C GLU D 166 51.54 -73.54 4.93
N ARG D 167 51.72 -72.45 4.18
CA ARG D 167 52.12 -71.17 4.75
C ARG D 167 51.06 -70.72 5.75
N MET D 168 49.81 -70.78 5.33
CA MET D 168 48.73 -70.37 6.20
C MET D 168 48.77 -71.13 7.49
N LYS D 169 48.87 -72.47 7.40
CA LYS D 169 48.88 -73.32 8.60
C LYS D 169 49.98 -72.81 9.51
N LYS D 170 51.16 -72.56 8.93
CA LYS D 170 52.31 -72.18 9.75
C LYS D 170 52.06 -70.86 10.53
N LEU D 171 51.48 -69.87 9.83
CA LEU D 171 51.15 -68.57 10.42
C LEU D 171 50.30 -68.78 11.63
N VAL D 172 49.18 -69.46 11.43
CA VAL D 172 48.28 -69.77 12.53
C VAL D 172 49.00 -70.44 13.71
N SER D 173 49.71 -71.49 13.36
CA SER D 173 50.54 -72.19 14.30
C SER D 173 51.47 -71.23 15.12
N ILE D 174 52.24 -70.39 14.43
CA ILE D 174 53.13 -69.39 15.07
C ILE D 174 52.38 -68.40 15.97
N VAL D 175 51.22 -67.95 15.53
CA VAL D 175 50.44 -67.03 16.32
C VAL D 175 49.96 -67.75 17.57
N ALA D 176 49.32 -68.91 17.34
CA ALA D 176 48.82 -69.71 18.43
C ALA D 176 49.93 -69.88 19.47
N ASP D 177 51.09 -70.31 18.98
CA ASP D 177 52.22 -70.50 19.85
C ASP D 177 52.54 -69.23 20.63
N GLN D 178 52.86 -68.13 19.93
CA GLN D 178 53.26 -66.86 20.52
C GLN D 178 52.26 -66.37 21.54
N LEU D 179 50.98 -66.54 21.24
CA LEU D 179 49.92 -65.98 22.06
C LEU D 179 49.96 -66.69 23.37
N GLU D 180 49.82 -68.00 23.27
CA GLU D 180 49.69 -68.79 24.45
C GLU D 180 50.99 -68.68 25.29
N LYS D 181 52.15 -68.60 24.64
CA LYS D 181 53.42 -68.30 25.33
C LYS D 181 53.55 -66.84 25.73
N ASN D 182 52.43 -66.11 25.80
CA ASN D 182 52.44 -64.69 26.19
C ASN D 182 53.56 -63.76 25.58
N ARG D 183 53.89 -63.94 24.31
CA ARG D 183 54.86 -63.09 23.61
C ARG D 183 54.08 -62.27 22.57
N LEU D 184 54.54 -61.05 22.23
CA LEU D 184 53.81 -60.18 21.27
C LEU D 184 53.75 -60.75 19.85
N PRO D 185 52.55 -60.96 19.29
CA PRO D 185 52.52 -61.76 18.04
C PRO D 185 53.13 -61.09 16.80
N SER D 186 53.70 -61.94 15.96
CA SER D 186 54.39 -61.52 14.76
C SER D 186 53.48 -61.06 13.64
N VAL D 187 52.25 -61.55 13.56
CA VAL D 187 51.34 -61.01 12.57
C VAL D 187 50.77 -59.70 13.03
N HIS D 188 50.72 -58.72 12.14
CA HIS D 188 50.21 -57.40 12.55
C HIS D 188 48.71 -57.37 12.49
N PRO D 189 48.06 -56.69 13.46
CA PRO D 189 46.58 -56.64 13.57
C PRO D 189 45.86 -56.26 12.28
N HIS D 190 46.51 -55.44 11.49
CA HIS D 190 45.97 -55.10 10.22
C HIS D 190 45.97 -56.28 9.30
N HIS D 191 47.12 -56.90 9.14
CA HIS D 191 47.23 -58.07 8.27
C HIS D 191 46.41 -59.21 8.75
N SER D 192 46.18 -59.32 10.06
CA SER D 192 45.48 -60.48 10.65
C SER D 192 44.24 -60.80 9.85
N MET D 193 43.59 -59.75 9.35
CA MET D 193 42.36 -59.94 8.59
C MET D 193 42.56 -60.83 7.35
N LEU D 194 43.78 -61.05 6.87
CA LEU D 194 44.00 -61.78 5.60
C LEU D 194 44.22 -63.28 5.72
N TYR D 195 44.53 -63.72 6.93
CA TYR D 195 44.88 -65.11 7.15
C TYR D 195 43.83 -65.82 7.98
N PRO D 196 43.61 -67.12 7.71
CA PRO D 196 42.61 -67.93 8.39
C PRO D 196 42.94 -68.02 9.87
N LEU D 197 42.58 -67.03 10.66
CA LEU D 197 42.74 -67.14 12.12
C LEU D 197 41.36 -67.15 12.73
N SER D 198 41.24 -67.69 13.94
CA SER D 198 39.96 -67.63 14.67
C SER D 198 39.70 -66.20 15.09
N HIS D 199 38.43 -65.81 15.12
CA HIS D 199 38.12 -64.49 15.63
C HIS D 199 38.76 -64.24 16.97
N GLY D 200 38.89 -65.30 17.77
CA GLY D 200 39.58 -65.24 19.06
C GLY D 200 41.00 -64.72 18.93
N PHE D 201 41.74 -65.29 18.00
CA PHE D 201 43.11 -64.89 17.74
C PHE D 201 43.23 -63.46 17.28
N ARG D 202 42.51 -63.13 16.20
CA ARG D 202 42.52 -61.78 15.65
C ARG D 202 42.37 -60.78 16.73
N LYS D 203 41.38 -61.01 17.61
CA LYS D 203 41.09 -60.11 18.71
C LYS D 203 42.25 -60.04 19.68
N ALA D 204 42.85 -61.20 19.97
CA ALA D 204 43.96 -61.24 20.90
C ALA D 204 45.16 -60.48 20.37
N ILE D 205 45.36 -60.52 19.05
CA ILE D 205 46.47 -59.80 18.44
C ILE D 205 46.27 -58.30 18.65
N ALA D 206 45.14 -57.78 18.17
CA ALA D 206 44.73 -56.37 18.40
C ALA D 206 44.97 -56.02 19.87
N GLU D 207 44.40 -56.84 20.75
CA GLU D 207 44.60 -56.77 22.19
C GLU D 207 46.06 -56.42 22.61
N ARG D 208 47.03 -57.22 22.13
CA ARG D 208 48.43 -57.08 22.54
C ARG D 208 49.03 -55.83 22.00
N HIS D 209 48.73 -55.54 20.73
CA HIS D 209 49.16 -54.30 20.13
C HIS D 209 48.65 -53.10 20.88
N GLY D 210 47.42 -53.20 21.40
CA GLY D 210 46.84 -52.18 22.26
C GLY D 210 47.66 -51.91 23.50
N ASN D 211 48.11 -52.98 24.14
CA ASN D 211 48.90 -52.85 25.36
C ASN D 211 50.18 -52.12 25.17
N LEU D 212 50.72 -52.26 23.98
CA LEU D 212 51.91 -51.52 23.65
C LEU D 212 51.78 -50.04 23.93
N CYS D 213 50.57 -49.53 23.77
CA CYS D 213 50.32 -48.11 24.03
C CYS D 213 50.30 -47.91 25.49
N LEU D 214 49.67 -48.83 26.20
CA LEU D 214 49.67 -48.74 27.63
C LEU D 214 51.08 -48.54 28.17
N ASP D 215 52.05 -49.40 27.80
CA ASP D 215 53.43 -49.25 28.35
C ASP D 215 54.01 -47.90 28.07
N LYS D 216 53.69 -47.39 26.89
CA LYS D 216 54.21 -46.11 26.42
C LYS D 216 53.60 -44.90 27.11
N ILE D 217 52.36 -45.02 27.60
CA ILE D 217 51.75 -43.95 28.41
C ILE D 217 51.94 -44.13 29.91
N ASN D 218 52.02 -45.38 30.36
CA ASN D 218 52.21 -45.66 31.77
C ASN D 218 53.33 -44.91 32.41
N VAL D 219 54.39 -44.72 31.65
CA VAL D 219 55.56 -44.07 32.15
C VAL D 219 55.34 -42.59 32.19
N LEU D 220 54.19 -42.13 31.72
CA LEU D 220 53.81 -40.73 31.89
C LEU D 220 53.18 -40.45 33.24
N HIS D 221 52.69 -41.52 33.87
CA HIS D 221 52.11 -41.49 35.22
C HIS D 221 51.09 -40.40 35.28
N LYS D 222 50.06 -40.55 34.49
CA LYS D 222 49.10 -39.48 34.43
C LYS D 222 47.87 -39.89 35.17
N PRO D 223 47.37 -38.99 36.02
CA PRO D 223 46.14 -39.24 36.77
C PRO D 223 44.98 -39.33 35.81
N PRO D 224 43.99 -40.17 36.07
CA PRO D 224 42.86 -40.26 35.13
C PRO D 224 42.24 -38.87 34.90
N TYR D 225 41.55 -38.70 33.79
CA TYR D 225 41.03 -37.38 33.50
C TYR D 225 39.66 -37.20 34.09
N GLU D 226 39.39 -35.97 34.52
CA GLU D 226 38.06 -35.52 34.80
C GLU D 226 37.11 -35.43 33.57
N HIS D 227 36.19 -36.35 33.33
CA HIS D 227 35.31 -36.13 32.16
C HIS D 227 34.07 -35.32 32.37
N PRO D 228 33.75 -34.39 31.45
CA PRO D 228 32.49 -33.66 31.61
C PRO D 228 31.29 -34.61 31.77
N LYS D 229 30.26 -34.11 32.48
CA LYS D 229 29.02 -34.88 32.69
C LYS D 229 27.68 -34.36 32.13
N ASP D 230 27.70 -33.21 31.49
CA ASP D 230 26.53 -32.60 30.95
C ASP D 230 26.96 -31.78 29.77
N LEU D 231 26.02 -31.26 29.01
CA LEU D 231 26.45 -30.38 27.97
C LEU D 231 26.36 -28.95 28.43
N LYS D 232 26.55 -28.71 29.72
CA LYS D 232 26.29 -27.38 30.24
C LYS D 232 27.41 -26.46 29.76
N LEU D 233 28.65 -26.92 29.91
CA LEU D 233 29.81 -26.07 29.63
C LEU D 233 29.93 -25.80 28.15
N SER D 234 29.42 -26.71 27.32
CA SER D 234 29.54 -26.65 25.86
C SER D 234 28.26 -26.17 25.22
N ASP D 235 27.49 -25.47 26.04
CA ASP D 235 26.29 -24.81 25.62
C ASP D 235 25.29 -25.71 24.91
N GLY D 236 25.16 -26.95 25.37
CA GLY D 236 24.12 -27.83 24.87
C GLY D 236 24.63 -28.61 23.69
N ARG D 237 25.75 -28.17 23.13
CA ARG D 237 26.38 -28.89 22.01
C ARG D 237 27.26 -30.03 22.53
N LEU D 238 27.09 -31.20 21.93
CA LEU D 238 27.98 -32.34 22.14
C LEU D 238 29.28 -32.12 21.38
N ARG D 239 30.43 -32.35 22.02
CA ARG D 239 31.71 -32.05 21.38
C ARG D 239 32.38 -33.25 20.88
N VAL D 240 32.54 -33.29 19.57
CA VAL D 240 33.09 -34.47 18.93
C VAL D 240 34.46 -34.22 18.31
N GLY D 241 35.40 -35.09 18.68
CA GLY D 241 36.77 -35.00 18.21
C GLY D 241 37.11 -36.08 17.22
N TYR D 242 37.45 -35.65 16.02
CA TYR D 242 37.89 -36.59 15.02
C TYR D 242 39.39 -36.58 14.98
N VAL D 243 39.98 -37.77 15.08
CA VAL D 243 41.40 -37.85 15.21
C VAL D 243 41.96 -38.75 14.17
N SER D 244 42.67 -38.11 13.24
CA SER D 244 43.23 -38.75 12.05
C SER D 244 44.52 -38.13 11.55
N SER D 245 45.37 -39.07 11.17
CA SER D 245 46.58 -38.75 10.47
C SER D 245 46.31 -38.50 8.99
N ASP D 246 45.05 -38.55 8.56
CA ASP D 246 44.78 -38.58 7.13
C ASP D 246 43.88 -37.44 6.69
N PHE D 247 44.01 -36.30 7.35
CA PHE D 247 43.34 -35.12 6.84
C PHE D 247 44.22 -34.52 5.77
N GLY D 248 43.95 -34.94 4.56
CA GLY D 248 44.72 -34.51 3.43
C GLY D 248 44.47 -35.55 2.37
N ASN D 249 45.33 -35.62 1.36
CA ASN D 249 45.07 -36.55 0.30
C ASN D 249 45.29 -38.07 0.61
N HIS D 250 44.25 -38.74 1.07
CA HIS D 250 44.34 -40.08 1.48
C HIS D 250 42.91 -40.52 1.54
N PRO D 251 42.64 -41.80 1.31
CA PRO D 251 41.25 -42.27 1.27
C PRO D 251 40.30 -41.73 2.34
N THR D 252 40.67 -41.80 3.60
CA THR D 252 39.82 -41.25 4.64
C THR D 252 39.16 -39.94 4.20
N SER D 253 39.98 -38.98 3.80
CA SER D 253 39.47 -37.68 3.41
C SER D 253 38.57 -37.81 2.20
N HIS D 254 38.90 -38.73 1.31
CA HIS D 254 38.09 -38.92 0.15
C HIS D 254 36.77 -39.46 0.49
N LEU D 255 36.65 -39.98 1.69
CA LEU D 255 35.36 -40.48 2.10
C LEU D 255 34.59 -39.42 2.87
N MET D 256 35.21 -38.90 3.90
CA MET D 256 34.44 -38.13 4.80
C MET D 256 34.66 -36.62 4.84
N GLN D 257 35.55 -36.07 4.01
CA GLN D 257 35.85 -34.61 4.10
C GLN D 257 34.57 -33.74 4.22
N SER D 258 33.45 -34.26 3.71
CA SER D 258 32.29 -33.43 3.69
C SER D 258 31.60 -33.30 5.05
N ILE D 259 31.71 -34.38 5.84
CA ILE D 259 31.12 -34.56 7.16
C ILE D 259 31.30 -33.50 8.23
N PRO D 260 32.54 -33.13 8.56
CA PRO D 260 32.68 -32.05 9.53
C PRO D 260 31.86 -30.85 9.13
N GLY D 261 31.95 -30.49 7.86
CA GLY D 261 31.08 -29.43 7.36
C GLY D 261 29.58 -29.61 7.59
N MET D 262 29.10 -30.86 7.59
CA MET D 262 27.69 -31.12 7.62
C MET D 262 27.06 -31.30 8.97
N HIS D 263 27.86 -31.29 10.02
CA HIS D 263 27.31 -31.42 11.37
C HIS D 263 26.47 -30.28 11.74
N ASN D 264 25.45 -30.53 12.56
CA ASN D 264 24.54 -29.49 12.97
C ASN D 264 25.10 -28.69 14.12
N PRO D 265 25.48 -27.42 13.87
CA PRO D 265 26.07 -26.46 14.83
C PRO D 265 25.20 -26.19 16.04
N ASP D 266 23.90 -26.36 15.92
CA ASP D 266 23.07 -26.16 17.08
C ASP D 266 23.37 -27.22 18.17
N LYS D 267 23.64 -28.44 17.78
CA LYS D 267 23.75 -29.54 18.73
C LYS D 267 25.13 -30.07 18.85
N PHE D 268 25.99 -29.70 17.93
CA PHE D 268 27.30 -30.31 17.91
C PHE D 268 28.41 -29.31 17.63
N GLU D 269 29.55 -29.52 18.30
CA GLU D 269 30.78 -28.77 18.10
C GLU D 269 31.89 -29.73 17.68
N VAL D 270 32.40 -29.51 16.48
CA VAL D 270 33.31 -30.44 15.81
C VAL D 270 34.78 -30.05 16.01
N PHE D 271 35.54 -30.96 16.58
CA PHE D 271 36.97 -30.73 16.65
C PHE D 271 37.69 -31.75 15.82
N CYS D 272 38.54 -31.29 14.89
CA CYS D 272 39.41 -32.18 14.13
C CYS D 272 40.83 -32.12 14.62
N TYR D 273 41.36 -33.27 15.00
CA TYR D 273 42.73 -33.34 15.48
C TYR D 273 43.60 -34.07 14.45
N ALA D 274 44.47 -33.30 13.77
CA ALA D 274 45.30 -33.85 12.67
C ALA D 274 46.44 -34.46 13.33
N LEU D 275 46.81 -35.68 12.94
CA LEU D 275 48.02 -36.27 13.50
C LEU D 275 49.15 -36.09 12.52
N SER D 276 48.92 -35.31 11.47
CA SER D 276 49.80 -35.16 10.30
C SER D 276 49.90 -33.67 9.93
N PRO D 277 51.06 -33.25 9.41
CA PRO D 277 51.26 -31.87 9.03
C PRO D 277 50.56 -31.65 7.69
N ASP D 278 50.21 -30.38 7.45
CA ASP D 278 49.28 -30.02 6.39
C ASP D 278 49.95 -30.33 5.07
N ASP D 279 49.35 -31.20 4.27
CA ASP D 279 50.03 -31.61 3.06
C ASP D 279 49.86 -30.68 1.85
N GLY D 280 49.09 -29.61 1.99
CA GLY D 280 48.94 -28.68 0.87
C GLY D 280 47.68 -28.87 0.11
N THR D 281 47.25 -30.12 -0.05
CA THR D 281 45.97 -30.47 -0.71
C THR D 281 44.64 -29.80 -0.17
N ASN D 282 43.66 -29.68 -1.07
CA ASN D 282 42.38 -29.09 -0.74
C ASN D 282 41.60 -29.94 0.24
N PHE D 283 41.93 -31.22 0.34
CA PHE D 283 41.31 -32.02 1.37
C PHE D 283 41.62 -31.43 2.72
N ARG D 284 42.89 -31.15 2.96
CA ARG D 284 43.27 -30.59 4.23
C ARG D 284 42.56 -29.23 4.39
N VAL D 285 42.52 -28.48 3.29
CA VAL D 285 41.95 -27.14 3.33
C VAL D 285 40.51 -27.11 3.80
N LYS D 286 39.75 -28.02 3.20
CA LYS D 286 38.32 -28.10 3.40
C LYS D 286 38.07 -28.48 4.82
N VAL D 287 38.71 -29.55 5.27
CA VAL D 287 38.49 -29.93 6.63
C VAL D 287 38.84 -28.78 7.58
N MET D 288 39.92 -28.08 7.31
CA MET D 288 40.30 -27.02 8.21
C MET D 288 39.33 -25.89 8.12
N ALA D 289 38.88 -25.57 6.92
CA ALA D 289 37.87 -24.51 6.76
C ALA D 289 36.55 -24.85 7.44
N GLU D 290 36.14 -26.11 7.35
CA GLU D 290 34.85 -26.53 7.80
C GLU D 290 34.70 -26.98 9.22
N ALA D 291 35.70 -27.61 9.82
CA ALA D 291 35.58 -27.97 11.24
C ALA D 291 35.35 -26.74 12.11
N ASN D 292 34.70 -26.93 13.25
CA ASN D 292 34.54 -25.82 14.20
C ASN D 292 35.88 -25.50 14.75
N HIS D 293 36.70 -26.53 14.99
CA HIS D 293 38.09 -26.32 15.41
C HIS D 293 38.98 -27.31 14.83
N PHE D 294 40.05 -26.83 14.26
CA PHE D 294 40.99 -27.75 13.67
C PHE D 294 42.20 -27.62 14.51
N ILE D 295 42.72 -28.76 14.96
CA ILE D 295 43.88 -28.75 15.84
C ILE D 295 44.99 -29.61 15.29
N ASP D 296 46.13 -29.01 15.06
CA ASP D 296 47.24 -29.78 14.51
C ASP D 296 48.14 -30.47 15.55
N LEU D 297 47.87 -31.73 15.85
CA LEU D 297 48.66 -32.40 16.86
C LEU D 297 50.04 -32.91 16.40
N SER D 298 50.33 -32.86 15.10
CA SER D 298 51.65 -33.27 14.69
C SER D 298 52.64 -32.25 15.30
N GLN D 299 52.12 -31.08 15.65
CA GLN D 299 52.83 -30.07 16.43
C GLN D 299 53.21 -30.50 17.84
N ILE D 300 52.54 -31.48 18.41
CA ILE D 300 52.66 -31.71 19.84
C ILE D 300 52.99 -33.18 19.93
N PRO D 301 54.27 -33.48 19.72
CA PRO D 301 54.78 -34.82 19.73
C PRO D 301 54.48 -35.48 21.07
N CYS D 302 54.56 -34.76 22.19
CA CYS D 302 54.26 -35.43 23.45
C CYS D 302 52.81 -35.91 23.57
N ASN D 303 52.59 -37.20 23.79
CA ASN D 303 51.20 -37.63 24.04
C ASN D 303 50.54 -37.04 25.28
N GLY D 304 51.30 -36.90 26.36
CA GLY D 304 50.88 -36.17 27.55
C GLY D 304 50.25 -34.85 27.17
N LYS D 305 51.02 -33.97 26.55
CA LYS D 305 50.53 -32.65 26.18
C LYS D 305 49.36 -32.69 25.21
N ALA D 306 49.47 -33.50 24.17
CA ALA D 306 48.39 -33.73 23.22
C ALA D 306 47.12 -34.18 23.97
N ALA D 307 47.20 -35.32 24.64
CA ALA D 307 46.06 -35.81 25.39
C ALA D 307 45.39 -34.71 26.20
N ASP D 308 46.23 -33.86 26.82
CA ASP D 308 45.74 -32.76 27.62
C ASP D 308 44.93 -31.82 26.77
N ARG D 309 45.55 -31.41 25.66
CA ARG D 309 44.95 -30.52 24.70
C ARG D 309 43.57 -30.99 24.24
N ILE D 310 43.36 -32.30 24.21
CA ILE D 310 42.06 -32.78 23.87
C ILE D 310 41.18 -32.50 25.06
N HIS D 311 41.56 -33.03 26.20
CA HIS D 311 40.77 -32.94 27.38
C HIS D 311 40.37 -31.53 27.67
N GLN D 312 41.40 -30.68 27.75
CA GLN D 312 41.34 -29.25 27.60
C GLN D 312 40.18 -28.67 26.76
N ASP D 313 39.89 -29.26 25.60
CA ASP D 313 38.88 -28.71 24.70
C ASP D 313 37.52 -29.18 25.09
N GLY D 314 37.47 -30.22 25.90
CA GLY D 314 36.25 -30.64 26.56
C GLY D 314 35.42 -31.56 25.71
N ILE D 315 36.11 -32.41 24.96
CA ILE D 315 35.49 -33.40 24.14
C ILE D 315 34.67 -34.44 24.89
N HIS D 316 33.44 -34.65 24.42
CA HIS D 316 32.60 -35.69 24.95
C HIS D 316 32.87 -36.96 24.23
N ILE D 317 32.89 -36.94 22.92
CA ILE D 317 33.18 -38.15 22.18
C ILE D 317 34.39 -37.98 21.28
N LEU D 318 35.36 -38.89 21.46
CA LEU D 318 36.58 -38.96 20.66
C LEU D 318 36.57 -40.13 19.69
N VAL D 319 36.80 -39.79 18.43
CA VAL D 319 36.68 -40.75 17.37
C VAL D 319 38.06 -41.09 16.81
N ASN D 320 38.35 -42.38 16.78
CA ASN D 320 39.59 -42.86 16.30
C ASN D 320 39.44 -43.26 14.86
N MET D 321 39.94 -42.44 13.98
CA MET D 321 39.87 -42.81 12.58
C MET D 321 41.05 -43.63 12.08
N ASN D 322 41.85 -44.17 13.00
CA ASN D 322 43.16 -44.68 12.61
C ASN D 322 43.38 -46.16 12.83
N GLY D 323 42.90 -46.66 13.97
CA GLY D 323 43.17 -48.04 14.38
C GLY D 323 44.64 -48.33 14.27
N TYR D 324 44.99 -49.48 13.72
CA TYR D 324 46.35 -49.89 13.67
C TYR D 324 46.90 -49.66 12.31
N THR D 325 46.85 -48.42 11.88
CA THR D 325 47.39 -48.07 10.58
C THR D 325 48.45 -46.97 10.70
N LYS D 326 49.13 -46.67 9.59
CA LYS D 326 50.25 -45.73 9.59
C LYS D 326 49.78 -44.40 10.11
N GLY D 327 50.53 -43.84 11.02
CA GLY D 327 50.25 -42.50 11.42
C GLY D 327 49.58 -42.49 12.75
N ALA D 328 49.03 -43.63 13.14
CA ALA D 328 48.15 -43.72 14.32
C ALA D 328 48.79 -43.23 15.59
N ARG D 329 47.99 -42.66 16.50
CA ARG D 329 48.54 -42.33 17.82
C ARG D 329 47.64 -42.75 18.91
N ASN D 330 47.50 -44.05 19.07
CA ASN D 330 46.50 -44.55 19.99
C ASN D 330 46.80 -44.29 21.45
N GLU D 331 48.09 -44.12 21.72
CA GLU D 331 48.49 -43.57 22.99
C GLU D 331 47.48 -42.50 23.40
N LEU D 332 47.13 -41.58 22.50
CA LEU D 332 46.09 -40.58 22.85
C LEU D 332 44.81 -41.18 23.41
N PHE D 333 44.27 -42.19 22.74
CA PHE D 333 43.07 -42.85 23.24
C PHE D 333 43.27 -43.58 24.53
N ALA D 334 44.40 -44.30 24.60
CA ALA D 334 44.84 -45.03 25.79
C ALA D 334 44.91 -44.12 27.00
N LEU D 335 45.31 -42.86 26.83
CA LEU D 335 45.23 -41.90 27.90
C LEU D 335 43.79 -41.46 28.30
N ARG D 336 42.77 -41.93 27.58
CA ARG D 336 41.37 -41.72 27.93
C ARG D 336 41.04 -40.27 28.31
N PRO D 337 41.16 -39.31 27.36
CA PRO D 337 40.88 -37.90 27.65
C PRO D 337 39.39 -37.54 27.50
N ALA D 338 38.61 -38.46 26.91
CA ALA D 338 37.21 -38.23 26.72
C ALA D 338 36.43 -39.45 27.24
N PRO D 339 35.19 -39.17 27.74
CA PRO D 339 34.30 -40.16 28.33
C PRO D 339 34.01 -41.29 27.38
N ILE D 340 33.87 -40.97 26.09
CA ILE D 340 33.49 -41.96 25.11
C ILE D 340 34.44 -41.96 23.94
N GLN D 341 34.95 -43.13 23.60
CA GLN D 341 35.90 -43.17 22.53
C GLN D 341 35.52 -44.26 21.56
N ALA D 342 35.32 -43.90 20.31
CA ALA D 342 34.79 -44.84 19.32
C ALA D 342 35.67 -45.01 18.10
N MET D 343 35.75 -46.23 17.61
CA MET D 343 36.43 -46.53 16.36
C MET D 343 35.51 -46.30 15.19
N TRP D 344 36.04 -45.74 14.11
CA TRP D 344 35.15 -45.33 13.04
C TRP D 344 35.87 -45.24 11.76
N LEU D 345 35.29 -45.87 10.75
CA LEU D 345 35.64 -45.69 9.31
C LEU D 345 37.08 -46.06 8.84
N GLY D 346 38.06 -45.56 9.58
CA GLY D 346 39.44 -45.64 9.18
C GLY D 346 39.99 -47.03 9.16
N TYR D 347 39.77 -47.78 10.24
CA TYR D 347 40.33 -49.12 10.42
C TYR D 347 39.20 -50.13 10.48
N PRO D 348 39.30 -51.18 9.64
CA PRO D 348 38.38 -52.30 9.45
C PRO D 348 38.71 -53.55 10.31
N GLY D 349 38.57 -53.40 11.63
CA GLY D 349 38.88 -54.49 12.57
C GLY D 349 38.80 -54.04 14.01
N THR D 350 38.86 -54.95 14.95
CA THR D 350 38.72 -54.49 16.33
C THR D 350 40.04 -53.95 16.78
N SER D 351 40.00 -52.96 17.66
CA SER D 351 41.18 -52.44 18.36
C SER D 351 41.60 -53.42 19.42
N GLY D 352 40.68 -54.32 19.77
CA GLY D 352 40.89 -55.26 20.87
C GLY D 352 41.44 -54.61 22.12
N ALA D 353 41.12 -53.35 22.33
CA ALA D 353 41.69 -52.57 23.43
C ALA D 353 40.65 -51.97 24.39
N LEU D 354 40.93 -52.06 25.69
CA LEU D 354 39.98 -51.56 26.70
C LEU D 354 39.68 -50.06 26.54
N PHE D 355 40.59 -49.26 25.98
CA PHE D 355 40.33 -47.82 25.87
C PHE D 355 39.43 -47.40 24.71
N MET D 356 38.98 -48.36 23.90
CA MET D 356 37.96 -48.10 22.88
C MET D 356 36.60 -48.67 23.29
N ASP D 357 35.67 -47.77 23.58
CA ASP D 357 34.30 -48.12 23.95
C ASP D 357 33.46 -48.71 22.82
N TYR D 358 33.39 -48.02 21.70
CA TYR D 358 32.53 -48.49 20.62
C TYR D 358 33.28 -48.61 19.33
N ILE D 359 32.74 -49.46 18.47
CA ILE D 359 33.10 -49.42 17.09
C ILE D 359 31.85 -49.18 16.28
N ILE D 360 31.90 -48.12 15.50
CA ILE D 360 30.78 -47.72 14.66
C ILE D 360 30.79 -48.55 13.37
N THR D 361 29.71 -49.30 13.23
CA THR D 361 29.56 -50.23 12.12
C THR D 361 28.07 -50.31 11.77
N ASP D 362 27.63 -51.40 11.15
CA ASP D 362 26.22 -51.62 10.92
C ASP D 362 25.82 -53.08 11.04
N GLN D 363 24.54 -53.32 10.85
CA GLN D 363 24.00 -54.63 11.03
C GLN D 363 24.54 -55.67 10.01
N GLU D 364 24.82 -55.24 8.79
CA GLU D 364 25.35 -56.14 7.73
C GLU D 364 26.82 -56.46 7.89
N THR D 365 27.55 -55.48 8.36
CA THR D 365 28.97 -55.58 8.41
C THR D 365 29.31 -56.43 9.62
N SER D 366 28.54 -56.22 10.67
CA SER D 366 28.87 -56.83 11.94
C SER D 366 27.62 -57.39 12.59
N PRO D 367 27.01 -58.41 11.97
CA PRO D 367 25.80 -58.96 12.61
C PRO D 367 26.12 -59.45 14.02
N ALA D 368 25.11 -59.50 14.89
CA ALA D 368 25.35 -59.83 16.29
C ALA D 368 25.91 -61.22 16.46
N GLU D 369 25.62 -62.14 15.52
CA GLU D 369 26.24 -63.49 15.50
C GLU D 369 27.75 -63.40 15.67
N VAL D 370 28.41 -62.54 14.90
CA VAL D 370 29.87 -62.50 14.90
C VAL D 370 30.44 -61.45 15.84
N ALA D 371 29.56 -60.93 16.70
CA ALA D 371 29.90 -59.86 17.66
C ALA D 371 31.13 -60.09 18.56
N GLU D 372 31.69 -61.30 18.56
CA GLU D 372 32.80 -61.54 19.48
C GLU D 372 34.15 -61.39 18.84
N GLN D 373 34.14 -61.18 17.53
CA GLN D 373 35.24 -60.61 16.77
C GLN D 373 35.81 -59.38 17.46
N TYR D 374 34.90 -58.51 17.92
CA TYR D 374 35.20 -57.13 18.38
C TYR D 374 35.24 -57.04 19.87
N SER D 375 36.17 -56.26 20.35
CA SER D 375 36.32 -56.04 21.74
C SER D 375 35.48 -54.81 22.19
N GLU D 376 35.04 -53.99 21.24
CA GLU D 376 34.23 -52.80 21.58
C GLU D 376 32.77 -53.20 21.52
N LYS D 377 31.88 -52.40 22.08
CA LYS D 377 30.47 -52.65 21.85
C LYS D 377 30.18 -52.16 20.46
N LEU D 378 29.33 -52.87 19.73
CA LEU D 378 28.84 -52.36 18.43
C LEU D 378 27.98 -51.08 18.54
N ALA D 379 28.23 -50.10 17.68
CA ALA D 379 27.28 -49.02 17.50
C ALA D 379 26.82 -49.05 16.05
N TYR D 380 25.54 -49.31 15.80
CA TYR D 380 25.08 -49.47 14.44
C TYR D 380 24.65 -48.16 13.85
N MET D 381 25.13 -47.92 12.64
CA MET D 381 24.47 -47.01 11.74
C MET D 381 23.35 -47.79 11.04
N PRO D 382 22.31 -47.06 10.62
CA PRO D 382 21.13 -47.71 10.11
C PRO D 382 21.38 -48.48 8.81
N HIS D 383 22.18 -47.99 7.90
CA HIS D 383 22.26 -48.73 6.67
C HIS D 383 23.58 -49.36 6.54
N THR D 384 24.52 -48.50 6.19
CA THR D 384 25.91 -48.87 6.19
C THR D 384 26.62 -47.76 6.90
N PHE D 385 27.80 -48.12 7.41
CA PHE D 385 28.63 -47.21 8.16
C PHE D 385 29.58 -46.58 7.17
N PHE D 386 29.72 -47.21 6.02
CA PHE D 386 30.53 -46.64 4.97
C PHE D 386 29.91 -45.40 4.31
N ILE D 387 30.76 -44.56 3.78
CA ILE D 387 30.33 -43.33 3.16
C ILE D 387 31.41 -42.85 2.18
N GLY D 388 31.04 -41.95 1.27
CA GLY D 388 31.94 -41.47 0.25
C GLY D 388 31.66 -40.06 -0.25
N ASP D 389 32.72 -39.35 -0.57
CA ASP D 389 32.50 -38.03 -1.04
C ASP D 389 32.15 -37.89 -2.49
N HIS D 390 31.95 -39.02 -3.15
CA HIS D 390 31.94 -39.06 -4.59
C HIS D 390 31.00 -38.09 -5.15
N ALA D 391 29.94 -37.81 -4.39
CA ALA D 391 28.85 -36.96 -4.84
C ALA D 391 29.36 -35.55 -4.97
N ASN D 392 30.16 -35.15 -4.00
CA ASN D 392 30.80 -33.87 -4.05
C ASN D 392 32.04 -33.82 -4.91
N MET D 393 32.92 -34.82 -4.79
CA MET D 393 34.20 -34.81 -5.51
C MET D 393 34.08 -35.05 -6.98
N PHE D 394 33.11 -35.87 -7.39
CA PHE D 394 33.01 -36.31 -8.79
C PHE D 394 31.63 -36.14 -9.42
N PRO D 395 31.07 -34.91 -9.35
CA PRO D 395 29.74 -34.73 -9.85
C PRO D 395 29.65 -34.82 -11.37
N HIS D 396 30.75 -34.71 -12.08
CA HIS D 396 30.67 -34.89 -13.53
C HIS D 396 30.38 -36.34 -13.92
N LEU D 397 30.41 -37.25 -12.97
CA LEU D 397 30.05 -38.59 -13.31
C LEU D 397 28.61 -38.90 -12.92
N LYS D 398 27.87 -37.87 -12.51
CA LYS D 398 26.43 -38.02 -12.26
C LYS D 398 25.78 -38.43 -13.57
N LYS D 399 26.13 -37.77 -14.66
CA LYS D 399 25.58 -38.12 -15.97
C LYS D 399 26.63 -38.49 -17.01
N LYS D 400 26.19 -39.30 -17.96
CA LYS D 400 27.06 -39.66 -19.07
C LYS D 400 26.38 -39.54 -20.39
N ALA D 401 27.18 -39.61 -21.45
CA ALA D 401 26.71 -39.75 -22.81
C ALA D 401 27.67 -40.71 -23.51
N VAL D 402 27.22 -41.30 -24.62
CA VAL D 402 28.05 -42.22 -25.39
C VAL D 402 28.10 -41.86 -26.87
N ILE D 403 28.99 -42.56 -27.57
CA ILE D 403 29.04 -42.52 -29.02
C ILE D 403 28.76 -43.92 -29.59
N ASP D 404 27.96 -43.93 -30.66
CA ASP D 404 27.71 -45.15 -31.40
C ASP D 404 28.45 -45.20 -32.72
N PHE D 405 29.38 -46.14 -32.79
CA PHE D 405 30.31 -46.32 -33.90
C PHE D 405 29.98 -47.61 -34.70
N LYS D 406 28.73 -48.06 -34.71
CA LYS D 406 28.38 -49.29 -35.43
C LYS D 406 27.71 -49.03 -36.79
N ILE D 411 24.54 -50.42 -29.48
CA ILE D 411 24.53 -49.23 -28.59
C ILE D 411 25.00 -49.54 -27.15
N TYR D 412 26.28 -49.29 -26.88
CA TYR D 412 26.81 -49.64 -25.58
C TYR D 412 27.03 -48.43 -24.67
N ASP D 413 26.70 -48.65 -23.41
CA ASP D 413 26.85 -47.66 -22.35
C ASP D 413 28.27 -47.51 -21.81
N ASN D 414 29.22 -48.25 -22.35
CA ASN D 414 30.50 -48.32 -21.72
C ASN D 414 31.63 -48.60 -22.69
N ARG D 415 31.46 -48.10 -23.91
CA ARG D 415 32.51 -48.35 -24.88
C ARG D 415 33.24 -47.06 -25.15
N ILE D 416 32.47 -45.99 -25.31
CA ILE D 416 33.02 -44.65 -25.46
C ILE D 416 32.09 -43.74 -24.68
N VAL D 417 32.63 -43.04 -23.69
CA VAL D 417 31.80 -42.35 -22.73
C VAL D 417 32.27 -40.95 -22.54
N LEU D 418 31.29 -40.06 -22.40
CA LEU D 418 31.56 -38.66 -22.16
C LEU D 418 30.97 -38.24 -20.85
N ASN D 419 31.77 -37.55 -20.04
CA ASN D 419 31.22 -36.85 -18.90
C ASN D 419 31.74 -35.44 -18.88
N GLY D 420 30.99 -34.58 -18.24
CA GLY D 420 31.43 -33.22 -18.14
C GLY D 420 30.31 -32.47 -17.48
N ILE D 421 30.68 -31.40 -16.77
CA ILE D 421 29.68 -30.55 -16.19
C ILE D 421 28.88 -29.78 -17.25
N ASP D 422 29.54 -29.36 -18.33
CA ASP D 422 28.81 -28.69 -19.39
C ASP D 422 28.37 -29.68 -20.51
N LEU D 423 28.33 -30.98 -20.21
CA LEU D 423 28.00 -32.00 -21.20
C LEU D 423 26.70 -31.68 -21.92
N LYS D 424 25.67 -31.48 -21.09
CA LYS D 424 24.34 -31.02 -21.53
C LYS D 424 24.40 -29.92 -22.58
N ALA D 425 24.72 -28.71 -22.14
CA ALA D 425 25.08 -27.59 -23.04
C ALA D 425 25.76 -27.93 -24.39
N PHE D 426 26.66 -28.91 -24.38
CA PHE D 426 27.36 -29.34 -25.56
C PHE D 426 26.45 -30.09 -26.48
N LEU D 427 25.78 -31.11 -25.94
CA LEU D 427 24.82 -31.92 -26.71
C LEU D 427 23.78 -31.09 -27.44
N ASP D 428 23.51 -29.93 -26.89
CA ASP D 428 22.53 -29.06 -27.50
C ASP D 428 23.06 -28.32 -28.68
N SER D 429 24.36 -28.05 -28.68
CA SER D 429 24.99 -27.50 -29.86
C SER D 429 25.00 -28.59 -30.91
N LEU D 430 24.79 -29.83 -30.49
CA LEU D 430 24.83 -30.93 -31.44
C LEU D 430 23.55 -31.14 -32.23
N PRO D 431 23.70 -31.51 -33.53
CA PRO D 431 22.62 -31.84 -34.43
C PRO D 431 21.82 -33.11 -34.04
N ASP D 432 22.46 -34.25 -33.78
CA ASP D 432 21.71 -35.50 -33.91
C ASP D 432 21.54 -36.38 -32.71
N VAL D 433 21.34 -35.81 -31.56
CA VAL D 433 21.46 -36.63 -30.38
C VAL D 433 20.24 -37.49 -30.04
N LYS D 434 20.33 -38.79 -30.30
CA LYS D 434 19.26 -39.71 -29.88
C LYS D 434 19.41 -39.93 -28.39
N ILE D 435 18.31 -40.32 -27.74
CA ILE D 435 18.30 -40.31 -26.29
C ILE D 435 17.70 -41.59 -25.68
N VAL D 436 18.42 -42.72 -25.69
CA VAL D 436 18.02 -43.94 -24.93
C VAL D 436 17.42 -43.72 -23.53
N LYS D 437 16.25 -44.27 -23.24
CA LYS D 437 15.63 -44.09 -21.93
C LYS D 437 16.00 -45.21 -20.96
N MET D 438 15.79 -44.99 -19.66
CA MET D 438 16.22 -45.95 -18.62
C MET D 438 15.13 -46.40 -17.66
N LEU D 454 18.12 -41.05 -15.00
CA LEU D 454 17.50 -40.24 -16.05
C LEU D 454 17.36 -41.10 -17.35
N ASN D 455 18.44 -41.25 -18.12
CA ASN D 455 18.39 -41.74 -19.51
C ASN D 455 19.72 -41.37 -20.20
N MET D 456 20.09 -42.04 -21.28
CA MET D 456 21.39 -41.78 -21.84
C MET D 456 21.46 -41.20 -23.27
N PRO D 457 21.84 -39.94 -23.40
CA PRO D 457 22.08 -39.38 -24.72
C PRO D 457 23.11 -40.18 -25.54
N VAL D 458 22.83 -40.34 -26.82
CA VAL D 458 23.76 -40.99 -27.72
C VAL D 458 24.15 -40.12 -28.91
N ILE D 459 25.42 -39.74 -28.98
CA ILE D 459 25.93 -39.11 -30.18
C ILE D 459 26.09 -40.21 -31.22
N PRO D 460 25.51 -39.99 -32.43
CA PRO D 460 25.62 -40.83 -33.64
C PRO D 460 26.98 -40.66 -34.32
N MET D 461 27.34 -41.50 -35.28
CA MET D 461 28.63 -41.33 -35.90
C MET D 461 28.72 -40.09 -36.87
N ASN D 462 28.62 -38.85 -36.37
CA ASN D 462 28.87 -37.61 -37.19
C ASN D 462 30.33 -37.50 -37.59
N THR D 463 30.72 -36.36 -38.14
CA THR D 463 32.14 -36.02 -38.28
C THR D 463 32.71 -35.68 -36.92
N ILE D 464 31.84 -35.07 -36.11
CA ILE D 464 32.10 -34.84 -34.72
C ILE D 464 32.57 -36.12 -34.04
N ALA D 465 31.65 -37.07 -33.89
CA ALA D 465 32.08 -38.32 -33.35
C ALA D 465 33.49 -38.73 -33.88
N GLU D 466 33.75 -38.54 -35.16
CA GLU D 466 35.04 -38.91 -35.72
C GLU D 466 36.22 -38.16 -35.17
N ALA D 467 36.10 -36.84 -35.06
CA ALA D 467 37.20 -35.99 -34.58
C ALA D 467 37.58 -36.43 -33.18
N VAL D 468 36.58 -36.51 -32.31
CA VAL D 468 36.75 -37.06 -30.96
C VAL D 468 37.50 -38.37 -30.98
N ILE D 469 36.88 -39.36 -31.63
CA ILE D 469 37.46 -40.67 -31.70
C ILE D 469 38.88 -40.62 -32.30
N GLU D 470 39.05 -39.83 -33.36
CA GLU D 470 40.38 -39.59 -33.88
C GLU D 470 41.35 -38.99 -32.84
N MET D 471 40.93 -37.98 -32.08
CA MET D 471 41.79 -37.39 -31.02
C MET D 471 42.26 -38.46 -30.09
N ILE D 472 41.33 -39.33 -29.70
CA ILE D 472 41.68 -40.47 -28.86
C ILE D 472 42.79 -41.29 -29.50
N ASN D 473 42.58 -41.65 -30.76
CA ASN D 473 43.52 -42.47 -31.53
C ASN D 473 44.85 -41.81 -31.75
N ARG D 474 44.86 -40.53 -32.08
CA ARG D 474 46.13 -39.88 -32.32
C ARG D 474 46.82 -39.61 -31.00
N GLY D 475 46.12 -39.93 -29.91
CA GLY D 475 46.62 -39.72 -28.56
C GLY D 475 46.90 -38.24 -28.28
N GLN D 476 45.99 -37.37 -28.71
CA GLN D 476 46.12 -35.94 -28.46
C GLN D 476 45.51 -35.56 -27.15
N ILE D 477 45.97 -34.43 -26.62
CA ILE D 477 45.59 -34.03 -25.28
C ILE D 477 44.09 -33.75 -25.19
N GLN D 478 43.60 -33.01 -26.16
CA GLN D 478 42.30 -32.42 -26.11
C GLN D 478 41.97 -31.71 -27.40
N ILE D 479 40.68 -31.57 -27.72
CA ILE D 479 40.27 -30.78 -28.89
C ILE D 479 39.17 -29.80 -28.55
N THR D 480 38.78 -28.98 -29.51
CA THR D 480 37.70 -28.04 -29.29
C THR D 480 36.63 -28.33 -30.30
N ILE D 481 35.36 -28.27 -29.94
CA ILE D 481 34.23 -28.53 -30.85
C ILE D 481 33.12 -27.57 -30.48
N ASN D 482 32.71 -26.76 -31.45
CA ASN D 482 31.75 -25.69 -31.15
C ASN D 482 32.12 -24.89 -29.94
N GLY D 483 33.42 -24.71 -29.74
CA GLY D 483 33.93 -24.01 -28.57
C GLY D 483 34.02 -24.73 -27.24
N PHE D 484 33.56 -25.99 -27.12
CA PHE D 484 33.69 -26.68 -25.85
C PHE D 484 35.01 -27.44 -25.79
N SER D 485 35.74 -27.40 -24.67
CA SER D 485 36.95 -28.21 -24.65
C SER D 485 36.54 -29.63 -24.42
N ILE D 486 37.15 -30.50 -25.22
CA ILE D 486 37.00 -31.92 -25.08
C ILE D 486 38.33 -32.54 -24.81
N SER D 487 38.41 -33.15 -23.63
CA SER D 487 39.68 -33.56 -23.11
C SER D 487 39.85 -35.06 -23.18
N ASN D 488 41.05 -35.44 -23.58
CA ASN D 488 41.38 -36.85 -23.60
C ASN D 488 41.57 -37.36 -22.21
N GLY D 489 40.67 -38.23 -21.74
CA GLY D 489 40.69 -38.66 -20.34
C GLY D 489 41.87 -39.48 -19.86
N LEU D 490 43.01 -39.28 -20.50
CA LEU D 490 44.26 -39.90 -20.11
C LEU D 490 45.22 -38.80 -19.85
N ALA D 491 44.93 -37.63 -20.39
CA ALA D 491 45.75 -36.49 -20.13
C ALA D 491 45.25 -35.62 -18.98
N THR D 492 44.50 -36.14 -18.01
CA THR D 492 43.93 -35.22 -17.04
C THR D 492 45.00 -34.43 -16.36
N THR D 493 46.09 -35.08 -15.96
CA THR D 493 47.10 -34.38 -15.14
C THR D 493 47.75 -33.24 -15.89
N GLN D 494 47.69 -33.33 -17.21
CA GLN D 494 48.38 -32.37 -18.05
C GLN D 494 47.53 -31.19 -18.27
N ILE D 495 46.23 -31.43 -18.27
CA ILE D 495 45.25 -30.38 -18.41
C ILE D 495 44.98 -29.68 -17.09
N ASN D 496 44.81 -30.43 -16.00
CA ASN D 496 44.63 -29.81 -14.71
C ASN D 496 44.83 -30.79 -13.60
N ASN D 497 46.05 -30.85 -13.09
CA ASN D 497 46.41 -31.81 -12.03
C ASN D 497 45.45 -31.77 -10.85
N LYS D 498 44.89 -30.61 -10.54
CA LYS D 498 43.95 -30.54 -9.40
C LYS D 498 42.69 -31.40 -9.67
N ALA D 499 42.26 -31.40 -10.94
CA ALA D 499 41.14 -32.23 -11.39
C ALA D 499 41.47 -33.68 -11.20
N ALA D 500 42.65 -34.06 -11.71
CA ALA D 500 43.09 -35.45 -11.76
C ALA D 500 43.12 -36.10 -10.40
N THR D 501 43.42 -35.32 -9.36
CA THR D 501 43.55 -35.82 -7.99
C THR D 501 42.30 -35.84 -7.16
N GLY D 502 41.25 -35.19 -7.64
CA GLY D 502 40.01 -35.12 -6.89
C GLY D 502 39.85 -33.81 -6.18
N GLU D 503 40.91 -33.03 -6.15
CA GLU D 503 40.87 -31.77 -5.47
C GLU D 503 40.00 -30.74 -6.15
N GLU D 504 39.75 -30.89 -7.43
CA GLU D 504 38.84 -29.97 -8.13
C GLU D 504 37.88 -30.78 -8.97
N VAL D 505 36.76 -30.17 -9.29
CA VAL D 505 35.90 -30.78 -10.31
C VAL D 505 36.35 -30.34 -11.70
N PRO D 506 36.51 -31.30 -12.62
CA PRO D 506 37.01 -30.92 -13.94
C PRO D 506 36.11 -29.87 -14.58
N ARG D 507 36.71 -28.90 -15.25
CA ARG D 507 35.93 -27.91 -15.94
C ARG D 507 35.89 -28.20 -17.48
N THR D 508 36.28 -29.41 -17.91
CA THR D 508 36.18 -29.78 -19.32
C THR D 508 35.27 -30.99 -19.44
N ILE D 509 35.12 -31.44 -20.68
CA ILE D 509 34.36 -32.62 -20.96
C ILE D 509 35.36 -33.68 -21.34
N ILE D 510 35.14 -34.87 -20.83
CA ILE D 510 36.22 -35.82 -20.82
C ILE D 510 35.80 -37.10 -21.49
N VAL D 511 36.63 -37.50 -22.45
CA VAL D 511 36.34 -38.71 -23.20
C VAL D 511 37.06 -39.91 -22.59
N THR D 512 36.34 -41.01 -22.44
CA THR D 512 36.88 -42.20 -21.78
C THR D 512 36.48 -43.42 -22.59
N THR D 513 37.43 -44.24 -23.02
CA THR D 513 37.11 -45.27 -24.01
C THR D 513 37.84 -46.54 -23.71
N ARG D 514 37.27 -47.69 -24.10
CA ARG D 514 37.91 -48.97 -23.85
C ARG D 514 39.25 -49.03 -24.58
N SER D 515 39.27 -48.51 -25.80
CA SER D 515 40.51 -48.52 -26.54
C SER D 515 41.63 -47.86 -25.76
N GLN D 516 41.34 -46.89 -24.87
CA GLN D 516 42.40 -46.21 -24.07
C GLN D 516 43.11 -47.19 -23.18
N TYR D 517 42.45 -48.25 -22.71
CA TYR D 517 43.13 -49.13 -21.79
C TYR D 517 43.32 -50.49 -22.45
N GLY D 518 43.10 -50.55 -23.76
CA GLY D 518 43.25 -51.78 -24.50
C GLY D 518 42.23 -52.84 -24.08
N LEU D 519 41.05 -52.37 -23.72
CA LEU D 519 39.97 -53.31 -23.52
C LEU D 519 39.34 -53.58 -24.88
N PRO D 520 38.78 -54.80 -25.05
CA PRO D 520 38.03 -55.26 -26.20
C PRO D 520 36.66 -54.59 -26.35
N GLU D 521 36.38 -54.10 -27.57
CA GLU D 521 35.20 -53.27 -27.83
C GLU D 521 33.92 -54.08 -27.76
N ASP D 522 34.06 -55.39 -27.69
CA ASP D 522 32.92 -56.28 -27.83
C ASP D 522 33.03 -57.47 -26.87
N ALA D 523 33.44 -57.21 -25.64
CA ALA D 523 33.61 -58.27 -24.68
C ALA D 523 32.83 -57.95 -23.42
N ILE D 524 32.73 -58.93 -22.53
CA ILE D 524 32.38 -58.60 -21.17
C ILE D 524 33.65 -58.23 -20.38
N VAL D 525 33.65 -57.05 -19.77
CA VAL D 525 34.78 -56.66 -18.95
C VAL D 525 34.45 -56.76 -17.48
N TYR D 526 35.12 -57.69 -16.85
CA TYR D 526 35.03 -57.84 -15.43
C TYR D 526 36.23 -57.11 -14.86
N CYS D 527 36.06 -56.38 -13.76
CA CYS D 527 37.19 -55.61 -13.26
C CYS D 527 37.40 -55.89 -11.79
N ASN D 528 38.62 -55.60 -11.32
CA ASN D 528 38.91 -55.39 -9.89
C ASN D 528 40.12 -54.50 -9.64
N PHE D 529 39.81 -53.36 -9.07
CA PHE D 529 40.79 -52.33 -8.93
C PHE D 529 41.40 -52.29 -7.54
N ASN D 530 41.26 -53.36 -6.78
CA ASN D 530 41.90 -53.40 -5.47
C ASN D 530 43.38 -53.67 -5.63
N GLN D 531 44.15 -53.33 -4.61
CA GLN D 531 45.56 -53.74 -4.59
C GLN D 531 45.58 -55.24 -4.55
N LEU D 532 46.59 -55.83 -5.20
CA LEU D 532 46.54 -57.24 -5.48
C LEU D 532 46.63 -58.08 -4.21
N TYR D 533 47.25 -57.58 -3.15
CA TYR D 533 47.27 -58.38 -1.94
C TYR D 533 45.89 -58.93 -1.44
N LYS D 534 44.76 -58.31 -1.83
CA LYS D 534 43.42 -58.80 -1.41
C LYS D 534 42.98 -60.11 -2.15
N ILE D 535 43.82 -60.52 -3.11
CA ILE D 535 43.57 -61.72 -3.90
C ILE D 535 44.35 -62.89 -3.36
N ASP D 536 43.61 -64.01 -3.24
CA ASP D 536 44.17 -65.31 -2.91
C ASP D 536 43.85 -66.30 -3.99
N PRO D 537 44.46 -67.51 -3.92
CA PRO D 537 44.30 -68.60 -4.89
C PRO D 537 42.86 -68.93 -5.20
N SER D 538 42.03 -69.01 -4.17
CA SER D 538 40.65 -69.43 -4.35
C SER D 538 39.85 -68.35 -4.99
N THR D 539 40.22 -67.10 -4.72
CA THR D 539 39.54 -66.01 -5.37
C THR D 539 39.88 -66.09 -6.87
N LEU D 540 41.15 -66.22 -7.20
CA LEU D 540 41.51 -66.26 -8.59
C LEU D 540 40.87 -67.48 -9.24
N GLN D 541 40.77 -68.55 -8.46
CA GLN D 541 40.05 -69.71 -8.91
C GLN D 541 38.65 -69.33 -9.41
N MET D 542 37.80 -68.86 -8.52
CA MET D 542 36.46 -68.43 -8.90
C MET D 542 36.43 -67.65 -10.19
N TRP D 543 37.36 -66.71 -10.31
CA TRP D 543 37.39 -65.82 -11.46
C TRP D 543 37.73 -66.54 -12.72
N ALA D 544 38.66 -67.48 -12.61
CA ALA D 544 38.97 -68.37 -13.72
C ALA D 544 37.66 -69.02 -14.23
N ASN D 545 36.90 -69.63 -13.33
CA ASN D 545 35.70 -70.36 -13.67
C ASN D 545 34.76 -69.51 -14.46
N ILE D 546 34.49 -68.34 -13.90
CA ILE D 546 33.64 -67.34 -14.52
C ILE D 546 34.08 -67.03 -15.94
N LEU D 547 35.34 -66.74 -16.11
CA LEU D 547 35.80 -66.43 -17.43
C LEU D 547 35.67 -67.57 -18.43
N LYS D 548 35.91 -68.79 -17.96
CA LYS D 548 35.69 -69.95 -18.82
C LYS D 548 34.22 -70.02 -19.20
N ARG D 549 33.34 -69.95 -18.20
CA ARG D 549 31.90 -69.99 -18.47
C ARG D 549 31.34 -68.80 -19.24
N VAL D 550 32.03 -67.67 -19.28
CA VAL D 550 31.53 -66.55 -20.08
C VAL D 550 32.53 -66.31 -21.16
N PRO D 551 32.32 -66.96 -22.28
CA PRO D 551 33.39 -67.21 -23.20
C PRO D 551 34.01 -65.91 -23.70
N ASN D 552 33.23 -64.84 -23.77
CA ASN D 552 33.79 -63.72 -24.45
C ASN D 552 34.20 -62.57 -23.59
N SER D 553 34.99 -62.88 -22.57
CA SER D 553 35.15 -61.94 -21.50
C SER D 553 36.61 -61.77 -21.16
N VAL D 554 36.90 -60.70 -20.42
CA VAL D 554 38.22 -60.44 -19.84
C VAL D 554 38.13 -59.96 -18.38
N LEU D 555 39.21 -60.22 -17.65
CA LEU D 555 39.38 -59.68 -16.33
C LEU D 555 40.34 -58.47 -16.39
N TRP D 556 39.95 -57.38 -15.75
CA TRP D 556 40.68 -56.11 -15.76
C TRP D 556 41.28 -55.82 -14.41
N LEU D 557 42.60 -55.78 -14.30
CA LEU D 557 43.24 -55.57 -13.02
C LEU D 557 44.33 -54.55 -13.04
N LEU D 558 44.71 -54.12 -11.85
CA LEU D 558 45.69 -53.06 -11.77
C LEU D 558 47.11 -53.55 -11.44
N ARG D 559 48.13 -52.94 -12.03
CA ARG D 559 49.51 -53.28 -11.61
C ARG D 559 49.72 -52.63 -10.29
N PHE D 560 49.54 -53.38 -9.21
CA PHE D 560 49.31 -52.76 -7.93
C PHE D 560 49.71 -53.72 -6.81
N PRO D 561 51.01 -54.01 -6.73
CA PRO D 561 52.15 -53.51 -7.49
C PRO D 561 52.38 -54.29 -8.80
N ALA D 562 53.16 -53.70 -9.71
CA ALA D 562 53.38 -54.29 -11.04
C ALA D 562 54.04 -55.67 -11.01
N VAL D 563 54.91 -55.84 -10.04
CA VAL D 563 55.63 -57.08 -9.84
C VAL D 563 54.64 -58.23 -9.59
N GLY D 564 53.46 -57.90 -9.08
CA GLY D 564 52.45 -58.90 -8.87
C GLY D 564 51.86 -59.43 -10.16
N GLU D 565 51.99 -58.70 -11.26
CA GLU D 565 51.30 -59.11 -12.50
C GLU D 565 51.79 -60.44 -13.08
N PRO D 566 53.11 -60.56 -13.34
CA PRO D 566 53.58 -61.83 -13.86
C PRO D 566 53.18 -63.02 -12.97
N ASN D 567 53.11 -62.82 -11.67
CA ASN D 567 52.56 -63.87 -10.80
C ASN D 567 51.12 -64.25 -11.05
N ILE D 568 50.25 -63.27 -11.25
CA ILE D 568 48.85 -63.59 -11.47
C ILE D 568 48.80 -64.29 -12.82
N GLN D 569 49.38 -63.64 -13.83
CA GLN D 569 49.48 -64.19 -15.17
C GLN D 569 49.91 -65.65 -15.15
N GLN D 570 50.94 -65.95 -14.37
CA GLN D 570 51.37 -67.30 -14.14
C GLN D 570 50.22 -68.25 -13.74
N TYR D 571 49.75 -68.13 -12.50
CA TYR D 571 48.67 -68.94 -11.93
C TYR D 571 47.43 -69.01 -12.81
N ALA D 572 47.22 -67.92 -13.54
CA ALA D 572 46.15 -67.80 -14.51
C ALA D 572 46.26 -68.90 -15.51
N GLN D 573 47.47 -69.19 -15.95
CA GLN D 573 47.69 -70.13 -17.03
C GLN D 573 47.72 -71.53 -16.56
N ASN D 574 47.99 -71.74 -15.29
CA ASN D 574 47.85 -73.06 -14.75
C ASN D 574 46.42 -73.32 -14.45
N MET D 575 45.59 -72.29 -14.45
CA MET D 575 44.16 -72.56 -14.37
C MET D 575 43.65 -72.69 -15.78
N GLY D 576 44.58 -72.54 -16.75
CA GLY D 576 44.31 -72.71 -18.18
C GLY D 576 43.60 -71.53 -18.81
N LEU D 577 44.12 -70.32 -18.64
CA LEU D 577 43.55 -69.14 -19.31
C LEU D 577 44.65 -68.48 -20.10
N PRO D 578 44.46 -68.37 -21.42
CA PRO D 578 45.37 -67.67 -22.35
C PRO D 578 45.72 -66.32 -21.77
N GLN D 579 46.97 -65.89 -21.95
CA GLN D 579 47.43 -64.72 -21.24
C GLN D 579 46.50 -63.54 -21.45
N ASN D 580 46.14 -63.30 -22.71
CA ASN D 580 45.24 -62.22 -23.07
C ASN D 580 43.80 -62.21 -22.49
N ARG D 581 43.42 -63.16 -21.63
CA ARG D 581 42.09 -63.09 -20.97
C ARG D 581 42.13 -62.15 -19.78
N ILE D 582 43.32 -61.84 -19.28
CA ILE D 582 43.49 -60.89 -18.18
C ILE D 582 44.24 -59.67 -18.65
N ILE D 583 43.67 -58.50 -18.41
CA ILE D 583 44.28 -57.27 -18.84
C ILE D 583 44.64 -56.32 -17.69
N PHE D 584 45.94 -56.00 -17.60
CA PHE D 584 46.46 -55.11 -16.55
C PHE D 584 46.58 -53.67 -16.96
N SER D 585 46.03 -52.80 -16.13
CA SER D 585 46.31 -51.37 -16.32
C SER D 585 47.17 -50.82 -15.20
N PRO D 586 47.89 -49.71 -15.49
CA PRO D 586 48.66 -49.00 -14.48
C PRO D 586 47.75 -48.32 -13.48
N VAL D 587 48.28 -48.05 -12.30
CA VAL D 587 47.50 -47.28 -11.35
C VAL D 587 47.31 -45.86 -11.92
N ALA D 588 46.14 -45.25 -11.67
CA ALA D 588 45.84 -43.92 -12.16
C ALA D 588 45.53 -42.89 -11.07
N PRO D 589 45.59 -41.61 -11.44
CA PRO D 589 45.18 -40.56 -10.52
C PRO D 589 43.72 -40.76 -10.13
N LYS D 590 43.38 -40.36 -8.92
CA LYS D 590 42.03 -40.65 -8.39
C LYS D 590 40.91 -40.48 -9.41
N GLU D 591 40.79 -39.30 -9.98
CA GLU D 591 39.69 -39.06 -10.85
C GLU D 591 39.65 -40.00 -12.07
N GLU D 592 40.76 -40.12 -12.80
CA GLU D 592 40.76 -41.09 -13.88
C GLU D 592 40.42 -42.48 -13.35
N HIS D 593 40.95 -42.84 -12.20
CA HIS D 593 40.65 -44.16 -11.70
C HIS D 593 39.20 -44.40 -11.55
N VAL D 594 38.50 -43.45 -10.93
CA VAL D 594 37.07 -43.58 -10.69
C VAL D 594 36.30 -43.58 -11.96
N ARG D 595 36.54 -42.55 -12.77
CA ARG D 595 35.98 -42.38 -14.12
C ARG D 595 36.09 -43.63 -15.05
N ARG D 596 37.21 -44.36 -15.01
CA ARG D 596 37.39 -45.39 -16.02
C ARG D 596 36.64 -46.66 -15.61
N GLY D 597 36.14 -46.67 -14.39
CA GLY D 597 35.23 -47.74 -13.96
C GLY D 597 33.98 -47.90 -14.83
N GLN D 598 33.63 -46.82 -15.50
CA GLN D 598 32.46 -46.80 -16.38
C GLN D 598 32.66 -47.72 -17.59
N LEU D 599 33.89 -47.98 -18.00
CA LEU D 599 34.15 -48.86 -19.12
C LEU D 599 33.87 -50.34 -18.81
N ALA D 600 33.89 -50.72 -17.53
CA ALA D 600 33.67 -52.10 -17.12
C ALA D 600 32.21 -52.48 -17.17
N ASP D 601 31.92 -53.77 -17.23
CA ASP D 601 30.54 -54.23 -17.18
C ASP D 601 30.23 -54.59 -15.77
N VAL D 602 31.11 -55.35 -15.15
CA VAL D 602 30.87 -55.82 -13.80
C VAL D 602 32.14 -55.92 -12.98
N CYS D 603 32.08 -55.46 -11.73
CA CYS D 603 33.23 -55.60 -10.86
C CYS D 603 33.04 -56.84 -10.03
N LEU D 604 34.12 -57.61 -9.93
CA LEU D 604 34.14 -58.84 -9.15
C LEU D 604 34.89 -58.66 -7.84
N ASP D 605 34.17 -58.57 -6.75
CA ASP D 605 34.78 -58.22 -5.47
C ASP D 605 35.62 -59.34 -4.84
N THR D 606 36.84 -58.99 -4.41
CA THR D 606 37.63 -59.88 -3.58
C THR D 606 36.93 -60.20 -2.28
N PRO D 607 36.62 -61.48 -2.11
CA PRO D 607 35.89 -61.90 -0.95
C PRO D 607 36.83 -62.11 0.27
N LEU D 608 38.14 -62.14 0.03
CA LEU D 608 39.06 -62.34 1.15
C LEU D 608 39.05 -61.07 1.97
N CYS D 609 39.35 -59.95 1.30
CA CYS D 609 39.16 -58.61 1.82
C CYS D 609 38.39 -57.78 0.79
N ASN D 610 37.22 -57.23 1.16
CA ASN D 610 36.35 -56.51 0.19
C ASN D 610 37.02 -55.22 -0.26
N GLY D 611 36.70 -54.74 -1.46
CA GLY D 611 37.06 -53.37 -1.82
C GLY D 611 36.33 -52.46 -0.85
N HIS D 612 37.00 -51.48 -0.28
CA HIS D 612 36.26 -50.61 0.64
C HIS D 612 36.01 -49.32 0.01
N THR D 613 37.02 -48.47 0.00
CA THR D 613 36.97 -47.30 -0.85
C THR D 613 36.80 -47.78 -2.28
N THR D 614 37.51 -48.84 -2.64
CA THR D 614 37.44 -49.30 -4.00
C THR D 614 36.01 -49.64 -4.41
N GLY D 615 35.31 -50.29 -3.50
CA GLY D 615 33.85 -50.49 -3.59
C GLY D 615 33.05 -49.23 -3.93
N MET D 616 33.12 -48.21 -3.11
CA MET D 616 32.46 -46.97 -3.46
C MET D 616 32.84 -46.47 -4.83
N ASP D 617 34.10 -46.56 -5.21
CA ASP D 617 34.54 -45.98 -6.47
C ASP D 617 33.97 -46.70 -7.70
N VAL D 618 33.71 -47.97 -7.53
CA VAL D 618 33.22 -48.75 -8.64
C VAL D 618 31.70 -48.53 -8.79
N LEU D 619 31.01 -48.43 -7.65
CA LEU D 619 29.58 -48.18 -7.64
C LEU D 619 29.22 -46.79 -8.16
N TRP D 620 30.07 -45.79 -7.88
CA TRP D 620 29.74 -44.47 -8.35
C TRP D 620 29.75 -44.43 -9.86
N ALA D 621 30.53 -45.30 -10.49
CA ALA D 621 30.64 -45.35 -11.96
C ALA D 621 29.44 -46.08 -12.50
N GLY D 622 28.71 -46.69 -11.57
CA GLY D 622 27.41 -47.25 -11.87
C GLY D 622 27.62 -48.64 -12.38
N THR D 623 28.65 -49.26 -11.83
CA THR D 623 29.15 -50.53 -12.28
C THR D 623 28.81 -51.55 -11.21
N PRO D 624 27.87 -52.46 -11.48
CA PRO D 624 27.51 -53.40 -10.44
C PRO D 624 28.71 -54.29 -10.05
N MET D 625 28.74 -54.64 -8.77
CA MET D 625 29.83 -55.38 -8.18
C MET D 625 29.29 -56.59 -7.44
N VAL D 626 29.92 -57.73 -7.68
CA VAL D 626 29.44 -58.99 -7.12
C VAL D 626 30.27 -59.35 -5.91
N THR D 627 29.68 -59.53 -4.74
CA THR D 627 30.50 -59.86 -3.56
C THR D 627 30.09 -61.13 -2.85
N MET D 628 30.99 -61.65 -2.03
CA MET D 628 30.70 -62.84 -1.26
C MET D 628 31.16 -62.67 0.20
N PRO D 629 30.34 -61.98 1.01
CA PRO D 629 30.72 -61.55 2.35
C PRO D 629 31.17 -62.71 3.20
N GLY D 630 32.26 -62.54 3.94
CA GLY D 630 32.79 -63.54 4.87
C GLY D 630 32.38 -63.27 6.31
N GLU D 631 33.32 -63.38 7.25
CA GLU D 631 33.01 -63.13 8.66
C GLU D 631 33.67 -61.90 9.26
N THR D 632 34.92 -61.68 8.85
CA THR D 632 35.67 -60.49 9.25
C THR D 632 35.00 -59.31 8.65
N LEU D 633 34.80 -58.32 9.50
CA LEU D 633 34.33 -57.03 9.06
C LEU D 633 34.82 -56.73 7.65
N ALA D 634 36.14 -56.78 7.45
CA ALA D 634 36.72 -56.36 6.19
C ALA D 634 36.21 -57.11 4.96
N SER D 635 35.63 -58.28 5.17
CA SER D 635 35.11 -59.09 4.09
C SER D 635 33.61 -58.93 3.88
N ARG D 636 32.98 -58.01 4.60
CA ARG D 636 31.55 -57.88 4.53
C ARG D 636 31.14 -56.48 4.13
N VAL D 637 32.13 -55.66 3.82
CA VAL D 637 31.87 -54.27 3.56
C VAL D 637 31.18 -54.14 2.23
N ALA D 638 31.66 -54.85 1.22
CA ALA D 638 31.02 -54.72 -0.07
C ALA D 638 29.52 -55.10 0.02
N ALA D 639 29.26 -56.20 0.73
CA ALA D 639 27.88 -56.62 0.97
C ALA D 639 27.03 -55.51 1.59
N SER D 640 27.57 -54.91 2.64
CA SER D 640 26.91 -53.83 3.34
C SER D 640 26.66 -52.65 2.45
N GLN D 641 27.63 -52.31 1.60
CA GLN D 641 27.45 -51.21 0.67
C GLN D 641 26.33 -51.52 -0.33
N LEU D 642 26.33 -52.74 -0.86
CA LEU D 642 25.33 -53.20 -1.82
C LEU D 642 23.94 -53.21 -1.25
N THR D 643 23.79 -53.75 -0.05
CA THR D 643 22.55 -53.70 0.72
C THR D 643 21.95 -52.29 0.84
N CYS D 644 22.68 -51.36 1.47
CA CYS D 644 22.30 -49.94 1.48
C CYS D 644 21.93 -49.37 0.09
N LEU D 645 22.60 -49.81 -0.95
CA LEU D 645 22.27 -49.34 -2.30
C LEU D 645 20.93 -49.92 -2.80
N GLY D 646 20.63 -51.13 -2.34
CA GLY D 646 19.40 -51.86 -2.66
C GLY D 646 19.60 -52.84 -3.78
N CYS D 647 20.45 -53.84 -3.59
CA CYS D 647 20.88 -54.70 -4.68
C CYS D 647 21.26 -56.05 -4.22
N LEU D 648 20.37 -56.68 -3.45
CA LEU D 648 20.70 -57.96 -2.82
C LEU D 648 21.02 -59.07 -3.83
N GLU D 649 20.54 -58.94 -5.07
CA GLU D 649 20.78 -59.94 -6.11
C GLU D 649 22.27 -60.05 -6.51
N LEU D 650 23.09 -59.15 -5.97
CA LEU D 650 24.54 -59.19 -6.21
C LEU D 650 25.35 -59.77 -5.06
N ILE D 651 24.68 -60.25 -4.02
CA ILE D 651 25.37 -60.75 -2.83
C ILE D 651 25.32 -62.28 -2.76
N ALA D 652 26.44 -62.96 -3.03
CA ALA D 652 26.44 -64.41 -3.00
C ALA D 652 26.62 -64.98 -1.59
N LYS D 653 26.04 -66.16 -1.36
CA LYS D 653 26.18 -66.87 -0.08
C LYS D 653 27.32 -67.85 -0.09
N ASN D 654 27.80 -68.21 -1.28
CA ASN D 654 28.99 -69.08 -1.44
C ASN D 654 29.58 -69.02 -2.84
N ARG D 655 30.74 -69.68 -3.00
CA ARG D 655 31.48 -69.70 -4.25
C ARG D 655 30.60 -70.01 -5.44
N GLN D 656 29.81 -71.08 -5.30
CA GLN D 656 28.88 -71.40 -6.37
C GLN D 656 28.07 -70.15 -6.72
N GLU D 657 27.31 -69.64 -5.75
CA GLU D 657 26.36 -68.57 -6.06
C GLU D 657 27.02 -67.39 -6.74
N TYR D 658 28.18 -67.01 -6.21
CA TYR D 658 29.01 -65.94 -6.76
C TYR D 658 29.20 -66.12 -8.26
N GLU D 659 29.85 -67.22 -8.64
CA GLU D 659 30.10 -67.48 -10.05
C GLU D 659 28.84 -67.41 -10.91
N ASP D 660 27.71 -67.85 -10.37
CA ASP D 660 26.52 -67.89 -11.20
C ASP D 660 26.02 -66.51 -11.48
N ILE D 661 26.03 -65.68 -10.43
CA ILE D 661 25.59 -64.31 -10.54
C ILE D 661 26.49 -63.62 -11.57
N ALA D 662 27.80 -63.82 -11.44
CA ALA D 662 28.74 -63.27 -12.41
C ALA D 662 28.33 -63.72 -13.82
N VAL D 663 28.22 -65.03 -13.99
CA VAL D 663 28.10 -65.59 -15.32
C VAL D 663 26.80 -65.12 -15.92
N LYS D 664 25.75 -65.09 -15.09
CA LYS D 664 24.45 -64.63 -15.55
C LYS D 664 24.59 -63.24 -16.17
N LEU D 665 25.19 -62.33 -15.43
CA LEU D 665 25.42 -60.94 -15.88
C LEU D 665 26.29 -60.85 -17.11
N GLY D 666 27.21 -61.80 -17.24
CA GLY D 666 28.11 -61.86 -18.38
C GLY D 666 27.41 -62.35 -19.64
N THR D 667 26.54 -63.35 -19.49
CA THR D 667 25.85 -63.97 -20.62
C THR D 667 24.44 -63.39 -20.88
N ASP D 668 23.64 -63.16 -19.84
CA ASP D 668 22.30 -62.57 -20.04
C ASP D 668 22.28 -61.02 -20.19
N LEU D 669 22.48 -60.55 -21.42
CA LEU D 669 22.67 -59.12 -21.64
C LEU D 669 21.48 -58.31 -21.22
N GLU D 670 20.33 -58.93 -21.31
CA GLU D 670 19.10 -58.30 -20.87
C GLU D 670 19.19 -57.97 -19.40
N TYR D 671 19.53 -58.99 -18.63
CA TYR D 671 19.66 -58.88 -17.21
C TYR D 671 20.63 -57.77 -16.93
N LEU D 672 21.86 -57.95 -17.43
CA LEU D 672 22.91 -56.99 -17.20
C LEU D 672 22.40 -55.54 -17.32
N LYS D 673 21.97 -55.17 -18.52
CA LYS D 673 21.38 -53.87 -18.79
C LYS D 673 20.38 -53.41 -17.70
N LYS D 674 19.53 -54.31 -17.21
CA LYS D 674 18.64 -54.03 -16.08
C LYS D 674 19.41 -53.66 -14.80
N VAL D 675 20.29 -54.54 -14.36
CA VAL D 675 21.02 -54.33 -13.11
C VAL D 675 21.90 -53.06 -13.17
N ARG D 676 22.77 -52.98 -14.19
CA ARG D 676 23.54 -51.78 -14.44
C ARG D 676 22.66 -50.52 -14.31
N GLY D 677 21.58 -50.48 -15.06
CA GLY D 677 20.64 -49.37 -14.93
C GLY D 677 20.18 -49.15 -13.48
N LYS D 678 20.00 -50.24 -12.75
CA LYS D 678 19.56 -50.13 -11.39
C LYS D 678 20.58 -49.37 -10.55
N VAL D 679 21.75 -49.97 -10.34
CA VAL D 679 22.93 -49.34 -9.71
C VAL D 679 23.07 -47.85 -10.07
N TRP D 680 23.05 -47.61 -11.37
CA TRP D 680 23.27 -46.29 -11.87
C TRP D 680 22.27 -45.35 -11.28
N LYS D 681 21.05 -45.82 -11.09
CA LYS D 681 19.96 -44.96 -10.63
C LYS D 681 20.06 -44.81 -9.13
N GLN D 682 20.12 -45.96 -8.49
CA GLN D 682 20.20 -46.13 -7.05
C GLN D 682 21.31 -45.37 -6.40
N ARG D 683 22.41 -45.23 -7.11
CA ARG D 683 23.58 -44.64 -6.49
C ARG D 683 23.22 -43.17 -6.07
N ILE D 684 22.39 -42.49 -6.84
CA ILE D 684 21.72 -41.22 -6.44
C ILE D 684 20.59 -41.39 -5.40
N SER D 685 19.69 -42.31 -5.67
CA SER D 685 18.46 -42.33 -4.94
C SER D 685 18.60 -43.03 -3.59
N SER D 686 19.58 -43.91 -3.44
CA SER D 686 19.72 -44.57 -2.14
C SER D 686 20.54 -43.68 -1.23
N PRO D 687 20.77 -44.11 0.02
CA PRO D 687 21.35 -43.29 1.06
C PRO D 687 22.86 -43.40 1.14
N LEU D 688 23.39 -44.14 0.16
CA LEU D 688 24.75 -44.67 0.17
C LEU D 688 25.76 -43.56 0.03
N PHE D 689 25.54 -42.73 -0.99
CA PHE D 689 26.43 -41.65 -1.32
C PHE D 689 26.01 -40.29 -0.76
N ASN D 690 24.89 -40.31 -0.02
CA ASN D 690 24.32 -39.15 0.65
C ASN D 690 24.93 -38.87 2.01
N THR D 691 25.87 -37.94 2.00
CA THR D 691 26.65 -37.56 3.19
C THR D 691 25.82 -36.78 4.19
N LYS D 692 24.90 -35.94 3.71
CA LYS D 692 24.10 -35.16 4.65
C LYS D 692 23.27 -36.10 5.50
N GLN D 693 22.58 -37.01 4.84
CA GLN D 693 21.78 -37.97 5.54
C GLN D 693 22.70 -38.69 6.48
N TYR D 694 23.71 -39.38 5.91
CA TYR D 694 24.76 -40.02 6.71
C TYR D 694 25.16 -39.24 7.98
N THR D 695 25.57 -37.98 7.85
CA THR D 695 25.95 -37.19 9.02
C THR D 695 24.84 -37.18 10.04
N MET D 696 23.63 -36.87 9.59
CA MET D 696 22.52 -36.80 10.52
C MET D 696 22.35 -38.08 11.34
N GLU D 697 22.62 -39.23 10.69
CA GLU D 697 22.47 -40.56 11.29
C GLU D 697 23.51 -40.74 12.33
N LEU D 698 24.72 -40.46 11.89
CA LEU D 698 25.83 -40.41 12.77
C LEU D 698 25.53 -39.47 13.94
N GLU D 699 24.90 -38.33 13.72
CA GLU D 699 24.58 -37.50 14.86
C GLU D 699 23.62 -38.16 15.88
N ARG D 700 22.58 -38.85 15.40
CA ARG D 700 21.61 -39.47 16.31
C ARG D 700 22.33 -40.52 17.09
N LEU D 701 23.09 -41.32 16.35
CA LEU D 701 23.91 -42.34 16.98
C LEU D 701 24.83 -41.77 18.09
N TYR D 702 25.42 -40.61 17.85
CA TYR D 702 26.23 -39.97 18.87
C TYR D 702 25.43 -39.64 20.09
N LEU D 703 24.34 -38.92 19.87
CA LEU D 703 23.40 -38.63 20.94
C LEU D 703 23.00 -39.84 21.77
N GLN D 704 22.54 -40.94 21.14
CA GLN D 704 22.24 -42.20 21.85
C GLN D 704 23.35 -42.57 22.81
N MET D 705 24.57 -42.62 22.30
CA MET D 705 25.73 -42.96 23.09
C MET D 705 25.93 -42.09 24.31
N TRP D 706 25.76 -40.80 24.10
CA TRP D 706 25.96 -39.86 25.14
C TRP D 706 24.88 -39.99 26.16
N GLU D 707 23.62 -40.02 25.71
CA GLU D 707 22.47 -40.23 26.62
C GLU D 707 22.81 -41.30 27.61
N HIS D 708 23.18 -42.43 27.01
CA HIS D 708 23.50 -43.64 27.73
C HIS D 708 24.58 -43.42 28.73
N TYR D 709 25.61 -42.65 28.37
CA TYR D 709 26.66 -42.40 29.34
C TYR D 709 26.22 -41.39 30.40
N ALA D 710 25.45 -40.40 29.98
CA ALA D 710 25.12 -39.28 30.85
C ALA D 710 24.04 -39.73 31.78
N ALA D 711 23.33 -40.77 31.37
CA ALA D 711 22.39 -41.45 32.24
C ALA D 711 23.15 -42.30 33.27
N GLY D 712 24.47 -42.35 33.15
CA GLY D 712 25.24 -43.00 34.17
C GLY D 712 25.70 -44.39 33.82
N ASN D 713 25.41 -44.90 32.64
CA ASN D 713 25.86 -46.26 32.30
C ASN D 713 27.19 -46.48 31.60
N LYS D 714 27.66 -47.72 31.78
CA LYS D 714 28.79 -48.21 31.04
C LYS D 714 28.43 -48.57 29.61
N PRO D 715 29.34 -48.24 28.66
CA PRO D 715 29.17 -48.62 27.27
C PRO D 715 28.46 -49.95 27.12
N ASP D 716 27.44 -49.94 26.28
CA ASP D 716 26.73 -51.13 25.92
C ASP D 716 26.31 -51.04 24.43
N HIS D 717 26.08 -52.16 23.74
CA HIS D 717 25.74 -52.15 22.28
C HIS D 717 24.62 -51.23 21.91
N MET D 718 24.73 -50.52 20.81
CA MET D 718 23.70 -49.57 20.42
C MET D 718 23.06 -50.04 19.15
N ILE D 719 22.22 -51.04 19.25
CA ILE D 719 21.59 -51.56 18.05
C ILE D 719 20.16 -51.01 17.83
N LYS D 720 19.89 -49.83 18.44
CA LYS D 720 18.81 -48.88 18.09
C LYS D 720 17.38 -49.45 18.11
N PRO E 1 25.89 -1.59 11.39
CA PRO E 1 26.69 -2.83 11.23
C PRO E 1 27.10 -3.00 9.76
N VAL E 2 28.26 -3.68 9.55
CA VAL E 2 28.93 -4.07 8.24
C VAL E 2 29.21 -2.96 7.19
N SER E 3 30.31 -3.22 6.44
CA SER E 3 30.70 -2.40 5.30
C SER E 3 31.20 -3.44 4.32
N VAL E 4 30.69 -3.20 3.12
CA VAL E 4 30.93 -4.01 1.94
C VAL E 4 31.70 -3.11 1.01
N PRO E 5 32.60 -3.72 0.21
CA PRO E 5 33.38 -2.98 -0.81
C PRO E 5 32.53 -2.80 -1.94
N TYR E 6 32.72 -1.65 -2.60
CA TYR E 6 31.92 -1.33 -3.79
C TYR E 6 32.73 -0.64 -4.90
N SER E 7 32.12 -0.32 -6.06
CA SER E 7 32.83 0.42 -7.14
C SER E 7 32.96 1.92 -6.74
N SER E 8 34.16 2.54 -6.82
CA SER E 8 34.25 3.97 -6.39
C SER E 8 35.23 4.80 -7.26
N ALA E 9 35.21 6.19 -7.07
CA ALA E 9 36.06 7.26 -7.72
C ALA E 9 37.53 6.82 -7.81
N GLN E 10 38.49 7.70 -7.50
CA GLN E 10 39.95 7.34 -7.56
C GLN E 10 40.84 8.46 -6.93
N SER E 11 40.78 9.69 -7.58
CA SER E 11 41.46 11.04 -7.30
C SER E 11 42.93 10.92 -6.80
N PRO F 1 -27.56 40.15 24.75
CA PRO F 1 -28.57 39.51 23.86
C PRO F 1 -27.97 38.32 23.08
N VAL F 2 -28.83 37.31 22.74
CA VAL F 2 -28.57 36.05 21.93
C VAL F 2 -27.43 35.08 22.37
N SER F 3 -27.68 33.80 22.09
CA SER F 3 -26.70 32.73 22.27
C SER F 3 -26.91 31.85 21.04
N VAL F 4 -25.72 31.53 20.49
CA VAL F 4 -25.59 30.71 19.30
C VAL F 4 -24.88 29.48 19.78
N PRO F 5 -25.23 28.33 19.16
CA PRO F 5 -24.53 27.01 19.43
C PRO F 5 -23.27 27.01 18.76
N TYR F 6 -22.31 26.37 19.43
CA TYR F 6 -20.96 26.28 18.90
C TYR F 6 -20.27 24.92 19.13
N SER F 7 -19.04 24.72 18.65
CA SER F 7 -18.34 23.43 18.90
C SER F 7 -17.81 23.42 20.37
N SER F 8 -18.07 22.33 21.15
CA SER F 8 -17.56 22.37 22.55
C SER F 8 -17.08 21.00 23.09
N ALA F 9 -16.42 21.04 24.31
CA ALA F 9 -15.85 19.91 25.10
C ALA F 9 -16.81 18.71 25.10
N GLN F 10 -17.01 18.04 26.23
CA GLN F 10 -17.92 16.87 26.33
C GLN F 10 -18.15 16.46 27.82
N SER F 11 -17.03 16.01 28.49
CA SER F 11 -16.80 15.53 29.93
C SER F 11 -17.97 14.63 30.46
N PRO G 1 -49.77 6.05 -16.56
CA PRO G 1 -49.03 6.43 -15.33
C PRO G 1 -49.34 7.89 -14.93
N VAL G 2 -49.20 8.21 -13.61
CA VAL G 2 -49.38 9.54 -12.89
C VAL G 2 -50.72 10.31 -13.11
N SER G 3 -51.09 11.04 -12.06
CA SER G 3 -52.24 11.95 -12.07
C SER G 3 -51.76 13.15 -11.29
N VAL G 4 -52.09 14.26 -11.90
CA VAL G 4 -51.76 15.57 -11.40
C VAL G 4 -53.08 16.23 -11.04
N PRO G 5 -53.08 17.09 -9.96
CA PRO G 5 -54.24 17.92 -9.57
C PRO G 5 -54.29 19.06 -10.46
N TYR G 6 -55.56 19.40 -10.82
CA TYR G 6 -55.87 20.49 -11.75
C TYR G 6 -57.07 21.34 -11.30
N SER G 7 -57.44 22.39 -12.05
CA SER G 7 -58.65 23.24 -11.74
C SER G 7 -59.95 22.52 -12.16
N SER G 8 -60.95 22.32 -11.29
CA SER G 8 -62.17 21.58 -11.74
C SER G 8 -63.50 22.14 -11.16
N ALA G 9 -64.66 21.59 -11.67
CA ALA G 9 -66.08 21.92 -11.32
C ALA G 9 -66.29 22.08 -9.79
N GLN G 10 -67.32 21.46 -9.22
CA GLN G 10 -67.58 21.55 -7.77
C GLN G 10 -68.74 20.59 -7.40
N SER G 11 -69.97 20.93 -7.93
CA SER G 11 -71.34 20.26 -7.81
C SER G 11 -71.67 19.74 -6.37
N PRO H 1 53.62 -45.32 -14.22
CA PRO H 1 53.25 -43.92 -13.91
C PRO H 1 52.33 -43.88 -12.67
N VAL H 2 52.39 -42.76 -11.92
CA VAL H 2 51.62 -42.38 -10.68
C VAL H 2 51.58 -43.38 -9.50
N SER H 3 51.48 -42.76 -8.30
CA SER H 3 51.30 -43.47 -7.03
C SER H 3 50.27 -42.65 -6.26
N VAL H 4 49.32 -43.43 -5.74
CA VAL H 4 48.20 -42.94 -4.97
C VAL H 4 48.43 -43.44 -3.56
N PRO H 5 48.03 -42.64 -2.56
CA PRO H 5 48.08 -43.05 -1.15
C PRO H 5 46.98 -43.95 -0.93
N TYR H 6 47.24 -44.93 -0.04
CA TYR H 6 46.24 -45.95 0.29
C TYR H 6 46.27 -46.36 1.77
N SER H 7 45.33 -47.24 2.21
CA SER H 7 45.31 -47.76 3.62
C SER H 7 46.47 -48.78 3.85
N SER H 8 47.33 -48.64 4.90
CA SER H 8 48.44 -49.61 5.04
C SER H 8 48.80 -49.88 6.50
N ALA H 9 49.70 -50.93 6.68
CA ALA H 9 50.27 -51.49 7.96
C ALA H 9 50.66 -50.39 8.95
N GLN H 10 51.81 -50.52 9.66
CA GLN H 10 52.26 -49.48 10.61
C GLN H 10 53.72 -49.72 11.06
N SER H 11 53.91 -50.88 11.74
CA SER H 11 55.17 -51.49 12.32
C SER H 11 56.17 -50.44 12.91
N1 UDP I . 25.90 -4.94 -1.29
C2 UDP I . 26.03 -5.75 -0.13
N3 UDP I . 25.18 -5.54 0.88
C4 UDP I . 24.23 -4.59 0.81
C5 UDP I . 24.10 -3.80 -0.31
C6 UDP I . 24.96 -3.98 -1.37
O2 UDP I . 26.90 -6.67 0.01
O4 UDP I . 23.46 -4.44 1.77
C1' UDP I . 26.87 -5.09 -2.40
C2' UDP I . 26.43 -5.45 -3.81
O2' UDP I . 26.06 -6.82 -3.95
C3' UDP I . 27.75 -5.17 -4.51
C4' UDP I . 28.08 -3.80 -3.93
O4' UDP I . 27.59 -3.84 -2.59
O3' UDP I . 28.75 -6.18 -4.12
C5' UDP I . 27.41 -2.63 -4.64
O5' UDP I . 28.41 -1.76 -5.17
PA UDP I . 27.97 -0.80 -6.38
O1A UDP I . 26.65 -0.05 -6.04
O2A UDP I . 29.23 -0.10 -6.83
O3A UDP I . 27.59 -1.96 -7.44
PB UDP I . 26.70 -1.64 -8.76
O1B UDP I . 25.32 -2.16 -8.47
O2B UDP I . 27.46 -2.61 -9.63
O3B UDP I . 26.89 -0.13 -9.03
N1 UDP J . -21.53 32.86 15.54
C2 UDP J . -22.78 33.55 15.50
N3 UDP J . -22.84 34.84 15.89
C4 UDP J . -21.76 35.50 16.35
C5 UDP J . -20.53 34.85 16.39
C6 UDP J . -20.43 33.51 15.98
O2 UDP J . -23.82 32.96 15.09
O4 UDP J . -21.84 36.69 16.71
C1' UDP J . -21.46 31.46 15.14
C2' UDP J . -20.50 31.05 14.04
O2' UDP J . -20.92 31.44 12.74
C3' UDP J . -20.55 29.54 14.27
C4' UDP J . -20.29 29.53 15.77
O4' UDP J . -21.00 30.67 16.25
O3' UDP J . -21.86 28.96 14.02
C5' UDP J . -18.81 29.62 16.16
O5' UDP J . -18.50 28.40 16.87
PA UDP J . -16.99 27.81 16.95
O1A UDP J . -16.04 28.96 17.39
O2A UDP J . -17.11 26.37 17.48
O3A UDP J . -16.69 27.57 15.40
PB UDP J . -15.24 27.50 14.76
O1B UDP J . -15.05 28.92 14.19
O2B UDP J . -15.63 26.36 13.84
O3B UDP J . -14.38 26.99 15.91
N1 UDP K . -49.78 19.24 -15.70
C2 UDP K . -48.88 18.25 -15.22
N3 UDP K . -48.50 17.28 -16.07
C4 UDP K . -48.92 17.20 -17.34
C5 UDP K . -49.79 18.15 -17.81
C6 UDP K . -50.24 19.17 -16.97
O2 UDP K . -48.41 18.28 -14.01
O4 UDP K . -48.54 16.27 -18.08
C1' UDP K . -50.28 20.26 -14.77
C2' UDP K . -50.15 21.72 -15.10
O2' UDP K . -48.80 22.17 -14.97
C3' UDP K . -51.10 22.27 -14.04
C4' UDP K . -52.28 21.34 -14.24
O4' UDP K . -51.72 20.08 -14.57
O3' UDP K . -50.60 22.09 -12.68
C5' UDP K . -53.14 21.78 -15.41
O5' UDP K . -54.42 22.05 -14.86
PA UDP K . -55.40 23.06 -15.62
O1A UDP K . -55.63 22.68 -17.09
O2A UDP K . -56.49 23.29 -14.59
O3A UDP K . -54.53 24.40 -15.63
PB UDP K . -54.87 25.64 -16.61
O1B UDP K . -53.85 25.46 -17.70
O2B UDP K . -54.64 26.77 -15.62
O3B UDP K . -56.30 25.52 -17.09
N1 UDP L . 43.13 -45.67 -6.39
C2 UDP L . 43.58 -44.66 -7.29
N3 UDP L . 43.89 -45.03 -8.56
C4 UDP L . 43.79 -46.31 -8.97
C5 UDP L . 43.37 -47.30 -8.07
C6 UDP L . 43.03 -46.97 -6.75
O2 UDP L . 43.69 -43.43 -6.96
O4 UDP L . 44.09 -46.58 -10.17
C1' UDP L . 42.81 -45.25 -5.01
C2' UDP L . 41.41 -45.54 -4.47
O2' UDP L . 40.40 -44.66 -4.97
C3' UDP L . 41.67 -45.33 -3.00
C4' UDP L . 42.98 -46.09 -2.86
O4' UDP L . 43.71 -45.90 -4.08
O3' UDP L . 41.99 -43.95 -2.77
C5' UDP L . 42.80 -47.59 -2.62
O5' UDP L . 43.38 -47.88 -1.34
PA UDP L . 42.83 -49.12 -0.47
O1A UDP L . 42.89 -50.43 -1.29
O2A UDP L . 43.40 -48.91 0.90
O3A UDP L . 41.29 -48.74 -0.30
PB UDP L . 40.15 -49.79 0.07
O1B UDP L . 39.46 -50.10 -1.25
O2B UDP L . 39.45 -48.87 1.06
O3B UDP L . 40.83 -50.98 0.72
C1 NAG M . 30.92 -1.33 -9.67
C2 NAG M . 30.38 -0.69 -10.98
C3 NAG M . 29.91 -1.73 -12.05
C4 NAG M . 30.92 -2.85 -12.13
C5 NAG M . 31.17 -3.49 -10.80
C6 NAG M . 32.47 -4.32 -10.95
C7 NAG M . 29.51 1.58 -10.82
C8 NAG M . 28.36 2.48 -10.36
N2 NAG M . 29.33 0.26 -10.59
O3 NAG M . 29.73 -1.18 -13.48
O4 NAG M . 30.48 -3.81 -13.06
O5 NAG M . 31.65 -2.50 -9.93
O6 NAG M . 33.63 -3.43 -11.10
O7 NAG M . 30.52 2.05 -11.36
C1 NAG N . -16.79 23.61 15.68
C2 NAG N . -15.30 23.28 15.36
C3 NAG N . -14.95 23.12 13.88
C4 NAG N . -16.01 22.32 13.21
C5 NAG N . -17.39 22.95 13.43
C6 NAG N . -18.47 21.90 13.07
C7 NAG N . -13.64 23.87 17.02
C8 NAG N . -12.79 24.99 17.65
N2 NAG N . -14.46 24.27 15.99
O3 NAG N . -13.67 22.37 13.63
O4 NAG N . -15.66 22.19 11.83
O5 NAG N . -17.64 22.97 14.82
O6 NAG N . -18.49 20.87 14.08
O7 NAG N . -13.56 22.69 17.43
C1 NAG O . -56.98 26.22 -12.89
C2 NAG O . -57.60 27.33 -13.69
C3 NAG O . -56.73 28.64 -13.77
C4 NAG O . -56.22 28.99 -12.39
C5 NAG O . -55.46 27.84 -11.86
C6 NAG O . -55.09 28.10 -10.39
C7 NAG O . -59.20 26.71 -15.38
C8 NAG O . -59.42 26.17 -16.80
N2 NAG O . -57.92 26.82 -15.01
O3 NAG O . -57.49 29.86 -14.27
O4 NAG O . -55.42 30.17 -12.49
O5 NAG O . -56.40 26.78 -11.75
O6 NAG O . -56.25 27.90 -9.57
O7 NAG O . -60.17 27.00 -14.66
C1 NAG P . 41.74 -47.93 3.68
C2 NAG P . 40.95 -49.03 4.31
C3 NAG P . 39.42 -48.74 4.48
C4 NAG P . 39.26 -47.33 5.03
C5 NAG P . 39.95 -46.34 4.10
C6 NAG P . 40.01 -44.96 4.76
C7 NAG P . 41.86 -51.28 4.12
C8 NAG P . 42.06 -52.53 3.23
N2 NAG P . 41.21 -50.24 3.54
O3 NAG P . 38.69 -49.67 5.42
O4 NAG P . 37.87 -47.05 5.17
O5 NAG P . 41.31 -46.67 4.09
O6 NAG P . 40.96 -44.96 5.84
O7 NAG P . 42.30 -51.27 5.27
#